data_9E7L
#
_entry.id   9E7L
#
_cell.length_a   1.00
_cell.length_b   1.00
_cell.length_c   1.00
_cell.angle_alpha   90.00
_cell.angle_beta   90.00
_cell.angle_gamma   90.00
#
_symmetry.space_group_name_H-M   'P 1'
#
loop_
_entity.id
_entity.type
_entity.pdbx_description
1 polymer 'V-type proton ATPase subunit d'
2 polymer "V-type proton ATPase subunit c''"
3 polymer "V-type proton ATPase subunit c'"
4 polymer 'Nanobody 2WVA7'
5 polymer 'V-type proton ATPase subunit c'
6 polymer 'V-type proton ATPase subunit e'
7 polymer 'V0 assembly protein 1'
8 polymer 'Yeast V-ATPase subunit f'
9 polymer 'V-type proton ATPase subunit a, vacuolar isoform'
#
loop_
_entity_poly.entity_id
_entity_poly.type
_entity_poly.pdbx_seq_one_letter_code
_entity_poly.pdbx_strand_id
1 'polypeptide(L)'
;MEGVYFNIDNGFIEGVVRGYRNGLLSNNQYINLTQCDTLEDLKLQLSSTDYGNFLSSVSSESLTTSLIQEYASSKLYHEF
NYIRDQSSGSTRKFMDYITYGYMIDNVALMITGTIHDRDKGEILQRCHPLGWFDTLPTLSVATDLESLYETVLVDTPLAP
YFKNCFDTAEELDDMNIEIIRNKLYKAYLEDFYNFVTEEIPEPAKECMQTLLGFEADRRSINIALNSLQSSDIDPDLKSD
LLPNIGKLYPLATFHLAQAQDFEGVRAALANVYEYRGFLETGNLEDHFYQLEMELCRDAFTQQFAISTVWAWMKSKEQEV
RNITWIAECIAQNQRERINNYISVY
;
B
2 'polypeptide(L)'
;MNKESKDDDMSLGKFSFSHFLYYLVLIVVIVYGLYKLFTGHGSDINFGKFLLRTSPYMWANLGIALCVGLSVVGAAWGIF
ITGSSMIGAGVRAPRITTKNLISIIFCEVVAIYGLIIAIVFSSKLTVATAENMYSKSNLYTGYSLFWAGITVGASNLICG
IAVGITGATAAISDAADSALFVKILVIEIFGSILGLLGLIVGLLMAGKASEFQ
;
C
3 'polypeptide(L)'
;MSTQLASNIYAPLYAPFFGFAGCAAAMVLSCLGAAIGTAKSGIGIAGIGTFKPELIMKSLIPVVMSGILAIYGLVVAVLI
AGNLSPTEDYTLFNGFMHLSCGLCVGFACLSSGYAIGMVGDVGVRKYMHQPRLFVGIVLILIFSEVLGLYGMIVALILNT
RGSE
;
D
4 'polypeptide(L)'
;QVQLQESGGGLVEIGGSLRLSCAASGTLFTFNTMAWYRQAPGKQREFIATITSGGNTNYADSVQGRFTISRGNAKNTLYL
QMNSLKPEDTAVYYCNARTMTGPFDYWGQGTQVTVSSAAAYPYDVPDYGSHHHHHH
;
X,W,V,U,T,S,R,Q
5 'polypeptide(L)'
;MTELCPVYAPFFGAIGCASAIIFTSLGAAYGTAKSGVGICATCVLRPDLLFKNIVPVIMAGIIAIYGLVVSVLVCYSLGQ
KQALYTGFIQLGAGLSVGLSGLAAGFAIGIVGDAGVRGSSQQPRLFVGMILILIFAEVLGLYGLIVALLLNSRATQDVVC
;
F,G,H,I,J,K,L,E
6 'polypeptide(L)' MSSFYTVVGVFIVVSAMSVLFWIMAPKNNQAVWRSTVILTLAMMFLMWAITFLCQLHPLVAPRRSDLRPEFAE M
7 'polypeptide(L)'
;MVFGQLYALFIFTLSCCISKTVQADSSKESSSFISFDKESNWDTISTISSTADVISSVDSAIAVFEFDNFSLLDNLMIDE
EYPFFNRFFANDVSLTVHDDSPLNISQSLSPIMEQFTVDELPESASDLLYEYSLDDKSIVLFKFTSDAYDLKKLDEFIDS
CLSFLEDKSGDNLTVVINSLGWAFEDEDGDDEYATEETLSHHDNNKGKEGDDDILSSIWTEGLLMCLIVSALLLFILIVA
LSWISNLDITYGALEKSTNPIKKNN
;
N
8 'polypeptide(L)'
;MRPVVSTGKAWCCTVLSAFGVVILSVIAHLFNTNHESFVGSINDPEDGPAVAHTVYLAALVYLVFFVFCGFQVYLARRKP
SIELR
;
O
9 'polypeptide(L)'
;MAEKEEAIFRSAEMALVQFYIPQEISRDSAYTLGQLGLVQFRDLNSKVRAFQRTFVNEIRRLDNVERQYRYFYSLLKKHD
IKLYEGDTDKYLDGSGELYVPPSGSVIDDYVRNASYLEERLIQMEDATDQIEVQKNDLEQYRFILQSGDEFFLKGDNTDS
TSYMDEDMIDANGENIAAAIGASVNYVTGVIARDKVATLEQILWRVLRGNLFFKTVEIEQPVYDVKTREYKHKNAFIVFS
HGDLIIKRIRKIAESLDANLYDVDSSNEGRSQQLAKVNKNLSDLYTVLKTTSTTLESELYAIAKELDSWFQDVTREKAIF
EILNKSNYDTNRKILIAEGWIPRDELATLQARLGEMIARLGIDVPSIIQVLDTNHTPPTFHRTNKFTAGFQSICDCYGIA
QYREINAGLPTIVTFPFMFAIMFGDMGHGFLMTLAALSLVLNEKKINKMKRGEIFDMAFTGRYIILLMGVFSMYTGFLYN
DIFSKTMTIFKSGWKWPDHWKKGESITATSVGTYPIGLDWAWHGTENALLFSNSYKMKLSILMGFIHMTYSYFFSLANHL
YFNSMIDIIGNFIPGLLFMQGIFGYLSVCIVYKWAVDWVKDGKPAPGLLNMLINMFLSPGTIDDELYPHQAKVQVFLLLM
ALVCIPWLLLVKPLHFKFTHKKKSHEPLPSTEADASSEDLEAQQLISAMDADDAEEEEVGSGSHGEDFGDIMIHQVIHTI
EFCLNCVSHTASYLRLWALSLAHAQLSSVLWTMTIQIAFGFRGFVGVFMTVALFAMWFALTCAVLVLMEGTSAMLHSLRL
HWVESMSKFFVGEGLPYEPFAFEYKDMEVAVASASSSASS
;
A
#
# COMPACT_ATOMS: atom_id res chain seq x y z
N MET A 1 1.06 -16.06 8.59
CA MET A 1 0.83 -17.41 9.17
C MET A 1 -0.57 -17.53 9.80
N GLU A 2 -0.74 -18.57 10.62
CA GLU A 2 -2.05 -18.96 11.13
C GLU A 2 -2.71 -17.87 11.97
N GLY A 3 -2.00 -17.36 12.98
CA GLY A 3 -2.64 -16.66 14.08
C GLY A 3 -2.72 -15.15 14.02
N VAL A 4 -2.04 -14.51 13.06
CA VAL A 4 -1.85 -13.06 13.16
C VAL A 4 -3.13 -12.29 12.89
N TYR A 5 -4.05 -12.84 12.10
CA TYR A 5 -5.27 -12.11 11.72
C TYR A 5 -6.53 -12.67 12.35
N PHE A 6 -6.51 -13.89 12.88
CA PHE A 6 -7.74 -14.52 13.36
C PHE A 6 -8.37 -13.71 14.50
N ASN A 7 -7.56 -13.24 15.45
CA ASN A 7 -8.11 -12.62 16.64
C ASN A 7 -8.68 -11.23 16.40
N ILE A 8 -8.47 -10.63 15.22
CA ILE A 8 -9.08 -9.33 14.96
C ILE A 8 -10.59 -9.41 15.07
N ASP A 9 -11.17 -10.55 14.71
CA ASP A 9 -12.62 -10.69 14.65
C ASP A 9 -13.13 -11.76 15.62
N ASN A 10 -12.51 -12.93 15.59
CA ASN A 10 -13.01 -14.10 16.31
C ASN A 10 -12.36 -14.32 17.67
N GLY A 11 -11.48 -13.42 18.11
CA GLY A 11 -10.71 -13.70 19.31
C GLY A 11 -11.57 -13.94 20.54
N PHE A 12 -12.58 -13.10 20.75
CA PHE A 12 -13.44 -13.27 21.91
C PHE A 12 -14.24 -14.56 21.82
N ILE A 13 -14.71 -14.90 20.62
CA ILE A 13 -15.47 -16.14 20.44
C ILE A 13 -14.61 -17.35 20.82
N GLU A 14 -13.38 -17.39 20.31
CA GLU A 14 -12.52 -18.54 20.57
C GLU A 14 -12.29 -18.75 22.05
N GLY A 15 -12.20 -17.66 22.82
CA GLY A 15 -12.02 -17.80 24.26
C GLY A 15 -13.24 -18.41 24.95
N VAL A 16 -14.43 -17.88 24.63
CA VAL A 16 -15.64 -18.33 25.31
C VAL A 16 -15.93 -19.79 24.98
N VAL A 17 -15.82 -20.16 23.71
CA VAL A 17 -16.19 -21.52 23.31
C VAL A 17 -15.29 -22.54 24.00
N ARG A 18 -13.99 -22.27 24.08
CA ARG A 18 -13.11 -23.16 24.82
C ARG A 18 -13.44 -23.14 26.31
N GLY A 19 -13.98 -22.03 26.81
CA GLY A 19 -14.54 -22.05 28.15
C GLY A 19 -15.63 -23.09 28.30
N TYR A 20 -16.51 -23.18 27.30
CA TYR A 20 -17.53 -24.23 27.31
C TYR A 20 -16.91 -25.61 27.24
N ARG A 21 -15.87 -25.78 26.41
CA ARG A 21 -15.25 -27.09 26.27
C ARG A 21 -14.76 -27.63 27.60
N ASN A 22 -14.33 -26.74 28.50
CA ASN A 22 -13.86 -27.18 29.81
C ASN A 22 -14.98 -27.68 30.71
N GLY A 23 -16.24 -27.46 30.34
CA GLY A 23 -17.36 -27.94 31.11
C GLY A 23 -17.86 -29.32 30.78
N LEU A 24 -17.32 -29.94 29.73
CA LEU A 24 -17.77 -31.27 29.34
C LEU A 24 -17.46 -32.29 30.42
N LEU A 25 -18.41 -33.20 30.64
CA LEU A 25 -18.27 -34.16 31.72
C LEU A 25 -17.15 -35.16 31.43
N SER A 26 -16.34 -35.45 32.44
CA SER A 26 -15.27 -36.43 32.32
C SER A 26 -15.79 -37.83 32.67
N ASN A 27 -14.93 -38.82 32.48
CA ASN A 27 -15.34 -40.21 32.74
C ASN A 27 -15.71 -40.41 34.20
N ASN A 28 -14.94 -39.81 35.12
CA ASN A 28 -15.25 -39.96 36.54
C ASN A 28 -16.61 -39.39 36.87
N GLN A 29 -17.04 -38.34 36.18
CA GLN A 29 -18.32 -37.72 36.48
C GLN A 29 -19.48 -38.57 35.95
N TYR A 30 -19.30 -39.24 34.81
CA TYR A 30 -20.31 -40.19 34.36
C TYR A 30 -20.43 -41.35 35.35
N ILE A 31 -19.29 -41.81 35.90
CA ILE A 31 -19.31 -42.90 36.87
C ILE A 31 -20.12 -42.48 38.09
N ASN A 32 -19.90 -41.26 38.58
CA ASN A 32 -20.64 -40.80 39.75
C ASN A 32 -22.14 -40.72 39.46
N LEU A 33 -22.52 -40.23 38.29
CA LEU A 33 -23.93 -40.25 37.91
C LEU A 33 -24.46 -41.68 37.89
N THR A 34 -23.65 -42.62 37.42
CA THR A 34 -24.10 -44.00 37.33
C THR A 34 -24.47 -44.57 38.68
N GLN A 35 -23.87 -44.07 39.76
CA GLN A 35 -24.08 -44.62 41.08
C GLN A 35 -25.29 -44.02 41.80
N CYS A 36 -25.97 -43.05 41.22
CA CYS A 36 -27.22 -42.57 41.78
C CYS A 36 -28.29 -43.63 41.63
N ASP A 37 -29.38 -43.48 42.40
CA ASP A 37 -30.49 -44.42 42.29
C ASP A 37 -31.86 -43.75 42.35
N THR A 38 -31.93 -42.43 42.19
CA THR A 38 -33.20 -41.75 41.97
C THR A 38 -32.92 -40.45 41.24
N LEU A 39 -33.85 -40.05 40.37
CA LEU A 39 -33.67 -38.81 39.63
C LEU A 39 -33.48 -37.63 40.59
N GLU A 40 -34.11 -37.68 41.75
CA GLU A 40 -33.89 -36.64 42.76
C GLU A 40 -32.44 -36.60 43.19
N ASP A 41 -31.72 -37.74 43.11
CA ASP A 41 -30.29 -37.73 43.34
C ASP A 41 -29.53 -37.22 42.12
N LEU A 42 -30.01 -37.58 40.92
CA LEU A 42 -29.34 -37.12 39.71
C LEU A 42 -29.35 -35.60 39.62
N LYS A 43 -30.46 -34.98 40.02
CA LYS A 43 -30.53 -33.52 40.05
C LYS A 43 -29.45 -32.95 40.95
N LEU A 44 -29.29 -33.53 42.14
CA LEU A 44 -28.28 -33.05 43.07
C LEU A 44 -26.87 -33.26 42.52
N GLN A 45 -26.61 -34.44 41.95
CA GLN A 45 -25.28 -34.74 41.45
C GLN A 45 -24.91 -33.81 40.28
N LEU A 46 -25.84 -33.62 39.34
CA LEU A 46 -25.55 -32.77 38.19
C LEU A 46 -25.21 -31.36 38.61
N SER A 47 -25.86 -30.85 39.67
CA SER A 47 -25.66 -29.48 40.09
C SER A 47 -24.22 -29.21 40.53
N SER A 48 -23.45 -30.24 40.84
CA SER A 48 -22.04 -30.04 41.15
C SER A 48 -21.21 -29.78 39.89
N THR A 49 -21.69 -30.22 38.74
CA THR A 49 -20.96 -30.06 37.49
C THR A 49 -21.19 -28.66 36.93
N ASP A 50 -20.80 -28.45 35.67
CA ASP A 50 -21.00 -27.16 35.03
C ASP A 50 -22.48 -26.85 34.84
N TYR A 51 -23.37 -27.85 34.89
CA TYR A 51 -24.78 -27.61 34.68
C TYR A 51 -25.39 -26.75 35.78
N GLY A 52 -24.79 -26.73 36.96
CA GLY A 52 -25.19 -25.78 37.99
C GLY A 52 -26.67 -25.86 38.35
N ASN A 53 -27.31 -24.70 38.37
CA ASN A 53 -28.64 -24.51 38.92
C ASN A 53 -29.77 -24.73 37.92
N PHE A 54 -29.52 -25.42 36.81
CA PHE A 54 -30.44 -25.37 35.68
C PHE A 54 -31.80 -25.99 36.01
N LEU A 55 -31.87 -26.89 36.98
CA LEU A 55 -33.13 -27.49 37.40
C LEU A 55 -33.65 -26.91 38.72
N SER A 56 -33.12 -25.79 39.18
CA SER A 56 -33.46 -25.27 40.50
C SER A 56 -34.88 -24.73 40.60
N SER A 57 -35.66 -24.72 39.52
CA SER A 57 -37.03 -24.26 39.53
C SER A 57 -38.04 -25.40 39.39
N VAL A 58 -37.60 -26.65 39.48
CA VAL A 58 -38.43 -27.80 39.19
C VAL A 58 -38.72 -28.53 40.49
N SER A 59 -40.00 -28.78 40.75
CA SER A 59 -40.40 -29.53 41.93
C SER A 59 -39.93 -30.98 41.84
N SER A 60 -39.65 -31.58 43.00
CA SER A 60 -39.11 -32.94 43.00
C SER A 60 -40.08 -33.92 42.37
N GLU A 61 -41.37 -33.79 42.64
CA GLU A 61 -42.36 -34.70 42.08
C GLU A 61 -42.55 -34.51 40.58
N SER A 62 -42.04 -33.42 40.00
CA SER A 62 -42.17 -33.17 38.58
C SER A 62 -41.00 -33.68 37.77
N LEU A 63 -39.97 -34.24 38.41
CA LEU A 63 -38.80 -34.71 37.66
C LEU A 63 -39.17 -35.90 36.79
N THR A 64 -38.88 -35.80 35.51
CA THR A 64 -39.02 -36.90 34.56
C THR A 64 -37.86 -36.83 33.58
N THR A 65 -37.56 -37.99 32.97
CA THR A 65 -36.41 -38.04 32.07
C THR A 65 -36.63 -37.15 30.85
N SER A 66 -37.87 -36.96 30.43
CA SER A 66 -38.14 -36.04 29.32
C SER A 66 -37.90 -34.60 29.73
N LEU A 67 -38.27 -34.24 30.96
CA LEU A 67 -38.00 -32.89 31.44
C LEU A 67 -36.51 -32.62 31.54
N ILE A 68 -35.74 -33.61 32.00
CA ILE A 68 -34.29 -33.46 32.08
C ILE A 68 -33.70 -33.31 30.68
N GLN A 69 -34.21 -34.10 29.72
CA GLN A 69 -33.74 -33.99 28.36
C GLN A 69 -34.03 -32.60 27.79
N GLU A 70 -35.23 -32.08 28.05
CA GLU A 70 -35.61 -30.78 27.51
C GLU A 70 -34.77 -29.65 28.11
N TYR A 71 -34.65 -29.62 29.43
CA TYR A 71 -33.87 -28.57 30.08
C TYR A 71 -32.40 -28.66 29.72
N ALA A 72 -31.85 -29.87 29.67
CA ALA A 72 -30.45 -30.01 29.30
C ALA A 72 -30.20 -29.52 27.88
N SER A 73 -31.13 -29.81 26.97
CA SER A 73 -30.99 -29.32 25.60
C SER A 73 -31.13 -27.80 25.54
N SER A 74 -32.11 -27.25 26.26
CA SER A 74 -32.30 -25.80 26.24
C SER A 74 -31.04 -25.08 26.70
N LYS A 75 -30.29 -25.65 27.62
CA LYS A 75 -29.01 -25.07 28.03
C LYS A 75 -28.12 -24.84 26.81
N LEU A 76 -27.96 -25.86 25.98
CA LEU A 76 -27.09 -25.75 24.82
C LEU A 76 -27.62 -24.75 23.80
N TYR A 77 -28.93 -24.75 23.55
CA TYR A 77 -29.48 -23.92 22.48
C TYR A 77 -29.31 -22.44 22.79
N HIS A 78 -29.35 -22.05 24.06
CA HIS A 78 -29.09 -20.65 24.41
C HIS A 78 -27.63 -20.30 24.22
N GLU A 79 -26.72 -21.20 24.61
CA GLU A 79 -25.29 -20.95 24.44
C GLU A 79 -24.94 -20.80 22.97
N PHE A 80 -25.55 -21.61 22.11
CA PHE A 80 -25.28 -21.50 20.67
C PHE A 80 -25.74 -20.16 20.13
N ASN A 81 -26.98 -19.77 20.43
CA ASN A 81 -27.50 -18.52 19.89
C ASN A 81 -26.72 -17.32 20.43
N TYR A 82 -26.28 -17.39 21.69
CA TYR A 82 -25.45 -16.31 22.22
C TYR A 82 -24.18 -16.13 21.40
N ILE A 83 -23.48 -17.24 21.11
CA ILE A 83 -22.24 -17.15 20.36
C ILE A 83 -22.50 -16.59 18.96
N ARG A 84 -23.58 -17.04 18.32
CA ARG A 84 -23.89 -16.53 16.98
C ARG A 84 -24.14 -15.03 17.02
N ASP A 85 -24.83 -14.55 18.05
CA ASP A 85 -25.13 -13.12 18.14
C ASP A 85 -23.86 -12.28 18.19
N GLN A 86 -22.80 -12.79 18.80
CA GLN A 86 -21.55 -12.05 18.93
C GLN A 86 -20.68 -12.10 17.68
N SER A 87 -21.10 -12.83 16.65
CA SER A 87 -20.27 -13.04 15.47
C SER A 87 -20.68 -12.09 14.35
N SER A 88 -19.86 -12.08 13.29
CA SER A 88 -20.16 -11.30 12.10
C SER A 88 -19.36 -11.85 10.93
N GLY A 89 -19.67 -11.37 9.74
CA GLY A 89 -18.88 -11.73 8.58
C GLY A 89 -18.97 -13.20 8.25
N SER A 90 -17.87 -13.74 7.72
CA SER A 90 -17.87 -15.14 7.29
C SER A 90 -18.16 -16.08 8.46
N THR A 91 -17.76 -15.70 9.68
CA THR A 91 -18.09 -16.52 10.84
C THR A 91 -19.60 -16.62 11.03
N ARG A 92 -20.30 -15.49 10.89
CA ARG A 92 -21.75 -15.51 10.97
C ARG A 92 -22.36 -16.38 9.88
N LYS A 93 -21.83 -16.26 8.66
CA LYS A 93 -22.31 -17.12 7.57
C LYS A 93 -22.06 -18.59 7.88
N PHE A 94 -20.91 -18.89 8.49
CA PHE A 94 -20.58 -20.28 8.82
C PHE A 94 -21.60 -20.86 9.80
N MET A 95 -21.95 -20.11 10.85
CA MET A 95 -22.85 -20.64 11.85
C MET A 95 -24.27 -20.80 11.32
N ASP A 96 -24.70 -19.94 10.40
CA ASP A 96 -25.99 -20.15 9.75
C ASP A 96 -25.98 -21.44 8.94
N TYR A 97 -24.87 -21.75 8.29
CA TYR A 97 -24.77 -23.00 7.55
C TYR A 97 -24.95 -24.20 8.47
N ILE A 98 -24.41 -24.14 9.68
CA ILE A 98 -24.68 -25.19 10.67
C ILE A 98 -26.17 -25.29 10.92
N THR A 99 -26.89 -24.18 10.83
CA THR A 99 -28.30 -24.17 11.18
C THR A 99 -29.16 -24.85 10.10
N TYR A 100 -28.77 -24.72 8.82
CA TYR A 100 -29.62 -25.24 7.75
C TYR A 100 -29.92 -26.71 7.92
N GLY A 101 -28.98 -27.50 8.45
CA GLY A 101 -29.22 -28.91 8.59
C GLY A 101 -30.44 -29.20 9.45
N TYR A 102 -30.61 -28.45 10.54
CA TYR A 102 -31.73 -28.70 11.44
C TYR A 102 -33.07 -28.34 10.81
N MET A 103 -33.13 -27.23 10.08
CA MET A 103 -34.40 -26.84 9.49
C MET A 103 -34.76 -27.71 8.30
N ILE A 104 -33.77 -28.30 7.62
CA ILE A 104 -34.08 -29.29 6.60
C ILE A 104 -34.80 -30.49 7.22
N ASP A 105 -34.39 -30.87 8.43
CA ASP A 105 -35.07 -31.96 9.12
C ASP A 105 -36.48 -31.55 9.55
N ASN A 106 -36.64 -30.30 10.00
CA ASN A 106 -37.96 -29.84 10.42
C ASN A 106 -38.94 -29.84 9.26
N VAL A 107 -38.47 -29.50 8.06
CA VAL A 107 -39.36 -29.51 6.89
C VAL A 107 -39.97 -30.90 6.71
N ALA A 108 -39.14 -31.93 6.71
CA ALA A 108 -39.64 -33.29 6.52
C ALA A 108 -40.56 -33.69 7.68
N LEU A 109 -40.19 -33.35 8.90
CA LEU A 109 -41.02 -33.68 10.06
C LEU A 109 -42.39 -33.01 9.95
N MET A 110 -42.42 -31.73 9.58
CA MET A 110 -43.68 -31.02 9.51
C MET A 110 -44.60 -31.62 8.46
N ILE A 111 -44.06 -31.91 7.28
CA ILE A 111 -44.88 -32.50 6.22
C ILE A 111 -45.37 -33.88 6.63
N THR A 112 -44.51 -34.67 7.27
CA THR A 112 -44.92 -35.98 7.73
C THR A 112 -46.09 -35.88 8.71
N GLY A 113 -46.00 -34.95 9.66
CA GLY A 113 -47.11 -34.74 10.57
C GLY A 113 -48.36 -34.26 9.89
N THR A 114 -48.22 -33.48 8.81
CA THR A 114 -49.38 -32.98 8.09
C THR A 114 -50.09 -34.10 7.34
N ILE A 115 -49.34 -34.97 6.67
CA ILE A 115 -49.96 -35.97 5.81
C ILE A 115 -50.67 -37.06 6.62
N HIS A 116 -50.34 -37.19 7.91
CA HIS A 116 -51.14 -38.00 8.81
C HIS A 116 -52.31 -37.23 9.41
N ASP A 117 -52.48 -35.96 9.04
CA ASP A 117 -53.59 -35.14 9.51
C ASP A 117 -53.57 -35.03 11.04
N ARG A 118 -52.37 -34.90 11.60
CA ARG A 118 -52.22 -34.68 13.03
C ARG A 118 -52.21 -33.18 13.34
N ASP A 119 -52.57 -32.84 14.57
CA ASP A 119 -52.69 -31.44 14.97
C ASP A 119 -51.34 -30.74 14.85
N LYS A 120 -51.33 -29.58 14.19
CA LYS A 120 -50.12 -28.79 14.07
C LYS A 120 -49.57 -28.39 15.43
N GLY A 121 -50.43 -28.24 16.44
CA GLY A 121 -49.94 -27.89 17.76
C GLY A 121 -49.08 -28.96 18.37
N GLU A 122 -49.34 -30.22 18.02
CA GLU A 122 -48.49 -31.32 18.48
C GLU A 122 -47.16 -31.31 17.75
N ILE A 123 -47.18 -31.05 16.45
CA ILE A 123 -45.97 -31.18 15.64
C ILE A 123 -44.93 -30.15 16.06
N LEU A 124 -45.34 -28.89 16.25
CA LEU A 124 -44.39 -27.84 16.56
C LEU A 124 -43.57 -28.17 17.80
N GLN A 125 -44.20 -28.76 18.81
CA GLN A 125 -43.52 -29.01 20.08
C GLN A 125 -42.49 -30.13 20.01
N ARG A 126 -42.27 -30.72 18.83
CA ARG A 126 -41.20 -31.69 18.65
C ARG A 126 -40.25 -31.29 17.53
N CYS A 127 -40.46 -30.13 16.90
CA CYS A 127 -39.49 -29.60 15.95
C CYS A 127 -38.26 -29.09 16.70
N HIS A 128 -37.12 -29.14 16.03
CA HIS A 128 -35.87 -28.74 16.66
C HIS A 128 -35.77 -27.21 16.70
N PRO A 129 -35.56 -26.61 17.88
CA PRO A 129 -35.66 -25.14 17.98
C PRO A 129 -34.56 -24.38 17.25
N LEU A 130 -33.44 -25.02 16.90
CA LEU A 130 -32.45 -24.32 16.07
C LEU A 130 -32.91 -24.22 14.63
N GLY A 131 -33.68 -25.21 14.17
CA GLY A 131 -34.15 -25.24 12.79
C GLY A 131 -35.41 -24.44 12.55
N TRP A 132 -35.67 -23.44 13.40
CA TRP A 132 -36.87 -22.63 13.24
C TRP A 132 -36.70 -21.61 12.12
N PHE A 133 -37.81 -21.30 11.45
CA PHE A 133 -37.88 -20.15 10.56
C PHE A 133 -39.32 -19.64 10.52
N ASP A 134 -39.46 -18.38 10.10
CA ASP A 134 -40.69 -17.63 10.32
C ASP A 134 -41.94 -18.39 9.87
N THR A 135 -41.88 -19.06 8.72
CA THR A 135 -43.06 -19.64 8.10
C THR A 135 -43.11 -21.16 8.22
N LEU A 136 -42.35 -21.74 9.15
CA LEU A 136 -42.34 -23.19 9.30
C LEU A 136 -43.73 -23.79 9.45
N PRO A 137 -44.60 -23.32 10.36
CA PRO A 137 -45.91 -23.96 10.51
C PRO A 137 -46.81 -23.81 9.29
N THR A 138 -46.51 -22.89 8.38
CA THR A 138 -47.33 -22.74 7.18
C THR A 138 -47.19 -23.90 6.21
N LEU A 139 -46.19 -24.77 6.42
CA LEU A 139 -46.06 -25.97 5.60
C LEU A 139 -47.19 -26.96 5.84
N SER A 140 -48.03 -26.73 6.85
CA SER A 140 -49.15 -27.61 7.16
C SER A 140 -50.41 -27.27 6.39
N VAL A 141 -50.37 -26.29 5.48
CA VAL A 141 -51.58 -25.86 4.78
C VAL A 141 -51.92 -26.69 3.55
N ALA A 142 -51.01 -27.55 3.08
CA ALA A 142 -51.24 -28.29 1.85
C ALA A 142 -50.37 -29.54 1.84
N THR A 143 -50.67 -30.41 0.87
CA THR A 143 -49.94 -31.65 0.68
C THR A 143 -49.15 -31.70 -0.62
N ASP A 144 -49.52 -30.89 -1.61
CA ASP A 144 -48.84 -30.90 -2.90
C ASP A 144 -47.51 -30.17 -2.79
N LEU A 145 -46.43 -30.86 -3.14
CA LEU A 145 -45.10 -30.26 -3.03
C LEU A 145 -44.94 -29.09 -3.98
N GLU A 146 -45.52 -29.17 -5.17
CA GLU A 146 -45.45 -28.04 -6.09
C GLU A 146 -46.12 -26.82 -5.49
N SER A 147 -47.25 -27.01 -4.81
CA SER A 147 -47.92 -25.89 -4.18
C SER A 147 -47.15 -25.38 -2.98
N LEU A 148 -46.60 -26.30 -2.17
CA LEU A 148 -45.83 -25.89 -1.00
C LEU A 148 -44.60 -25.10 -1.40
N TYR A 149 -43.90 -25.55 -2.45
CA TYR A 149 -42.67 -24.88 -2.86
C TYR A 149 -42.94 -23.43 -3.26
N GLU A 150 -43.95 -23.22 -4.10
CA GLU A 150 -44.28 -21.85 -4.51
C GLU A 150 -44.81 -21.03 -3.35
N THR A 151 -45.62 -21.64 -2.49
CA THR A 151 -46.23 -20.91 -1.39
C THR A 151 -45.17 -20.43 -0.39
N VAL A 152 -44.29 -21.33 0.05
CA VAL A 152 -43.45 -21.09 1.21
C VAL A 152 -41.96 -21.14 0.85
N LEU A 153 -41.52 -22.27 0.32
CA LEU A 153 -40.10 -22.61 0.36
C LEU A 153 -39.23 -21.75 -0.56
N VAL A 154 -39.81 -21.06 -1.54
CA VAL A 154 -39.00 -20.17 -2.37
C VAL A 154 -38.46 -19.00 -1.56
N ASP A 155 -39.09 -18.67 -0.43
CA ASP A 155 -38.70 -17.52 0.37
C ASP A 155 -37.64 -17.83 1.42
N THR A 156 -37.35 -19.10 1.67
CA THR A 156 -36.42 -19.50 2.70
C THR A 156 -35.04 -19.78 2.10
N PRO A 157 -33.99 -19.82 2.92
CA PRO A 157 -32.65 -20.09 2.39
C PRO A 157 -32.48 -21.50 1.83
N LEU A 158 -33.46 -22.38 2.00
CA LEU A 158 -33.40 -23.73 1.45
C LEU A 158 -33.74 -23.79 -0.04
N ALA A 159 -34.18 -22.69 -0.64
CA ALA A 159 -34.69 -22.75 -2.01
C ALA A 159 -33.74 -23.41 -2.99
N PRO A 160 -32.43 -23.13 -3.00
CA PRO A 160 -31.57 -23.73 -4.03
C PRO A 160 -31.53 -25.25 -3.99
N TYR A 161 -31.82 -25.86 -2.83
CA TYR A 161 -31.59 -27.29 -2.66
C TYR A 161 -32.68 -28.15 -3.28
N PHE A 162 -33.82 -27.58 -3.68
CA PHE A 162 -34.87 -28.34 -4.35
C PHE A 162 -34.61 -28.53 -5.84
N LYS A 163 -33.38 -28.27 -6.29
CA LYS A 163 -33.08 -28.29 -7.73
C LYS A 163 -33.42 -29.63 -8.37
N ASN A 164 -33.46 -30.73 -7.60
CA ASN A 164 -33.62 -32.06 -8.15
C ASN A 164 -34.86 -32.79 -7.65
N CYS A 165 -35.83 -32.08 -7.07
CA CYS A 165 -36.89 -32.73 -6.31
C CYS A 165 -38.20 -32.90 -7.07
N PHE A 166 -38.48 -32.06 -8.07
CA PHE A 166 -39.86 -31.84 -8.51
C PHE A 166 -40.42 -32.98 -9.35
N ASP A 167 -39.64 -33.97 -9.73
CA ASP A 167 -40.17 -35.07 -10.55
C ASP A 167 -40.87 -36.10 -9.68
N THR A 168 -41.84 -35.67 -8.89
CA THR A 168 -42.58 -36.54 -7.99
C THR A 168 -43.87 -37.04 -8.62
N ALA A 169 -44.49 -38.01 -7.96
CA ALA A 169 -45.89 -38.28 -8.17
C ALA A 169 -46.71 -37.09 -7.64
N GLU A 170 -47.99 -37.08 -7.98
CA GLU A 170 -48.82 -35.92 -7.67
C GLU A 170 -49.12 -35.80 -6.18
N GLU A 171 -49.04 -36.88 -5.42
CA GLU A 171 -49.41 -36.88 -4.00
C GLU A 171 -48.34 -37.57 -3.19
N LEU A 172 -48.04 -37.00 -2.03
CA LEU A 172 -46.92 -37.45 -1.22
C LEU A 172 -47.27 -38.66 -0.37
N ASP A 173 -46.23 -39.26 0.21
CA ASP A 173 -46.36 -40.48 1.00
C ASP A 173 -45.13 -40.58 1.90
N ASP A 174 -45.20 -41.49 2.87
CA ASP A 174 -44.10 -41.64 3.82
C ASP A 174 -42.77 -41.89 3.10
N MET A 175 -42.73 -42.88 2.22
CA MET A 175 -41.53 -43.13 1.43
C MET A 175 -41.21 -41.94 0.53
N ASN A 176 -42.25 -41.29 -0.01
CA ASN A 176 -42.02 -40.18 -0.93
C ASN A 176 -41.41 -38.98 -0.21
N ILE A 177 -41.74 -38.78 1.07
CA ILE A 177 -41.16 -37.67 1.82
C ILE A 177 -39.69 -37.95 2.11
N GLU A 178 -39.36 -39.19 2.49
CA GLU A 178 -37.99 -39.49 2.88
C GLU A 178 -37.01 -39.31 1.74
N ILE A 179 -37.41 -39.67 0.52
CA ILE A 179 -36.54 -39.45 -0.62
C ILE A 179 -36.32 -37.96 -0.84
N ILE A 180 -37.33 -37.14 -0.53
CA ILE A 180 -37.14 -35.70 -0.59
C ILE A 180 -36.15 -35.24 0.47
N ARG A 181 -36.31 -35.74 1.69
CA ARG A 181 -35.41 -35.33 2.77
C ARG A 181 -33.95 -35.63 2.41
N ASN A 182 -33.70 -36.80 1.83
CA ASN A 182 -32.33 -37.17 1.48
C ASN A 182 -31.80 -36.35 0.32
N LYS A 183 -32.63 -36.12 -0.70
CA LYS A 183 -32.18 -35.32 -1.83
C LYS A 183 -31.95 -33.86 -1.46
N LEU A 184 -32.56 -33.39 -0.37
CA LEU A 184 -32.19 -32.09 0.18
C LEU A 184 -30.82 -32.15 0.84
N TYR A 185 -30.63 -33.10 1.76
CA TYR A 185 -29.33 -33.24 2.41
C TYR A 185 -28.22 -33.44 1.39
N LYS A 186 -28.50 -34.17 0.32
CA LYS A 186 -27.52 -34.35 -0.74
C LYS A 186 -26.97 -33.01 -1.22
N ALA A 187 -27.86 -32.07 -1.52
CA ALA A 187 -27.42 -30.77 -2.01
C ALA A 187 -26.78 -29.95 -0.89
N TYR A 188 -27.30 -30.06 0.33
CA TYR A 188 -26.85 -29.20 1.42
C TYR A 188 -25.39 -29.46 1.76
N LEU A 189 -25.01 -30.71 1.94
CA LEU A 189 -23.64 -31.02 2.34
C LEU A 189 -22.64 -30.59 1.26
N GLU A 190 -23.00 -30.78 0.00
CA GLU A 190 -22.11 -30.36 -1.08
C GLU A 190 -21.96 -28.84 -1.13
N ASP A 191 -23.03 -28.11 -0.85
CA ASP A 191 -22.93 -26.65 -0.76
C ASP A 191 -22.08 -26.24 0.44
N PHE A 192 -22.34 -26.87 1.59
CA PHE A 192 -21.59 -26.55 2.80
C PHE A 192 -20.10 -26.83 2.61
N TYR A 193 -19.78 -27.98 2.01
CA TYR A 193 -18.40 -28.34 1.78
C TYR A 193 -17.73 -27.36 0.82
N ASN A 194 -18.47 -26.92 -0.20
CA ASN A 194 -17.92 -25.97 -1.16
C ASN A 194 -17.62 -24.63 -0.48
N PHE A 195 -18.54 -24.16 0.36
CA PHE A 195 -18.32 -22.90 1.08
C PHE A 195 -17.07 -22.98 1.95
N VAL A 196 -16.92 -24.10 2.68
CA VAL A 196 -15.71 -24.30 3.49
C VAL A 196 -14.47 -24.21 2.62
N THR A 197 -14.50 -24.85 1.46
CA THR A 197 -13.33 -24.85 0.58
C THR A 197 -13.00 -23.44 0.10
N GLU A 198 -14.03 -22.63 -0.17
CA GLU A 198 -13.80 -21.33 -0.80
C GLU A 198 -13.42 -20.25 0.21
N GLU A 199 -14.07 -20.22 1.37
CA GLU A 199 -14.06 -19.04 2.22
C GLU A 199 -13.41 -19.21 3.60
N ILE A 200 -13.11 -20.43 4.02
CA ILE A 200 -12.56 -20.68 5.36
C ILE A 200 -11.05 -20.90 5.24
N PRO A 201 -10.23 -20.20 6.01
CA PRO A 201 -8.78 -20.35 5.89
C PRO A 201 -8.24 -21.56 6.66
N GLU A 202 -6.96 -21.83 6.43
CA GLU A 202 -6.28 -22.90 7.14
C GLU A 202 -6.07 -22.53 8.61
N PRO A 203 -5.97 -23.53 9.50
CA PRO A 203 -6.13 -24.97 9.27
C PRO A 203 -7.60 -25.38 9.31
N ALA A 204 -8.50 -24.44 9.56
CA ALA A 204 -9.91 -24.77 9.65
C ALA A 204 -10.44 -25.38 8.37
N LYS A 205 -9.85 -25.03 7.22
CA LYS A 205 -10.30 -25.58 5.95
C LYS A 205 -10.20 -27.11 5.95
N GLU A 206 -8.99 -27.63 6.17
CA GLU A 206 -8.81 -29.08 6.18
C GLU A 206 -9.59 -29.73 7.31
N CYS A 207 -9.68 -29.06 8.46
CA CYS A 207 -10.40 -29.64 9.59
C CYS A 207 -11.87 -29.87 9.25
N MET A 208 -12.52 -28.87 8.63
CA MET A 208 -13.93 -29.03 8.31
C MET A 208 -14.13 -29.97 7.13
N GLN A 209 -13.25 -29.92 6.13
CA GLN A 209 -13.34 -30.87 5.03
C GLN A 209 -13.32 -32.30 5.54
N THR A 210 -12.54 -32.56 6.59
CA THR A 210 -12.54 -33.88 7.21
C THR A 210 -13.87 -34.16 7.90
N LEU A 211 -14.34 -33.20 8.71
CA LEU A 211 -15.54 -33.42 9.49
C LEU A 211 -16.78 -33.56 8.62
N LEU A 212 -16.91 -32.72 7.59
CA LEU A 212 -18.04 -32.86 6.68
C LEU A 212 -17.94 -34.16 5.89
N GLY A 213 -16.72 -34.59 5.56
CA GLY A 213 -16.55 -35.84 4.86
C GLY A 213 -17.11 -37.02 5.64
N PHE A 214 -16.85 -37.04 6.95
CA PHE A 214 -17.36 -38.14 7.78
C PHE A 214 -18.88 -38.20 7.74
N GLU A 215 -19.54 -37.05 7.85
CA GLU A 215 -21.00 -37.04 7.84
C GLU A 215 -21.53 -37.55 6.50
N ALA A 216 -20.87 -37.20 5.41
CA ALA A 216 -21.28 -37.72 4.11
C ALA A 216 -21.14 -39.24 4.07
N ASP A 217 -20.05 -39.77 4.65
CA ASP A 217 -19.86 -41.22 4.67
C ASP A 217 -20.96 -41.91 5.48
N ARG A 218 -21.21 -41.42 6.70
CA ARG A 218 -22.27 -42.00 7.51
C ARG A 218 -23.62 -41.90 6.80
N ARG A 219 -23.89 -40.75 6.17
CA ARG A 219 -25.11 -40.59 5.40
C ARG A 219 -25.23 -41.68 4.34
N SER A 220 -24.11 -42.02 3.68
CA SER A 220 -24.15 -42.99 2.60
C SER A 220 -24.41 -44.40 3.12
N ILE A 221 -23.71 -44.80 4.18
CA ILE A 221 -23.83 -46.16 4.68
C ILE A 221 -25.25 -46.44 5.13
N ASN A 222 -25.84 -45.52 5.89
CA ASN A 222 -27.19 -45.72 6.38
C ASN A 222 -28.19 -45.84 5.24
N ILE A 223 -28.05 -45.02 4.21
CA ILE A 223 -28.97 -45.07 3.09
C ILE A 223 -28.87 -46.41 2.38
N ALA A 224 -27.64 -46.91 2.19
CA ALA A 224 -27.48 -48.21 1.55
C ALA A 224 -28.18 -49.30 2.36
N LEU A 225 -27.92 -49.35 3.66
CA LEU A 225 -28.50 -50.42 4.49
C LEU A 225 -30.00 -50.28 4.62
N ASN A 226 -30.53 -49.06 4.63
CA ASN A 226 -31.97 -48.88 4.76
C ASN A 226 -32.70 -49.26 3.48
N SER A 227 -32.11 -49.00 2.31
CA SER A 227 -32.75 -49.38 1.06
C SER A 227 -32.94 -50.89 0.98
N LEU A 228 -32.13 -51.65 1.70
CA LEU A 228 -32.25 -53.10 1.69
C LEU A 228 -33.55 -53.60 2.31
N GLN A 229 -34.24 -52.75 3.08
CA GLN A 229 -35.56 -53.09 3.60
C GLN A 229 -36.65 -52.98 2.54
N SER A 230 -36.39 -52.25 1.46
CA SER A 230 -37.39 -52.10 0.41
C SER A 230 -37.49 -53.36 -0.43
N SER A 231 -38.66 -53.56 -1.03
CA SER A 231 -38.81 -54.63 -2.02
C SER A 231 -37.93 -54.36 -3.23
N ASP A 232 -37.86 -53.10 -3.67
CA ASP A 232 -36.97 -52.75 -4.77
C ASP A 232 -36.71 -51.25 -4.76
N ILE A 233 -35.53 -50.88 -5.25
CA ILE A 233 -35.19 -49.50 -5.60
C ILE A 233 -34.31 -49.55 -6.84
N ASP A 234 -34.59 -48.71 -7.81
CA ASP A 234 -33.75 -48.63 -8.99
C ASP A 234 -32.36 -48.13 -8.59
N PRO A 235 -31.29 -48.86 -8.88
CA PRO A 235 -29.97 -48.40 -8.45
C PRO A 235 -29.58 -47.04 -9.01
N ASP A 236 -30.08 -46.68 -10.20
CA ASP A 236 -29.79 -45.35 -10.72
C ASP A 236 -30.54 -44.28 -9.95
N LEU A 237 -31.75 -44.61 -9.45
CA LEU A 237 -32.45 -43.69 -8.55
C LEU A 237 -31.75 -43.64 -7.20
N LYS A 238 -31.31 -44.78 -6.68
CA LYS A 238 -30.60 -44.81 -5.41
C LYS A 238 -29.32 -43.98 -5.48
N SER A 239 -28.70 -43.91 -6.66
CA SER A 239 -27.40 -43.25 -6.78
C SER A 239 -27.49 -41.76 -6.45
N ASP A 240 -28.65 -41.13 -6.63
CA ASP A 240 -28.78 -39.70 -6.40
C ASP A 240 -28.67 -39.33 -4.93
N LEU A 241 -28.92 -40.26 -4.02
CA LEU A 241 -29.03 -39.97 -2.60
C LEU A 241 -27.70 -40.00 -1.86
N LEU A 242 -26.59 -40.29 -2.55
CA LEU A 242 -25.29 -40.40 -1.91
C LEU A 242 -24.46 -39.15 -2.19
N PRO A 243 -24.03 -38.40 -1.17
CA PRO A 243 -23.25 -37.18 -1.44
C PRO A 243 -21.91 -37.48 -2.11
N ASN A 244 -21.44 -36.51 -2.90
CA ASN A 244 -20.22 -36.65 -3.68
C ASN A 244 -18.94 -36.31 -2.90
N ILE A 245 -19.05 -35.79 -1.67
CA ILE A 245 -17.86 -35.27 -0.98
C ILE A 245 -17.15 -36.30 -0.12
N GLY A 246 -17.75 -37.47 0.10
CA GLY A 246 -17.24 -38.38 1.09
C GLY A 246 -15.92 -39.02 0.71
N LYS A 247 -15.30 -39.64 1.71
CA LYS A 247 -14.13 -40.47 1.47
C LYS A 247 -14.48 -41.68 0.61
N LEU A 248 -15.74 -42.11 0.65
CA LEU A 248 -16.17 -43.25 -0.15
C LEU A 248 -16.31 -42.90 -1.64
N TYR A 249 -16.25 -41.62 -1.99
CA TYR A 249 -16.58 -41.20 -3.35
C TYR A 249 -15.32 -41.12 -4.21
N PRO A 250 -15.39 -41.50 -5.50
CA PRO A 250 -16.52 -42.10 -6.22
C PRO A 250 -16.51 -43.63 -6.19
N LEU A 251 -15.35 -44.21 -5.93
CA LEU A 251 -15.15 -45.64 -6.17
C LEU A 251 -16.08 -46.49 -5.33
N ALA A 252 -16.08 -46.28 -4.01
CA ALA A 252 -16.89 -47.13 -3.14
C ALA A 252 -18.37 -46.82 -3.27
N THR A 253 -18.72 -45.54 -3.44
CA THR A 253 -20.13 -45.17 -3.58
C THR A 253 -20.76 -45.84 -4.80
N PHE A 254 -19.99 -46.02 -5.87
CA PHE A 254 -20.53 -46.67 -7.07
C PHE A 254 -20.93 -48.11 -6.78
N HIS A 255 -20.03 -48.89 -6.17
CA HIS A 255 -20.40 -50.25 -5.77
C HIS A 255 -21.52 -50.22 -4.74
N LEU A 256 -21.46 -49.30 -3.79
CA LEU A 256 -22.48 -49.23 -2.75
C LEU A 256 -23.86 -48.96 -3.34
N ALA A 257 -23.93 -48.23 -4.46
CA ALA A 257 -25.20 -48.02 -5.13
C ALA A 257 -25.65 -49.28 -5.86
N GLN A 258 -24.71 -49.98 -6.50
CA GLN A 258 -25.05 -51.20 -7.24
C GLN A 258 -25.48 -52.33 -6.32
N ALA A 259 -25.01 -52.31 -5.07
CA ALA A 259 -25.16 -53.48 -4.21
C ALA A 259 -26.63 -53.83 -3.98
N GLN A 260 -26.88 -55.12 -3.81
CA GLN A 260 -28.24 -55.64 -3.65
C GLN A 260 -28.54 -56.20 -2.26
N ASP A 261 -27.52 -56.48 -1.45
CA ASP A 261 -27.76 -57.12 -0.17
C ASP A 261 -26.60 -56.82 0.78
N PHE A 262 -26.83 -57.16 2.06
CA PHE A 262 -25.85 -56.87 3.10
C PHE A 262 -24.49 -57.48 2.78
N GLU A 263 -24.47 -58.67 2.19
CA GLU A 263 -23.19 -59.25 1.78
C GLU A 263 -22.52 -58.42 0.69
N GLY A 264 -23.31 -57.91 -0.25
CA GLY A 264 -22.75 -57.06 -1.29
C GLY A 264 -22.24 -55.74 -0.73
N VAL A 265 -22.97 -55.16 0.23
CA VAL A 265 -22.51 -53.94 0.87
C VAL A 265 -21.16 -54.16 1.54
N ARG A 266 -21.03 -55.28 2.25
CA ARG A 266 -19.74 -55.62 2.87
C ARG A 266 -18.65 -55.71 1.81
N ALA A 267 -18.94 -56.38 0.68
CA ALA A 267 -17.95 -56.50 -0.37
C ALA A 267 -17.52 -55.14 -0.90
N ALA A 268 -18.45 -54.19 -1.00
CA ALA A 268 -18.11 -52.85 -1.46
C ALA A 268 -17.31 -52.10 -0.40
N LEU A 269 -17.73 -52.19 0.86
CA LEU A 269 -17.14 -51.36 1.90
C LEU A 269 -15.76 -51.85 2.34
N ALA A 270 -15.47 -53.13 2.18
CA ALA A 270 -14.20 -53.69 2.66
C ALA A 270 -12.99 -53.10 1.96
N ASN A 271 -13.18 -52.27 0.93
CA ASN A 271 -12.06 -51.66 0.21
C ASN A 271 -11.51 -50.42 0.90
N VAL A 272 -12.14 -49.94 1.97
CA VAL A 272 -11.78 -48.68 2.59
C VAL A 272 -11.32 -48.95 4.02
N TYR A 273 -10.12 -48.47 4.36
CA TYR A 273 -9.51 -48.79 5.65
C TYR A 273 -10.26 -48.17 6.82
N GLU A 274 -10.65 -46.89 6.71
CA GLU A 274 -11.22 -46.20 7.85
C GLU A 274 -12.52 -46.83 8.33
N TYR A 275 -13.17 -47.63 7.50
CA TYR A 275 -14.40 -48.32 7.86
C TYR A 275 -14.27 -49.83 7.70
N ARG A 276 -13.04 -50.35 7.78
CA ARG A 276 -12.77 -51.73 7.42
C ARG A 276 -13.56 -52.72 8.26
N GLY A 277 -13.75 -52.44 9.54
CA GLY A 277 -14.34 -53.38 10.48
C GLY A 277 -15.69 -53.00 11.05
N PHE A 278 -16.42 -52.08 10.42
CA PHE A 278 -17.59 -51.50 11.09
C PHE A 278 -18.77 -52.46 11.16
N LEU A 279 -19.02 -53.21 10.08
CA LEU A 279 -20.25 -53.99 10.00
C LEU A 279 -20.18 -55.32 10.73
N GLU A 280 -19.00 -55.77 11.15
CA GLU A 280 -18.88 -57.10 11.72
C GLU A 280 -19.51 -57.21 13.12
N THR A 281 -19.39 -56.17 13.95
CA THR A 281 -19.55 -56.35 15.38
C THR A 281 -20.44 -55.26 15.98
N GLY A 282 -20.94 -55.55 17.18
CA GLY A 282 -21.57 -54.55 18.01
C GLY A 282 -22.76 -53.90 17.34
N ASN A 283 -22.94 -52.62 17.63
CA ASN A 283 -23.99 -51.81 17.01
C ASN A 283 -23.33 -50.82 16.06
N LEU A 284 -23.93 -50.64 14.89
CA LEU A 284 -23.30 -49.81 13.86
C LEU A 284 -23.27 -48.34 14.28
N GLU A 285 -24.41 -47.81 14.72
CA GLU A 285 -24.45 -46.41 15.12
C GLU A 285 -23.56 -46.15 16.33
N ASP A 286 -23.35 -47.16 17.19
CA ASP A 286 -22.44 -46.98 18.30
C ASP A 286 -21.01 -46.73 17.80
N HIS A 287 -20.59 -47.45 16.76
CA HIS A 287 -19.28 -47.20 16.18
C HIS A 287 -19.20 -45.80 15.60
N PHE A 288 -20.24 -45.37 14.91
CA PHE A 288 -20.24 -44.04 14.29
C PHE A 288 -20.10 -42.95 15.34
N TYR A 289 -20.85 -43.05 16.44
CA TYR A 289 -20.72 -42.06 17.49
C TYR A 289 -19.31 -42.04 18.06
N GLN A 290 -18.71 -43.21 18.26
CA GLN A 290 -17.35 -43.28 18.78
C GLN A 290 -16.38 -42.57 17.86
N LEU A 291 -16.43 -42.88 16.56
CA LEU A 291 -15.52 -42.27 15.61
C LEU A 291 -15.81 -40.78 15.46
N GLU A 292 -17.09 -40.39 15.47
CA GLU A 292 -17.43 -38.98 15.43
C GLU A 292 -16.79 -38.23 16.59
N MET A 293 -16.76 -38.84 17.77
CA MET A 293 -16.19 -38.16 18.94
C MET A 293 -14.67 -38.09 18.85
N GLU A 294 -14.03 -39.09 18.26
CA GLU A 294 -12.59 -39.02 18.05
C GLU A 294 -12.22 -37.82 17.18
N LEU A 295 -12.96 -37.62 16.09
CA LEU A 295 -12.66 -36.52 15.19
C LEU A 295 -12.86 -35.18 15.88
N CYS A 296 -13.89 -35.06 16.72
CA CYS A 296 -14.08 -33.82 17.46
C CYS A 296 -12.95 -33.58 18.45
N ARG A 297 -12.57 -34.62 19.20
CA ARG A 297 -11.48 -34.47 20.16
C ARG A 297 -10.19 -34.05 19.47
N ASP A 298 -9.95 -34.58 18.26
CA ASP A 298 -8.78 -34.17 17.50
C ASP A 298 -8.86 -32.70 17.11
N ALA A 299 -10.05 -32.24 16.70
CA ALA A 299 -10.20 -30.86 16.24
C ALA A 299 -9.82 -29.86 17.32
N PHE A 300 -10.12 -30.18 18.58
CA PHE A 300 -9.87 -29.24 19.66
C PHE A 300 -8.38 -28.95 19.85
N THR A 301 -7.50 -29.80 19.34
CA THR A 301 -6.06 -29.57 19.48
C THR A 301 -5.56 -28.44 18.60
N GLN A 302 -6.35 -28.03 17.60
CA GLN A 302 -6.00 -26.87 16.80
C GLN A 302 -6.19 -25.60 17.63
N GLN A 303 -5.64 -24.50 17.13
CA GLN A 303 -5.79 -23.20 17.76
C GLN A 303 -6.04 -22.16 16.68
N PHE A 304 -6.82 -21.14 17.04
CA PHE A 304 -7.19 -20.09 16.10
C PHE A 304 -7.89 -20.67 14.88
N ALA A 305 -8.79 -21.62 15.11
CA ALA A 305 -9.55 -22.27 14.04
C ALA A 305 -11.02 -22.25 14.41
N ILE A 306 -11.87 -21.75 13.50
CA ILE A 306 -13.28 -21.64 13.77
C ILE A 306 -13.97 -22.99 13.82
N SER A 307 -13.33 -24.05 13.33
CA SER A 307 -13.93 -25.38 13.45
C SER A 307 -14.19 -25.74 14.90
N THR A 308 -13.53 -25.06 15.84
CA THR A 308 -13.73 -25.34 17.25
C THR A 308 -15.22 -25.29 17.63
N VAL A 309 -15.97 -24.38 17.01
CA VAL A 309 -17.37 -24.22 17.40
C VAL A 309 -18.21 -25.38 16.88
N TRP A 310 -17.84 -25.95 15.73
CA TRP A 310 -18.48 -27.18 15.29
C TRP A 310 -18.14 -28.32 16.24
N ALA A 311 -16.88 -28.40 16.67
CA ALA A 311 -16.47 -29.46 17.58
C ALA A 311 -17.23 -29.36 18.91
N TRP A 312 -17.31 -28.16 19.47
CA TRP A 312 -18.04 -27.96 20.71
C TRP A 312 -19.52 -28.32 20.53
N MET A 313 -20.13 -27.85 19.44
CA MET A 313 -21.55 -28.05 19.23
C MET A 313 -21.89 -29.54 19.22
N LYS A 314 -21.13 -30.33 18.47
CA LYS A 314 -21.46 -31.75 18.33
C LYS A 314 -21.11 -32.53 19.59
N SER A 315 -20.01 -32.19 20.25
CA SER A 315 -19.63 -32.89 21.47
C SER A 315 -20.69 -32.71 22.56
N LYS A 316 -21.20 -31.49 22.71
CA LYS A 316 -22.18 -31.24 23.75
C LYS A 316 -23.49 -31.97 23.48
N GLU A 317 -23.84 -32.16 22.21
CA GLU A 317 -25.05 -32.91 21.89
C GLU A 317 -24.93 -34.36 22.35
N GLN A 318 -23.78 -34.98 22.13
CA GLN A 318 -23.58 -36.35 22.59
C GLN A 318 -23.72 -36.45 24.10
N GLU A 319 -23.25 -35.43 24.82
CA GLU A 319 -23.36 -35.44 26.28
C GLU A 319 -24.81 -35.47 26.72
N VAL A 320 -25.71 -34.79 26.00
CA VAL A 320 -27.12 -34.86 26.34
C VAL A 320 -27.66 -36.26 26.08
N ARG A 321 -27.21 -36.90 25.00
CA ARG A 321 -27.60 -38.28 24.76
C ARG A 321 -27.10 -39.20 25.88
N ASN A 322 -25.89 -38.96 26.37
CA ASN A 322 -25.38 -39.72 27.50
C ASN A 322 -26.23 -39.50 28.74
N ILE A 323 -26.48 -38.24 29.10
CA ILE A 323 -27.18 -37.94 30.35
C ILE A 323 -28.58 -38.54 30.33
N THR A 324 -29.27 -38.44 29.19
CA THR A 324 -30.61 -39.00 29.11
C THR A 324 -30.58 -40.52 29.19
N TRP A 325 -29.59 -41.16 28.57
CA TRP A 325 -29.48 -42.61 28.66
C TRP A 325 -29.33 -43.05 30.11
N ILE A 326 -28.42 -42.40 30.84
CA ILE A 326 -28.24 -42.73 32.26
C ILE A 326 -29.52 -42.46 33.03
N ALA A 327 -30.15 -41.31 32.78
CA ALA A 327 -31.38 -40.97 33.49
C ALA A 327 -32.47 -41.98 33.19
N GLU A 328 -32.56 -42.45 31.95
CA GLU A 328 -33.55 -43.46 31.61
C GLU A 328 -33.30 -44.76 32.36
N CYS A 329 -32.02 -45.15 32.49
CA CYS A 329 -31.72 -46.36 33.25
C CYS A 329 -32.08 -46.21 34.72
N ILE A 330 -31.88 -45.02 35.29
CA ILE A 330 -32.29 -44.80 36.68
C ILE A 330 -33.80 -44.94 36.81
N ALA A 331 -34.55 -44.32 35.90
CA ALA A 331 -36.00 -44.29 36.03
C ALA A 331 -36.62 -45.65 35.79
N GLN A 332 -36.19 -46.35 34.73
CA GLN A 332 -36.74 -47.66 34.41
C GLN A 332 -36.12 -48.79 35.23
N ASN A 333 -35.03 -48.52 35.96
CA ASN A 333 -34.38 -49.46 36.86
C ASN A 333 -33.68 -50.61 36.14
N GLN A 334 -33.62 -50.59 34.80
CA GLN A 334 -32.95 -51.63 34.02
C GLN A 334 -31.47 -51.29 33.88
N ARG A 335 -30.73 -51.54 34.97
CA ARG A 335 -29.38 -51.01 35.11
C ARG A 335 -28.34 -51.73 34.27
N GLU A 336 -28.56 -52.99 33.89
CA GLU A 336 -27.46 -53.79 33.35
C GLU A 336 -26.85 -53.19 32.09
N ARG A 337 -27.59 -52.32 31.38
CA ARG A 337 -27.10 -51.70 30.16
C ARG A 337 -26.53 -50.30 30.39
N ILE A 338 -26.41 -49.87 31.66
CA ILE A 338 -26.20 -48.45 31.96
C ILE A 338 -24.83 -47.96 31.50
N ASN A 339 -23.84 -48.85 31.39
CA ASN A 339 -22.47 -48.44 31.15
C ASN A 339 -22.17 -48.11 29.69
N ASN A 340 -23.19 -48.01 28.82
CA ASN A 340 -22.94 -47.82 27.39
C ASN A 340 -22.81 -46.36 26.99
N TYR A 341 -22.52 -45.45 27.92
CA TYR A 341 -22.29 -44.06 27.56
C TYR A 341 -20.97 -43.93 26.81
N ILE A 342 -20.85 -42.84 26.05
CA ILE A 342 -19.69 -42.59 25.20
C ILE A 342 -18.98 -41.35 25.73
N SER A 343 -17.68 -41.47 25.97
CA SER A 343 -16.91 -40.35 26.51
C SER A 343 -15.45 -40.49 26.08
N VAL A 344 -14.96 -39.50 25.33
CA VAL A 344 -13.54 -39.43 25.02
C VAL A 344 -12.79 -38.59 26.05
N TYR A 345 -13.42 -37.56 26.59
CA TYR A 345 -12.75 -36.62 27.47
C TYR A 345 -12.52 -37.22 28.85
N SER B 16 -6.60 -10.77 -9.32
CA SER B 16 -6.92 -9.51 -8.58
C SER B 16 -6.23 -8.31 -9.22
N PHE B 17 -6.80 -7.13 -9.01
CA PHE B 17 -6.32 -5.94 -9.69
C PHE B 17 -4.93 -5.52 -9.22
N SER B 18 -4.63 -5.72 -7.94
CA SER B 18 -3.33 -5.28 -7.41
C SER B 18 -2.20 -6.08 -8.04
N HIS B 19 -2.41 -7.38 -8.28
CA HIS B 19 -1.38 -8.18 -8.95
C HIS B 19 -1.14 -7.67 -10.36
N PHE B 20 -2.20 -7.23 -11.05
CA PHE B 20 -2.03 -6.66 -12.38
C PHE B 20 -1.14 -5.42 -12.34
N LEU B 21 -1.30 -4.59 -11.31
CA LEU B 21 -0.43 -3.43 -11.16
C LEU B 21 1.03 -3.85 -10.97
N TYR B 22 1.28 -4.88 -10.16
CA TYR B 22 2.65 -5.32 -9.94
C TYR B 22 3.31 -5.74 -11.24
N TYR B 23 2.62 -6.52 -12.06
CA TYR B 23 3.21 -6.99 -13.31
C TYR B 23 3.38 -5.85 -14.30
N LEU B 24 2.46 -4.89 -14.29
CA LEU B 24 2.62 -3.70 -15.15
C LEU B 24 3.87 -2.93 -14.75
N VAL B 25 4.08 -2.74 -13.44
CA VAL B 25 5.24 -1.99 -12.97
C VAL B 25 6.53 -2.75 -13.28
N LEU B 26 6.50 -4.08 -13.11
CA LEU B 26 7.68 -4.87 -13.45
C LEU B 26 8.03 -4.72 -14.93
N ILE B 27 7.01 -4.79 -15.79
CA ILE B 27 7.26 -4.77 -17.23
C ILE B 27 7.83 -3.42 -17.67
N VAL B 28 7.27 -2.32 -17.17
CA VAL B 28 7.73 -1.01 -17.60
C VAL B 28 9.15 -0.76 -17.13
N VAL B 29 9.50 -1.23 -15.93
CA VAL B 29 10.87 -1.10 -15.45
C VAL B 29 11.83 -1.84 -16.37
N ILE B 30 11.47 -3.07 -16.75
CA ILE B 30 12.32 -3.85 -17.64
C ILE B 30 12.50 -3.13 -18.97
N VAL B 31 11.39 -2.66 -19.55
CA VAL B 31 11.47 -2.00 -20.85
C VAL B 31 12.32 -0.75 -20.76
N TYR B 32 12.15 0.05 -19.71
CA TYR B 32 12.94 1.26 -19.57
C TYR B 32 14.42 0.94 -19.44
N GLY B 33 14.76 -0.08 -18.66
CA GLY B 33 16.16 -0.47 -18.52
C GLY B 33 16.75 -0.96 -19.83
N LEU B 34 16.03 -1.83 -20.54
CA LEU B 34 16.50 -2.30 -21.83
C LEU B 34 16.66 -1.14 -22.82
N TYR B 35 15.71 -0.21 -22.80
CA TYR B 35 15.77 0.93 -23.72
C TYR B 35 17.03 1.75 -23.50
N LYS B 36 17.27 2.16 -22.25
CA LYS B 36 18.47 2.95 -21.95
C LYS B 36 19.74 2.19 -22.29
N LEU B 37 19.73 0.86 -22.11
CA LEU B 37 20.94 0.07 -22.34
C LEU B 37 21.33 0.06 -23.82
N PHE B 38 20.38 -0.24 -24.70
CA PHE B 38 20.70 -0.40 -26.11
C PHE B 38 21.10 0.92 -26.76
N THR B 39 20.45 2.03 -26.39
CA THR B 39 20.80 3.32 -26.98
C THR B 39 22.16 3.84 -26.51
N GLY B 40 22.88 3.09 -25.68
CA GLY B 40 24.20 3.50 -25.25
C GLY B 40 24.20 4.44 -24.06
N HIS B 41 23.08 4.58 -23.35
CA HIS B 41 22.98 5.45 -22.19
C HIS B 41 22.80 4.66 -20.90
N GLY B 42 23.38 3.45 -20.84
CA GLY B 42 23.21 2.62 -19.66
C GLY B 42 23.73 3.25 -18.38
N SER B 43 24.64 4.22 -18.49
CA SER B 43 25.17 4.90 -17.32
C SER B 43 24.28 6.02 -16.81
N ASP B 44 23.17 6.31 -17.51
CA ASP B 44 22.25 7.33 -17.02
C ASP B 44 21.56 6.90 -15.74
N ILE B 45 21.19 5.62 -15.64
CA ILE B 45 20.49 5.12 -14.47
C ILE B 45 21.55 4.76 -13.43
N ASN B 46 22.01 5.77 -12.70
CA ASN B 46 23.18 5.66 -11.85
C ASN B 46 22.73 5.64 -10.39
N PHE B 47 22.50 4.43 -9.87
CA PHE B 47 22.05 4.31 -8.49
C PHE B 47 23.09 4.85 -7.51
N GLY B 48 24.38 4.71 -7.85
CA GLY B 48 25.42 5.16 -6.95
C GLY B 48 25.38 6.66 -6.71
N LYS B 49 25.15 7.45 -7.75
CA LYS B 49 25.17 8.90 -7.59
C LYS B 49 23.94 9.39 -6.82
N PHE B 50 22.80 8.72 -6.98
CA PHE B 50 21.65 9.04 -6.13
C PHE B 50 21.98 8.78 -4.67
N LEU B 51 22.53 7.61 -4.37
CA LEU B 51 22.88 7.24 -3.01
C LEU B 51 23.95 8.15 -2.43
N LEU B 52 24.77 8.77 -3.28
CA LEU B 52 25.91 9.57 -2.86
C LEU B 52 25.59 11.05 -2.73
N ARG B 53 24.41 11.47 -3.15
CA ARG B 53 24.09 12.89 -3.29
C ARG B 53 22.84 13.32 -2.55
N THR B 54 22.02 12.39 -2.07
CA THR B 54 20.87 12.74 -1.24
C THR B 54 21.33 13.12 0.17
N SER B 55 20.56 13.98 0.81
CA SER B 55 20.97 14.54 2.09
C SER B 55 20.99 13.47 3.17
N PRO B 56 22.07 13.32 3.94
CA PRO B 56 22.10 12.29 4.98
C PRO B 56 21.11 12.53 6.10
N TYR B 57 20.60 13.75 6.28
CA TYR B 57 19.59 13.98 7.30
C TYR B 57 18.33 13.18 7.01
N MET B 58 18.06 12.91 5.73
CA MET B 58 16.90 12.09 5.39
C MET B 58 17.04 10.68 5.95
N TRP B 59 18.17 10.04 5.69
CA TRP B 59 18.38 8.67 6.17
C TRP B 59 18.28 8.61 7.69
N ALA B 60 18.93 9.55 8.38
CA ALA B 60 18.98 9.48 9.84
C ALA B 60 17.61 9.68 10.46
N ASN B 61 16.91 10.75 10.07
CA ASN B 61 15.60 11.02 10.66
C ASN B 61 14.59 9.94 10.28
N LEU B 62 14.67 9.44 9.05
CA LEU B 62 13.77 8.37 8.63
C LEU B 62 14.02 7.10 9.43
N GLY B 63 15.29 6.83 9.77
CA GLY B 63 15.59 5.68 10.61
C GLY B 63 15.04 5.81 12.01
N ILE B 64 15.23 6.98 12.62
CA ILE B 64 14.75 7.19 13.99
C ILE B 64 13.24 7.09 14.04
N ALA B 65 12.55 7.66 13.04
CA ALA B 65 11.09 7.62 13.04
C ALA B 65 10.57 6.19 12.93
N LEU B 66 11.08 5.44 11.95
CA LEU B 66 10.59 4.07 11.75
C LEU B 66 10.98 3.15 12.89
N CYS B 67 12.03 3.49 13.64
CA CYS B 67 12.46 2.64 14.75
C CYS B 67 11.38 2.53 15.81
N VAL B 68 10.96 3.67 16.36
CA VAL B 68 9.89 3.67 17.36
C VAL B 68 8.55 3.34 16.69
N GLY B 69 8.34 3.83 15.47
CA GLY B 69 7.08 3.59 14.80
C GLY B 69 6.77 2.11 14.64
N LEU B 70 7.72 1.36 14.07
CA LEU B 70 7.50 -0.08 13.89
C LEU B 70 7.49 -0.83 15.21
N SER B 71 8.29 -0.40 16.18
CA SER B 71 8.28 -1.05 17.48
C SER B 71 6.91 -0.93 18.15
N VAL B 72 6.29 0.25 18.04
CA VAL B 72 4.97 0.44 18.63
C VAL B 72 3.93 -0.40 17.92
N VAL B 73 4.03 -0.51 16.59
CA VAL B 73 3.11 -1.38 15.86
C VAL B 73 3.22 -2.81 16.38
N GLY B 74 4.45 -3.29 16.59
CA GLY B 74 4.63 -4.63 17.10
C GLY B 74 3.96 -4.84 18.45
N ALA B 75 4.21 -3.92 19.38
CA ALA B 75 3.63 -4.05 20.72
C ALA B 75 2.11 -4.01 20.66
N ALA B 76 1.55 -3.07 19.90
CA ALA B 76 0.09 -2.96 19.81
C ALA B 76 -0.51 -4.22 19.22
N TRP B 77 0.10 -4.76 18.17
CA TRP B 77 -0.39 -5.99 17.57
C TRP B 77 -0.31 -7.15 18.55
N GLY B 78 0.78 -7.23 19.31
CA GLY B 78 0.91 -8.28 20.31
C GLY B 78 -0.15 -8.19 21.39
N ILE B 79 -0.48 -6.98 21.81
CA ILE B 79 -1.38 -6.81 22.95
C ILE B 79 -2.80 -7.26 22.59
N PHE B 80 -3.30 -6.86 21.42
CA PHE B 80 -4.67 -7.20 21.08
C PHE B 80 -4.81 -8.68 20.74
N ILE B 81 -3.74 -9.32 20.27
CA ILE B 81 -3.76 -10.78 20.13
C ILE B 81 -3.96 -11.43 21.48
N THR B 82 -3.19 -10.99 22.48
CA THR B 82 -3.28 -11.59 23.81
C THR B 82 -4.55 -11.16 24.53
N GLY B 83 -4.85 -9.86 24.51
CA GLY B 83 -5.91 -9.34 25.35
C GLY B 83 -7.28 -9.91 25.00
N SER B 84 -7.60 -9.99 23.72
CA SER B 84 -8.92 -10.47 23.33
C SER B 84 -9.16 -11.90 23.79
N SER B 85 -8.16 -12.77 23.62
CA SER B 85 -8.29 -14.15 24.09
C SER B 85 -8.33 -14.22 25.61
N MET B 86 -7.49 -13.42 26.28
CA MET B 86 -7.47 -13.43 27.74
C MET B 86 -8.83 -13.03 28.31
N ILE B 87 -9.46 -12.01 27.72
CA ILE B 87 -10.78 -11.59 28.17
C ILE B 87 -11.81 -12.69 27.90
N GLY B 88 -11.76 -13.30 26.73
CA GLY B 88 -12.71 -14.36 26.43
C GLY B 88 -12.54 -15.56 27.34
N ALA B 89 -11.31 -15.95 27.61
CA ALA B 89 -11.07 -17.07 28.53
C ALA B 89 -11.52 -16.75 29.94
N GLY B 90 -11.48 -15.47 30.32
CA GLY B 90 -11.77 -15.08 31.70
C GLY B 90 -13.22 -15.15 32.09
N VAL B 91 -14.12 -15.37 31.13
CA VAL B 91 -15.55 -15.24 31.41
C VAL B 91 -15.98 -16.24 32.47
N ARG B 92 -15.53 -17.49 32.38
CA ARG B 92 -15.86 -18.49 33.39
C ARG B 92 -14.71 -18.76 34.34
N ALA B 93 -13.58 -18.04 34.21
CA ALA B 93 -12.42 -18.23 35.07
C ALA B 93 -11.77 -16.87 35.33
N PRO B 94 -12.41 -16.01 36.12
CA PRO B 94 -11.86 -14.66 36.35
C PRO B 94 -10.51 -14.66 37.05
N ARG B 95 -10.11 -15.76 37.68
CA ARG B 95 -8.77 -15.83 38.26
C ARG B 95 -7.71 -15.57 37.20
N ILE B 96 -8.03 -15.82 35.93
CA ILE B 96 -7.08 -15.62 34.84
C ILE B 96 -6.55 -14.19 34.84
N THR B 97 -7.43 -13.20 35.03
CA THR B 97 -7.13 -11.84 34.61
C THR B 97 -5.91 -11.28 35.32
N THR B 98 -5.67 -11.65 36.57
CA THR B 98 -4.62 -10.99 37.34
C THR B 98 -3.26 -11.67 37.20
N LYS B 99 -3.23 -12.99 36.99
CA LYS B 99 -1.95 -13.67 36.88
C LYS B 99 -1.38 -13.62 35.47
N ASN B 100 -2.23 -13.61 34.45
CA ASN B 100 -1.78 -13.64 33.07
C ASN B 100 -1.32 -12.28 32.56
N LEU B 101 -1.34 -11.24 33.40
CA LEU B 101 -0.92 -9.92 32.95
C LEU B 101 0.51 -9.94 32.41
N ILE B 102 1.34 -10.88 32.86
CA ILE B 102 2.75 -10.89 32.49
C ILE B 102 2.91 -10.96 30.98
N SER B 103 1.99 -11.62 30.28
CA SER B 103 2.09 -11.70 28.83
C SER B 103 1.96 -10.32 28.19
N ILE B 104 1.11 -9.46 28.75
CA ILE B 104 1.03 -8.09 28.26
C ILE B 104 2.35 -7.36 28.54
N ILE B 105 2.97 -7.65 29.68
CA ILE B 105 4.22 -6.98 30.02
C ILE B 105 5.29 -7.29 28.99
N PHE B 106 5.42 -8.55 28.60
CA PHE B 106 6.41 -8.92 27.59
C PHE B 106 6.16 -8.25 26.26
N CYS B 107 4.90 -7.93 25.94
CA CYS B 107 4.60 -7.19 24.72
C CYS B 107 4.96 -5.72 24.86
N GLU B 108 4.67 -5.12 26.02
CA GLU B 108 4.85 -3.68 26.17
C GLU B 108 6.34 -3.31 26.22
N VAL B 109 7.17 -4.16 26.81
CA VAL B 109 8.59 -3.84 26.92
C VAL B 109 9.23 -3.70 25.55
N VAL B 110 8.65 -4.36 24.53
CA VAL B 110 9.18 -4.23 23.18
C VAL B 110 9.11 -2.78 22.71
N ALA B 111 8.12 -2.04 23.21
CA ALA B 111 8.05 -0.61 22.88
C ALA B 111 9.11 0.18 23.64
N ILE B 112 9.46 -0.25 24.86
CA ILE B 112 10.48 0.45 25.63
C ILE B 112 11.82 0.40 24.91
N TYR B 113 12.17 -0.75 24.34
CA TYR B 113 13.43 -0.84 23.61
C TYR B 113 13.43 0.11 22.42
N GLY B 114 12.30 0.25 21.74
CA GLY B 114 12.23 1.21 20.65
C GLY B 114 12.45 2.63 21.12
N LEU B 115 11.81 2.99 22.25
CA LEU B 115 12.02 4.32 22.82
C LEU B 115 13.48 4.53 23.20
N ILE B 116 14.10 3.54 23.83
CA ILE B 116 15.48 3.69 24.32
C ILE B 116 16.42 3.99 23.16
N ILE B 117 16.30 3.25 22.05
CA ILE B 117 17.18 3.51 20.92
C ILE B 117 16.95 4.91 20.38
N ALA B 118 15.70 5.37 20.39
CA ALA B 118 15.43 6.74 19.96
C ALA B 118 16.13 7.76 20.84
N ILE B 119 16.24 7.48 22.14
CA ILE B 119 16.99 8.37 23.03
C ILE B 119 18.45 8.43 22.61
N VAL B 120 19.06 7.26 22.37
CA VAL B 120 20.47 7.21 22.05
C VAL B 120 20.75 7.91 20.72
N PHE B 121 19.99 7.55 19.68
CA PHE B 121 20.27 8.09 18.35
C PHE B 121 20.02 9.59 18.29
N SER B 122 19.04 10.09 19.05
CA SER B 122 18.72 11.52 18.98
C SER B 122 19.92 12.39 19.31
N SER B 123 20.84 11.90 20.15
CA SER B 123 22.02 12.67 20.49
C SER B 123 22.96 12.89 19.30
N LYS B 124 22.84 12.07 18.26
CA LYS B 124 23.73 12.16 17.11
C LYS B 124 23.35 13.29 16.14
N LEU B 125 22.15 13.85 16.26
CA LEU B 125 21.65 14.78 15.26
C LEU B 125 22.16 16.20 15.44
N THR B 126 23.48 16.38 15.51
CA THR B 126 24.02 17.72 15.39
C THR B 126 23.88 18.22 13.96
N VAL B 127 24.19 19.48 13.74
CA VAL B 127 24.06 20.13 12.45
C VAL B 127 25.45 20.37 11.88
N ALA B 128 25.66 19.93 10.64
CA ALA B 128 26.97 20.04 10.00
C ALA B 128 27.12 21.36 9.26
N THR B 129 28.36 21.81 9.12
CA THR B 129 28.66 22.96 8.29
C THR B 129 28.63 22.57 6.82
N ALA B 130 28.35 23.54 5.96
CA ALA B 130 28.12 23.24 4.54
C ALA B 130 29.35 22.62 3.88
N GLU B 131 30.55 23.02 4.30
CA GLU B 131 31.76 22.51 3.65
C GLU B 131 31.91 21.00 3.85
N ASN B 132 31.35 20.46 4.92
CA ASN B 132 31.51 19.05 5.26
C ASN B 132 30.23 18.24 5.11
N MET B 133 29.20 18.78 4.46
CA MET B 133 27.90 18.14 4.46
C MET B 133 27.97 16.71 3.95
N TYR B 134 28.61 16.50 2.80
CA TYR B 134 28.65 15.20 2.14
C TYR B 134 29.99 14.51 2.29
N SER B 135 30.67 14.72 3.41
CA SER B 135 31.97 14.09 3.62
C SER B 135 31.81 12.64 4.05
N LYS B 136 32.93 11.92 4.04
CA LYS B 136 32.93 10.49 4.36
C LYS B 136 32.26 10.21 5.70
N SER B 137 32.63 10.96 6.75
CA SER B 137 32.12 10.66 8.08
C SER B 137 30.62 10.90 8.18
N ASN B 138 30.13 12.01 7.64
CA ASN B 138 28.71 12.32 7.74
C ASN B 138 27.87 11.31 6.97
N LEU B 139 28.34 10.89 5.79
CA LEU B 139 27.61 9.88 5.03
C LEU B 139 27.54 8.57 5.79
N TYR B 140 28.64 8.17 6.42
CA TYR B 140 28.64 6.92 7.18
C TYR B 140 27.59 6.96 8.29
N THR B 141 27.53 8.07 9.03
CA THR B 141 26.53 8.18 10.08
C THR B 141 25.11 8.11 9.50
N GLY B 142 24.90 8.72 8.33
CA GLY B 142 23.57 8.70 7.73
C GLY B 142 23.10 7.29 7.40
N TYR B 143 23.94 6.52 6.71
CA TYR B 143 23.58 5.14 6.40
C TYR B 143 23.48 4.31 7.67
N SER B 144 24.39 4.53 8.62
CA SER B 144 24.43 3.71 9.83
C SER B 144 23.13 3.84 10.62
N LEU B 145 22.70 5.07 10.88
CA LEU B 145 21.48 5.26 11.66
C LEU B 145 20.25 4.71 10.94
N PHE B 146 20.23 4.80 9.62
CA PHE B 146 19.07 4.32 8.87
C PHE B 146 18.88 2.82 9.06
N TRP B 147 19.90 2.03 8.74
CA TRP B 147 19.77 0.58 8.86
C TRP B 147 19.70 0.13 10.31
N ALA B 148 20.42 0.82 11.20
CA ALA B 148 20.31 0.48 12.62
C ALA B 148 18.89 0.66 13.12
N GLY B 149 18.22 1.73 12.69
CA GLY B 149 16.83 1.92 13.06
C GLY B 149 15.94 0.81 12.53
N ILE B 150 16.17 0.37 11.29
CA ILE B 150 15.28 -0.60 10.66
C ILE B 150 15.35 -1.94 11.38
N THR B 151 16.56 -2.40 11.72
CA THR B 151 16.68 -3.70 12.38
C THR B 151 15.98 -3.71 13.73
N VAL B 152 16.17 -2.66 14.52
CA VAL B 152 15.48 -2.59 15.81
C VAL B 152 13.97 -2.54 15.60
N GLY B 153 13.52 -1.71 14.67
CA GLY B 153 12.08 -1.62 14.41
C GLY B 153 11.51 -2.92 13.89
N ALA B 154 12.17 -3.53 12.90
CA ALA B 154 11.65 -4.76 12.31
C ALA B 154 11.72 -5.91 13.30
N SER B 155 12.83 -6.05 14.02
CA SER B 155 12.95 -7.12 15.01
C SER B 155 11.91 -6.97 16.10
N ASN B 156 11.67 -5.74 16.56
CA ASN B 156 10.65 -5.52 17.57
C ASN B 156 9.26 -5.83 17.04
N LEU B 157 8.99 -5.47 15.77
CA LEU B 157 7.69 -5.80 15.19
C LEU B 157 7.47 -7.31 15.19
N ILE B 158 8.47 -8.06 14.73
CA ILE B 158 8.35 -9.52 14.72
C ILE B 158 8.21 -10.06 16.13
N CYS B 159 9.01 -9.53 17.07
CA CYS B 159 8.97 -10.03 18.43
C CYS B 159 7.58 -9.85 19.06
N GLY B 160 6.96 -8.69 18.83
CA GLY B 160 5.65 -8.46 19.41
C GLY B 160 4.62 -9.48 18.98
N ILE B 161 4.65 -9.88 17.71
CA ILE B 161 3.71 -10.86 17.21
C ILE B 161 3.93 -12.21 17.89
N ALA B 162 5.19 -12.66 17.94
CA ALA B 162 5.46 -13.99 18.46
C ALA B 162 5.09 -14.09 19.94
N VAL B 163 5.45 -13.09 20.74
CA VAL B 163 5.07 -13.09 22.15
C VAL B 163 3.56 -13.04 22.29
N GLY B 164 2.90 -12.22 21.47
CA GLY B 164 1.45 -12.12 21.55
C GLY B 164 0.76 -13.44 21.27
N ILE B 165 1.15 -14.11 20.19
CA ILE B 165 0.52 -15.39 19.85
C ILE B 165 0.73 -16.40 20.97
N THR B 166 1.93 -16.42 21.55
CA THR B 166 2.17 -17.32 22.68
C THR B 166 1.35 -16.90 23.89
N GLY B 167 1.22 -15.59 24.14
CA GLY B 167 0.46 -15.13 25.28
C GLY B 167 -1.00 -15.53 25.20
N ALA B 168 -1.61 -15.40 24.03
CA ALA B 168 -2.98 -15.86 23.85
C ALA B 168 -3.08 -17.36 24.11
N THR B 169 -2.11 -18.12 23.63
CA THR B 169 -2.13 -19.56 23.86
C THR B 169 -2.03 -19.89 25.35
N ALA B 170 -1.20 -19.14 26.09
CA ALA B 170 -1.05 -19.40 27.51
C ALA B 170 -2.37 -19.17 28.26
N ALA B 171 -3.04 -18.05 27.96
CA ALA B 171 -4.29 -17.74 28.66
C ALA B 171 -5.35 -18.81 28.41
N ILE B 172 -5.46 -19.27 27.17
CA ILE B 172 -6.41 -20.35 26.87
C ILE B 172 -6.06 -21.60 27.66
N SER B 173 -4.77 -21.92 27.76
CA SER B 173 -4.36 -23.12 28.47
C SER B 173 -4.55 -22.97 29.98
N ASP B 174 -4.18 -21.82 30.53
CA ASP B 174 -4.30 -21.63 31.98
C ASP B 174 -5.74 -21.86 32.44
N ALA B 175 -6.72 -21.43 31.65
CA ALA B 175 -8.10 -21.60 32.05
C ALA B 175 -8.47 -23.06 32.24
N ALA B 176 -7.72 -23.99 31.65
CA ALA B 176 -8.03 -25.41 31.79
C ALA B 176 -7.46 -25.98 33.07
N ASP B 177 -6.21 -25.67 33.38
CA ASP B 177 -5.55 -26.20 34.58
C ASP B 177 -4.43 -25.25 34.96
N SER B 178 -4.43 -24.79 36.21
CA SER B 178 -3.41 -23.86 36.68
C SER B 178 -2.00 -24.42 36.54
N ALA B 179 -1.83 -25.74 36.57
CA ALA B 179 -0.51 -26.34 36.48
C ALA B 179 0.16 -26.12 35.13
N LEU B 180 -0.62 -25.87 34.08
CA LEU B 180 -0.06 -25.74 32.75
C LEU B 180 0.63 -24.41 32.51
N PHE B 181 0.15 -23.33 33.14
CA PHE B 181 0.66 -22.00 32.83
C PHE B 181 2.18 -21.92 32.99
N VAL B 182 2.69 -22.46 34.10
CA VAL B 182 4.12 -22.36 34.37
C VAL B 182 4.94 -23.05 33.28
N LYS B 183 4.42 -24.14 32.72
CA LYS B 183 5.16 -24.85 31.68
C LYS B 183 5.14 -24.08 30.37
N ILE B 184 4.01 -23.48 30.02
CA ILE B 184 3.91 -22.72 28.77
C ILE B 184 4.66 -21.41 28.87
N LEU B 185 4.72 -20.82 30.07
CA LEU B 185 5.39 -19.54 30.24
C LEU B 185 6.83 -19.56 29.72
N VAL B 186 7.47 -20.73 29.76
CA VAL B 186 8.84 -20.85 29.29
C VAL B 186 8.97 -20.42 27.84
N ILE B 187 7.95 -20.72 27.03
CA ILE B 187 8.04 -20.41 25.60
C ILE B 187 8.01 -18.91 25.37
N GLU B 188 7.30 -18.15 26.22
CA GLU B 188 7.29 -16.71 26.08
C GLU B 188 8.67 -16.11 26.37
N ILE B 189 9.42 -16.71 27.30
CA ILE B 189 10.76 -16.22 27.58
C ILE B 189 11.64 -16.35 26.33
N PHE B 190 11.64 -17.53 25.71
CA PHE B 190 12.38 -17.70 24.46
C PHE B 190 11.94 -16.69 23.41
N GLY B 191 10.65 -16.40 23.34
CA GLY B 191 10.17 -15.42 22.38
C GLY B 191 10.67 -14.02 22.67
N SER B 192 10.68 -13.63 23.94
CA SER B 192 11.07 -12.27 24.30
C SER B 192 12.55 -12.02 24.09
N ILE B 193 13.38 -13.06 24.08
CA ILE B 193 14.82 -12.85 23.88
C ILE B 193 15.08 -12.16 22.55
N LEU B 194 14.23 -12.40 21.55
CA LEU B 194 14.43 -11.76 20.25
C LEU B 194 14.43 -10.24 20.37
N GLY B 195 13.78 -9.68 21.40
CA GLY B 195 13.84 -8.26 21.62
C GLY B 195 15.24 -7.79 21.99
N LEU B 196 15.89 -8.50 22.91
CA LEU B 196 17.25 -8.12 23.30
C LEU B 196 18.21 -8.21 22.13
N LEU B 197 18.14 -9.31 21.36
CA LEU B 197 19.09 -9.48 20.27
C LEU B 197 18.93 -8.38 19.23
N GLY B 198 17.70 -7.97 18.95
CA GLY B 198 17.50 -6.82 18.08
C GLY B 198 18.14 -5.56 18.64
N LEU B 199 17.97 -5.33 19.93
CA LEU B 199 18.56 -4.17 20.57
C LEU B 199 20.08 -4.22 20.53
N ILE B 200 20.66 -5.39 20.82
CA ILE B 200 22.12 -5.51 20.89
C ILE B 200 22.74 -5.22 19.53
N VAL B 201 22.19 -5.81 18.46
CA VAL B 201 22.73 -5.56 17.14
C VAL B 201 22.52 -4.11 16.74
N GLY B 202 21.41 -3.51 17.14
CA GLY B 202 21.19 -2.10 16.84
C GLY B 202 22.28 -1.22 17.44
N LEU B 203 22.62 -1.46 18.70
CA LEU B 203 23.64 -0.64 19.35
C LEU B 203 25.02 -0.88 18.75
N LEU B 204 25.32 -2.13 18.36
CA LEU B 204 26.64 -2.44 17.82
C LEU B 204 26.88 -1.68 16.51
N MET B 205 25.96 -1.80 15.55
CA MET B 205 26.21 -1.24 14.23
C MET B 205 26.12 0.29 14.24
N ALA B 206 25.48 0.88 15.24
CA ALA B 206 25.43 2.33 15.38
C ALA B 206 26.50 2.88 16.31
N GLY B 207 27.07 2.03 17.18
CA GLY B 207 27.91 2.53 18.25
C GLY B 207 29.16 3.26 17.77
N LYS B 208 29.68 2.89 16.61
CA LYS B 208 30.94 3.46 16.14
C LYS B 208 30.75 4.72 15.30
N ALA B 209 29.52 5.09 14.96
CA ALA B 209 29.29 6.29 14.17
C ALA B 209 29.47 7.54 15.00
N SER B 210 29.90 8.62 14.37
CA SER B 210 30.12 9.90 15.03
C SER B 210 29.00 10.88 14.68
N GLU B 211 28.72 11.79 15.62
CA GLU B 211 27.69 12.79 15.38
C GLU B 211 28.07 13.67 14.20
N PHE B 212 27.06 14.16 13.49
CA PHE B 212 27.29 14.96 12.28
C PHE B 212 28.23 16.12 12.57
N GLN B 213 29.36 16.15 11.87
CA GLN B 213 30.33 17.23 12.02
C GLN B 213 30.11 18.31 10.97
N SER C 7 40.29 9.49 -2.96
CA SER C 7 40.03 8.05 -2.66
C SER C 7 40.15 7.20 -3.91
N ASN C 8 40.40 5.92 -3.72
CA ASN C 8 40.35 4.97 -4.83
C ASN C 8 38.94 4.94 -5.41
N ILE C 9 38.86 4.78 -6.72
CA ILE C 9 37.55 4.60 -7.35
C ILE C 9 36.91 3.31 -6.87
N TYR C 10 37.70 2.40 -6.30
CA TYR C 10 37.19 1.15 -5.75
C TYR C 10 36.69 1.30 -4.32
N ALA C 11 36.82 2.48 -3.71
CA ALA C 11 36.30 2.74 -2.38
C ALA C 11 35.47 4.03 -2.40
N PRO C 12 34.36 4.04 -3.14
CA PRO C 12 33.50 5.22 -3.14
C PRO C 12 32.80 5.38 -1.79
N LEU C 13 32.44 6.62 -1.48
CA LEU C 13 31.97 6.94 -0.15
C LEU C 13 30.61 6.33 0.18
N TYR C 14 29.87 5.83 -0.81
CA TYR C 14 28.58 5.22 -0.53
C TYR C 14 28.67 3.72 -0.25
N ALA C 15 29.87 3.14 -0.28
CA ALA C 15 30.02 1.71 -0.06
C ALA C 15 29.40 1.21 1.24
N PRO C 16 29.56 1.89 2.37
CA PRO C 16 29.01 1.34 3.63
C PRO C 16 27.52 1.05 3.57
N PHE C 17 26.79 1.70 2.67
CA PHE C 17 25.35 1.44 2.59
C PHE C 17 25.06 -0.03 2.37
N PHE C 18 25.85 -0.70 1.53
CA PHE C 18 25.62 -2.11 1.29
C PHE C 18 26.14 -2.97 2.43
N GLY C 19 27.17 -2.51 3.13
CA GLY C 19 27.62 -3.24 4.32
C GLY C 19 26.53 -3.30 5.38
N PHE C 20 25.89 -2.16 5.67
CA PHE C 20 24.82 -2.14 6.65
C PHE C 20 23.60 -2.90 6.15
N ALA C 21 23.31 -2.82 4.85
CA ALA C 21 22.17 -3.57 4.32
C ALA C 21 22.35 -5.06 4.55
N GLY C 22 23.56 -5.57 4.36
CA GLY C 22 23.83 -6.97 4.69
C GLY C 22 23.67 -7.25 6.16
N CYS C 23 24.16 -6.35 7.01
CA CYS C 23 24.01 -6.53 8.45
C CYS C 23 22.54 -6.61 8.84
N ALA C 24 21.70 -5.77 8.23
CA ALA C 24 20.28 -5.78 8.55
C ALA C 24 19.61 -7.07 8.08
N ALA C 25 19.88 -7.49 6.84
CA ALA C 25 19.27 -8.71 6.33
C ALA C 25 19.63 -9.92 7.19
N ALA C 26 20.85 -9.94 7.73
CA ALA C 26 21.28 -11.07 8.54
C ALA C 26 20.43 -11.23 9.80
N MET C 27 20.12 -10.11 10.45
CA MET C 27 19.45 -10.18 11.75
C MET C 27 17.93 -10.24 11.60
N VAL C 28 17.35 -9.40 10.76
CA VAL C 28 15.89 -9.30 10.68
C VAL C 28 15.30 -10.63 10.21
N LEU C 29 15.85 -11.19 9.13
CA LEU C 29 15.30 -12.44 8.61
C LEU C 29 15.51 -13.59 9.58
N SER C 30 16.62 -13.60 10.31
CA SER C 30 16.84 -14.63 11.30
C SER C 30 15.79 -14.59 12.41
N CYS C 31 15.42 -13.38 12.84
CA CYS C 31 14.35 -13.27 13.83
C CYS C 31 13.04 -13.82 13.29
N LEU C 32 12.73 -13.51 12.03
CA LEU C 32 11.50 -14.04 11.43
C LEU C 32 11.52 -15.55 11.37
N GLY C 33 12.67 -16.14 11.03
CA GLY C 33 12.78 -17.59 11.02
C GLY C 33 12.59 -18.19 12.41
N ALA C 34 13.25 -17.61 13.40
CA ALA C 34 13.08 -18.09 14.78
C ALA C 34 11.65 -17.91 15.26
N ALA C 35 11.04 -16.77 14.93
CA ALA C 35 9.68 -16.49 15.41
C ALA C 35 8.69 -17.51 14.87
N ILE C 36 8.76 -17.82 13.57
CA ILE C 36 7.84 -18.80 12.99
C ILE C 36 8.02 -20.15 13.67
N GLY C 37 9.27 -20.58 13.85
CA GLY C 37 9.51 -21.87 14.47
C GLY C 37 9.01 -21.94 15.90
N THR C 38 9.26 -20.89 16.68
CA THR C 38 8.81 -20.88 18.07
C THR C 38 7.29 -20.82 18.16
N ALA C 39 6.68 -19.91 17.40
CA ALA C 39 5.24 -19.71 17.52
C ALA C 39 4.47 -20.95 17.13
N LYS C 40 4.74 -21.50 15.93
CA LYS C 40 4.01 -22.68 15.47
C LYS C 40 4.21 -23.85 16.42
N SER C 41 5.44 -24.06 16.90
CA SER C 41 5.68 -25.14 17.85
C SER C 41 4.89 -24.91 19.14
N GLY C 42 4.83 -23.67 19.60
CA GLY C 42 4.08 -23.38 20.82
C GLY C 42 2.63 -23.78 20.73
N ILE C 43 2.02 -23.62 19.56
CA ILE C 43 0.63 -24.03 19.38
C ILE C 43 0.51 -25.55 19.59
N GLY C 44 1.40 -26.31 18.96
CA GLY C 44 1.34 -27.75 19.12
C GLY C 44 1.59 -28.19 20.55
N ILE C 45 2.58 -27.58 21.20
CA ILE C 45 2.90 -27.95 22.57
C ILE C 45 1.73 -27.65 23.50
N ALA C 46 1.10 -26.49 23.34
CA ALA C 46 -0.02 -26.13 24.19
C ALA C 46 -1.28 -26.91 23.86
N GLY C 47 -1.45 -27.31 22.60
CA GLY C 47 -2.67 -28.02 22.21
C GLY C 47 -2.86 -29.32 22.95
N ILE C 48 -1.77 -30.05 23.20
CA ILE C 48 -1.87 -31.31 23.92
C ILE C 48 -2.02 -31.11 25.43
N GLY C 49 -1.77 -29.90 25.93
CA GLY C 49 -1.66 -29.71 27.37
C GLY C 49 -2.88 -30.15 28.13
N THR C 50 -4.07 -29.76 27.65
CA THR C 50 -5.29 -30.09 28.37
C THR C 50 -5.61 -31.58 28.34
N PHE C 51 -5.03 -32.35 27.42
CA PHE C 51 -5.34 -33.77 27.31
C PHE C 51 -4.34 -34.66 28.06
N LYS C 52 -3.06 -34.29 28.07
CA LYS C 52 -2.10 -34.94 28.97
C LYS C 52 -0.92 -34.01 29.23
N PRO C 53 -0.93 -33.27 30.34
CA PRO C 53 0.12 -32.27 30.57
C PRO C 53 1.54 -32.80 30.59
N GLU C 54 1.76 -34.02 31.09
CA GLU C 54 3.12 -34.44 31.44
C GLU C 54 4.05 -34.54 30.23
N LEU C 55 3.52 -34.53 29.00
CA LEU C 55 4.37 -34.60 27.83
C LEU C 55 5.05 -33.27 27.52
N ILE C 56 4.56 -32.15 28.07
CA ILE C 56 5.06 -30.84 27.67
C ILE C 56 6.54 -30.69 28.00
N MET C 57 6.89 -30.82 29.28
CA MET C 57 8.25 -30.48 29.71
C MET C 57 9.29 -31.43 29.11
N LYS C 58 8.87 -32.56 28.56
CA LYS C 58 9.78 -33.47 27.89
C LYS C 58 9.94 -33.19 26.41
N SER C 59 9.17 -32.25 25.85
CA SER C 59 9.07 -32.08 24.40
C SER C 59 9.19 -30.62 23.97
N LEU C 60 9.95 -29.81 24.71
CA LEU C 60 10.28 -28.47 24.22
C LEU C 60 11.36 -28.48 23.16
N ILE C 61 11.74 -29.64 22.65
CA ILE C 61 12.83 -29.71 21.67
C ILE C 61 12.62 -28.75 20.50
N PRO C 62 11.46 -28.73 19.84
CA PRO C 62 11.32 -27.82 18.69
C PRO C 62 11.55 -26.36 19.01
N VAL C 63 11.10 -25.87 20.18
CA VAL C 63 11.22 -24.44 20.45
C VAL C 63 12.65 -24.05 20.77
N VAL C 64 13.43 -24.94 21.39
CA VAL C 64 14.83 -24.65 21.63
C VAL C 64 15.62 -24.71 20.33
N MET C 65 15.26 -25.64 19.43
CA MET C 65 15.93 -25.71 18.14
C MET C 65 15.66 -24.45 17.32
N SER C 66 14.41 -24.01 17.26
CA SER C 66 14.09 -22.78 16.55
C SER C 66 14.76 -21.59 17.22
N GLY C 67 15.01 -21.66 18.53
CA GLY C 67 15.73 -20.60 19.21
C GLY C 67 17.16 -20.46 18.72
N ILE C 68 17.80 -21.58 18.41
CA ILE C 68 19.20 -21.55 17.98
C ILE C 68 19.37 -20.74 16.70
N LEU C 69 18.36 -20.72 15.85
CA LEU C 69 18.47 -19.98 14.59
C LEU C 69 18.84 -18.52 14.83
N ALA C 70 18.33 -17.92 15.90
CA ALA C 70 18.67 -16.54 16.19
C ALA C 70 20.16 -16.37 16.48
N ILE C 71 20.81 -17.41 16.98
CA ILE C 71 22.24 -17.30 17.27
C ILE C 71 23.05 -17.26 15.97
N TYR C 72 22.65 -18.05 14.97
CA TYR C 72 23.31 -17.96 13.67
C TYR C 72 23.24 -16.54 13.13
N GLY C 73 22.06 -15.92 13.20
CA GLY C 73 21.93 -14.54 12.74
C GLY C 73 22.76 -13.58 13.56
N LEU C 74 22.77 -13.76 14.89
CA LEU C 74 23.53 -12.88 15.75
C LEU C 74 25.01 -12.91 15.42
N VAL C 75 25.57 -14.10 15.24
CA VAL C 75 27.01 -14.22 15.00
C VAL C 75 27.40 -13.47 13.72
N VAL C 76 26.67 -13.71 12.64
CA VAL C 76 27.00 -13.06 11.37
C VAL C 76 26.81 -11.55 11.48
N ALA C 77 25.71 -11.11 12.09
CA ALA C 77 25.47 -9.68 12.22
C ALA C 77 26.53 -9.02 13.08
N VAL C 78 26.91 -9.65 14.20
CA VAL C 78 27.98 -9.12 15.03
C VAL C 78 29.28 -9.07 14.24
N LEU C 79 29.58 -10.13 13.50
CA LEU C 79 30.85 -10.21 12.80
C LEU C 79 30.94 -9.21 11.66
N ILE C 80 29.83 -8.95 10.96
CA ILE C 80 29.82 -7.92 9.93
C ILE C 80 30.02 -6.54 10.57
N ALA C 81 29.24 -6.25 11.60
CA ALA C 81 29.30 -4.92 12.22
C ALA C 81 30.69 -4.59 12.73
N GLY C 82 31.47 -5.60 13.11
CA GLY C 82 32.80 -5.35 13.61
C GLY C 82 33.77 -4.83 12.57
N ASN C 83 33.42 -4.96 11.29
CA ASN C 83 34.31 -4.57 10.21
C ASN C 83 34.03 -3.17 9.66
N LEU C 84 32.88 -2.59 9.97
CA LEU C 84 32.58 -1.23 9.52
C LEU C 84 33.22 -0.19 10.42
N SER C 85 33.53 0.96 9.85
CA SER C 85 34.00 2.11 10.61
C SER C 85 33.95 3.34 9.70
N PRO C 86 33.94 4.54 10.29
CA PRO C 86 34.01 5.76 9.47
C PRO C 86 35.42 6.20 9.12
N THR C 87 36.44 5.60 9.72
CA THR C 87 37.82 6.02 9.50
C THR C 87 38.58 5.15 8.52
N GLU C 88 38.32 3.84 8.51
CA GLU C 88 38.96 2.95 7.57
C GLU C 88 38.37 3.13 6.17
N ASP C 89 39.17 2.79 5.17
CA ASP C 89 38.65 2.67 3.81
C ASP C 89 37.97 1.32 3.66
N TYR C 90 36.89 1.29 2.88
CA TYR C 90 35.99 0.14 2.84
C TYR C 90 35.55 -0.05 1.39
N THR C 91 36.18 -0.99 0.70
CA THR C 91 36.00 -1.12 -0.74
C THR C 91 34.59 -1.55 -1.09
N LEU C 92 34.15 -1.15 -2.29
CA LEU C 92 32.83 -1.56 -2.75
C LEU C 92 32.73 -3.07 -2.87
N PHE C 93 33.83 -3.73 -3.24
CA PHE C 93 33.85 -5.19 -3.22
C PHE C 93 33.51 -5.71 -1.83
N ASN C 94 34.16 -5.16 -0.81
CA ASN C 94 33.84 -5.55 0.56
C ASN C 94 32.38 -5.30 0.87
N GLY C 95 31.82 -4.20 0.33
CA GLY C 95 30.41 -3.92 0.56
C GLY C 95 29.49 -5.00 0.02
N PHE C 96 29.72 -5.42 -1.23
CA PHE C 96 28.88 -6.45 -1.82
C PHE C 96 29.03 -7.79 -1.11
N MET C 97 30.25 -8.12 -0.66
CA MET C 97 30.45 -9.39 0.02
C MET C 97 29.60 -9.47 1.29
N HIS C 98 29.53 -8.38 2.05
CA HIS C 98 28.71 -8.40 3.25
C HIS C 98 27.23 -8.44 2.92
N LEU C 99 26.81 -7.85 1.80
CA LEU C 99 25.42 -7.96 1.38
C LEU C 99 25.05 -9.41 1.10
N SER C 100 25.85 -10.10 0.30
CA SER C 100 25.62 -11.53 0.07
C SER C 100 25.78 -12.32 1.36
N CYS C 101 26.77 -11.97 2.19
CA CYS C 101 26.94 -12.63 3.47
C CYS C 101 25.65 -12.57 4.28
N GLY C 102 25.04 -11.40 4.36
CA GLY C 102 23.81 -11.25 5.14
C GLY C 102 22.65 -12.03 4.56
N LEU C 103 22.49 -11.99 3.22
CA LEU C 103 21.34 -12.64 2.61
C LEU C 103 21.41 -14.17 2.75
N CYS C 104 22.61 -14.74 2.72
CA CYS C 104 22.73 -16.20 2.80
C CYS C 104 22.19 -16.73 4.12
N VAL C 105 22.66 -16.17 5.24
CA VAL C 105 22.20 -16.65 6.54
C VAL C 105 20.75 -16.26 6.77
N GLY C 106 20.32 -15.13 6.23
CA GLY C 106 18.95 -14.68 6.39
C GLY C 106 17.93 -15.67 5.88
N PHE C 107 17.98 -15.99 4.58
CA PHE C 107 16.98 -16.85 3.99
C PHE C 107 17.17 -18.31 4.38
N ALA C 108 18.41 -18.71 4.69
CA ALA C 108 18.61 -20.07 5.21
C ALA C 108 17.87 -20.25 6.53
N CYS C 109 17.98 -19.28 7.43
CA CYS C 109 17.29 -19.38 8.71
C CYS C 109 15.78 -19.25 8.54
N LEU C 110 15.33 -18.38 7.64
CA LEU C 110 13.90 -18.22 7.40
C LEU C 110 13.28 -19.52 6.92
N SER C 111 13.90 -20.17 5.93
CA SER C 111 13.37 -21.42 5.42
C SER C 111 13.44 -22.53 6.46
N SER C 112 14.56 -22.62 7.19
CA SER C 112 14.69 -23.65 8.22
C SER C 112 13.67 -23.45 9.33
N GLY C 113 13.46 -22.21 9.76
CA GLY C 113 12.47 -21.96 10.79
C GLY C 113 11.07 -22.37 10.37
N TYR C 114 10.72 -22.10 9.12
CA TYR C 114 9.42 -22.53 8.60
C TYR C 114 9.27 -24.03 8.67
N ALA C 115 10.32 -24.78 8.28
CA ALA C 115 10.23 -26.23 8.32
C ALA C 115 10.15 -26.77 9.75
N ILE C 116 10.96 -26.22 10.66
CA ILE C 116 10.93 -26.68 12.04
C ILE C 116 9.55 -26.43 12.64
N GLY C 117 9.00 -25.24 12.41
CA GLY C 117 7.68 -24.94 12.95
C GLY C 117 6.61 -25.85 12.38
N MET C 118 6.67 -26.14 11.08
CA MET C 118 5.64 -26.97 10.47
C MET C 118 5.67 -28.39 11.01
N VAL C 119 6.87 -28.95 11.22
CA VAL C 119 6.96 -30.33 11.68
C VAL C 119 6.77 -30.42 13.19
N GLY C 120 7.34 -29.47 13.94
CA GLY C 120 7.17 -29.50 15.38
C GLY C 120 5.72 -29.36 15.82
N ASP C 121 4.90 -28.68 15.03
CA ASP C 121 3.48 -28.58 15.31
C ASP C 121 2.85 -29.97 15.30
N VAL C 122 2.89 -30.63 14.15
CA VAL C 122 2.28 -31.95 14.02
C VAL C 122 3.00 -32.97 14.91
N GLY C 123 4.33 -32.89 14.95
CA GLY C 123 5.12 -33.90 15.64
C GLY C 123 4.89 -33.96 17.13
N VAL C 124 4.20 -32.98 17.71
CA VAL C 124 3.77 -33.03 19.09
C VAL C 124 2.26 -33.19 19.19
N ARG C 125 1.52 -32.55 18.28
CA ARG C 125 0.06 -32.57 18.37
C ARG C 125 -0.51 -33.98 18.23
N LYS C 126 0.19 -34.86 17.52
CA LYS C 126 -0.17 -36.28 17.51
C LYS C 126 1.02 -37.15 17.90
N TYR C 127 1.83 -36.66 18.84
CA TYR C 127 2.73 -37.51 19.61
C TYR C 127 2.04 -38.04 20.87
N MET C 128 0.91 -37.45 21.25
CA MET C 128 0.16 -37.91 22.41
C MET C 128 -0.36 -39.34 22.23
N HIS C 129 -0.49 -39.81 21.00
CA HIS C 129 -1.03 -41.14 20.75
C HIS C 129 0.04 -42.24 20.73
N GLN C 130 1.31 -41.87 20.55
CA GLN C 130 2.37 -42.85 20.32
C GLN C 130 3.62 -42.46 21.10
N PRO C 131 3.86 -43.09 22.26
CA PRO C 131 5.06 -42.74 23.03
C PRO C 131 6.36 -43.10 22.33
N ARG C 132 6.38 -44.14 21.51
CA ARG C 132 7.61 -44.58 20.84
C ARG C 132 7.92 -43.76 19.60
N LEU C 133 7.10 -42.78 19.27
CA LEU C 133 7.29 -41.99 18.05
C LEU C 133 8.39 -40.95 18.20
N PHE C 134 8.73 -40.57 19.44
CA PHE C 134 9.51 -39.35 19.66
C PHE C 134 10.85 -39.38 18.93
N VAL C 135 11.55 -40.52 18.96
CA VAL C 135 12.87 -40.57 18.36
C VAL C 135 12.83 -40.21 16.88
N GLY C 136 11.74 -40.57 16.20
CA GLY C 136 11.61 -40.19 14.80
C GLY C 136 11.45 -38.69 14.62
N ILE C 137 10.68 -38.05 15.50
CA ILE C 137 10.45 -36.62 15.39
C ILE C 137 11.77 -35.87 15.48
N VAL C 138 12.62 -36.25 16.43
CA VAL C 138 13.90 -35.56 16.62
C VAL C 138 14.77 -35.71 15.39
N LEU C 139 14.73 -36.89 14.76
CA LEU C 139 15.59 -37.11 13.60
C LEU C 139 15.22 -36.19 12.44
N ILE C 140 13.91 -36.09 12.13
CA ILE C 140 13.50 -35.20 11.06
C ILE C 140 13.78 -33.75 11.43
N LEU C 141 13.71 -33.41 12.71
CA LEU C 141 14.06 -32.05 13.12
C LEU C 141 15.53 -31.76 12.85
N ILE C 142 16.41 -32.75 13.05
CA ILE C 142 17.82 -32.54 12.77
C ILE C 142 18.03 -32.22 11.30
N PHE C 143 17.38 -32.97 10.41
CA PHE C 143 17.46 -32.64 8.98
C PHE C 143 16.87 -31.27 8.70
N SER C 144 15.89 -30.84 9.49
CA SER C 144 15.32 -29.51 9.31
C SER C 144 16.24 -28.44 9.88
N GLU C 145 16.96 -28.75 10.95
CA GLU C 145 17.86 -27.79 11.58
C GLU C 145 19.06 -27.48 10.68
N VAL C 146 19.66 -28.51 10.10
CA VAL C 146 20.95 -28.36 9.44
C VAL C 146 20.87 -27.40 8.25
N LEU C 147 19.67 -27.19 7.69
CA LEU C 147 19.56 -26.22 6.60
C LEU C 147 20.04 -24.85 7.03
N GLY C 148 19.79 -24.47 8.27
CA GLY C 148 20.31 -23.20 8.76
C GLY C 148 21.83 -23.18 8.86
N LEU C 149 22.41 -24.32 9.23
CA LEU C 149 23.86 -24.37 9.42
C LEU C 149 24.60 -24.14 8.10
N TYR C 150 24.12 -24.71 7.00
CA TYR C 150 24.75 -24.48 5.71
C TYR C 150 24.82 -22.98 5.40
N GLY C 151 23.74 -22.27 5.68
CA GLY C 151 23.73 -20.84 5.40
C GLY C 151 24.80 -20.08 6.16
N MET C 152 25.03 -20.46 7.42
CA MET C 152 26.06 -19.80 8.20
C MET C 152 27.45 -20.13 7.68
N ILE C 153 27.68 -21.39 7.31
CA ILE C 153 29.02 -21.80 6.88
C ILE C 153 29.47 -20.99 5.67
N VAL C 154 28.59 -20.84 4.68
CA VAL C 154 28.96 -20.08 3.49
C VAL C 154 29.05 -18.60 3.82
N ALA C 155 28.22 -18.10 4.74
CA ALA C 155 28.31 -16.71 5.13
C ALA C 155 29.68 -16.40 5.74
N LEU C 156 30.18 -17.29 6.59
CA LEU C 156 31.44 -17.02 7.28
C LEU C 156 32.60 -16.92 6.29
N ILE C 157 32.67 -17.83 5.32
CA ILE C 157 33.80 -17.80 4.39
C ILE C 157 33.67 -16.61 3.44
N LEU C 158 32.44 -16.16 3.14
CA LEU C 158 32.28 -14.91 2.39
C LEU C 158 32.88 -13.75 3.16
N ASN C 159 32.72 -13.75 4.49
CA ASN C 159 33.18 -12.63 5.30
C ASN C 159 34.70 -12.53 5.30
N THR C 160 35.38 -13.65 5.55
CA THR C 160 36.85 -13.61 5.60
C THR C 160 37.46 -13.28 4.25
N ARG C 161 36.85 -13.76 3.17
CA ARG C 161 37.30 -13.38 1.83
C ARG C 161 36.96 -11.92 1.53
N GLY C 162 36.00 -11.34 2.25
CA GLY C 162 35.62 -9.97 1.98
C GLY C 162 36.73 -8.97 2.25
N SER C 163 37.58 -9.26 3.24
CA SER C 163 38.70 -8.37 3.53
C SER C 163 39.82 -8.47 2.50
N GLU C 164 39.74 -9.43 1.59
CA GLU C 164 40.69 -9.52 0.47
C GLU C 164 39.94 -9.70 -0.84
N GLN D 1 9.04 39.33 11.48
CA GLN D 1 9.93 40.30 10.79
C GLN D 1 11.27 40.46 11.51
N VAL D 2 12.34 40.54 10.72
CA VAL D 2 13.70 40.70 11.23
C VAL D 2 14.03 42.18 11.33
N GLN D 3 14.87 42.53 12.30
CA GLN D 3 15.36 43.90 12.41
C GLN D 3 16.67 43.91 13.19
N LEU D 4 17.43 44.99 13.00
CA LEU D 4 18.76 45.14 13.58
C LEU D 4 18.91 46.53 14.19
N GLN D 5 19.81 46.65 15.17
CA GLN D 5 20.11 47.94 15.78
C GLN D 5 21.60 48.04 16.07
N GLU D 6 22.19 49.17 15.68
CA GLU D 6 23.53 49.52 16.13
C GLU D 6 23.49 50.15 17.52
N SER D 7 24.65 50.23 18.15
CA SER D 7 24.81 51.02 19.36
C SER D 7 26.29 51.26 19.59
N GLY D 8 26.59 52.22 20.46
CA GLY D 8 27.96 52.55 20.82
C GLY D 8 28.53 53.76 20.10
N GLY D 9 27.76 54.39 19.22
CA GLY D 9 28.27 55.49 18.43
C GLY D 9 28.40 56.77 19.25
N GLY D 10 28.90 57.81 18.58
CA GLY D 10 29.12 59.10 19.18
C GLY D 10 30.52 59.62 18.90
N LEU D 11 30.77 60.82 19.39
CA LEU D 11 32.05 61.48 19.17
C LEU D 11 33.08 60.98 20.17
N VAL D 12 34.36 61.08 19.79
CA VAL D 12 35.45 60.55 20.60
C VAL D 12 36.70 61.41 20.39
N GLU D 13 37.57 61.40 21.39
CA GLU D 13 38.82 62.16 21.33
C GLU D 13 39.77 61.55 20.28
N ILE D 14 40.63 62.41 19.72
CA ILE D 14 41.55 61.97 18.67
C ILE D 14 42.45 60.87 19.22
N GLY D 15 42.58 59.79 18.46
CA GLY D 15 43.37 58.66 18.87
C GLY D 15 42.71 57.73 19.86
N GLY D 16 41.48 58.02 20.27
CA GLY D 16 40.82 57.20 21.27
C GLY D 16 40.30 55.89 20.72
N SER D 17 40.08 54.94 21.63
CA SER D 17 39.54 53.63 21.29
C SER D 17 38.02 53.63 21.45
N LEU D 18 37.36 52.76 20.68
CA LEU D 18 35.91 52.74 20.66
C LEU D 18 35.41 51.34 20.31
N ARG D 19 34.16 51.05 20.69
CA ARG D 19 33.50 49.79 20.38
C ARG D 19 32.10 50.06 19.83
N LEU D 20 31.71 49.30 18.81
CA LEU D 20 30.35 49.32 18.28
C LEU D 20 29.72 47.95 18.48
N SER D 21 28.45 47.93 18.89
CA SER D 21 27.72 46.70 19.18
C SER D 21 26.50 46.59 18.28
N CYS D 22 26.12 45.36 17.93
CA CYS D 22 25.00 45.14 17.03
C CYS D 22 24.33 43.82 17.37
N ALA D 23 23.03 43.75 17.09
CA ALA D 23 22.23 42.55 17.31
C ALA D 23 21.17 42.43 16.23
N ALA D 24 20.71 41.20 15.99
CA ALA D 24 19.63 40.93 15.06
C ALA D 24 18.64 39.98 15.72
N SER D 25 17.34 40.20 15.48
CA SER D 25 16.28 39.47 16.14
C SER D 25 15.21 39.07 15.14
N GLY D 26 14.37 38.12 15.57
CA GLY D 26 13.19 37.77 14.80
C GLY D 26 13.37 36.69 13.76
N THR D 27 14.48 35.95 13.80
CA THR D 27 14.68 34.78 12.95
C THR D 27 15.23 33.64 13.79
N LEU D 28 14.86 32.42 13.41
CA LEU D 28 15.18 31.25 14.22
C LEU D 28 16.60 30.74 13.97
N PHE D 29 17.16 30.99 12.79
CA PHE D 29 18.46 30.45 12.44
C PHE D 29 19.57 31.47 12.65
N THR D 30 20.79 30.95 12.75
CA THR D 30 21.99 31.80 12.82
C THR D 30 22.37 32.26 11.43
N PHE D 31 22.69 33.54 11.29
CA PHE D 31 23.08 34.08 9.99
C PHE D 31 24.44 33.55 9.57
N ASN D 32 24.55 33.14 8.31
CA ASN D 32 25.82 32.65 7.79
C ASN D 32 26.90 33.72 7.84
N THR D 33 26.56 34.95 7.47
CA THR D 33 27.52 36.04 7.35
C THR D 33 26.99 37.30 8.01
N MET D 34 27.87 38.01 8.72
CA MET D 34 27.54 39.30 9.30
C MET D 34 28.74 40.22 9.09
N ALA D 35 28.47 41.51 8.85
CA ALA D 35 29.51 42.42 8.39
C ALA D 35 29.21 43.85 8.83
N TRP D 36 30.23 44.70 8.72
CA TRP D 36 30.13 46.13 9.02
C TRP D 36 30.48 46.94 7.77
N TYR D 37 29.74 48.02 7.55
CA TYR D 37 30.02 48.97 6.48
C TYR D 37 29.98 50.39 7.02
N ARG D 38 30.62 51.30 6.28
CA ARG D 38 30.71 52.69 6.70
C ARG D 38 30.44 53.62 5.52
N GLN D 39 30.09 54.86 5.82
CA GLN D 39 29.81 55.86 4.79
C GLN D 39 30.09 57.25 5.33
N ALA D 40 31.13 57.89 4.82
CA ALA D 40 31.38 59.30 5.11
C ALA D 40 30.51 60.17 4.22
N PRO D 41 30.27 61.43 4.62
CA PRO D 41 29.50 62.33 3.75
C PRO D 41 30.20 62.52 2.41
N GLY D 42 29.40 62.58 1.35
CA GLY D 42 29.94 62.78 0.02
C GLY D 42 30.53 61.54 -0.64
N LYS D 43 30.24 60.34 -0.11
CA LYS D 43 30.84 59.12 -0.62
C LYS D 43 29.83 57.98 -0.58
N GLN D 44 30.10 56.96 -1.39
CA GLN D 44 29.36 55.71 -1.35
C GLN D 44 29.75 54.89 -0.11
N ARG D 45 29.02 53.81 0.11
CA ARG D 45 29.32 52.92 1.22
C ARG D 45 30.66 52.22 1.02
N GLU D 46 31.40 52.04 2.11
CA GLU D 46 32.69 51.38 2.08
C GLU D 46 32.69 50.16 3.00
N PHE D 47 33.28 49.07 2.51
CA PHE D 47 33.40 47.85 3.31
C PHE D 47 34.42 48.00 4.42
N ILE D 48 34.17 47.33 5.54
CA ILE D 48 35.08 47.39 6.69
C ILE D 48 35.49 45.99 7.13
N ALA D 49 34.52 45.13 7.47
CA ALA D 49 34.86 43.81 7.99
C ALA D 49 33.67 42.88 7.87
N THR D 50 33.96 41.58 7.95
CA THR D 50 32.93 40.55 7.92
C THR D 50 33.47 39.32 8.65
N ILE D 51 32.54 38.53 9.21
CA ILE D 51 32.89 37.35 9.98
C ILE D 51 31.87 36.24 9.69
N THR D 52 32.35 35.02 9.48
CA THR D 52 31.48 33.90 9.19
C THR D 52 30.93 33.29 10.47
N SER D 53 29.99 32.35 10.31
CA SER D 53 29.49 31.57 11.44
C SER D 53 30.57 30.68 12.02
N GLY D 54 31.57 30.30 11.24
CA GLY D 54 32.71 29.53 11.72
C GLY D 54 33.81 30.36 12.33
N GLY D 55 33.62 31.67 12.41
CA GLY D 55 34.58 32.55 13.04
C GLY D 55 35.70 33.04 12.14
N ASN D 56 35.63 32.78 10.84
CA ASN D 56 36.63 33.32 9.93
C ASN D 56 36.40 34.82 9.75
N THR D 57 37.50 35.57 9.67
CA THR D 57 37.43 37.02 9.64
C THR D 57 38.11 37.56 8.39
N ASN D 58 37.58 38.67 7.88
CA ASN D 58 38.15 39.36 6.73
C ASN D 58 37.98 40.86 6.94
N TYR D 59 38.95 41.63 6.47
CA TYR D 59 39.00 43.07 6.75
C TYR D 59 39.37 43.84 5.49
N ALA D 60 38.99 45.11 5.48
CA ALA D 60 39.53 46.05 4.50
C ALA D 60 40.96 46.41 4.84
N ASP D 61 41.77 46.67 3.81
CA ASP D 61 43.18 46.97 4.03
C ASP D 61 43.39 48.21 4.87
N SER D 62 42.49 49.20 4.77
CA SER D 62 42.71 50.48 5.44
C SER D 62 42.70 50.34 6.96
N VAL D 63 41.95 49.38 7.48
CA VAL D 63 41.81 49.18 8.93
C VAL D 63 42.52 47.92 9.40
N GLN D 64 43.34 47.30 8.55
CA GLN D 64 44.03 46.08 8.94
C GLN D 64 44.87 46.34 10.18
N GLY D 65 44.62 45.54 11.23
CA GLY D 65 45.32 45.68 12.49
C GLY D 65 44.84 46.80 13.38
N ARG D 66 43.92 47.64 12.90
CA ARG D 66 43.33 48.70 13.70
C ARG D 66 41.94 48.33 14.22
N PHE D 67 41.15 47.63 13.42
CA PHE D 67 39.80 47.22 13.79
C PHE D 67 39.76 45.72 14.00
N THR D 68 38.88 45.28 14.89
CA THR D 68 38.67 43.86 15.15
C THR D 68 37.17 43.57 15.22
N ILE D 69 36.76 42.49 14.59
CA ILE D 69 35.35 42.10 14.51
C ILE D 69 35.19 40.73 15.16
N SER D 70 34.13 40.56 15.93
CA SER D 70 33.88 39.29 16.61
C SER D 70 32.40 39.11 16.86
N ARG D 71 31.99 37.85 17.02
CA ARG D 71 30.63 37.51 17.38
C ARG D 71 30.51 37.28 18.88
N GLY D 72 29.31 37.53 19.41
CA GLY D 72 29.06 37.35 20.82
C GLY D 72 28.74 35.93 21.20
N ASN D 73 28.42 35.75 22.48
CA ASN D 73 28.08 34.41 22.99
C ASN D 73 26.79 33.89 22.37
N ALA D 74 25.74 34.70 22.37
CA ALA D 74 24.44 34.26 21.87
C ALA D 74 24.35 34.44 20.37
N LYS D 75 23.42 33.69 19.77
CA LYS D 75 23.22 33.73 18.33
C LYS D 75 22.93 35.14 17.83
N ASN D 76 23.48 35.46 16.66
CA ASN D 76 23.14 36.69 15.95
C ASN D 76 23.41 37.94 16.79
N THR D 77 24.59 37.97 17.41
CA THR D 77 25.09 39.17 18.06
C THR D 77 26.51 39.43 17.59
N LEU D 78 26.86 40.70 17.42
CA LEU D 78 28.07 41.08 16.71
C LEU D 78 28.73 42.28 17.39
N TYR D 79 30.05 42.36 17.30
CA TYR D 79 30.82 43.44 17.88
C TYR D 79 31.90 43.92 16.92
N LEU D 80 32.23 45.21 17.00
CA LEU D 80 33.38 45.78 16.34
C LEU D 80 34.12 46.66 17.33
N GLN D 81 35.45 46.57 17.34
CA GLN D 81 36.29 47.35 18.24
C GLN D 81 37.46 47.93 17.47
N MET D 82 37.70 49.23 17.65
CA MET D 82 38.78 49.95 16.99
C MET D 82 39.71 50.53 18.05
N ASN D 83 41.00 50.20 17.95
CA ASN D 83 41.94 50.54 19.02
C ASN D 83 42.41 51.99 18.95
N SER D 84 42.30 52.65 17.80
CA SER D 84 42.54 54.09 17.72
C SER D 84 41.81 54.63 16.51
N LEU D 85 41.43 55.91 16.59
CA LEU D 85 40.58 56.54 15.59
C LEU D 85 41.20 57.85 15.14
N LYS D 86 40.91 58.20 13.89
CA LYS D 86 41.48 59.37 13.23
C LYS D 86 40.38 60.01 12.38
N PRO D 87 40.58 61.26 11.95
CA PRO D 87 39.49 61.93 11.21
C PRO D 87 39.04 61.19 9.97
N GLU D 88 39.94 60.48 9.26
CA GLU D 88 39.52 59.75 8.07
C GLU D 88 38.65 58.55 8.40
N ASP D 89 38.42 58.27 9.67
CA ASP D 89 37.53 57.19 10.10
C ASP D 89 36.09 57.67 10.34
N THR D 90 35.84 58.97 10.30
CA THR D 90 34.53 59.49 10.69
C THR D 90 33.50 59.19 9.62
N ALA D 91 32.35 58.66 10.04
CA ALA D 91 31.31 58.21 9.13
C ALA D 91 30.16 57.65 9.94
N VAL D 92 29.08 57.32 9.23
CA VAL D 92 28.02 56.47 9.78
C VAL D 92 28.36 55.02 9.46
N TYR D 93 28.09 54.13 10.40
CA TYR D 93 28.46 52.72 10.29
C TYR D 93 27.20 51.86 10.33
N TYR D 94 27.17 50.81 9.50
CA TYR D 94 26.00 49.96 9.34
C TYR D 94 26.35 48.50 9.64
N CYS D 95 25.36 47.75 10.12
CA CYS D 95 25.47 46.30 10.19
C CYS D 95 24.83 45.67 8.95
N ASN D 96 25.32 44.48 8.59
CA ASN D 96 24.73 43.70 7.52
C ASN D 96 24.76 42.22 7.89
N ALA D 97 23.67 41.52 7.60
CA ALA D 97 23.54 40.09 7.87
C ALA D 97 22.97 39.43 6.63
N ARG D 98 23.53 38.27 6.25
CA ARG D 98 23.24 37.67 4.96
C ARG D 98 22.95 36.18 5.09
N THR D 99 22.37 35.64 4.01
CA THR D 99 22.06 34.23 3.88
C THR D 99 22.82 33.66 2.69
N MET D 100 23.20 32.39 2.77
CA MET D 100 24.07 31.82 1.75
C MET D 100 23.43 31.81 0.37
N THR D 101 22.11 31.83 0.28
CA THR D 101 21.44 31.92 -1.02
C THR D 101 20.13 32.69 -0.84
N GLY D 102 19.68 33.30 -1.93
CA GLY D 102 18.40 33.96 -1.96
C GLY D 102 18.46 35.43 -1.61
N PRO D 103 17.29 36.06 -1.54
CA PRO D 103 17.21 37.52 -1.33
C PRO D 103 17.33 37.96 0.13
N PHE D 104 17.52 37.04 1.06
CA PHE D 104 17.45 37.36 2.49
C PHE D 104 18.77 38.02 2.91
N ASP D 105 18.79 39.35 2.80
CA ASP D 105 19.97 40.16 3.01
C ASP D 105 19.53 41.43 3.74
N TYR D 106 19.84 41.53 5.02
CA TYR D 106 19.30 42.55 5.91
C TYR D 106 20.34 43.61 6.23
N TRP D 107 19.87 44.85 6.46
CA TRP D 107 20.73 45.98 6.74
C TRP D 107 20.16 46.82 7.88
N GLY D 108 21.05 47.36 8.72
CA GLY D 108 20.64 48.15 9.87
C GLY D 108 20.48 49.63 9.55
N GLN D 109 20.02 50.37 10.57
CA GLN D 109 19.72 51.79 10.40
C GLN D 109 20.99 52.66 10.46
N GLY D 110 21.98 52.27 11.24
CA GLY D 110 23.27 52.92 11.25
C GLY D 110 23.45 53.88 12.42
N THR D 111 24.72 54.16 12.73
CA THR D 111 25.08 55.06 13.82
C THR D 111 26.34 55.83 13.46
N GLN D 112 26.47 57.04 14.00
CA GLN D 112 27.51 57.99 13.63
C GLN D 112 28.70 57.94 14.59
N VAL D 113 29.88 58.24 14.07
CA VAL D 113 31.07 58.49 14.88
C VAL D 113 31.87 59.64 14.28
N THR D 114 32.43 60.47 15.15
CA THR D 114 33.26 61.61 14.75
C THR D 114 34.40 61.76 15.75
N VAL D 115 35.47 62.40 15.31
CA VAL D 115 36.59 62.70 16.21
C VAL D 115 36.28 63.96 17.02
N THR E 2 27.60 2.87 -32.25
CA THR E 2 27.74 1.91 -31.11
C THR E 2 28.47 0.65 -31.57
N GLU E 3 29.27 0.07 -30.67
CA GLU E 3 29.97 -1.16 -30.99
C GLU E 3 28.99 -2.30 -31.21
N LEU E 4 29.35 -3.21 -32.12
CA LEU E 4 28.58 -4.43 -32.30
C LEU E 4 29.09 -5.59 -31.46
N CYS E 5 30.16 -5.38 -30.69
CA CYS E 5 30.64 -6.38 -29.74
C CYS E 5 30.90 -5.71 -28.38
N PRO E 6 29.85 -5.21 -27.72
CA PRO E 6 30.06 -4.52 -26.45
C PRO E 6 30.34 -5.48 -25.31
N VAL E 7 30.87 -4.93 -24.22
CA VAL E 7 31.32 -5.74 -23.10
C VAL E 7 30.19 -6.49 -22.42
N TYR E 8 28.95 -5.98 -22.49
CA TYR E 8 27.83 -6.63 -21.84
C TYR E 8 27.15 -7.68 -22.69
N ALA E 9 27.65 -7.95 -23.90
CA ALA E 9 27.02 -8.92 -24.77
C ALA E 9 26.86 -10.30 -24.13
N PRO E 10 27.84 -10.84 -23.39
CA PRO E 10 27.67 -12.19 -22.83
C PRO E 10 26.48 -12.32 -21.90
N PHE E 11 25.97 -11.21 -21.36
CA PHE E 11 24.91 -11.31 -20.35
C PHE E 11 23.70 -12.06 -20.88
N PHE E 12 23.25 -11.73 -22.08
CA PHE E 12 22.07 -12.40 -22.62
C PHE E 12 22.33 -13.87 -22.90
N GLY E 13 23.55 -14.23 -23.28
CA GLY E 13 23.87 -15.63 -23.43
C GLY E 13 23.79 -16.38 -22.12
N ALA E 14 24.26 -15.76 -21.02
CA ALA E 14 24.19 -16.40 -19.72
C ALA E 14 22.74 -16.63 -19.29
N ILE E 15 21.88 -15.64 -19.51
CA ILE E 15 20.46 -15.81 -19.17
C ILE E 15 19.80 -16.85 -20.07
N GLY E 16 20.20 -16.90 -21.35
CA GLY E 16 19.68 -17.93 -22.23
C GLY E 16 20.06 -19.32 -21.76
N CYS E 17 21.31 -19.49 -21.33
CA CYS E 17 21.76 -20.77 -20.82
C CYS E 17 20.99 -21.18 -19.56
N ALA E 18 20.80 -20.22 -18.64
CA ALA E 18 20.12 -20.53 -17.39
C ALA E 18 18.64 -20.83 -17.61
N SER E 19 17.95 -19.97 -18.36
CA SER E 19 16.51 -20.11 -18.51
C SER E 19 16.14 -21.44 -19.17
N ALA E 20 17.01 -21.99 -20.02
CA ALA E 20 16.71 -23.25 -20.68
C ALA E 20 16.48 -24.36 -19.67
N ILE E 21 17.34 -24.47 -18.66
CA ILE E 21 17.21 -25.55 -17.70
C ILE E 21 16.21 -25.20 -16.60
N ILE E 22 16.07 -23.92 -16.27
CA ILE E 22 15.15 -23.52 -15.21
C ILE E 22 13.72 -23.87 -15.59
N PHE E 23 13.23 -23.26 -16.68
CA PHE E 23 11.82 -23.43 -17.02
C PHE E 23 11.51 -24.86 -17.43
N THR E 24 12.47 -25.57 -18.03
CA THR E 24 12.23 -26.98 -18.34
C THR E 24 12.06 -27.80 -17.07
N SER E 25 12.89 -27.54 -16.06
CA SER E 25 12.79 -28.30 -14.81
C SER E 25 11.47 -28.04 -14.11
N LEU E 26 10.99 -26.80 -14.11
CA LEU E 26 9.69 -26.52 -13.52
C LEU E 26 8.58 -27.24 -14.26
N GLY E 27 8.71 -27.37 -15.58
CA GLY E 27 7.75 -28.17 -16.33
C GLY E 27 7.80 -29.63 -15.96
N ALA E 28 9.00 -30.19 -15.86
CA ALA E 28 9.14 -31.59 -15.48
C ALA E 28 8.67 -31.82 -14.04
N ALA E 29 8.92 -30.85 -13.16
CA ALA E 29 8.51 -31.00 -11.77
C ALA E 29 7.00 -31.10 -11.64
N TYR E 30 6.27 -30.22 -12.34
CA TYR E 30 4.81 -30.27 -12.29
C TYR E 30 4.29 -31.57 -12.88
N GLY E 31 4.87 -32.00 -14.00
CA GLY E 31 4.46 -33.27 -14.58
C GLY E 31 4.69 -34.44 -13.64
N THR E 32 5.80 -34.43 -12.92
CA THR E 32 6.08 -35.51 -11.97
C THR E 32 5.14 -35.44 -10.76
N ALA E 33 4.92 -34.24 -10.22
CA ALA E 33 4.09 -34.12 -9.02
C ALA E 33 2.65 -34.54 -9.31
N LYS E 34 2.06 -34.04 -10.39
CA LYS E 34 0.67 -34.38 -10.70
C LYS E 34 0.51 -35.87 -10.96
N SER E 35 1.42 -36.45 -11.76
CA SER E 35 1.32 -37.87 -12.05
C SER E 35 1.58 -38.72 -10.80
N GLY E 36 2.52 -38.30 -9.96
CA GLY E 36 2.87 -39.09 -8.80
C GLY E 36 1.70 -39.30 -7.85
N VAL E 37 0.91 -38.25 -7.62
CA VAL E 37 -0.26 -38.38 -6.76
C VAL E 37 -1.25 -39.37 -7.36
N GLY E 38 -1.44 -39.31 -8.69
CA GLY E 38 -2.34 -40.25 -9.33
C GLY E 38 -1.91 -41.70 -9.15
N ILE E 39 -0.63 -41.97 -9.36
CA ILE E 39 -0.13 -43.34 -9.23
C ILE E 39 -0.27 -43.82 -7.79
N CYS E 40 0.21 -43.01 -6.84
CA CYS E 40 0.17 -43.42 -5.44
C CYS E 40 -1.26 -43.59 -4.93
N ALA E 41 -2.23 -42.93 -5.56
CA ALA E 41 -3.62 -43.05 -5.13
C ALA E 41 -4.25 -44.35 -5.61
N THR E 42 -4.10 -44.66 -6.90
CA THR E 42 -4.80 -45.79 -7.49
C THR E 42 -4.12 -47.12 -7.20
N CYS E 43 -2.79 -47.13 -7.15
CA CYS E 43 -2.06 -48.39 -7.00
C CYS E 43 -2.15 -48.97 -5.60
N VAL E 44 -2.88 -48.33 -4.68
CA VAL E 44 -3.12 -48.93 -3.38
C VAL E 44 -3.92 -50.22 -3.56
N LEU E 45 -4.95 -50.19 -4.40
CA LEU E 45 -5.79 -51.36 -4.64
C LEU E 45 -5.30 -52.22 -5.79
N ARG E 46 -4.50 -51.67 -6.70
CA ARG E 46 -4.08 -52.38 -7.91
C ARG E 46 -2.56 -52.31 -8.04
N PRO E 47 -1.83 -52.94 -7.12
CA PRO E 47 -0.36 -52.89 -7.20
C PRO E 47 0.21 -53.67 -8.37
N ASP E 48 -0.56 -54.56 -8.98
CA ASP E 48 -0.01 -55.41 -10.03
C ASP E 48 0.40 -54.61 -11.27
N LEU E 49 -0.33 -53.55 -11.59
CA LEU E 49 -0.06 -52.74 -12.78
C LEU E 49 0.82 -51.53 -12.47
N LEU E 50 1.55 -51.55 -11.36
CA LEU E 50 2.31 -50.38 -10.94
C LEU E 50 3.36 -49.98 -11.99
N PHE E 51 4.08 -50.95 -12.53
CA PHE E 51 5.12 -50.64 -13.51
C PHE E 51 4.55 -50.23 -14.86
N LYS E 52 3.30 -50.59 -15.15
CA LYS E 52 2.65 -50.11 -16.36
C LYS E 52 2.30 -48.63 -16.25
N ASN E 53 1.90 -48.19 -15.06
CA ASN E 53 1.41 -46.83 -14.85
C ASN E 53 2.51 -45.79 -14.72
N ILE E 54 3.77 -46.19 -14.66
CA ILE E 54 4.85 -45.23 -14.46
C ILE E 54 5.20 -44.45 -15.72
N VAL E 55 4.59 -44.77 -16.85
CA VAL E 55 4.96 -44.14 -18.11
C VAL E 55 4.85 -42.61 -18.05
N PRO E 56 3.75 -42.03 -17.57
CA PRO E 56 3.66 -40.56 -17.57
C PRO E 56 4.80 -39.88 -16.84
N VAL E 57 5.29 -40.47 -15.75
CA VAL E 57 6.44 -39.89 -15.05
C VAL E 57 7.67 -39.92 -15.94
N ILE E 58 7.91 -41.04 -16.63
CA ILE E 58 9.03 -41.11 -17.56
C ILE E 58 8.86 -40.07 -18.67
N MET E 59 7.63 -39.89 -19.15
CA MET E 59 7.38 -38.92 -20.21
C MET E 59 7.77 -37.52 -19.76
N ALA E 60 7.31 -37.12 -18.58
CA ALA E 60 7.70 -35.81 -18.04
C ALA E 60 9.20 -35.73 -17.83
N GLY E 61 9.84 -36.85 -17.47
CA GLY E 61 11.28 -36.84 -17.29
C GLY E 61 12.05 -36.53 -18.55
N ILE E 62 11.52 -36.96 -19.70
CA ILE E 62 12.23 -36.73 -20.96
C ILE E 62 12.32 -35.24 -21.27
N ILE E 63 11.29 -34.47 -20.91
CA ILE E 63 11.31 -33.04 -21.19
C ILE E 63 12.53 -32.40 -20.54
N ALA E 64 12.87 -32.82 -19.32
CA ALA E 64 14.05 -32.27 -18.67
C ALA E 64 15.31 -32.45 -19.51
N ILE E 65 15.39 -33.54 -20.27
CA ILE E 65 16.57 -33.77 -21.10
C ILE E 65 16.68 -32.73 -22.19
N TYR E 66 15.55 -32.31 -22.76
CA TYR E 66 15.60 -31.26 -23.78
C TYR E 66 16.25 -29.99 -23.23
N GLY E 67 15.86 -29.60 -22.02
CA GLY E 67 16.44 -28.39 -21.43
C GLY E 67 17.93 -28.53 -21.19
N LEU E 68 18.37 -29.73 -20.83
CA LEU E 68 19.78 -29.94 -20.53
C LEU E 68 20.66 -29.80 -21.77
N VAL E 69 20.27 -30.45 -22.87
CA VAL E 69 21.13 -30.46 -24.05
C VAL E 69 21.24 -29.07 -24.65
N VAL E 70 20.13 -28.33 -24.71
CA VAL E 70 20.21 -26.95 -25.22
C VAL E 70 21.08 -26.10 -24.30
N SER E 71 20.91 -26.25 -22.99
CA SER E 71 21.71 -25.47 -22.06
C SER E 71 23.19 -25.76 -22.23
N VAL E 72 23.56 -27.04 -22.36
CA VAL E 72 24.95 -27.40 -22.55
C VAL E 72 25.47 -26.86 -23.88
N LEU E 73 24.69 -27.00 -24.94
CA LEU E 73 25.14 -26.53 -26.26
C LEU E 73 25.38 -25.02 -26.23
N VAL E 74 24.50 -24.26 -25.60
CA VAL E 74 24.68 -22.83 -25.49
C VAL E 74 25.89 -22.51 -24.62
N CYS E 75 26.04 -23.23 -23.51
CA CYS E 75 27.12 -22.93 -22.57
C CYS E 75 28.48 -22.97 -23.24
N TYR E 76 28.73 -24.00 -24.05
CA TYR E 76 30.03 -24.15 -24.72
C TYR E 76 30.26 -23.09 -25.80
N SER E 77 29.36 -22.14 -25.98
CA SER E 77 29.53 -21.08 -26.98
C SER E 77 29.66 -19.70 -26.35
N LEU E 78 29.77 -19.61 -25.02
CA LEU E 78 29.97 -18.33 -24.36
C LEU E 78 31.44 -17.93 -24.41
N GLY E 79 31.68 -16.62 -24.35
CA GLY E 79 33.05 -16.12 -24.29
C GLY E 79 33.03 -14.67 -23.84
N GLN E 80 34.22 -14.17 -23.52
CA GLN E 80 34.33 -12.80 -23.03
C GLN E 80 34.04 -11.80 -24.14
N LYS E 81 34.48 -12.09 -25.36
CA LYS E 81 34.27 -11.21 -26.51
C LYS E 81 33.34 -11.91 -27.48
N GLN E 82 32.16 -11.32 -27.70
CA GLN E 82 31.22 -11.87 -28.66
C GLN E 82 30.24 -10.77 -29.06
N ALA E 83 29.58 -11.00 -30.19
CA ALA E 83 28.68 -10.00 -30.75
C ALA E 83 27.35 -9.98 -30.01
N LEU E 84 26.68 -8.83 -30.08
CA LEU E 84 25.32 -8.74 -29.57
C LEU E 84 24.41 -9.73 -30.26
N TYR E 85 24.57 -9.89 -31.57
CA TYR E 85 23.69 -10.76 -32.34
C TYR E 85 23.71 -12.19 -31.79
N THR E 86 24.89 -12.73 -31.52
CA THR E 86 24.99 -14.06 -30.93
C THR E 86 24.57 -14.07 -29.48
N GLY E 87 24.37 -12.91 -28.86
CA GLY E 87 23.79 -12.84 -27.54
C GLY E 87 22.27 -12.96 -27.58
N PHE E 88 21.65 -12.19 -28.47
CA PHE E 88 20.20 -12.23 -28.61
C PHE E 88 19.73 -13.61 -29.05
N ILE E 89 20.41 -14.21 -30.02
CA ILE E 89 19.98 -15.50 -30.55
C ILE E 89 20.05 -16.57 -29.47
N GLN E 90 21.06 -16.51 -28.62
CA GLN E 90 21.15 -17.49 -27.53
C GLN E 90 20.01 -17.32 -26.55
N LEU E 91 19.60 -16.08 -26.28
CA LEU E 91 18.44 -15.87 -25.42
C LEU E 91 17.16 -16.41 -26.08
N GLY E 92 17.04 -16.23 -27.40
CA GLY E 92 15.89 -16.79 -28.10
C GLY E 92 15.87 -18.31 -28.02
N ALA E 93 17.02 -18.95 -28.13
CA ALA E 93 17.09 -20.40 -28.01
C ALA E 93 16.68 -20.84 -26.61
N GLY E 94 17.17 -20.14 -25.58
CA GLY E 94 16.86 -20.54 -24.21
C GLY E 94 15.39 -20.47 -23.89
N LEU E 95 14.76 -19.32 -24.19
CA LEU E 95 13.36 -19.14 -23.84
C LEU E 95 12.45 -20.09 -24.60
N SER E 96 12.74 -20.34 -25.87
CA SER E 96 11.83 -21.13 -26.69
C SER E 96 11.72 -22.56 -26.17
N VAL E 97 12.85 -23.21 -25.90
CA VAL E 97 12.81 -24.56 -25.35
C VAL E 97 12.27 -24.55 -23.93
N GLY E 98 12.64 -23.53 -23.15
CA GLY E 98 12.24 -23.45 -21.76
C GLY E 98 10.74 -23.32 -21.59
N LEU E 99 10.14 -22.29 -22.19
CA LEU E 99 8.73 -22.03 -21.98
C LEU E 99 7.85 -22.97 -22.80
N SER E 100 8.37 -23.51 -23.91
CA SER E 100 7.61 -24.53 -24.64
C SER E 100 7.60 -25.84 -23.87
N GLY E 101 8.73 -26.22 -23.28
CA GLY E 101 8.76 -27.40 -22.44
C GLY E 101 7.90 -27.27 -21.21
N LEU E 102 7.83 -26.07 -20.64
CA LEU E 102 6.99 -25.84 -19.48
C LEU E 102 5.52 -26.07 -19.80
N ALA E 103 5.08 -25.63 -20.98
CA ALA E 103 3.70 -25.88 -21.40
C ALA E 103 3.44 -27.38 -21.53
N ALA E 104 4.37 -28.11 -22.14
CA ALA E 104 4.22 -29.56 -22.25
C ALA E 104 4.14 -30.21 -20.88
N GLY E 105 4.85 -29.66 -19.90
CA GLY E 105 4.80 -30.20 -18.55
C GLY E 105 3.40 -30.15 -17.95
N PHE E 106 2.72 -29.01 -18.11
CA PHE E 106 1.35 -28.90 -17.61
C PHE E 106 0.43 -29.92 -18.27
N ALA E 107 0.52 -30.07 -19.60
CA ALA E 107 -0.36 -30.98 -20.30
C ALA E 107 -0.14 -32.43 -19.86
N ILE E 108 1.12 -32.85 -19.75
CA ILE E 108 1.41 -34.21 -19.32
C ILE E 108 0.93 -34.43 -17.88
N GLY E 109 1.13 -33.42 -17.02
CA GLY E 109 0.67 -33.56 -15.65
C GLY E 109 -0.83 -33.76 -15.55
N ILE E 110 -1.60 -32.94 -16.27
CA ILE E 110 -3.04 -32.95 -16.11
C ILE E 110 -3.65 -34.23 -16.68
N VAL E 111 -3.21 -34.63 -17.89
CA VAL E 111 -3.78 -35.83 -18.49
C VAL E 111 -3.19 -37.09 -17.88
N GLY E 112 -1.94 -37.03 -17.41
CA GLY E 112 -1.37 -38.18 -16.73
C GLY E 112 -2.16 -38.56 -15.50
N ASP E 113 -2.60 -37.58 -14.72
CA ASP E 113 -3.41 -37.87 -13.54
C ASP E 113 -4.72 -38.56 -13.94
N ALA E 114 -5.46 -37.96 -14.87
CA ALA E 114 -6.75 -38.52 -15.25
C ALA E 114 -6.60 -39.89 -15.89
N GLY E 115 -5.63 -40.04 -16.79
CA GLY E 115 -5.46 -41.30 -17.49
C GLY E 115 -5.09 -42.45 -16.55
N VAL E 116 -4.13 -42.22 -15.66
CA VAL E 116 -3.72 -43.25 -14.72
C VAL E 116 -4.89 -43.65 -13.82
N ARG E 117 -5.59 -42.65 -13.30
CA ARG E 117 -6.69 -42.92 -12.36
C ARG E 117 -7.83 -43.65 -13.06
N GLY E 118 -8.24 -43.19 -14.23
CA GLY E 118 -9.33 -43.82 -14.94
C GLY E 118 -8.98 -45.21 -15.45
N SER E 119 -7.76 -45.38 -15.99
CA SER E 119 -7.39 -46.65 -16.58
C SER E 119 -7.41 -47.80 -15.58
N SER E 120 -7.36 -47.51 -14.28
CA SER E 120 -7.33 -48.57 -13.29
C SER E 120 -8.60 -49.41 -13.33
N GLN E 121 -9.72 -48.83 -13.79
CA GLN E 121 -11.00 -49.53 -13.82
C GLN E 121 -11.53 -49.72 -15.24
N GLN E 122 -10.71 -49.51 -16.26
CA GLN E 122 -11.10 -49.76 -17.64
C GLN E 122 -9.83 -50.06 -18.43
N PRO E 123 -9.48 -51.34 -18.60
CA PRO E 123 -8.17 -51.67 -19.18
C PRO E 123 -7.96 -51.16 -20.59
N ARG E 124 -9.01 -51.01 -21.38
CA ARG E 124 -8.84 -50.56 -22.77
C ARG E 124 -8.40 -49.11 -22.86
N LEU E 125 -8.53 -48.35 -21.78
CA LEU E 125 -8.23 -46.92 -21.83
C LEU E 125 -6.74 -46.61 -21.89
N PHE E 126 -5.88 -47.59 -21.58
CA PHE E 126 -4.45 -47.29 -21.50
C PHE E 126 -3.90 -46.84 -22.84
N VAL E 127 -4.35 -47.45 -23.94
CA VAL E 127 -3.89 -47.02 -25.26
C VAL E 127 -4.30 -45.58 -25.50
N GLY E 128 -5.49 -45.20 -25.04
CA GLY E 128 -5.92 -43.81 -25.17
C GLY E 128 -5.01 -42.86 -24.42
N MET E 129 -4.65 -43.22 -23.19
CA MET E 129 -3.80 -42.34 -22.38
C MET E 129 -2.46 -42.10 -23.06
N ILE E 130 -1.77 -43.18 -23.43
CA ILE E 130 -0.42 -43.04 -23.97
C ILE E 130 -0.46 -42.34 -25.32
N LEU E 131 -1.54 -42.52 -26.09
CA LEU E 131 -1.64 -41.83 -27.37
C LEU E 131 -1.82 -40.33 -27.17
N ILE E 132 -2.61 -39.93 -26.18
CA ILE E 132 -2.75 -38.50 -25.89
C ILE E 132 -1.44 -37.93 -25.38
N LEU E 133 -0.76 -38.67 -24.51
CA LEU E 133 0.51 -38.20 -23.96
C LEU E 133 1.52 -37.93 -25.07
N ILE E 134 1.48 -38.73 -26.13
CA ILE E 134 2.40 -38.53 -27.26
C ILE E 134 2.16 -37.16 -27.90
N PHE E 135 0.88 -36.77 -28.00
CA PHE E 135 0.58 -35.45 -28.55
C PHE E 135 1.08 -34.34 -27.63
N ALA E 136 0.90 -34.51 -26.32
CA ALA E 136 1.44 -33.54 -25.37
C ALA E 136 2.96 -33.51 -25.42
N GLU E 137 3.58 -34.68 -25.64
CA GLU E 137 5.02 -34.77 -25.58
C GLU E 137 5.70 -33.93 -26.65
N VAL E 138 5.20 -33.99 -27.89
CA VAL E 138 5.87 -33.34 -29.00
C VAL E 138 5.82 -31.82 -28.92
N LEU E 139 4.99 -31.25 -28.06
CA LEU E 139 5.04 -29.80 -27.86
C LEU E 139 6.40 -29.40 -27.30
N GLY E 140 7.02 -30.27 -26.50
CA GLY E 140 8.40 -30.06 -26.12
C GLY E 140 9.34 -30.20 -27.29
N LEU E 141 9.09 -31.18 -28.15
CA LEU E 141 10.00 -31.46 -29.27
C LEU E 141 10.06 -30.30 -30.24
N TYR E 142 8.92 -29.66 -30.51
CA TYR E 142 8.93 -28.48 -31.38
C TYR E 142 9.82 -27.38 -30.78
N GLY E 143 9.74 -27.17 -29.47
CA GLY E 143 10.59 -26.18 -28.83
C GLY E 143 12.06 -26.50 -28.99
N LEU E 144 12.42 -27.77 -28.85
CA LEU E 144 13.80 -28.18 -29.05
C LEU E 144 14.26 -27.90 -30.48
N ILE E 145 13.41 -28.22 -31.46
CA ILE E 145 13.80 -28.08 -32.87
C ILE E 145 14.11 -26.62 -33.18
N VAL E 146 13.25 -25.70 -32.73
CA VAL E 146 13.50 -24.28 -32.96
C VAL E 146 14.77 -23.84 -32.24
N ALA E 147 14.96 -24.31 -31.01
CA ALA E 147 16.13 -23.90 -30.24
C ALA E 147 17.42 -24.32 -30.94
N LEU E 148 17.45 -25.54 -31.47
CA LEU E 148 18.66 -26.01 -32.15
C LEU E 148 18.91 -25.22 -33.42
N LEU E 149 17.86 -24.89 -34.17
CA LEU E 149 18.04 -24.09 -35.39
C LEU E 149 18.59 -22.71 -35.06
N LEU E 150 18.03 -22.05 -34.05
CA LEU E 150 18.56 -20.76 -33.64
C LEU E 150 20.02 -20.88 -33.21
N ASN E 151 20.34 -21.90 -32.43
CA ASN E 151 21.71 -22.08 -31.96
C ASN E 151 22.67 -22.30 -33.13
N SER E 152 22.28 -23.11 -34.11
CA SER E 152 23.13 -23.34 -35.27
C SER E 152 23.36 -22.07 -36.07
N ARG E 153 22.52 -21.06 -35.90
CA ARG E 153 22.61 -19.80 -36.62
C ARG E 153 23.27 -18.69 -35.81
N ALA E 154 23.58 -18.93 -34.53
CA ALA E 154 24.11 -17.87 -33.68
C ALA E 154 25.54 -17.51 -34.06
N THR E 155 26.43 -18.49 -34.08
CA THR E 155 27.84 -18.25 -34.35
C THR E 155 28.17 -18.24 -35.84
N GLN E 156 27.23 -18.60 -36.70
CA GLN E 156 27.50 -18.71 -38.12
C GLN E 156 27.55 -17.33 -38.76
N ASP E 157 28.67 -17.02 -39.42
CA ASP E 157 28.82 -15.78 -40.18
C ASP E 157 28.61 -14.54 -39.31
N VAL E 158 29.47 -14.38 -38.31
CA VAL E 158 29.43 -13.25 -37.40
C VAL E 158 30.77 -12.53 -37.45
N VAL E 159 30.72 -11.22 -37.63
CA VAL E 159 31.90 -10.37 -37.64
C VAL E 159 31.95 -9.60 -36.33
N CYS E 160 33.15 -9.45 -35.79
CA CYS E 160 33.33 -8.85 -34.46
C CYS E 160 34.63 -8.06 -34.39
N THR F 2 20.53 8.06 -35.00
CA THR F 2 19.52 7.69 -36.03
C THR F 2 20.17 6.91 -37.18
N GLU F 3 19.89 5.61 -37.21
CA GLU F 3 20.37 4.74 -38.28
C GLU F 3 19.25 3.82 -38.71
N LEU F 4 19.30 3.41 -39.98
CA LEU F 4 18.32 2.44 -40.47
C LEU F 4 18.60 1.05 -39.92
N CYS F 5 19.86 0.74 -39.64
CA CYS F 5 20.29 -0.62 -39.30
C CYS F 5 21.22 -0.60 -38.09
N PRO F 6 20.69 -0.30 -36.92
CA PRO F 6 21.52 -0.29 -35.71
C PRO F 6 21.84 -1.68 -35.21
N VAL F 7 22.79 -1.75 -34.27
CA VAL F 7 23.31 -3.03 -33.81
C VAL F 7 22.29 -3.83 -33.01
N TYR F 8 21.31 -3.19 -32.37
CA TYR F 8 20.32 -3.90 -31.57
C TYR F 8 19.10 -4.33 -32.37
N ALA F 9 19.11 -4.14 -33.70
CA ALA F 9 17.95 -4.52 -34.50
C ALA F 9 17.58 -5.99 -34.36
N PRO F 10 18.50 -6.95 -34.38
CA PRO F 10 18.10 -8.36 -34.31
C PRO F 10 17.30 -8.71 -33.07
N PHE F 11 17.34 -7.87 -32.02
CA PHE F 11 16.64 -8.20 -30.78
C PHE F 11 15.16 -8.44 -31.03
N PHE F 12 14.52 -7.55 -31.80
CA PHE F 12 13.10 -7.75 -32.09
C PHE F 12 12.87 -9.01 -32.93
N GLY F 13 13.84 -9.37 -33.79
CA GLY F 13 13.70 -10.59 -34.56
C GLY F 13 13.76 -11.83 -33.68
N ALA F 14 14.74 -11.90 -32.79
CA ALA F 14 14.88 -13.07 -31.93
C ALA F 14 13.65 -13.26 -31.05
N ILE F 15 13.14 -12.16 -30.48
CA ILE F 15 11.94 -12.26 -29.65
C ILE F 15 10.73 -12.65 -30.50
N GLY F 16 10.66 -12.15 -31.74
CA GLY F 16 9.59 -12.57 -32.63
C GLY F 16 9.65 -14.06 -32.97
N CYS F 17 10.86 -14.57 -33.18
CA CYS F 17 11.01 -15.99 -33.51
C CYS F 17 10.57 -16.87 -32.35
N ALA F 18 11.01 -16.54 -31.14
CA ALA F 18 10.63 -17.34 -29.98
C ALA F 18 9.15 -17.16 -29.64
N SER F 19 8.64 -15.94 -29.72
CA SER F 19 7.25 -15.68 -29.35
C SER F 19 6.28 -16.53 -30.17
N ALA F 20 6.62 -16.79 -31.43
CA ALA F 20 5.71 -17.55 -32.29
C ALA F 20 5.46 -18.95 -31.73
N ILE F 21 6.50 -19.62 -31.26
CA ILE F 21 6.35 -21.00 -30.82
C ILE F 21 5.94 -21.09 -29.35
N ILE F 22 6.24 -20.07 -28.54
CA ILE F 22 5.91 -20.12 -27.12
C ILE F 22 4.40 -20.03 -26.92
N PHE F 23 3.80 -18.93 -27.34
CA PHE F 23 2.38 -18.71 -27.08
C PHE F 23 1.53 -19.75 -27.79
N THR F 24 1.95 -20.18 -28.98
CA THR F 24 1.21 -21.24 -29.66
C THR F 24 1.17 -22.50 -28.82
N SER F 25 2.27 -22.84 -28.16
CA SER F 25 2.33 -24.09 -27.40
C SER F 25 1.48 -24.04 -26.15
N LEU F 26 1.36 -22.86 -25.50
CA LEU F 26 0.44 -22.75 -24.38
C LEU F 26 -0.99 -23.03 -24.82
N GLY F 27 -1.39 -22.51 -25.98
CA GLY F 27 -2.71 -22.79 -26.49
C GLY F 27 -2.92 -24.27 -26.78
N ALA F 28 -1.95 -24.90 -27.46
CA ALA F 28 -2.08 -26.32 -27.76
C ALA F 28 -2.06 -27.16 -26.48
N ALA F 29 -1.25 -26.77 -25.50
CA ALA F 29 -1.21 -27.50 -24.25
C ALA F 29 -2.55 -27.46 -23.53
N TYR F 30 -3.16 -26.27 -23.46
CA TYR F 30 -4.46 -26.15 -22.80
C TYR F 30 -5.52 -26.95 -23.54
N GLY F 31 -5.55 -26.86 -24.86
CA GLY F 31 -6.52 -27.62 -25.62
C GLY F 31 -6.36 -29.12 -25.42
N THR F 32 -5.12 -29.60 -25.38
CA THR F 32 -4.89 -31.01 -25.12
C THR F 32 -5.32 -31.40 -23.71
N ALA F 33 -5.05 -30.56 -22.72
CA ALA F 33 -5.36 -30.89 -21.34
C ALA F 33 -6.86 -31.06 -21.13
N LYS F 34 -7.64 -30.03 -21.50
CA LYS F 34 -9.08 -30.08 -21.25
C LYS F 34 -9.74 -31.20 -22.04
N SER F 35 -9.35 -31.39 -23.30
CA SER F 35 -9.89 -32.49 -24.09
C SER F 35 -9.52 -33.84 -23.49
N GLY F 36 -8.28 -33.98 -23.03
CA GLY F 36 -7.84 -35.25 -22.48
C GLY F 36 -8.65 -35.67 -21.27
N VAL F 37 -8.86 -34.74 -20.34
CA VAL F 37 -9.66 -35.06 -19.16
C VAL F 37 -11.08 -35.46 -19.58
N GLY F 38 -11.64 -34.79 -20.59
CA GLY F 38 -12.95 -35.18 -21.07
C GLY F 38 -12.96 -36.59 -21.63
N ILE F 39 -11.96 -36.93 -22.46
CA ILE F 39 -11.90 -38.26 -23.04
C ILE F 39 -11.74 -39.31 -21.96
N CYS F 40 -10.79 -39.10 -21.05
CA CYS F 40 -10.52 -40.10 -20.01
C CYS F 40 -11.71 -40.26 -19.06
N ALA F 41 -12.59 -39.27 -18.99
CA ALA F 41 -13.75 -39.37 -18.10
C ALA F 41 -14.85 -40.23 -18.72
N THR F 42 -15.22 -39.96 -19.97
CA THR F 42 -16.37 -40.60 -20.58
C THR F 42 -16.05 -42.00 -21.09
N CYS F 43 -14.83 -42.21 -21.59
CA CYS F 43 -14.51 -43.49 -22.24
C CYS F 43 -14.42 -44.64 -21.25
N VAL F 44 -14.54 -44.40 -19.95
CA VAL F 44 -14.50 -45.49 -18.98
C VAL F 44 -15.65 -46.46 -19.24
N LEU F 45 -16.85 -45.93 -19.48
CA LEU F 45 -18.01 -46.77 -19.72
C LEU F 45 -18.14 -47.21 -21.18
N ARG F 46 -17.60 -46.44 -22.12
CA ARG F 46 -17.75 -46.72 -23.55
C ARG F 46 -16.40 -46.60 -24.25
N PRO F 47 -15.54 -47.60 -24.10
CA PRO F 47 -14.28 -47.59 -24.87
C PRO F 47 -14.48 -47.58 -26.37
N ASP F 48 -15.63 -48.04 -26.87
CA ASP F 48 -15.86 -48.08 -28.31
C ASP F 48 -15.73 -46.70 -28.94
N LEU F 49 -16.01 -45.63 -28.19
CA LEU F 49 -15.93 -44.28 -28.71
C LEU F 49 -14.53 -43.69 -28.68
N LEU F 50 -13.56 -44.41 -28.09
CA LEU F 50 -12.27 -43.79 -27.77
C LEU F 50 -11.59 -43.23 -29.00
N PHE F 51 -11.58 -43.98 -30.11
CA PHE F 51 -10.76 -43.62 -31.26
C PHE F 51 -11.46 -42.66 -32.23
N LYS F 52 -12.67 -42.20 -31.92
CA LYS F 52 -13.25 -41.05 -32.59
C LYS F 52 -13.43 -39.85 -31.65
N ASN F 53 -13.49 -40.08 -30.34
CA ASN F 53 -13.43 -38.99 -29.38
C ASN F 53 -12.08 -38.29 -29.38
N ILE F 54 -11.07 -38.89 -30.00
CA ILE F 54 -9.72 -38.33 -29.98
C ILE F 54 -9.62 -37.04 -30.79
N VAL F 55 -10.59 -36.77 -31.66
CA VAL F 55 -10.41 -35.72 -32.67
C VAL F 55 -10.03 -34.37 -32.05
N PRO F 56 -10.68 -33.90 -30.98
CA PRO F 56 -10.28 -32.60 -30.43
C PRO F 56 -8.81 -32.52 -30.07
N VAL F 57 -8.18 -33.64 -29.71
CA VAL F 57 -6.76 -33.61 -29.36
C VAL F 57 -5.91 -33.34 -30.61
N ILE F 58 -6.18 -34.04 -31.69
CA ILE F 58 -5.41 -33.79 -32.91
C ILE F 58 -5.78 -32.43 -33.48
N MET F 59 -7.02 -31.98 -33.29
CA MET F 59 -7.40 -30.64 -33.74
C MET F 59 -6.59 -29.58 -33.00
N ALA F 60 -6.41 -29.75 -31.70
CA ALA F 60 -5.55 -28.84 -30.94
C ALA F 60 -4.10 -28.96 -31.39
N GLY F 61 -3.67 -30.17 -31.73
CA GLY F 61 -2.29 -30.36 -32.12
C GLY F 61 -1.89 -29.58 -33.36
N ILE F 62 -2.83 -29.33 -34.26
CA ILE F 62 -2.51 -28.64 -35.50
C ILE F 62 -2.03 -27.21 -35.20
N ILE F 63 -2.60 -26.57 -34.19
CA ILE F 63 -2.23 -25.19 -33.88
C ILE F 63 -0.73 -25.09 -33.63
N ALA F 64 -0.15 -26.11 -33.00
CA ALA F 64 1.29 -26.09 -32.75
C ALA F 64 2.08 -26.04 -34.06
N ILE F 65 1.54 -26.59 -35.13
CA ILE F 65 2.24 -26.55 -36.42
C ILE F 65 2.34 -25.12 -36.93
N TYR F 66 1.25 -24.34 -36.77
CA TYR F 66 1.28 -22.96 -37.23
C TYR F 66 2.41 -22.18 -36.56
N GLY F 67 2.59 -22.39 -35.25
CA GLY F 67 3.69 -21.73 -34.57
C GLY F 67 5.05 -22.13 -35.11
N LEU F 68 5.20 -23.41 -35.44
CA LEU F 68 6.50 -23.92 -35.89
C LEU F 68 6.90 -23.33 -37.23
N VAL F 69 5.99 -23.35 -38.20
CA VAL F 69 6.36 -22.93 -39.55
C VAL F 69 6.67 -21.43 -39.59
N VAL F 70 5.91 -20.62 -38.87
CA VAL F 70 6.21 -19.20 -38.79
C VAL F 70 7.55 -18.98 -38.09
N SER F 71 7.77 -19.68 -36.99
CA SER F 71 9.03 -19.53 -36.26
C SER F 71 10.21 -19.90 -37.13
N VAL F 72 10.11 -21.00 -37.88
CA VAL F 72 11.22 -21.42 -38.73
C VAL F 72 11.42 -20.43 -39.87
N LEU F 73 10.33 -19.91 -40.44
CA LEU F 73 10.46 -18.93 -41.51
C LEU F 73 11.14 -17.67 -41.02
N VAL F 74 10.76 -17.17 -39.83
CA VAL F 74 11.44 -16.01 -39.25
C VAL F 74 12.89 -16.35 -38.97
N CYS F 75 13.15 -17.55 -38.44
CA CYS F 75 14.50 -17.91 -38.03
C CYS F 75 15.50 -17.77 -39.16
N TYR F 76 15.17 -18.29 -40.34
CA TYR F 76 16.08 -18.25 -41.47
C TYR F 76 16.26 -16.85 -42.04
N SER F 77 15.50 -15.87 -41.56
CA SER F 77 15.63 -14.49 -42.01
C SER F 77 16.45 -13.63 -41.06
N LEU F 78 16.96 -14.20 -39.97
CA LEU F 78 17.77 -13.45 -39.02
C LEU F 78 19.18 -13.24 -39.56
N GLY F 79 19.77 -12.10 -39.21
CA GLY F 79 21.15 -11.82 -39.59
C GLY F 79 21.70 -10.73 -38.70
N GLN F 80 23.03 -10.57 -38.76
CA GLN F 80 23.70 -9.64 -37.86
C GLN F 80 23.39 -8.20 -38.23
N LYS F 81 23.34 -7.89 -39.52
CA LYS F 81 23.06 -6.55 -40.00
C LYS F 81 21.70 -6.54 -40.68
N GLN F 82 20.75 -5.83 -40.09
CA GLN F 82 19.41 -5.77 -40.66
C GLN F 82 18.71 -4.51 -40.18
N ALA F 83 17.67 -4.13 -40.91
CA ALA F 83 16.96 -2.89 -40.61
C ALA F 83 16.02 -3.07 -39.43
N LEU F 84 15.76 -1.96 -38.74
CA LEU F 84 14.73 -1.97 -37.70
C LEU F 84 13.37 -2.33 -38.29
N TYR F 85 13.09 -1.84 -39.49
CA TYR F 85 11.85 -2.19 -40.16
C TYR F 85 11.67 -3.70 -40.23
N THR F 86 12.70 -4.41 -40.66
CA THR F 86 12.64 -5.87 -40.65
C THR F 86 12.47 -6.39 -39.23
N GLY F 87 13.10 -5.73 -38.26
CA GLY F 87 12.93 -6.15 -36.87
C GLY F 87 11.49 -6.02 -36.39
N PHE F 88 10.89 -4.86 -36.63
CA PHE F 88 9.51 -4.63 -36.17
C PHE F 88 8.53 -5.57 -36.87
N ILE F 89 8.67 -5.73 -38.19
CA ILE F 89 7.66 -6.46 -38.95
C ILE F 89 7.59 -7.90 -38.51
N GLN F 90 8.74 -8.55 -38.29
CA GLN F 90 8.72 -9.95 -37.91
C GLN F 90 8.48 -10.16 -36.42
N LEU F 91 8.61 -9.10 -35.60
CA LEU F 91 8.00 -9.16 -34.27
C LEU F 91 6.48 -9.20 -34.39
N GLY F 92 5.92 -8.39 -35.28
CA GLY F 92 4.48 -8.45 -35.50
C GLY F 92 4.04 -9.79 -36.06
N ALA F 93 4.87 -10.39 -36.91
CA ALA F 93 4.56 -11.73 -37.41
C ALA F 93 4.49 -12.74 -36.28
N GLY F 94 5.43 -12.67 -35.34
CA GLY F 94 5.43 -13.62 -34.23
C GLY F 94 4.24 -13.45 -33.32
N LEU F 95 3.96 -12.21 -32.91
CA LEU F 95 2.87 -11.97 -31.96
C LEU F 95 1.51 -12.32 -32.57
N SER F 96 1.31 -12.00 -33.85
CA SER F 96 -0.01 -12.17 -34.44
C SER F 96 -0.40 -13.64 -34.51
N VAL F 97 0.52 -14.51 -34.93
CA VAL F 97 0.21 -15.95 -34.96
C VAL F 97 0.15 -16.51 -33.55
N GLY F 98 1.03 -16.05 -32.67
CA GLY F 98 1.13 -16.60 -31.33
C GLY F 98 -0.12 -16.36 -30.50
N LEU F 99 -0.43 -15.10 -30.25
CA LEU F 99 -1.57 -14.78 -29.39
C LEU F 99 -2.90 -15.13 -30.04
N SER F 100 -2.96 -15.19 -31.38
CA SER F 100 -4.17 -15.67 -32.02
C SER F 100 -4.32 -17.18 -31.82
N GLY F 101 -3.24 -17.93 -32.01
CA GLY F 101 -3.29 -19.36 -31.76
C GLY F 101 -3.62 -19.69 -30.32
N LEU F 102 -3.14 -18.88 -29.39
CA LEU F 102 -3.47 -19.08 -27.98
C LEU F 102 -4.97 -18.96 -27.74
N ALA F 103 -5.61 -17.98 -28.38
CA ALA F 103 -7.06 -17.85 -28.24
C ALA F 103 -7.78 -19.06 -28.84
N ALA F 104 -7.32 -19.53 -30.00
CA ALA F 104 -7.92 -20.73 -30.59
C ALA F 104 -7.73 -21.94 -29.68
N GLY F 105 -6.61 -22.01 -28.96
CA GLY F 105 -6.40 -23.11 -28.04
C GLY F 105 -7.42 -23.14 -26.93
N PHE F 106 -7.73 -21.98 -26.34
CA PHE F 106 -8.75 -21.93 -25.31
C PHE F 106 -10.11 -22.39 -25.85
N ALA F 107 -10.47 -21.94 -27.05
CA ALA F 107 -11.76 -22.31 -27.63
C ALA F 107 -11.85 -23.81 -27.83
N ILE F 108 -10.82 -24.39 -28.46
CA ILE F 108 -10.86 -25.83 -28.77
C ILE F 108 -10.92 -26.65 -27.49
N GLY F 109 -10.22 -26.22 -26.45
CA GLY F 109 -10.25 -26.96 -25.20
C GLY F 109 -11.64 -26.98 -24.57
N ILE F 110 -12.32 -25.83 -24.54
CA ILE F 110 -13.58 -25.74 -23.83
C ILE F 110 -14.68 -26.48 -24.58
N VAL F 111 -14.76 -26.28 -25.90
CA VAL F 111 -15.82 -26.94 -26.66
C VAL F 111 -15.51 -28.42 -26.85
N GLY F 112 -14.23 -28.76 -27.02
CA GLY F 112 -13.87 -30.17 -27.11
C GLY F 112 -14.26 -30.94 -25.87
N ASP F 113 -14.02 -30.36 -24.69
CA ASP F 113 -14.42 -31.01 -23.45
C ASP F 113 -15.93 -31.19 -23.38
N ALA F 114 -16.68 -30.10 -23.52
CA ALA F 114 -18.13 -30.17 -23.38
C ALA F 114 -18.75 -31.05 -24.45
N GLY F 115 -18.23 -30.99 -25.67
CA GLY F 115 -18.82 -31.76 -26.76
C GLY F 115 -18.61 -33.26 -26.61
N VAL F 116 -17.39 -33.66 -26.26
CA VAL F 116 -17.11 -35.09 -26.09
C VAL F 116 -17.81 -35.63 -24.86
N ARG F 117 -17.97 -34.79 -23.83
CA ARG F 117 -18.70 -35.23 -22.64
C ARG F 117 -20.14 -35.58 -22.97
N GLY F 118 -20.75 -34.85 -23.90
CA GLY F 118 -22.14 -35.10 -24.24
C GLY F 118 -22.34 -36.15 -25.32
N SER F 119 -21.35 -36.32 -26.21
CA SER F 119 -21.52 -37.24 -27.33
C SER F 119 -21.82 -38.66 -26.87
N SER F 120 -21.34 -39.05 -25.69
CA SER F 120 -21.42 -40.44 -25.28
C SER F 120 -22.86 -40.92 -25.08
N GLN F 121 -23.81 -40.02 -24.88
CA GLN F 121 -25.22 -40.43 -24.72
C GLN F 121 -26.12 -39.75 -25.75
N GLN F 122 -25.56 -39.24 -26.84
CA GLN F 122 -26.37 -38.77 -27.97
C GLN F 122 -25.52 -38.86 -29.23
N PRO F 123 -25.58 -40.01 -29.93
CA PRO F 123 -24.66 -40.21 -31.06
C PRO F 123 -24.81 -39.20 -32.18
N ARG F 124 -25.98 -38.57 -32.32
CA ARG F 124 -26.17 -37.58 -33.37
C ARG F 124 -25.39 -36.30 -33.11
N LEU F 125 -24.88 -36.11 -31.88
CA LEU F 125 -24.22 -34.86 -31.53
C LEU F 125 -22.83 -34.74 -32.16
N PHE F 126 -22.19 -35.87 -32.47
CA PHE F 126 -20.79 -35.82 -32.87
C PHE F 126 -20.59 -34.98 -34.13
N VAL F 127 -21.47 -35.14 -35.12
CA VAL F 127 -21.32 -34.37 -36.36
C VAL F 127 -21.44 -32.88 -36.06
N GLY F 128 -22.27 -32.51 -35.09
CA GLY F 128 -22.38 -31.11 -34.70
C GLY F 128 -21.15 -30.63 -33.96
N MET F 129 -20.59 -31.49 -33.10
CA MET F 129 -19.42 -31.08 -32.34
C MET F 129 -18.25 -30.75 -33.25
N ILE F 130 -17.91 -31.67 -34.16
CA ILE F 130 -16.76 -31.46 -35.03
C ILE F 130 -16.98 -30.25 -35.93
N LEU F 131 -18.24 -29.95 -36.25
CA LEU F 131 -18.53 -28.78 -37.06
C LEU F 131 -18.15 -27.50 -36.33
N ILE F 132 -18.40 -27.43 -35.03
CA ILE F 132 -18.04 -26.24 -34.25
C ILE F 132 -16.53 -26.13 -34.11
N LEU F 133 -15.85 -27.26 -33.93
CA LEU F 133 -14.39 -27.22 -33.80
C LEU F 133 -13.75 -26.50 -34.97
N ILE F 134 -14.32 -26.66 -36.18
CA ILE F 134 -13.73 -26.03 -37.36
C ILE F 134 -13.83 -24.52 -37.26
N PHE F 135 -14.95 -24.00 -36.73
CA PHE F 135 -15.07 -22.56 -36.58
C PHE F 135 -14.07 -22.02 -35.57
N ALA F 136 -13.71 -22.81 -34.56
CA ALA F 136 -12.63 -22.43 -33.66
C ALA F 136 -11.27 -22.56 -34.35
N GLU F 137 -11.11 -23.59 -35.18
CA GLU F 137 -9.82 -23.84 -35.81
C GLU F 137 -9.39 -22.69 -36.70
N VAL F 138 -10.30 -22.15 -37.50
CA VAL F 138 -9.93 -21.12 -38.48
C VAL F 138 -9.41 -19.86 -37.80
N LEU F 139 -9.73 -19.64 -36.53
CA LEU F 139 -9.19 -18.47 -35.84
C LEU F 139 -7.67 -18.50 -35.85
N GLY F 140 -7.07 -19.67 -35.58
CA GLY F 140 -5.64 -19.80 -35.71
C GLY F 140 -5.17 -19.62 -37.14
N LEU F 141 -5.96 -20.10 -38.10
CA LEU F 141 -5.56 -20.00 -39.50
C LEU F 141 -5.45 -18.55 -39.94
N TYR F 142 -6.40 -17.70 -39.52
CA TYR F 142 -6.28 -16.28 -39.83
C TYR F 142 -4.98 -15.70 -39.28
N GLY F 143 -4.61 -16.07 -38.06
CA GLY F 143 -3.35 -15.60 -37.51
C GLY F 143 -2.16 -16.02 -38.36
N LEU F 144 -2.20 -17.24 -38.89
CA LEU F 144 -1.13 -17.69 -39.76
C LEU F 144 -1.09 -16.87 -41.05
N ILE F 145 -2.26 -16.61 -41.64
CA ILE F 145 -2.31 -15.87 -42.90
C ILE F 145 -1.70 -14.49 -42.72
N VAL F 146 -2.08 -13.79 -41.65
CA VAL F 146 -1.53 -12.47 -41.40
C VAL F 146 -0.02 -12.54 -41.22
N ALA F 147 0.45 -13.53 -40.45
CA ALA F 147 1.89 -13.64 -40.21
C ALA F 147 2.66 -13.86 -41.49
N LEU F 148 2.14 -14.70 -42.39
CA LEU F 148 2.83 -14.98 -43.64
C LEU F 148 2.90 -13.74 -44.53
N LEU F 149 1.83 -12.93 -44.54
CA LEU F 149 1.86 -11.69 -45.30
C LEU F 149 2.90 -10.72 -44.74
N LEU F 150 2.94 -10.58 -43.42
CA LEU F 150 3.93 -9.70 -42.80
C LEU F 150 5.35 -10.19 -43.08
N ASN F 151 5.59 -11.48 -42.89
CA ASN F 151 6.93 -12.02 -43.09
C ASN F 151 7.38 -11.83 -44.53
N SER F 152 6.47 -11.99 -45.49
CA SER F 152 6.82 -11.75 -46.88
C SER F 152 7.23 -10.30 -47.10
N ARG F 153 6.48 -9.37 -46.51
CA ARG F 153 6.76 -7.94 -46.66
C ARG F 153 7.96 -7.49 -45.84
N ALA F 154 8.44 -8.32 -44.92
CA ALA F 154 9.49 -7.91 -44.00
C ALA F 154 10.84 -7.74 -44.68
N THR F 155 11.05 -8.33 -45.85
CA THR F 155 12.40 -8.43 -46.39
C THR F 155 12.49 -8.07 -47.87
N GLN F 156 11.57 -7.26 -48.40
CA GLN F 156 11.67 -6.76 -49.75
C GLN F 156 11.56 -5.25 -49.74
N ASP F 157 12.33 -4.59 -50.60
CA ASP F 157 12.38 -3.14 -50.68
C ASP F 157 12.99 -2.53 -49.41
N VAL F 158 13.93 -3.25 -48.80
CA VAL F 158 14.59 -2.81 -47.58
C VAL F 158 16.02 -2.42 -47.92
N VAL F 159 16.43 -1.24 -47.49
CA VAL F 159 17.71 -0.64 -47.89
C VAL F 159 18.55 -0.36 -46.65
N CYS F 160 19.79 -0.82 -46.67
CA CYS F 160 20.88 -0.26 -45.85
C CYS F 160 22.17 -1.03 -46.11
N THR G 2 13.58 16.55 -34.72
CA THR G 2 12.20 16.04 -34.93
C THR G 2 11.84 15.96 -36.40
N GLU G 3 12.15 14.82 -37.02
CA GLU G 3 11.81 14.60 -38.41
C GLU G 3 10.34 14.20 -38.55
N LEU G 4 9.79 14.46 -39.74
CA LEU G 4 8.45 13.99 -40.04
C LEU G 4 8.41 12.47 -40.19
N CYS G 5 9.51 11.88 -40.64
CA CYS G 5 9.55 10.46 -41.00
C CYS G 5 10.75 9.77 -40.35
N PRO G 6 10.74 9.66 -39.03
CA PRO G 6 11.87 9.00 -38.34
C PRO G 6 11.85 7.49 -38.54
N VAL G 7 12.98 6.87 -38.21
CA VAL G 7 13.18 5.45 -38.54
C VAL G 7 12.29 4.52 -37.73
N TYR G 8 11.77 4.96 -36.59
CA TYR G 8 10.93 4.10 -35.77
C TYR G 8 9.44 4.24 -36.07
N ALA G 9 9.07 5.05 -37.06
CA ALA G 9 7.67 5.18 -37.42
C ALA G 9 7.00 3.84 -37.76
N PRO G 10 7.63 2.90 -38.46
CA PRO G 10 6.95 1.65 -38.78
C PRO G 10 6.52 0.86 -37.54
N PHE G 11 7.11 1.12 -36.38
CA PHE G 11 6.78 0.35 -35.19
C PHE G 11 5.29 0.44 -34.87
N PHE G 12 4.74 1.66 -34.91
CA PHE G 12 3.32 1.82 -34.60
C PHE G 12 2.45 1.09 -35.62
N GLY G 13 2.86 1.08 -36.89
CA GLY G 13 2.10 0.36 -37.89
C GLY G 13 2.10 -1.14 -37.65
N ALA G 14 3.26 -1.70 -37.33
CA ALA G 14 3.35 -3.13 -37.09
C ALA G 14 2.51 -3.55 -35.89
N ILE G 15 2.54 -2.75 -34.82
CA ILE G 15 1.71 -3.05 -33.65
C ILE G 15 0.24 -2.93 -34.01
N GLY G 16 -0.15 -1.89 -34.74
CA GLY G 16 -1.53 -1.77 -35.15
C GLY G 16 -1.98 -2.93 -36.02
N CYS G 17 -1.13 -3.35 -36.95
CA CYS G 17 -1.48 -4.47 -37.82
C CYS G 17 -1.74 -5.74 -37.01
N ALA G 18 -0.83 -6.05 -36.08
CA ALA G 18 -1.04 -7.23 -35.24
C ALA G 18 -2.23 -7.06 -34.31
N SER G 19 -2.41 -5.87 -33.74
CA SER G 19 -3.47 -5.65 -32.78
C SER G 19 -4.85 -5.94 -33.37
N ALA G 20 -5.01 -5.69 -34.68
CA ALA G 20 -6.33 -5.88 -35.30
C ALA G 20 -6.78 -7.34 -35.20
N ILE G 21 -5.88 -8.28 -35.44
CA ILE G 21 -6.26 -9.68 -35.47
C ILE G 21 -6.17 -10.33 -34.09
N ILE G 22 -5.30 -9.84 -33.21
CA ILE G 22 -5.14 -10.44 -31.89
C ILE G 22 -6.43 -10.30 -31.09
N PHE G 23 -6.84 -9.06 -30.81
CA PHE G 23 -8.00 -8.85 -29.95
C PHE G 23 -9.28 -9.38 -30.59
N THR G 24 -9.39 -9.28 -31.92
CA THR G 24 -10.56 -9.84 -32.58
C THR G 24 -10.62 -11.35 -32.39
N SER G 25 -9.46 -12.01 -32.36
CA SER G 25 -9.43 -13.45 -32.11
C SER G 25 -9.92 -13.78 -30.70
N LEU G 26 -9.53 -12.97 -29.70
CA LEU G 26 -10.03 -13.20 -28.36
C LEU G 26 -11.56 -13.07 -28.32
N GLY G 27 -12.11 -12.07 -29.00
CA GLY G 27 -13.55 -11.91 -29.02
C GLY G 27 -14.25 -13.08 -29.67
N ALA G 28 -13.78 -13.49 -30.85
CA ALA G 28 -14.42 -14.60 -31.56
C ALA G 28 -14.27 -15.91 -30.79
N ALA G 29 -13.11 -16.14 -30.19
CA ALA G 29 -12.90 -17.36 -29.43
C ALA G 29 -13.86 -17.45 -28.25
N TYR G 30 -14.00 -16.35 -27.51
CA TYR G 30 -14.93 -16.34 -26.37
C TYR G 30 -16.36 -16.55 -26.84
N GLY G 31 -16.76 -15.90 -27.92
CA GLY G 31 -18.10 -16.11 -28.45
C GLY G 31 -18.34 -17.55 -28.85
N THR G 32 -17.36 -18.18 -29.48
CA THR G 32 -17.50 -19.58 -29.86
C THR G 32 -17.58 -20.49 -28.64
N ALA G 33 -16.72 -20.25 -27.64
CA ALA G 33 -16.66 -21.14 -26.49
C ALA G 33 -17.96 -21.09 -25.68
N LYS G 34 -18.40 -19.88 -25.33
CA LYS G 34 -19.64 -19.76 -24.56
C LYS G 34 -20.83 -20.34 -25.34
N SER G 35 -20.91 -20.05 -26.63
CA SER G 35 -22.01 -20.58 -27.43
C SER G 35 -21.93 -22.10 -27.55
N GLY G 36 -20.73 -22.62 -27.83
CA GLY G 36 -20.60 -24.06 -28.05
C GLY G 36 -21.04 -24.87 -26.85
N VAL G 37 -20.70 -24.42 -25.64
CA VAL G 37 -21.13 -25.14 -24.44
C VAL G 37 -22.65 -25.20 -24.37
N GLY G 38 -23.31 -24.10 -24.74
CA GLY G 38 -24.77 -24.10 -24.74
C GLY G 38 -25.36 -25.09 -25.73
N ILE G 39 -24.81 -25.11 -26.95
CA ILE G 39 -25.34 -25.99 -27.98
C ILE G 39 -25.16 -27.45 -27.57
N CYS G 40 -23.97 -27.80 -27.09
CA CYS G 40 -23.73 -29.18 -26.67
C CYS G 40 -24.60 -29.56 -25.49
N ALA G 41 -24.90 -28.62 -24.60
CA ALA G 41 -25.71 -28.92 -23.43
C ALA G 41 -27.15 -29.25 -23.80
N THR G 42 -27.72 -28.52 -24.77
CA THR G 42 -29.13 -28.67 -25.09
C THR G 42 -29.39 -29.78 -26.09
N CYS G 43 -28.49 -29.96 -27.06
CA CYS G 43 -28.76 -30.89 -28.16
C CYS G 43 -28.79 -32.35 -27.73
N VAL G 44 -28.40 -32.66 -26.49
CA VAL G 44 -28.47 -34.04 -26.02
C VAL G 44 -29.90 -34.55 -26.13
N LEU G 45 -30.88 -33.73 -25.76
CA LEU G 45 -32.26 -34.16 -25.71
C LEU G 45 -33.01 -33.90 -27.01
N ARG G 46 -32.60 -32.90 -27.79
CA ARG G 46 -33.31 -32.51 -29.02
C ARG G 46 -32.29 -32.32 -30.13
N PRO G 47 -31.71 -33.42 -30.62
CA PRO G 47 -30.66 -33.30 -31.65
C PRO G 47 -31.17 -32.75 -32.97
N ASP G 48 -32.47 -32.86 -33.25
CA ASP G 48 -32.99 -32.33 -34.52
C ASP G 48 -32.80 -30.83 -34.62
N LEU G 49 -32.58 -30.14 -33.50
CA LEU G 49 -32.50 -28.69 -33.45
C LEU G 49 -31.09 -28.16 -33.72
N LEU G 50 -30.11 -29.03 -33.91
CA LEU G 50 -28.71 -28.61 -33.86
C LEU G 50 -28.37 -27.61 -34.96
N PHE G 51 -28.65 -27.97 -36.22
CA PHE G 51 -28.24 -27.11 -37.32
C PHE G 51 -29.03 -25.81 -37.36
N LYS G 52 -30.10 -25.70 -36.59
CA LYS G 52 -30.80 -24.43 -36.40
C LYS G 52 -30.13 -23.61 -35.30
N ASN G 53 -29.58 -24.28 -34.28
CA ASN G 53 -29.00 -23.61 -33.12
C ASN G 53 -27.59 -23.09 -33.36
N ILE G 54 -26.93 -23.49 -34.45
CA ILE G 54 -25.53 -23.11 -34.64
C ILE G 54 -25.33 -21.66 -35.04
N VAL G 55 -26.42 -20.91 -35.24
CA VAL G 55 -26.30 -19.54 -35.75
C VAL G 55 -25.34 -18.70 -34.91
N PRO G 56 -25.41 -18.71 -33.57
CA PRO G 56 -24.50 -17.85 -32.80
C PRO G 56 -23.04 -18.12 -33.07
N VAL G 57 -22.69 -19.36 -33.42
CA VAL G 57 -21.29 -19.68 -33.69
C VAL G 57 -20.82 -19.00 -34.98
N ILE G 58 -21.60 -19.14 -36.07
CA ILE G 58 -21.21 -18.49 -37.30
C ILE G 58 -21.33 -16.98 -37.16
N MET G 59 -22.24 -16.51 -36.31
CA MET G 59 -22.32 -15.08 -36.02
C MET G 59 -21.03 -14.58 -35.41
N ALA G 60 -20.53 -15.27 -34.39
CA ALA G 60 -19.25 -14.90 -33.79
C ALA G 60 -18.11 -15.04 -34.80
N GLY G 61 -18.24 -15.95 -35.75
CA GLY G 61 -17.20 -16.11 -36.76
C GLY G 61 -17.02 -14.86 -37.60
N ILE G 62 -18.10 -14.14 -37.87
CA ILE G 62 -18.01 -12.94 -38.71
C ILE G 62 -17.07 -11.93 -38.07
N ILE G 63 -17.07 -11.85 -36.74
CA ILE G 63 -16.23 -10.87 -36.06
C ILE G 63 -14.78 -11.05 -36.46
N ALA G 64 -14.32 -12.30 -36.58
CA ALA G 64 -12.94 -12.56 -36.94
C ALA G 64 -12.61 -11.97 -38.31
N ILE G 65 -13.54 -12.04 -39.26
CA ILE G 65 -13.29 -11.51 -40.60
C ILE G 65 -13.01 -10.02 -40.54
N TYR G 66 -13.75 -9.30 -39.68
CA TYR G 66 -13.50 -7.86 -39.54
C TYR G 66 -12.05 -7.60 -39.19
N GLY G 67 -11.50 -8.36 -38.23
CA GLY G 67 -10.11 -8.18 -37.87
C GLY G 67 -9.16 -8.49 -39.02
N LEU G 68 -9.49 -9.52 -39.80
CA LEU G 68 -8.60 -9.94 -40.88
C LEU G 68 -8.48 -8.87 -41.96
N VAL G 69 -9.61 -8.32 -42.41
CA VAL G 69 -9.57 -7.39 -43.54
C VAL G 69 -8.86 -6.10 -43.15
N VAL G 70 -9.11 -5.61 -41.93
CA VAL G 70 -8.39 -4.42 -41.48
C VAL G 70 -6.90 -4.72 -41.33
N SER G 71 -6.57 -5.89 -40.78
CA SER G 71 -5.18 -6.25 -40.62
C SER G 71 -4.44 -6.27 -41.95
N VAL G 72 -5.05 -6.88 -42.97
CA VAL G 72 -4.41 -6.95 -44.28
C VAL G 72 -4.30 -5.57 -44.89
N LEU G 73 -5.34 -4.75 -44.79
CA LEU G 73 -5.30 -3.42 -45.39
C LEU G 73 -4.21 -2.56 -44.77
N VAL G 74 -4.06 -2.62 -43.45
CA VAL G 74 -2.95 -1.93 -42.79
C VAL G 74 -1.63 -2.54 -43.26
N CYS G 75 -1.56 -3.86 -43.32
CA CYS G 75 -0.31 -4.54 -43.66
C CYS G 75 0.24 -4.04 -44.99
N TYR G 76 -0.61 -3.96 -46.01
CA TYR G 76 -0.17 -3.54 -47.33
C TYR G 76 0.18 -2.06 -47.41
N SER G 77 0.03 -1.31 -46.31
CA SER G 77 0.41 0.09 -46.27
C SER G 77 1.69 0.33 -45.48
N LEU G 78 2.35 -0.74 -45.04
CA LEU G 78 3.62 -0.59 -44.32
C LEU G 78 4.77 -0.40 -45.30
N GLY G 79 5.76 0.37 -44.87
CA GLY G 79 6.96 0.58 -45.65
C GLY G 79 8.08 1.05 -44.75
N GLN G 80 9.31 1.00 -45.28
CA GLN G 80 10.46 1.36 -44.45
C GLN G 80 10.47 2.84 -44.12
N LYS G 81 10.17 3.70 -45.09
CA LYS G 81 10.12 5.13 -44.88
C LYS G 81 8.67 5.58 -44.89
N GLN G 82 8.22 6.17 -43.79
CA GLN G 82 6.85 6.66 -43.70
C GLN G 82 6.77 7.66 -42.55
N ALA G 83 5.69 8.43 -42.55
CA ALA G 83 5.51 9.49 -41.57
C ALA G 83 5.02 8.92 -40.24
N LEU G 84 5.33 9.64 -39.16
CA LEU G 84 4.72 9.32 -37.87
C LEU G 84 3.21 9.43 -37.95
N TYR G 85 2.71 10.38 -38.74
CA TYR G 85 1.26 10.57 -38.85
C TYR G 85 0.58 9.30 -39.32
N THR G 86 1.06 8.73 -40.43
CA THR G 86 0.45 7.50 -40.93
C THR G 86 0.65 6.35 -39.94
N GLY G 87 1.74 6.39 -39.17
CA GLY G 87 1.93 5.42 -38.10
C GLY G 87 0.87 5.53 -37.02
N PHE G 88 0.66 6.73 -36.51
CA PHE G 88 -0.33 6.92 -35.45
C PHE G 88 -1.73 6.57 -35.93
N ILE G 89 -2.09 6.99 -37.14
CA ILE G 89 -3.45 6.79 -37.62
C ILE G 89 -3.76 5.31 -37.70
N GLN G 90 -2.87 4.52 -38.29
CA GLN G 90 -3.17 3.11 -38.48
C GLN G 90 -2.90 2.29 -37.23
N LEU G 91 -2.26 2.85 -36.21
CA LEU G 91 -2.36 2.28 -34.88
C LEU G 91 -3.78 2.42 -34.35
N GLY G 92 -4.37 3.60 -34.51
CA GLY G 92 -5.74 3.81 -34.08
C GLY G 92 -6.72 2.92 -34.81
N ALA G 93 -6.47 2.67 -36.09
CA ALA G 93 -7.34 1.78 -36.86
C ALA G 93 -7.32 0.38 -36.27
N GLY G 94 -6.13 -0.13 -35.93
CA GLY G 94 -6.04 -1.47 -35.37
C GLY G 94 -6.74 -1.59 -34.04
N LEU G 95 -6.51 -0.62 -33.15
CA LEU G 95 -7.12 -0.68 -31.81
C LEU G 95 -8.63 -0.59 -31.88
N SER G 96 -9.16 0.27 -32.74
CA SER G 96 -10.59 0.55 -32.71
C SER G 96 -11.41 -0.65 -33.17
N VAL G 97 -10.96 -1.34 -34.22
CA VAL G 97 -11.65 -2.55 -34.65
C VAL G 97 -11.40 -3.68 -33.67
N GLY G 98 -10.17 -3.81 -33.18
CA GLY G 98 -9.83 -4.93 -32.31
C GLY G 98 -10.63 -4.92 -31.03
N LEU G 99 -10.62 -3.80 -30.31
CA LEU G 99 -11.29 -3.72 -29.03
C LEU G 99 -12.80 -3.52 -29.15
N SER G 100 -13.30 -3.20 -30.34
CA SER G 100 -14.73 -3.28 -30.57
C SER G 100 -15.17 -4.71 -30.85
N GLY G 101 -14.37 -5.45 -31.61
CA GLY G 101 -14.68 -6.85 -31.84
C GLY G 101 -14.63 -7.66 -30.56
N LEU G 102 -13.70 -7.35 -29.67
CA LEU G 102 -13.65 -8.03 -28.38
C LEU G 102 -14.92 -7.79 -27.58
N ALA G 103 -15.41 -6.55 -27.56
CA ALA G 103 -16.65 -6.25 -26.86
C ALA G 103 -17.83 -6.98 -27.51
N ALA G 104 -17.89 -6.98 -28.85
CA ALA G 104 -18.96 -7.70 -29.53
C ALA G 104 -18.91 -9.18 -29.23
N GLY G 105 -17.72 -9.77 -29.18
CA GLY G 105 -17.60 -11.19 -28.88
C GLY G 105 -18.17 -11.55 -27.53
N PHE G 106 -17.86 -10.76 -26.50
CA PHE G 106 -18.41 -11.02 -25.17
C PHE G 106 -19.93 -10.97 -25.18
N ALA G 107 -20.51 -9.97 -25.86
CA ALA G 107 -21.96 -9.85 -25.91
C ALA G 107 -22.58 -11.04 -26.61
N ILE G 108 -22.01 -11.44 -27.75
CA ILE G 108 -22.52 -12.60 -28.47
C ILE G 108 -22.41 -13.86 -27.63
N GLY G 109 -21.28 -14.02 -26.92
CA GLY G 109 -21.09 -15.22 -26.11
C GLY G 109 -22.13 -15.34 -25.01
N ILE G 110 -22.35 -14.26 -24.25
CA ILE G 110 -23.23 -14.33 -23.09
C ILE G 110 -24.67 -14.56 -23.53
N VAL G 111 -25.12 -13.82 -24.55
CA VAL G 111 -26.53 -13.90 -24.93
C VAL G 111 -26.79 -15.11 -25.81
N GLY G 112 -25.81 -15.53 -26.61
CA GLY G 112 -25.98 -16.75 -27.38
C GLY G 112 -26.18 -17.97 -26.50
N ASP G 113 -25.43 -18.04 -25.39
CA ASP G 113 -25.60 -19.14 -24.46
C ASP G 113 -27.00 -19.14 -23.86
N ALA G 114 -27.41 -18.02 -23.26
CA ALA G 114 -28.70 -17.96 -22.59
C ALA G 114 -29.84 -18.18 -23.59
N GLY G 115 -29.70 -17.66 -24.80
CA GLY G 115 -30.73 -17.81 -25.80
C GLY G 115 -30.93 -19.24 -26.24
N VAL G 116 -29.85 -19.89 -26.68
CA VAL G 116 -29.94 -21.26 -27.16
C VAL G 116 -30.46 -22.18 -26.06
N ARG G 117 -29.98 -21.99 -24.84
CA ARG G 117 -30.37 -22.85 -23.75
C ARG G 117 -31.85 -22.73 -23.41
N GLY G 118 -32.47 -21.61 -23.75
CA GLY G 118 -33.89 -21.42 -23.52
C GLY G 118 -34.76 -21.79 -24.71
N SER G 119 -34.18 -21.71 -25.91
CA SER G 119 -34.95 -21.96 -27.12
C SER G 119 -35.45 -23.39 -27.22
N SER G 120 -34.91 -24.31 -26.42
CA SER G 120 -35.28 -25.71 -26.54
C SER G 120 -36.68 -26.00 -26.01
N GLN G 121 -37.27 -25.10 -25.22
CA GLN G 121 -38.61 -25.31 -24.68
C GLN G 121 -39.55 -24.15 -24.99
N GLN G 122 -39.23 -23.33 -25.98
CA GLN G 122 -40.14 -22.29 -26.43
C GLN G 122 -39.78 -21.90 -27.86
N PRO G 123 -40.36 -22.55 -28.87
CA PRO G 123 -39.88 -22.36 -30.24
C PRO G 123 -39.99 -20.92 -30.73
N ARG G 124 -40.98 -20.17 -30.25
CA ARG G 124 -41.13 -18.79 -30.73
C ARG G 124 -40.02 -17.87 -30.25
N LEU G 125 -39.19 -18.32 -29.31
CA LEU G 125 -38.10 -17.49 -28.81
C LEU G 125 -37.01 -17.29 -29.86
N PHE G 126 -36.93 -18.18 -30.85
CA PHE G 126 -35.78 -18.18 -31.76
C PHE G 126 -35.68 -16.87 -32.54
N VAL G 127 -36.80 -16.37 -33.07
CA VAL G 127 -36.74 -15.13 -33.83
C VAL G 127 -36.43 -13.94 -32.93
N GLY G 128 -36.67 -14.07 -31.63
CA GLY G 128 -36.24 -13.06 -30.68
C GLY G 128 -34.74 -13.11 -30.46
N MET G 129 -34.21 -14.32 -30.31
CA MET G 129 -32.78 -14.48 -30.10
C MET G 129 -31.98 -13.92 -31.27
N ILE G 130 -32.34 -14.32 -32.49
CA ILE G 130 -31.56 -13.93 -33.66
C ILE G 130 -31.62 -12.42 -33.86
N LEU G 131 -32.69 -11.78 -33.42
CA LEU G 131 -32.76 -10.32 -33.50
C LEU G 131 -31.77 -9.68 -32.52
N ILE G 132 -31.69 -10.20 -31.29
CA ILE G 132 -30.79 -9.62 -30.31
C ILE G 132 -29.33 -9.83 -30.73
N LEU G 133 -29.03 -10.97 -31.33
CA LEU G 133 -27.67 -11.19 -31.82
C LEU G 133 -27.24 -10.10 -32.78
N ILE G 134 -28.16 -9.65 -33.65
CA ILE G 134 -27.81 -8.65 -34.64
C ILE G 134 -27.47 -7.32 -33.97
N PHE G 135 -28.17 -6.97 -32.89
CA PHE G 135 -27.83 -5.75 -32.18
C PHE G 135 -26.49 -5.86 -31.47
N ALA G 136 -26.07 -7.07 -31.12
CA ALA G 136 -24.69 -7.28 -30.67
C ALA G 136 -23.73 -7.22 -31.85
N GLU G 137 -24.17 -7.71 -33.02
CA GLU G 137 -23.29 -7.78 -34.18
C GLU G 137 -22.83 -6.40 -34.63
N VAL G 138 -23.76 -5.45 -34.70
CA VAL G 138 -23.42 -4.13 -35.26
C VAL G 138 -22.38 -3.41 -34.42
N LEU G 139 -22.22 -3.77 -33.14
CA LEU G 139 -21.16 -3.16 -32.35
C LEU G 139 -19.80 -3.47 -32.96
N GLY G 140 -19.64 -4.65 -33.55
CA GLY G 140 -18.43 -4.92 -34.30
C GLY G 140 -18.36 -4.12 -35.58
N LEU G 141 -19.49 -3.94 -36.26
CA LEU G 141 -19.50 -3.25 -37.55
C LEU G 141 -19.08 -1.80 -37.41
N TYR G 142 -19.50 -1.13 -36.33
CA TYR G 142 -19.07 0.25 -36.12
C TYR G 142 -17.55 0.33 -35.97
N GLY G 143 -16.96 -0.66 -35.30
CA GLY G 143 -15.50 -0.70 -35.23
C GLY G 143 -14.86 -0.81 -36.59
N LEU G 144 -15.42 -1.65 -37.46
CA LEU G 144 -14.90 -1.79 -38.81
C LEU G 144 -14.98 -0.48 -39.59
N ILE G 145 -16.12 0.21 -39.47
CA ILE G 145 -16.32 1.44 -40.24
C ILE G 145 -15.30 2.49 -39.83
N VAL G 146 -15.11 2.67 -38.52
CA VAL G 146 -14.15 3.67 -38.06
C VAL G 146 -12.75 3.30 -38.52
N ALA G 147 -12.39 2.02 -38.42
CA ALA G 147 -11.06 1.59 -38.84
C ALA G 147 -10.83 1.88 -40.32
N LEU G 148 -11.82 1.59 -41.16
CA LEU G 148 -11.66 1.83 -42.59
C LEU G 148 -11.54 3.31 -42.91
N LEU G 149 -12.30 4.15 -42.20
CA LEU G 149 -12.19 5.59 -42.40
C LEU G 149 -10.80 6.09 -42.00
N LEU G 150 -10.32 5.65 -40.84
CA LEU G 150 -8.97 6.05 -40.41
C LEU G 150 -7.93 5.59 -41.42
N ASN G 151 -8.03 4.34 -41.88
CA ASN G 151 -7.04 3.81 -42.82
C ASN G 151 -7.06 4.58 -44.13
N SER G 152 -8.26 4.90 -44.63
CA SER G 152 -8.34 5.67 -45.87
C SER G 152 -7.64 7.01 -45.72
N ARG G 153 -7.80 7.65 -44.56
CA ARG G 153 -7.16 8.93 -44.29
C ARG G 153 -5.67 8.80 -44.08
N ALA G 154 -5.21 7.63 -43.65
CA ALA G 154 -3.84 7.49 -43.17
C ALA G 154 -2.77 7.79 -44.22
N THR G 155 -3.10 7.64 -45.51
CA THR G 155 -2.08 7.61 -46.54
C THR G 155 -2.40 8.54 -47.70
N GLN G 156 -3.05 9.67 -47.44
CA GLN G 156 -3.25 10.68 -48.49
C GLN G 156 -2.89 12.05 -47.95
N ASP G 157 -2.26 12.86 -48.81
CA ASP G 157 -1.79 14.19 -48.44
C ASP G 157 -0.75 14.13 -47.32
N VAL G 158 0.10 13.11 -47.36
CA VAL G 158 1.21 12.96 -46.41
C VAL G 158 2.51 13.24 -47.13
N VAL G 159 3.37 14.05 -46.51
CA VAL G 159 4.57 14.58 -47.15
C VAL G 159 5.80 14.16 -46.35
N CYS G 160 6.79 13.62 -47.06
CA CYS G 160 8.19 13.61 -46.62
C CYS G 160 9.04 12.88 -47.63
N THR H 2 8.40 24.05 -27.31
CA THR H 2 8.41 25.50 -27.66
C THR H 2 7.44 25.79 -28.80
N GLU H 3 7.53 25.03 -29.89
CA GLU H 3 6.72 25.29 -31.07
C GLU H 3 5.28 24.85 -30.84
N LEU H 4 4.36 25.49 -31.57
CA LEU H 4 2.94 25.24 -31.38
C LEU H 4 2.47 23.96 -32.05
N CYS H 5 3.11 23.54 -33.13
CA CYS H 5 2.62 22.46 -33.98
C CYS H 5 3.68 21.38 -34.14
N PRO H 6 3.99 20.65 -33.07
CA PRO H 6 5.04 19.63 -33.14
C PRO H 6 4.58 18.39 -33.90
N VAL H 7 5.56 17.60 -34.33
CA VAL H 7 5.30 16.48 -35.23
C VAL H 7 4.47 15.38 -34.59
N TYR H 8 4.49 15.25 -33.26
CA TYR H 8 3.76 14.20 -32.58
C TYR H 8 2.37 14.61 -32.13
N ALA H 9 1.93 15.83 -32.44
CA ALA H 9 0.61 16.28 -32.04
C ALA H 9 -0.52 15.36 -32.51
N PRO H 10 -0.52 14.85 -33.74
CA PRO H 10 -1.65 14.01 -34.18
C PRO H 10 -1.87 12.78 -33.31
N PHE H 11 -0.89 12.38 -32.50
CA PHE H 11 -1.04 11.18 -31.69
C PHE H 11 -2.27 11.28 -30.79
N PHE H 12 -2.45 12.43 -30.13
CA PHE H 12 -3.58 12.58 -29.22
C PHE H 12 -4.91 12.55 -29.96
N GLY H 13 -4.94 13.06 -31.19
CA GLY H 13 -6.16 12.96 -31.98
C GLY H 13 -6.51 11.53 -32.32
N ALA H 14 -5.51 10.75 -32.74
CA ALA H 14 -5.76 9.35 -33.08
C ALA H 14 -6.28 8.58 -31.88
N ILE H 15 -5.68 8.80 -30.70
CA ILE H 15 -6.18 8.16 -29.48
C ILE H 15 -7.61 8.63 -29.19
N GLY H 16 -7.87 9.93 -29.33
CA GLY H 16 -9.21 10.43 -29.10
C GLY H 16 -10.23 9.83 -30.03
N CYS H 17 -9.87 9.68 -31.31
CA CYS H 17 -10.78 9.08 -32.28
C CYS H 17 -11.12 7.65 -31.90
N ALA H 18 -10.09 6.84 -31.63
CA ALA H 18 -10.33 5.44 -31.27
C ALA H 18 -11.04 5.33 -29.92
N SER H 19 -10.66 6.17 -28.94
CA SER H 19 -11.23 6.08 -27.62
C SER H 19 -12.74 6.32 -27.63
N ALA H 20 -13.22 7.16 -28.54
CA ALA H 20 -14.64 7.51 -28.56
C ALA H 20 -15.50 6.27 -28.83
N ILE H 21 -15.07 5.43 -29.76
CA ILE H 21 -15.89 4.28 -30.15
C ILE H 21 -15.64 3.10 -29.22
N ILE H 22 -14.39 2.89 -28.81
CA ILE H 22 -14.06 1.72 -28.00
C ILE H 22 -14.91 1.69 -26.73
N PHE H 23 -14.77 2.71 -25.89
CA PHE H 23 -15.46 2.68 -24.60
C PHE H 23 -16.97 2.71 -24.77
N THR H 24 -17.47 3.36 -25.81
CA THR H 24 -18.91 3.33 -26.06
C THR H 24 -19.37 1.92 -26.43
N SER H 25 -18.56 1.20 -27.20
CA SER H 25 -18.91 -0.17 -27.57
C SER H 25 -18.92 -1.09 -26.35
N LEU H 26 -17.99 -0.88 -25.41
CA LEU H 26 -18.02 -1.65 -24.17
C LEU H 26 -19.29 -1.38 -23.38
N GLY H 27 -19.72 -0.12 -23.33
CA GLY H 27 -20.97 0.20 -22.66
C GLY H 27 -22.17 -0.45 -23.32
N ALA H 28 -22.25 -0.35 -24.65
CA ALA H 28 -23.38 -0.94 -25.36
C ALA H 28 -23.36 -2.47 -25.28
N ALA H 29 -22.17 -3.07 -25.25
CA ALA H 29 -22.09 -4.53 -25.16
C ALA H 29 -22.65 -5.04 -23.84
N TYR H 30 -22.24 -4.40 -22.73
CA TYR H 30 -22.75 -4.82 -21.42
C TYR H 30 -24.25 -4.60 -21.31
N GLY H 31 -24.74 -3.46 -21.80
CA GLY H 31 -26.18 -3.23 -21.77
C GLY H 31 -26.96 -4.26 -22.54
N THR H 32 -26.45 -4.69 -23.70
CA THR H 32 -27.11 -5.73 -24.47
C THR H 32 -27.03 -7.07 -23.76
N ALA H 33 -25.88 -7.40 -23.16
CA ALA H 33 -25.70 -8.71 -22.54
C ALA H 33 -26.66 -8.88 -21.37
N LYS H 34 -26.66 -7.94 -20.42
CA LYS H 34 -27.52 -8.08 -19.25
C LYS H 34 -28.99 -8.06 -19.64
N SER H 35 -29.38 -7.15 -20.54
CA SER H 35 -30.76 -7.11 -21.00
C SER H 35 -31.14 -8.41 -21.71
N GLY H 36 -30.24 -8.92 -22.55
CA GLY H 36 -30.56 -10.12 -23.31
C GLY H 36 -30.84 -11.32 -22.42
N VAL H 37 -30.02 -11.51 -21.38
CA VAL H 37 -30.24 -12.63 -20.47
C VAL H 37 -31.60 -12.49 -19.81
N GLY H 38 -31.98 -11.27 -19.42
CA GLY H 38 -33.30 -11.06 -18.84
C GLY H 38 -34.42 -11.42 -19.77
N ILE H 39 -34.31 -11.02 -21.04
CA ILE H 39 -35.37 -11.32 -22.02
C ILE H 39 -35.47 -12.83 -22.22
N CYS H 40 -34.35 -13.50 -22.42
CA CYS H 40 -34.39 -14.94 -22.69
C CYS H 40 -34.95 -15.71 -21.52
N ALA H 41 -34.76 -15.21 -20.29
CA ALA H 41 -35.24 -15.93 -19.11
C ALA H 41 -36.76 -15.88 -19.01
N THR H 42 -37.35 -14.70 -19.18
CA THR H 42 -38.78 -14.53 -18.94
C THR H 42 -39.62 -14.98 -20.14
N CYS H 43 -39.13 -14.73 -21.35
CA CYS H 43 -39.94 -15.00 -22.54
C CYS H 43 -40.17 -16.47 -22.78
N VAL H 44 -39.50 -17.35 -22.04
CA VAL H 44 -39.80 -18.78 -22.14
C VAL H 44 -41.26 -19.04 -21.80
N LEU H 45 -41.78 -18.35 -20.80
CA LEU H 45 -43.16 -18.51 -20.39
C LEU H 45 -44.11 -17.45 -20.96
N ARG H 46 -43.59 -16.32 -21.42
CA ARG H 46 -44.41 -15.22 -21.91
C ARG H 46 -43.92 -14.74 -23.28
N PRO H 47 -44.06 -15.56 -24.32
CA PRO H 47 -43.72 -15.08 -25.67
C PRO H 47 -44.60 -13.94 -26.14
N ASP H 48 -45.79 -13.77 -25.57
CA ASP H 48 -46.74 -12.80 -26.10
C ASP H 48 -46.27 -11.36 -25.96
N LEU H 49 -45.29 -11.09 -25.10
CA LEU H 49 -44.74 -9.74 -24.95
C LEU H 49 -43.24 -9.71 -25.25
N LEU H 50 -42.76 -10.62 -26.08
CA LEU H 50 -41.36 -10.62 -26.47
C LEU H 50 -40.96 -9.31 -27.13
N PHE H 51 -41.73 -8.88 -28.12
CA PHE H 51 -41.37 -7.69 -28.90
C PHE H 51 -41.53 -6.40 -28.11
N LYS H 52 -42.28 -6.42 -27.00
CA LYS H 52 -42.32 -5.28 -26.11
C LYS H 52 -41.11 -5.28 -25.18
N ASN H 53 -40.63 -6.45 -24.79
CA ASN H 53 -39.49 -6.56 -23.88
C ASN H 53 -38.18 -6.16 -24.52
N ILE H 54 -38.12 -6.04 -25.85
CA ILE H 54 -36.85 -5.83 -26.54
C ILE H 54 -36.36 -4.39 -26.41
N VAL H 55 -37.19 -3.48 -25.91
CA VAL H 55 -36.89 -2.04 -25.94
C VAL H 55 -35.56 -1.73 -25.25
N PRO H 56 -35.27 -2.30 -24.08
CA PRO H 56 -34.00 -1.96 -23.42
C PRO H 56 -32.78 -2.24 -24.30
N VAL H 57 -32.85 -3.27 -25.15
CA VAL H 57 -31.75 -3.54 -26.06
C VAL H 57 -31.62 -2.42 -27.08
N ILE H 58 -32.75 -1.90 -27.56
CA ILE H 58 -32.70 -0.75 -28.47
C ILE H 58 -32.06 0.44 -27.76
N MET H 59 -32.43 0.66 -26.49
CA MET H 59 -31.90 1.78 -25.74
C MET H 59 -30.37 1.68 -25.64
N ALA H 60 -29.86 0.50 -25.32
CA ALA H 60 -28.41 0.31 -25.26
C ALA H 60 -27.78 0.48 -26.64
N GLY H 61 -28.45 0.02 -27.68
CA GLY H 61 -27.89 0.13 -29.02
C GLY H 61 -27.68 1.57 -29.45
N ILE H 62 -28.56 2.48 -29.02
CA ILE H 62 -28.45 3.88 -29.43
C ILE H 62 -27.17 4.50 -28.88
N ILE H 63 -26.75 4.09 -27.68
CA ILE H 63 -25.55 4.66 -27.09
C ILE H 63 -24.36 4.47 -28.01
N ALA H 64 -24.29 3.33 -28.71
CA ALA H 64 -23.21 3.10 -29.64
C ALA H 64 -23.16 4.19 -30.71
N ILE H 65 -24.31 4.73 -31.10
CA ILE H 65 -24.33 5.73 -32.16
C ILE H 65 -23.63 7.01 -31.71
N TYR H 66 -23.76 7.37 -30.42
CA TYR H 66 -23.05 8.53 -29.92
C TYR H 66 -21.55 8.40 -30.15
N GLY H 67 -21.00 7.21 -29.89
CA GLY H 67 -19.58 7.00 -30.14
C GLY H 67 -19.23 7.14 -31.60
N LEU H 68 -20.08 6.62 -32.49
CA LEU H 68 -19.78 6.62 -33.91
C LEU H 68 -19.67 8.05 -34.46
N VAL H 69 -20.64 8.90 -34.13
CA VAL H 69 -20.68 10.24 -34.73
C VAL H 69 -19.50 11.07 -34.24
N VAL H 70 -19.20 11.02 -32.95
CA VAL H 70 -18.03 11.75 -32.43
C VAL H 70 -16.76 11.20 -33.04
N SER H 71 -16.64 9.87 -33.12
CA SER H 71 -15.45 9.28 -33.71
C SER H 71 -15.28 9.72 -35.16
N VAL H 72 -16.37 9.73 -35.93
CA VAL H 72 -16.28 10.15 -37.33
C VAL H 72 -15.94 11.64 -37.42
N LEU H 73 -16.58 12.47 -36.59
CA LEU H 73 -16.32 13.90 -36.65
C LEU H 73 -14.86 14.21 -36.29
N VAL H 74 -14.33 13.52 -35.28
CA VAL H 74 -12.91 13.68 -34.97
C VAL H 74 -12.04 13.15 -36.11
N CYS H 75 -12.45 12.04 -36.73
CA CYS H 75 -11.62 11.40 -37.74
C CYS H 75 -11.33 12.35 -38.89
N TYR H 76 -12.36 13.06 -39.37
CA TYR H 76 -12.17 13.98 -40.50
C TYR H 76 -11.38 15.23 -40.13
N SER H 77 -11.02 15.40 -38.85
CA SER H 77 -10.25 16.54 -38.41
C SER H 77 -8.76 16.26 -38.25
N LEU H 78 -8.35 15.00 -38.32
CA LEU H 78 -6.94 14.66 -38.18
C LEU H 78 -6.14 15.12 -39.40
N GLY H 79 -4.97 15.69 -39.16
CA GLY H 79 -4.06 16.06 -40.23
C GLY H 79 -2.63 15.88 -39.79
N GLN H 80 -1.73 15.84 -40.77
CA GLN H 80 -0.32 15.62 -40.46
C GLN H 80 0.26 16.78 -39.66
N LYS H 81 -0.08 18.01 -40.05
CA LYS H 81 0.37 19.21 -39.35
C LYS H 81 -0.81 19.85 -38.66
N GLN H 82 -0.78 19.89 -37.33
CA GLN H 82 -1.87 20.49 -36.57
C GLN H 82 -1.34 20.91 -35.22
N ALA H 83 -2.07 21.83 -34.59
CA ALA H 83 -1.65 22.38 -33.31
C ALA H 83 -1.75 21.34 -32.21
N LEU H 84 -0.82 21.43 -31.25
CA LEU H 84 -0.91 20.59 -30.08
C LEU H 84 -2.21 20.85 -29.33
N TYR H 85 -2.68 22.10 -29.35
CA TYR H 85 -3.94 22.45 -28.70
C TYR H 85 -5.10 21.63 -29.25
N THR H 86 -5.22 21.56 -30.57
CA THR H 86 -6.31 20.79 -31.16
C THR H 86 -6.11 19.30 -30.92
N GLY H 87 -4.87 18.87 -30.69
CA GLY H 87 -4.66 17.49 -30.25
C GLY H 87 -5.28 17.21 -28.90
N PHE H 88 -5.08 18.11 -27.94
CA PHE H 88 -5.62 17.92 -26.60
C PHE H 88 -7.14 17.97 -26.59
N ILE H 89 -7.72 18.94 -27.31
CA ILE H 89 -9.17 19.09 -27.29
C ILE H 89 -9.84 17.85 -27.88
N GLN H 90 -9.27 17.29 -28.95
CA GLN H 90 -9.85 16.10 -29.55
C GLN H 90 -9.73 14.90 -28.62
N LEU H 91 -8.64 14.81 -27.86
CA LEU H 91 -8.56 13.77 -26.83
C LEU H 91 -9.63 13.96 -25.78
N GLY H 92 -9.84 15.21 -25.34
CA GLY H 92 -10.90 15.47 -24.38
C GLY H 92 -12.27 15.12 -24.91
N ALA H 93 -12.52 15.42 -26.19
CA ALA H 93 -13.81 15.08 -26.78
C ALA H 93 -14.03 13.57 -26.77
N GLY H 94 -13.01 12.80 -27.15
CA GLY H 94 -13.18 11.36 -27.19
C GLY H 94 -13.44 10.75 -25.82
N LEU H 95 -12.67 11.16 -24.82
CA LEU H 95 -12.84 10.60 -23.48
C LEU H 95 -14.21 10.95 -22.90
N SER H 96 -14.66 12.19 -23.07
CA SER H 96 -15.87 12.63 -22.39
C SER H 96 -17.08 11.83 -22.84
N VAL H 97 -17.24 11.62 -24.15
CA VAL H 97 -18.35 10.81 -24.64
C VAL H 97 -18.11 9.33 -24.35
N GLY H 98 -16.87 8.87 -24.51
CA GLY H 98 -16.56 7.47 -24.34
C GLY H 98 -16.90 6.94 -22.97
N LEU H 99 -16.34 7.56 -21.92
CA LEU H 99 -16.59 7.07 -20.58
C LEU H 99 -17.96 7.46 -20.05
N SER H 100 -18.62 8.43 -20.69
CA SER H 100 -20.03 8.68 -20.36
C SER H 100 -20.92 7.59 -20.92
N GLY H 101 -20.65 7.14 -22.15
CA GLY H 101 -21.41 6.04 -22.71
C GLY H 101 -21.23 4.76 -21.92
N LEU H 102 -20.02 4.50 -21.43
CA LEU H 102 -19.78 3.33 -20.60
C LEU H 102 -20.62 3.39 -19.32
N ALA H 103 -20.66 4.56 -18.68
CA ALA H 103 -21.45 4.71 -17.46
C ALA H 103 -22.94 4.49 -17.75
N ALA H 104 -23.45 5.13 -18.81
CA ALA H 104 -24.86 4.95 -19.16
C ALA H 104 -25.15 3.51 -19.55
N GLY H 105 -24.22 2.86 -20.24
CA GLY H 105 -24.45 1.48 -20.64
C GLY H 105 -24.61 0.53 -19.47
N PHE H 106 -23.79 0.70 -18.43
CA PHE H 106 -23.93 -0.13 -17.24
C PHE H 106 -25.29 0.08 -16.58
N ALA H 107 -25.73 1.34 -16.47
CA ALA H 107 -27.01 1.61 -15.83
C ALA H 107 -28.16 0.98 -16.61
N ILE H 108 -28.16 1.14 -17.93
CA ILE H 108 -29.25 0.56 -18.74
C ILE H 108 -29.26 -0.96 -18.61
N GLY H 109 -28.09 -1.58 -18.55
CA GLY H 109 -28.04 -3.02 -18.41
C GLY H 109 -28.69 -3.50 -17.13
N ILE H 110 -28.36 -2.85 -16.01
CA ILE H 110 -28.82 -3.33 -14.71
C ILE H 110 -30.32 -3.13 -14.55
N VAL H 111 -30.82 -1.94 -14.89
CA VAL H 111 -32.25 -1.68 -14.67
C VAL H 111 -33.09 -2.32 -15.77
N GLY H 112 -32.53 -2.47 -16.97
CA GLY H 112 -33.24 -3.21 -18.01
C GLY H 112 -33.44 -4.67 -17.63
N ASP H 113 -32.41 -5.29 -17.06
CA ASP H 113 -32.55 -6.66 -16.59
C ASP H 113 -33.60 -6.76 -15.49
N ALA H 114 -33.49 -5.93 -14.46
CA ALA H 114 -34.44 -5.98 -13.36
C ALA H 114 -35.86 -5.65 -13.84
N GLY H 115 -35.99 -4.63 -14.69
CA GLY H 115 -37.31 -4.20 -15.11
C GLY H 115 -38.04 -5.25 -15.92
N VAL H 116 -37.36 -5.84 -16.90
CA VAL H 116 -38.01 -6.80 -17.79
C VAL H 116 -38.39 -8.07 -17.04
N ARG H 117 -37.56 -8.48 -16.08
CA ARG H 117 -37.89 -9.67 -15.30
C ARG H 117 -39.14 -9.44 -14.46
N GLY H 118 -39.30 -8.24 -13.90
CA GLY H 118 -40.46 -7.97 -13.08
C GLY H 118 -41.74 -7.74 -13.87
N SER H 119 -41.61 -7.29 -15.11
CA SER H 119 -42.79 -6.89 -15.89
C SER H 119 -43.69 -8.05 -16.27
N SER H 120 -43.24 -9.30 -16.07
CA SER H 120 -44.08 -10.44 -16.44
C SER H 120 -45.27 -10.59 -15.51
N GLN H 121 -45.05 -10.49 -14.20
CA GLN H 121 -46.13 -10.66 -13.23
C GLN H 121 -46.85 -9.37 -12.89
N GLN H 122 -46.40 -8.22 -13.39
CA GLN H 122 -47.06 -6.94 -13.13
C GLN H 122 -46.98 -6.10 -14.39
N PRO H 123 -48.01 -6.12 -15.24
CA PRO H 123 -47.91 -5.39 -16.52
C PRO H 123 -47.81 -3.88 -16.36
N ARG H 124 -48.32 -3.31 -15.26
CA ARG H 124 -48.24 -1.86 -15.09
C ARG H 124 -46.82 -1.37 -14.92
N LEU H 125 -45.88 -2.27 -14.57
CA LEU H 125 -44.51 -1.87 -14.34
C LEU H 125 -43.80 -1.38 -15.59
N PHE H 126 -44.33 -1.68 -16.78
CA PHE H 126 -43.61 -1.37 -18.00
C PHE H 126 -43.35 0.12 -18.15
N VAL H 127 -44.37 0.95 -17.87
CA VAL H 127 -44.18 2.39 -18.02
C VAL H 127 -43.11 2.89 -17.07
N GLY H 128 -43.02 2.32 -15.87
CA GLY H 128 -41.96 2.68 -14.96
C GLY H 128 -40.58 2.36 -15.53
N MET H 129 -40.44 1.18 -16.13
CA MET H 129 -39.17 0.82 -16.75
C MET H 129 -38.78 1.82 -17.84
N ILE H 130 -39.75 2.20 -18.66
CA ILE H 130 -39.47 3.15 -19.75
C ILE H 130 -38.98 4.47 -19.19
N LEU H 131 -39.62 4.97 -18.13
CA LEU H 131 -39.22 6.24 -17.54
C LEU H 131 -37.79 6.17 -17.02
N ILE H 132 -37.49 5.15 -16.21
CA ILE H 132 -36.18 5.06 -15.59
C ILE H 132 -35.09 4.87 -16.65
N LEU H 133 -35.39 4.13 -17.71
CA LEU H 133 -34.41 3.96 -18.77
C LEU H 133 -34.08 5.28 -19.44
N ILE H 134 -35.09 6.14 -19.63
CA ILE H 134 -34.85 7.44 -20.26
C ILE H 134 -33.89 8.26 -19.40
N PHE H 135 -34.08 8.23 -18.08
CA PHE H 135 -33.16 8.95 -17.20
C PHE H 135 -31.75 8.39 -17.30
N ALA H 136 -31.61 7.08 -17.45
CA ALA H 136 -30.29 6.49 -17.69
C ALA H 136 -29.77 6.88 -19.07
N GLU H 137 -30.67 7.02 -20.04
CA GLU H 137 -30.25 7.29 -21.41
C GLU H 137 -29.61 8.66 -21.55
N VAL H 138 -30.21 9.69 -20.94
CA VAL H 138 -29.73 11.05 -21.15
C VAL H 138 -28.32 11.25 -20.59
N LEU H 139 -27.89 10.39 -19.67
CA LEU H 139 -26.51 10.50 -19.21
C LEU H 139 -25.53 10.35 -20.36
N GLY H 140 -25.87 9.53 -21.36
CA GLY H 140 -25.09 9.50 -22.58
C GLY H 140 -25.21 10.78 -23.39
N LEU H 141 -26.42 11.34 -23.45
CA LEU H 141 -26.64 12.53 -24.27
C LEU H 141 -25.80 13.70 -23.76
N TYR H 142 -25.68 13.86 -22.44
CA TYR H 142 -24.81 14.90 -21.90
C TYR H 142 -23.38 14.70 -22.37
N GLY H 143 -22.92 13.45 -22.42
CA GLY H 143 -21.58 13.18 -22.91
C GLY H 143 -21.40 13.60 -24.35
N LEU H 144 -22.42 13.37 -25.18
CA LEU H 144 -22.36 13.81 -26.58
C LEU H 144 -22.30 15.33 -26.66
N ILE H 145 -23.13 16.02 -25.88
CA ILE H 145 -23.21 17.48 -25.96
C ILE H 145 -21.85 18.09 -25.64
N VAL H 146 -21.22 17.64 -24.55
CA VAL H 146 -19.91 18.16 -24.18
C VAL H 146 -18.90 17.87 -25.28
N ALA H 147 -18.92 16.65 -25.82
CA ALA H 147 -17.96 16.30 -26.87
C ALA H 147 -18.12 17.20 -28.09
N LEU H 148 -19.35 17.45 -28.52
CA LEU H 148 -19.56 18.27 -29.70
C LEU H 148 -19.13 19.71 -29.47
N LEU H 149 -19.35 20.24 -28.26
CA LEU H 149 -18.92 21.60 -27.97
C LEU H 149 -17.40 21.70 -28.00
N LEU H 150 -16.71 20.74 -27.38
CA LEU H 150 -15.25 20.72 -27.45
C LEU H 150 -14.78 20.61 -28.89
N ASN H 151 -15.39 19.71 -29.65
CA ASN H 151 -14.96 19.51 -31.03
C ASN H 151 -15.14 20.78 -31.87
N SER H 152 -16.17 21.56 -31.60
CA SER H 152 -16.35 22.83 -32.31
C SER H 152 -15.23 23.81 -31.95
N ARG H 153 -14.92 23.93 -30.67
CA ARG H 153 -13.87 24.82 -30.20
C ARG H 153 -12.48 24.32 -30.59
N ALA H 154 -12.37 23.09 -31.07
CA ALA H 154 -11.06 22.49 -31.31
C ALA H 154 -10.29 23.13 -32.46
N THR H 155 -10.99 23.81 -33.37
CA THR H 155 -10.37 24.14 -34.66
C THR H 155 -10.45 25.62 -35.01
N GLN H 156 -11.45 26.34 -34.48
CA GLN H 156 -11.58 27.75 -34.83
C GLN H 156 -10.57 28.59 -34.07
N ASP H 157 -9.99 29.56 -34.78
CA ASP H 157 -9.05 30.52 -34.18
C ASP H 157 -7.78 29.83 -33.69
N VAL H 158 -7.30 28.83 -34.43
CA VAL H 158 -6.07 28.12 -34.11
C VAL H 158 -5.00 28.52 -35.12
N VAL H 159 -3.81 28.87 -34.63
CA VAL H 159 -2.76 29.48 -35.44
C VAL H 159 -1.54 28.58 -35.44
N CYS H 160 -1.01 28.33 -36.64
CA CYS H 160 0.40 27.94 -36.84
C CYS H 160 0.64 27.69 -38.33
N THR I 2 11.33 30.49 -16.62
CA THR I 2 10.31 29.56 -17.20
C THR I 2 9.08 30.35 -17.63
N GLU I 3 8.44 29.91 -18.70
CA GLU I 3 7.32 30.64 -19.29
C GLU I 3 6.10 30.60 -18.38
N LEU I 4 5.34 31.70 -18.40
CA LEU I 4 4.04 31.72 -17.75
C LEU I 4 2.97 31.02 -18.58
N CYS I 5 3.14 31.01 -19.90
CA CYS I 5 2.11 30.53 -20.83
C CYS I 5 2.71 29.54 -21.83
N PRO I 6 3.13 28.36 -21.36
CA PRO I 6 3.70 27.36 -22.26
C PRO I 6 2.62 26.67 -23.09
N VAL I 7 3.08 25.95 -24.12
CA VAL I 7 2.16 25.40 -25.12
C VAL I 7 1.30 24.26 -24.57
N TYR I 8 1.72 23.58 -23.52
CA TYR I 8 0.95 22.47 -22.98
C TYR I 8 -0.03 22.90 -21.89
N ALA I 9 -0.12 24.20 -21.58
CA ALA I 9 -1.07 24.64 -20.57
C ALA I 9 -2.51 24.21 -20.87
N PRO I 10 -3.00 24.25 -22.11
CA PRO I 10 -4.39 23.84 -22.36
C PRO I 10 -4.67 22.39 -22.00
N PHE I 11 -3.64 21.55 -21.86
CA PHE I 11 -3.87 20.15 -21.53
C PHE I 11 -4.65 20.02 -20.24
N PHE I 12 -4.25 20.74 -19.20
CA PHE I 12 -4.96 20.66 -17.92
C PHE I 12 -6.39 21.18 -18.04
N GLY I 13 -6.62 22.14 -18.96
CA GLY I 13 -7.99 22.58 -19.20
C GLY I 13 -8.85 21.48 -19.80
N ALA I 14 -8.30 20.78 -20.79
CA ALA I 14 -9.07 19.71 -21.43
C ALA I 14 -9.39 18.60 -20.45
N ILE I 15 -8.41 18.18 -19.65
CA ILE I 15 -8.64 17.11 -18.68
C ILE I 15 -9.61 17.57 -17.60
N GLY I 16 -9.50 18.83 -17.18
CA GLY I 16 -10.47 19.36 -16.23
C GLY I 16 -11.88 19.37 -16.82
N CYS I 17 -12.00 19.82 -18.06
CA CYS I 17 -13.32 19.86 -18.70
C CYS I 17 -13.92 18.47 -18.81
N ALA I 18 -13.13 17.50 -19.28
CA ALA I 18 -13.62 16.14 -19.41
C ALA I 18 -13.94 15.54 -18.04
N SER I 19 -13.07 15.77 -17.05
CA SER I 19 -13.27 15.16 -15.74
C SER I 19 -14.58 15.60 -15.10
N ALA I 20 -15.03 16.81 -15.40
CA ALA I 20 -16.23 17.33 -14.76
C ALA I 20 -17.45 16.49 -15.10
N ILE I 21 -17.54 16.00 -16.34
CA ILE I 21 -18.72 15.26 -16.78
C ILE I 21 -18.53 13.76 -16.57
N ILE I 22 -17.29 13.26 -16.68
CA ILE I 22 -17.06 11.82 -16.58
C ILE I 22 -17.46 11.32 -15.19
N PHE I 23 -16.80 11.81 -14.15
CA PHE I 23 -17.04 11.29 -12.81
C PHE I 23 -18.44 11.64 -12.31
N THR I 24 -18.96 12.81 -12.69
CA THR I 24 -20.33 13.13 -12.33
C THR I 24 -21.30 12.15 -12.97
N SER I 25 -21.04 11.77 -14.23
CA SER I 25 -21.92 10.82 -14.91
C SER I 25 -21.84 9.44 -14.27
N LEU I 26 -20.64 9.00 -13.87
CA LEU I 26 -20.54 7.73 -13.17
C LEU I 26 -21.30 7.74 -11.86
N GLY I 27 -21.35 8.90 -11.18
CA GLY I 27 -22.15 9.00 -9.98
C GLY I 27 -23.63 8.84 -10.25
N ALA I 28 -24.14 9.57 -11.25
CA ALA I 28 -25.56 9.46 -11.58
C ALA I 28 -25.92 8.07 -12.07
N ALA I 29 -25.01 7.42 -12.80
CA ALA I 29 -25.29 6.08 -13.29
C ALA I 29 -25.51 5.10 -12.15
N TYR I 30 -24.63 5.12 -11.15
CA TYR I 30 -24.80 4.26 -9.99
C TYR I 30 -26.07 4.60 -9.23
N GLY I 31 -26.33 5.88 -9.02
CA GLY I 31 -27.54 6.28 -8.31
C GLY I 31 -28.81 5.84 -9.00
N THR I 32 -28.83 5.94 -10.34
CA THR I 32 -29.99 5.46 -11.09
C THR I 32 -30.11 3.94 -10.99
N ALA I 33 -29.00 3.23 -11.10
CA ALA I 33 -29.05 1.76 -11.16
C ALA I 33 -29.60 1.18 -9.85
N LYS I 34 -29.02 1.56 -8.72
CA LYS I 34 -29.44 0.99 -7.44
C LYS I 34 -30.88 1.37 -7.12
N SER I 35 -31.26 2.63 -7.38
CA SER I 35 -32.64 3.04 -7.18
C SER I 35 -33.59 2.28 -8.11
N GLY I 36 -33.19 2.12 -9.37
CA GLY I 36 -34.06 1.45 -10.33
C GLY I 36 -34.36 0.01 -9.93
N VAL I 37 -33.35 -0.71 -9.44
CA VAL I 37 -33.58 -2.08 -9.00
C VAL I 37 -34.59 -2.11 -7.87
N GLY I 38 -34.41 -1.23 -6.88
CA GLY I 38 -35.34 -1.20 -5.76
C GLY I 38 -36.76 -0.87 -6.17
N ILE I 39 -36.91 0.10 -7.08
CA ILE I 39 -38.26 0.49 -7.52
C ILE I 39 -38.93 -0.67 -8.24
N CYS I 40 -38.24 -1.27 -9.20
CA CYS I 40 -38.84 -2.37 -9.95
C CYS I 40 -39.12 -3.58 -9.07
N ALA I 41 -38.33 -3.75 -8.00
CA ALA I 41 -38.50 -4.92 -7.14
C ALA I 41 -39.74 -4.77 -6.26
N THR I 42 -39.99 -3.57 -5.73
CA THR I 42 -41.02 -3.41 -4.71
C THR I 42 -42.41 -3.18 -5.32
N CYS I 43 -42.50 -2.32 -6.34
CA CYS I 43 -43.80 -1.91 -6.85
C CYS I 43 -44.49 -2.99 -7.69
N VAL I 44 -43.91 -4.19 -7.78
CA VAL I 44 -44.67 -5.31 -8.32
C VAL I 44 -45.91 -5.56 -7.47
N LEU I 45 -45.74 -5.49 -6.15
CA LEU I 45 -46.83 -5.75 -5.22
C LEU I 45 -47.75 -4.55 -5.05
N ARG I 46 -47.24 -3.33 -5.29
CA ARG I 46 -48.02 -2.10 -5.08
C ARG I 46 -47.75 -1.15 -6.23
N PRO I 47 -48.50 -1.28 -7.33
CA PRO I 47 -48.18 -0.49 -8.53
C PRO I 47 -48.48 0.99 -8.41
N ASP I 48 -49.55 1.38 -7.73
CA ASP I 48 -50.11 2.72 -7.94
C ASP I 48 -49.25 3.83 -7.36
N LEU I 49 -48.33 3.54 -6.44
CA LEU I 49 -47.44 4.56 -5.91
C LEU I 49 -46.12 4.64 -6.70
N LEU I 50 -46.09 4.12 -7.92
CA LEU I 50 -44.87 4.16 -8.72
C LEU I 50 -44.37 5.59 -8.91
N PHE I 51 -45.28 6.51 -9.23
CA PHE I 51 -44.87 7.89 -9.52
C PHE I 51 -44.45 8.64 -8.28
N LYS I 52 -44.69 8.10 -7.09
CA LYS I 52 -44.12 8.66 -5.86
C LYS I 52 -42.73 8.10 -5.60
N ASN I 53 -42.52 6.82 -5.91
CA ASN I 53 -41.24 6.15 -5.66
C ASN I 53 -40.14 6.55 -6.64
N ILE I 54 -40.48 7.25 -7.73
CA ILE I 54 -39.47 7.63 -8.72
C ILE I 54 -38.60 8.79 -8.27
N VAL I 55 -38.88 9.38 -7.10
CA VAL I 55 -38.12 10.55 -6.67
C VAL I 55 -36.62 10.29 -6.62
N PRO I 56 -36.13 9.21 -6.02
CA PRO I 56 -34.67 9.00 -5.99
C PRO I 56 -34.02 9.03 -7.35
N VAL I 57 -34.69 8.51 -8.38
CA VAL I 57 -34.11 8.54 -9.72
C VAL I 57 -34.00 9.97 -10.23
N ILE I 58 -35.03 10.78 -10.01
CA ILE I 58 -34.94 12.19 -10.36
C ILE I 58 -33.84 12.87 -9.55
N MET I 59 -33.74 12.54 -8.26
CA MET I 59 -32.73 13.16 -7.42
C MET I 59 -31.33 12.88 -7.96
N ALA I 60 -31.07 11.63 -8.33
CA ALA I 60 -29.76 11.28 -8.88
C ALA I 60 -29.53 11.98 -10.22
N GLY I 61 -30.57 12.10 -11.04
CA GLY I 61 -30.41 12.74 -12.34
C GLY I 61 -29.90 14.16 -12.24
N ILE I 62 -30.26 14.88 -11.18
CA ILE I 62 -29.83 16.26 -11.03
C ILE I 62 -28.32 16.36 -10.88
N ILE I 63 -27.69 15.34 -10.29
CA ILE I 63 -26.24 15.38 -10.13
C ILE I 63 -25.55 15.57 -11.47
N ALA I 64 -26.03 14.87 -12.50
CA ALA I 64 -25.41 15.00 -13.81
C ALA I 64 -25.52 16.42 -14.35
N ILE I 65 -26.57 17.15 -13.97
CA ILE I 65 -26.70 18.54 -14.43
C ILE I 65 -25.54 19.38 -13.88
N TYR I 66 -25.18 19.18 -12.62
CA TYR I 66 -24.04 19.92 -12.07
C TYR I 66 -22.80 19.70 -12.90
N GLY I 67 -22.56 18.47 -13.34
CA GLY I 67 -21.39 18.20 -14.18
C GLY I 67 -21.45 18.95 -15.49
N LEU I 68 -22.63 18.98 -16.11
CA LEU I 68 -22.75 19.60 -17.43
C LEU I 68 -22.43 21.09 -17.39
N VAL I 69 -22.99 21.81 -16.41
CA VAL I 69 -22.82 23.26 -16.38
C VAL I 69 -21.37 23.63 -16.10
N VAL I 70 -20.72 22.93 -15.17
CA VAL I 70 -19.30 23.21 -14.92
C VAL I 70 -18.48 22.87 -16.15
N SER I 71 -18.75 21.73 -16.77
CA SER I 71 -17.99 21.33 -17.95
C SER I 71 -18.12 22.37 -19.06
N VAL I 72 -19.33 22.89 -19.25
CA VAL I 72 -19.54 23.90 -20.30
C VAL I 72 -18.83 25.19 -19.94
N LEU I 73 -18.92 25.63 -18.68
CA LEU I 73 -18.28 26.88 -18.29
C LEU I 73 -16.77 26.80 -18.46
N VAL I 74 -16.17 25.66 -18.12
CA VAL I 74 -14.75 25.47 -18.39
C VAL I 74 -14.49 25.45 -19.89
N CYS I 75 -15.36 24.77 -20.65
CA CYS I 75 -15.12 24.59 -22.08
C CYS I 75 -14.96 25.92 -22.79
N TYR I 76 -15.86 26.87 -22.53
CA TYR I 76 -15.82 28.16 -23.19
C TYR I 76 -14.67 29.04 -22.72
N SER I 77 -13.85 28.59 -21.78
CA SER I 77 -12.67 29.32 -21.35
C SER I 77 -11.38 28.70 -21.88
N LEU I 78 -11.46 27.62 -22.65
CA LEU I 78 -10.27 27.05 -23.27
C LEU I 78 -9.75 27.96 -24.37
N GLY I 79 -8.45 27.90 -24.58
CA GLY I 79 -7.82 28.67 -25.65
C GLY I 79 -6.41 28.20 -25.89
N GLN I 80 -5.90 28.55 -27.08
CA GLN I 80 -4.59 28.05 -27.48
C GLN I 80 -3.48 28.62 -26.62
N LYS I 81 -3.56 29.90 -26.27
CA LYS I 81 -2.55 30.57 -25.46
C LYS I 81 -3.19 30.95 -24.13
N GLN I 82 -2.69 30.36 -23.04
CA GLN I 82 -3.22 30.67 -21.72
C GLN I 82 -2.17 30.30 -20.67
N ALA I 83 -2.36 30.87 -19.48
CA ALA I 83 -1.41 30.68 -18.40
C ALA I 83 -1.51 29.27 -17.81
N LEU I 84 -0.39 28.78 -17.29
CA LEU I 84 -0.43 27.55 -16.50
C LEU I 84 -1.39 27.70 -15.33
N TYR I 85 -1.38 28.86 -14.69
CA TYR I 85 -2.23 29.09 -13.52
C TYR I 85 -3.69 28.80 -13.84
N THR I 86 -4.21 29.38 -14.92
CA THR I 86 -5.61 29.12 -15.27
C THR I 86 -5.81 27.67 -15.67
N GLY I 87 -4.78 27.01 -16.18
CA GLY I 87 -4.87 25.57 -16.41
C GLY I 87 -5.03 24.79 -15.13
N PHE I 88 -4.21 25.11 -14.13
CA PHE I 88 -4.30 24.42 -12.84
C PHE I 88 -5.64 24.68 -12.17
N ILE I 89 -6.10 25.94 -12.18
CA ILE I 89 -7.32 26.29 -11.45
C ILE I 89 -8.51 25.52 -12.00
N GLN I 90 -8.64 25.48 -13.33
CA GLN I 90 -9.80 24.82 -13.92
C GLN I 90 -9.67 23.31 -13.94
N LEU I 91 -8.45 22.77 -13.75
CA LEU I 91 -8.33 21.36 -13.40
C LEU I 91 -8.93 21.10 -12.02
N GLY I 92 -8.59 21.94 -11.04
CA GLY I 92 -9.16 21.79 -9.72
C GLY I 92 -10.68 21.95 -9.73
N ALA I 93 -11.19 22.85 -10.55
CA ALA I 93 -12.63 23.01 -10.68
C ALA I 93 -13.28 21.73 -11.21
N GLY I 94 -12.68 21.13 -12.24
CA GLY I 94 -13.24 19.92 -12.79
C GLY I 94 -13.26 18.76 -11.81
N LEU I 95 -12.16 18.56 -11.10
CA LEU I 95 -12.09 17.45 -10.14
C LEU I 95 -13.06 17.64 -8.98
N SER I 96 -13.15 18.87 -8.44
CA SER I 96 -13.90 19.08 -7.22
C SER I 96 -15.39 18.79 -7.40
N VAL I 97 -15.98 19.25 -8.50
CA VAL I 97 -17.38 18.94 -8.77
C VAL I 97 -17.54 17.47 -9.14
N GLY I 98 -16.59 16.94 -9.91
CA GLY I 98 -16.69 15.57 -10.39
C GLY I 98 -16.71 14.55 -9.28
N LEU I 99 -15.67 14.54 -8.46
CA LEU I 99 -15.55 13.52 -7.42
C LEU I 99 -16.49 13.77 -6.24
N SER I 100 -16.95 15.00 -6.06
CA SER I 100 -18.04 15.23 -5.10
C SER I 100 -19.34 14.66 -5.63
N GLY I 101 -19.61 14.85 -6.92
CA GLY I 101 -20.80 14.26 -7.52
C GLY I 101 -20.79 12.75 -7.46
N LEU I 102 -19.62 12.15 -7.66
CA LEU I 102 -19.51 10.70 -7.54
C LEU I 102 -19.85 10.24 -6.13
N ALA I 103 -19.38 10.97 -5.11
CA ALA I 103 -19.69 10.61 -3.73
C ALA I 103 -21.18 10.75 -3.46
N ALA I 104 -21.80 11.83 -3.94
CA ALA I 104 -23.24 12.00 -3.74
C ALA I 104 -24.03 10.91 -4.44
N GLY I 105 -23.58 10.48 -5.62
CA GLY I 105 -24.30 9.43 -6.33
C GLY I 105 -24.36 8.13 -5.55
N PHE I 106 -23.25 7.75 -4.91
CA PHE I 106 -23.26 6.55 -4.08
C PHE I 106 -24.25 6.68 -2.95
N ALA I 107 -24.28 7.83 -2.28
CA ALA I 107 -25.19 8.03 -1.16
C ALA I 107 -26.64 7.94 -1.60
N ILE I 108 -26.98 8.61 -2.70
CA ILE I 108 -28.37 8.59 -3.19
C ILE I 108 -28.77 7.18 -3.60
N GLY I 109 -27.86 6.45 -4.22
CA GLY I 109 -28.18 5.09 -4.65
C GLY I 109 -28.50 4.17 -3.48
N ILE I 110 -27.66 4.20 -2.44
CA ILE I 110 -27.81 3.25 -1.34
C ILE I 110 -29.04 3.57 -0.51
N VAL I 111 -29.26 4.83 -0.17
CA VAL I 111 -30.41 5.17 0.65
C VAL I 111 -31.69 5.21 -0.17
N GLY I 112 -31.60 5.45 -1.48
CA GLY I 112 -32.77 5.31 -2.33
C GLY I 112 -33.26 3.88 -2.41
N ASP I 113 -32.33 2.93 -2.62
CA ASP I 113 -32.71 1.52 -2.66
C ASP I 113 -33.32 1.07 -1.34
N ALA I 114 -32.62 1.33 -0.23
CA ALA I 114 -33.12 0.89 1.07
C ALA I 114 -34.40 1.61 1.46
N GLY I 115 -34.51 2.90 1.14
CA GLY I 115 -35.69 3.65 1.54
C GLY I 115 -36.95 3.25 0.78
N VAL I 116 -36.82 3.00 -0.52
CA VAL I 116 -38.00 2.70 -1.34
C VAL I 116 -38.65 1.41 -0.87
N ARG I 117 -37.85 0.38 -0.60
CA ARG I 117 -38.43 -0.89 -0.16
C ARG I 117 -39.20 -0.71 1.14
N GLY I 118 -38.66 0.07 2.07
CA GLY I 118 -39.37 0.33 3.32
C GLY I 118 -40.63 1.15 3.12
N SER I 119 -40.57 2.18 2.27
CA SER I 119 -41.70 3.09 2.11
C SER I 119 -42.92 2.38 1.57
N SER I 120 -42.77 1.21 0.93
CA SER I 120 -43.91 0.52 0.37
C SER I 120 -44.82 -0.06 1.46
N GLN I 121 -44.26 -0.37 2.63
CA GLN I 121 -45.01 -1.04 3.68
C GLN I 121 -45.08 -0.24 4.98
N GLN I 122 -44.74 1.05 4.93
CA GLN I 122 -44.99 1.94 6.07
C GLN I 122 -45.13 3.36 5.51
N PRO I 123 -46.36 3.75 5.15
CA PRO I 123 -46.52 4.99 4.37
C PRO I 123 -46.03 6.24 5.08
N ARG I 124 -45.93 6.24 6.40
CA ARG I 124 -45.40 7.40 7.11
C ARG I 124 -43.93 7.62 6.81
N LEU I 125 -43.24 6.61 6.27
CA LEU I 125 -41.79 6.68 6.11
C LEU I 125 -41.36 7.58 4.95
N PHE I 126 -42.26 7.89 4.01
CA PHE I 126 -41.84 8.63 2.82
C PHE I 126 -41.29 10.00 3.17
N VAL I 127 -41.92 10.71 4.11
CA VAL I 127 -41.43 12.03 4.47
C VAL I 127 -40.01 11.96 4.99
N GLY I 128 -39.70 10.93 5.77
CA GLY I 128 -38.34 10.74 6.23
C GLY I 128 -37.40 10.39 5.09
N MET I 129 -37.84 9.49 4.19
CA MET I 129 -36.96 9.03 3.12
C MET I 129 -36.56 10.18 2.21
N ILE I 130 -37.51 11.04 1.84
CA ILE I 130 -37.20 12.15 0.95
C ILE I 130 -36.36 13.19 1.65
N LEU I 131 -36.47 13.28 2.98
CA LEU I 131 -35.71 14.28 3.72
C LEU I 131 -34.26 13.87 3.91
N ILE I 132 -33.98 12.57 4.03
CA ILE I 132 -32.60 12.11 4.09
C ILE I 132 -31.90 12.35 2.76
N LEU I 133 -32.61 12.11 1.65
CA LEU I 133 -32.01 12.31 0.33
C LEU I 133 -31.47 13.73 0.18
N ILE I 134 -32.13 14.72 0.77
CA ILE I 134 -31.70 16.10 0.60
C ILE I 134 -30.35 16.32 1.26
N PHE I 135 -30.10 15.66 2.40
CA PHE I 135 -28.78 15.75 3.01
C PHE I 135 -27.71 15.12 2.13
N ALA I 136 -28.04 14.06 1.40
CA ALA I 136 -27.13 13.52 0.42
C ALA I 136 -27.01 14.45 -0.79
N GLU I 137 -28.10 15.10 -1.16
CA GLU I 137 -28.11 15.93 -2.36
C GLU I 137 -27.15 17.12 -2.23
N VAL I 138 -27.12 17.77 -1.07
CA VAL I 138 -26.31 18.97 -0.92
C VAL I 138 -24.82 18.68 -1.07
N LEU I 139 -24.40 17.43 -0.90
CA LEU I 139 -22.99 17.12 -1.12
C LEU I 139 -22.58 17.41 -2.54
N GLY I 140 -23.49 17.21 -3.50
CA GLY I 140 -23.23 17.67 -4.86
C GLY I 140 -23.21 19.19 -4.95
N LEU I 141 -24.11 19.86 -4.22
CA LEU I 141 -24.21 21.31 -4.30
C LEU I 141 -22.95 21.98 -3.77
N TYR I 142 -22.38 21.46 -2.67
CA TYR I 142 -21.12 22.00 -2.19
C TYR I 142 -20.04 21.89 -3.25
N GLY I 143 -19.97 20.74 -3.95
CA GLY I 143 -18.98 20.59 -5.00
C GLY I 143 -19.16 21.60 -6.11
N LEU I 144 -20.40 21.84 -6.52
CA LEU I 144 -20.66 22.83 -7.56
C LEU I 144 -20.21 24.21 -7.12
N ILE I 145 -20.50 24.57 -5.87
CA ILE I 145 -20.17 25.92 -5.39
C ILE I 145 -18.67 26.15 -5.43
N VAL I 146 -17.88 25.19 -4.94
CA VAL I 146 -16.43 25.35 -4.95
C VAL I 146 -15.93 25.43 -6.39
N ALA I 147 -16.49 24.61 -7.28
CA ALA I 147 -16.06 24.64 -8.68
C ALA I 147 -16.34 25.99 -9.31
N LEU I 148 -17.50 26.57 -9.05
CA LEU I 148 -17.84 27.87 -9.62
C LEU I 148 -16.96 28.97 -9.07
N LEU I 149 -16.64 28.92 -7.77
CA LEU I 149 -15.75 29.91 -7.19
C LEU I 149 -14.37 29.84 -7.83
N LEU I 150 -13.81 28.64 -7.92
CA LEU I 150 -12.51 28.48 -8.56
C LEU I 150 -12.55 28.99 -10.00
N ASN I 151 -13.59 28.61 -10.75
CA ASN I 151 -13.66 28.98 -12.15
C ASN I 151 -13.71 30.49 -12.32
N SER I 152 -14.45 31.19 -11.45
CA SER I 152 -14.50 32.64 -11.53
C SER I 152 -13.13 33.25 -11.32
N ARG I 153 -12.36 32.70 -10.38
CA ARG I 153 -11.01 33.16 -10.10
C ARG I 153 -10.00 32.73 -11.15
N ALA I 154 -10.38 31.84 -12.06
CA ALA I 154 -9.42 31.27 -13.01
C ALA I 154 -8.95 32.27 -14.05
N THR I 155 -9.74 33.30 -14.36
CA THR I 155 -9.48 34.15 -15.52
C THR I 155 -9.46 35.63 -15.18
N GLN I 156 -9.12 36.00 -13.94
CA GLN I 156 -8.96 37.40 -13.58
C GLN I 156 -7.58 37.61 -12.98
N ASP I 157 -7.02 38.80 -13.25
CA ASP I 157 -5.68 39.19 -12.81
C ASP I 157 -4.57 38.35 -13.45
N VAL I 158 -4.89 37.57 -14.48
CA VAL I 158 -3.89 36.75 -15.16
C VAL I 158 -3.16 37.59 -16.20
N VAL I 159 -1.87 37.35 -16.34
CA VAL I 159 -1.00 38.12 -17.23
C VAL I 159 -0.12 37.18 -18.03
N CYS I 160 -0.04 37.41 -19.34
CA CYS I 160 1.07 36.94 -20.18
C CYS I 160 0.86 37.40 -21.62
N THR J 2 17.83 29.16 -7.01
CA THR J 2 16.47 28.76 -7.45
C THR J 2 15.43 29.77 -7.01
N GLU J 3 14.40 29.97 -7.85
CA GLU J 3 13.38 30.97 -7.56
C GLU J 3 12.53 30.57 -6.37
N LEU J 4 12.11 31.57 -5.60
CA LEU J 4 11.16 31.35 -4.52
C LEU J 4 9.74 31.15 -5.05
N CYS J 5 9.46 31.64 -6.25
CA CYS J 5 8.09 31.72 -6.78
C CYS J 5 8.03 31.13 -8.19
N PRO J 6 8.24 29.82 -8.33
CA PRO J 6 8.19 29.21 -9.66
C PRO J 6 6.77 29.12 -10.19
N VAL J 7 6.67 28.95 -11.51
CA VAL J 7 5.37 29.03 -12.17
C VAL J 7 4.42 27.91 -11.77
N TYR J 8 4.94 26.76 -11.32
CA TYR J 8 4.07 25.67 -10.92
C TYR J 8 3.58 25.76 -9.48
N ALA J 9 3.97 26.80 -8.74
CA ALA J 9 3.56 26.92 -7.35
C ALA J 9 2.05 26.85 -7.16
N PRO J 10 1.23 27.49 -7.98
CA PRO J 10 -0.23 27.41 -7.75
C PRO J 10 -0.78 26.00 -7.84
N PHE J 11 -0.06 25.05 -8.45
CA PHE J 11 -0.59 23.71 -8.60
C PHE J 11 -0.93 23.10 -7.25
N PHE J 12 0.01 23.14 -6.30
CA PHE J 12 -0.26 22.57 -4.99
C PHE J 12 -1.38 23.32 -4.27
N GLY J 13 -1.60 24.58 -4.62
CA GLY J 13 -2.76 25.28 -4.09
C GLY J 13 -4.06 24.72 -4.62
N ALA J 14 -4.13 24.50 -5.94
CA ALA J 14 -5.35 23.98 -6.53
C ALA J 14 -5.65 22.57 -6.01
N ILE J 15 -4.62 21.72 -5.92
CA ILE J 15 -4.83 20.39 -5.38
C ILE J 15 -5.29 20.47 -3.93
N GLY J 16 -4.69 21.34 -3.13
CA GLY J 16 -5.13 21.52 -1.76
C GLY J 16 -6.56 22.02 -1.68
N CYS J 17 -6.93 22.98 -2.54
CA CYS J 17 -8.28 23.52 -2.52
C CYS J 17 -9.30 22.44 -2.87
N ALA J 18 -9.05 21.69 -3.94
CA ALA J 18 -9.99 20.63 -4.33
C ALA J 18 -9.99 19.48 -3.34
N SER J 19 -8.81 19.09 -2.85
CA SER J 19 -8.74 17.95 -1.95
C SER J 19 -9.53 18.19 -0.66
N ALA J 20 -9.63 19.44 -0.22
CA ALA J 20 -10.33 19.72 1.04
C ALA J 20 -11.79 19.31 0.96
N ILE J 21 -12.44 19.57 -0.17
CA ILE J 21 -13.86 19.27 -0.29
C ILE J 21 -14.10 17.84 -0.79
N ILE J 22 -13.19 17.27 -1.58
CA ILE J 22 -13.40 15.95 -2.13
C ILE J 22 -13.46 14.91 -1.02
N PHE J 23 -12.38 14.79 -0.25
CA PHE J 23 -12.31 13.77 0.79
C PHE J 23 -13.38 13.99 1.85
N THR J 24 -13.66 15.25 2.19
CA THR J 24 -14.68 15.52 3.19
C THR J 24 -16.05 15.06 2.70
N SER J 25 -16.31 15.18 1.40
CA SER J 25 -17.59 14.72 0.87
C SER J 25 -17.71 13.21 0.90
N LEU J 26 -16.60 12.50 0.64
CA LEU J 26 -16.64 11.05 0.74
C LEU J 26 -16.93 10.59 2.16
N GLY J 27 -16.37 11.28 3.16
CA GLY J 27 -16.70 10.96 4.54
C GLY J 27 -18.16 11.21 4.86
N ALA J 28 -18.67 12.38 4.49
CA ALA J 28 -20.08 12.68 4.75
C ALA J 28 -21.00 11.76 3.98
N ALA J 29 -20.63 11.38 2.76
CA ALA J 29 -21.47 10.48 1.98
C ALA J 29 -21.61 9.12 2.66
N TYR J 30 -20.49 8.55 3.11
CA TYR J 30 -20.54 7.24 3.76
C TYR J 30 -21.33 7.32 5.07
N GLY J 31 -21.12 8.37 5.86
CA GLY J 31 -21.89 8.52 7.07
C GLY J 31 -23.39 8.62 6.82
N THR J 32 -23.77 9.32 5.74
CA THR J 32 -25.17 9.41 5.38
C THR J 32 -25.72 8.06 4.93
N ALA J 33 -24.95 7.32 4.13
CA ALA J 33 -25.45 6.06 3.58
C ALA J 33 -25.71 5.03 4.67
N LYS J 34 -24.70 4.77 5.52
CA LYS J 34 -24.86 3.75 6.55
C LYS J 34 -25.99 4.11 7.51
N SER J 35 -26.05 5.37 7.94
CA SER J 35 -27.13 5.79 8.82
C SER J 35 -28.48 5.67 8.14
N GLY J 36 -28.55 6.04 6.85
CA GLY J 36 -29.81 5.98 6.15
C GLY J 36 -30.39 4.59 6.08
N VAL J 37 -29.54 3.59 5.81
CA VAL J 37 -30.02 2.21 5.77
C VAL J 37 -30.57 1.80 7.13
N GLY J 38 -29.85 2.15 8.21
CA GLY J 38 -30.33 1.80 9.53
C GLY J 38 -31.68 2.44 9.85
N ILE J 39 -31.82 3.72 9.54
CA ILE J 39 -33.09 4.41 9.80
C ILE J 39 -34.22 3.75 9.03
N CYS J 40 -34.02 3.53 7.73
CA CYS J 40 -35.09 2.96 6.91
C CYS J 40 -35.42 1.53 7.35
N ALA J 41 -34.41 0.77 7.77
CA ALA J 41 -34.65 -0.62 8.15
C ALA J 41 -35.52 -0.73 9.38
N THR J 42 -35.33 0.16 10.37
CA THR J 42 -36.00 0.01 11.66
C THR J 42 -37.28 0.81 11.76
N CYS J 43 -37.39 1.95 11.08
CA CYS J 43 -38.57 2.79 11.24
C CYS J 43 -39.81 2.20 10.57
N VAL J 44 -39.69 1.09 9.85
CA VAL J 44 -40.88 0.45 9.29
C VAL J 44 -41.82 0.03 10.41
N LEU J 45 -41.28 -0.58 11.46
CA LEU J 45 -42.11 -1.02 12.58
C LEU J 45 -42.38 0.09 13.58
N ARG J 46 -41.46 1.05 13.70
CA ARG J 46 -41.57 2.12 14.70
C ARG J 46 -41.44 3.47 14.00
N PRO J 47 -42.49 3.89 13.29
CA PRO J 47 -42.42 5.17 12.57
C PRO J 47 -42.44 6.39 13.47
N ASP J 48 -42.89 6.26 14.72
CA ASP J 48 -43.10 7.44 15.56
C ASP J 48 -41.80 8.11 15.99
N LEU J 49 -40.66 7.43 15.87
CA LEU J 49 -39.39 7.95 16.37
C LEU J 49 -38.41 8.32 15.26
N LEU J 50 -38.87 8.42 14.02
CA LEU J 50 -37.95 8.69 12.92
C LEU J 50 -37.23 10.03 13.13
N PHE J 51 -37.99 11.07 13.49
CA PHE J 51 -37.40 12.40 13.62
C PHE J 51 -36.52 12.53 14.86
N LYS J 52 -36.47 11.51 15.71
CA LYS J 52 -35.46 11.43 16.76
C LYS J 52 -34.22 10.69 16.26
N ASN J 53 -34.42 9.62 15.50
CA ASN J 53 -33.32 8.79 15.01
C ASN J 53 -32.54 9.42 13.87
N ILE J 54 -32.99 10.56 13.33
CA ILE J 54 -32.34 11.14 12.15
C ILE J 54 -31.05 11.87 12.48
N VAL J 55 -30.71 12.01 13.77
CA VAL J 55 -29.59 12.84 14.20
C VAL J 55 -28.28 12.41 13.53
N PRO J 56 -27.97 11.12 13.44
CA PRO J 56 -26.69 10.72 12.82
C PRO J 56 -26.53 11.25 11.41
N VAL J 57 -27.62 11.36 10.65
CA VAL J 57 -27.52 11.95 9.32
C VAL J 57 -27.15 13.42 9.41
N ILE J 58 -27.77 14.15 10.35
CA ILE J 58 -27.41 15.55 10.55
C ILE J 58 -25.95 15.65 10.98
N MET J 59 -25.52 14.80 11.90
CA MET J 59 -24.14 14.86 12.39
C MET J 59 -23.16 14.64 11.25
N ALA J 60 -23.43 13.65 10.39
CA ALA J 60 -22.58 13.43 9.23
C ALA J 60 -22.61 14.63 8.28
N GLY J 61 -23.77 15.26 8.14
CA GLY J 61 -23.89 16.39 7.24
C GLY J 61 -23.00 17.56 7.62
N ILE J 62 -22.75 17.74 8.92
CA ILE J 62 -21.95 18.87 9.37
C ILE J 62 -20.52 18.75 8.85
N ILE J 63 -19.99 17.53 8.76
CA ILE J 63 -18.59 17.35 8.39
C ILE J 63 -18.32 17.98 7.03
N ALA J 64 -19.29 17.87 6.11
CA ALA J 64 -19.09 18.48 4.80
C ALA J 64 -18.87 19.99 4.91
N ILE J 65 -19.45 20.63 5.94
CA ILE J 65 -19.30 22.07 6.09
C ILE J 65 -17.87 22.43 6.45
N TYR J 66 -17.21 21.60 7.27
CA TYR J 66 -15.80 21.86 7.58
C TYR J 66 -14.96 21.90 6.31
N GLY J 67 -15.16 20.94 5.41
CA GLY J 67 -14.42 20.94 4.16
C GLY J 67 -14.71 22.17 3.32
N LEU J 68 -15.97 22.61 3.30
CA LEU J 68 -16.35 23.75 2.47
C LEU J 68 -15.61 25.02 2.90
N VAL J 69 -15.61 25.32 4.20
CA VAL J 69 -15.03 26.58 4.66
C VAL J 69 -13.53 26.60 4.43
N VAL J 70 -12.83 25.50 4.71
CA VAL J 70 -11.40 25.46 4.44
C VAL J 70 -11.15 25.60 2.94
N SER J 71 -11.95 24.91 2.12
CA SER J 71 -11.78 25.01 0.68
C SER J 71 -11.96 26.44 0.20
N VAL J 72 -12.97 27.14 0.72
CA VAL J 72 -13.21 28.52 0.30
C VAL J 72 -12.09 29.43 0.81
N LEU J 73 -11.68 29.26 2.06
CA LEU J 73 -10.62 30.11 2.60
C LEU J 73 -9.32 29.93 1.84
N VAL J 74 -9.00 28.69 1.46
CA VAL J 74 -7.83 28.45 0.61
C VAL J 74 -8.04 29.07 -0.77
N CYS J 75 -9.23 28.91 -1.34
CA CYS J 75 -9.48 29.35 -2.71
C CYS J 75 -9.14 30.82 -2.89
N TYR J 76 -9.54 31.67 -1.94
CA TYR J 76 -9.33 33.10 -2.08
C TYR J 76 -7.88 33.52 -1.85
N SER J 77 -6.98 32.59 -1.54
CA SER J 77 -5.57 32.89 -1.42
C SER J 77 -4.77 32.44 -2.65
N LEU J 78 -5.43 31.86 -3.64
CA LEU J 78 -4.74 31.47 -4.87
C LEU J 78 -4.40 32.69 -5.71
N GLY J 79 -3.23 32.66 -6.34
CA GLY J 79 -2.83 33.70 -7.26
C GLY J 79 -1.85 33.17 -8.27
N GLN J 80 -1.64 33.94 -9.34
CA GLN J 80 -0.73 33.49 -10.39
C GLN J 80 0.71 33.48 -9.89
N LYS J 81 1.12 34.52 -9.16
CA LYS J 81 2.47 34.63 -8.64
C LYS J 81 2.41 34.49 -7.13
N GLN J 82 2.95 33.38 -6.61
CA GLN J 82 2.96 33.15 -5.17
C GLN J 82 4.14 32.26 -4.83
N ALA J 83 4.62 32.40 -3.60
CA ALA J 83 5.76 31.61 -3.15
C ALA J 83 5.39 30.13 -3.04
N LEU J 84 6.37 29.29 -3.39
CA LEU J 84 6.17 27.85 -3.28
C LEU J 84 5.81 27.46 -1.85
N TYR J 85 6.31 28.21 -0.86
CA TYR J 85 5.99 27.94 0.53
C TYR J 85 4.49 28.02 0.78
N THR J 86 3.82 29.01 0.18
CA THR J 86 2.38 29.10 0.33
C THR J 86 1.68 27.89 -0.27
N GLY J 87 2.21 27.36 -1.37
CA GLY J 87 1.61 26.19 -1.99
C GLY J 87 1.62 24.98 -1.08
N PHE J 88 2.79 24.68 -0.50
CA PHE J 88 2.89 23.53 0.39
C PHE J 88 2.03 23.70 1.63
N ILE J 89 1.99 24.91 2.19
CA ILE J 89 1.24 25.13 3.42
C ILE J 89 -0.25 24.88 3.19
N GLN J 90 -0.80 25.42 2.11
CA GLN J 90 -2.22 25.25 1.87
C GLN J 90 -2.54 23.92 1.18
N LEU J 91 -1.54 23.18 0.71
CA LEU J 91 -1.74 21.76 0.47
C LEU J 91 -1.93 21.02 1.78
N GLY J 92 -1.06 21.29 2.76
CA GLY J 92 -1.20 20.67 4.06
C GLY J 92 -2.52 21.01 4.73
N ALA J 93 -2.96 22.26 4.59
CA ALA J 93 -4.27 22.63 5.10
C ALA J 93 -5.38 21.81 4.43
N GLY J 94 -5.24 21.56 3.13
CA GLY J 94 -6.24 20.78 2.43
C GLY J 94 -6.31 19.33 2.90
N LEU J 95 -5.14 18.67 3.01
CA LEU J 95 -5.12 17.27 3.38
C LEU J 95 -5.59 17.05 4.82
N SER J 96 -5.15 17.91 5.75
CA SER J 96 -5.39 17.65 7.16
C SER J 96 -6.88 17.61 7.48
N VAL J 97 -7.64 18.59 7.00
CA VAL J 97 -9.09 18.57 7.21
C VAL J 97 -9.73 17.48 6.38
N GLY J 98 -9.27 17.31 5.14
CA GLY J 98 -9.90 16.38 4.22
C GLY J 98 -9.90 14.94 4.70
N LEU J 99 -8.73 14.43 5.06
CA LEU J 99 -8.63 13.04 5.49
C LEU J 99 -9.03 12.85 6.95
N SER J 100 -9.09 13.93 7.73
CA SER J 100 -9.72 13.82 9.05
C SER J 100 -11.23 13.70 8.91
N GLY J 101 -11.82 14.42 7.96
CA GLY J 101 -13.24 14.27 7.69
C GLY J 101 -13.59 12.88 7.22
N LEU J 102 -12.75 12.29 6.38
CA LEU J 102 -12.96 10.91 5.94
C LEU J 102 -12.96 9.96 7.12
N ALA J 103 -11.99 10.13 8.03
CA ALA J 103 -11.92 9.27 9.21
C ALA J 103 -13.17 9.43 10.08
N ALA J 104 -13.56 10.69 10.37
CA ALA J 104 -14.75 10.91 11.17
C ALA J 104 -16.01 10.39 10.47
N GLY J 105 -16.05 10.45 9.15
CA GLY J 105 -17.20 9.94 8.42
C GLY J 105 -17.41 8.46 8.63
N PHE J 106 -16.34 7.67 8.55
CA PHE J 106 -16.44 6.24 8.79
C PHE J 106 -16.93 5.96 10.20
N ALA J 107 -16.44 6.71 11.18
CA ALA J 107 -16.83 6.47 12.56
C ALA J 107 -18.33 6.75 12.78
N ILE J 108 -18.82 7.88 12.25
CA ILE J 108 -20.23 8.22 12.44
C ILE J 108 -21.12 7.20 11.74
N GLY J 109 -20.71 6.73 10.56
CA GLY J 109 -21.55 5.81 9.82
C GLY J 109 -21.81 4.52 10.59
N ILE J 110 -20.77 3.95 11.19
CA ILE J 110 -20.90 2.62 11.80
C ILE J 110 -21.67 2.72 13.12
N VAL J 111 -21.25 3.62 14.01
CA VAL J 111 -21.94 3.73 15.29
C VAL J 111 -23.32 4.34 15.12
N GLY J 112 -23.49 5.18 14.10
CA GLY J 112 -24.82 5.71 13.81
C GLY J 112 -25.79 4.62 13.43
N ASP J 113 -25.35 3.70 12.57
CA ASP J 113 -26.20 2.58 12.17
C ASP J 113 -26.53 1.69 13.37
N ALA J 114 -25.49 1.24 14.09
CA ALA J 114 -25.71 0.32 15.19
C ALA J 114 -26.56 0.95 16.29
N GLY J 115 -26.28 2.21 16.62
CA GLY J 115 -27.05 2.87 17.66
C GLY J 115 -28.53 2.98 17.30
N VAL J 116 -28.82 3.40 16.06
CA VAL J 116 -30.20 3.50 15.61
C VAL J 116 -30.85 2.11 15.59
N ARG J 117 -30.10 1.11 15.13
CA ARG J 117 -30.66 -0.24 15.04
C ARG J 117 -31.07 -0.73 16.42
N GLY J 118 -30.22 -0.50 17.43
CA GLY J 118 -30.50 -0.98 18.78
C GLY J 118 -31.49 -0.13 19.54
N SER J 119 -31.46 1.18 19.33
CA SER J 119 -32.31 2.08 20.10
C SER J 119 -33.79 1.76 19.95
N SER J 120 -34.18 1.17 18.82
CA SER J 120 -35.60 0.93 18.57
C SER J 120 -36.22 -0.05 19.54
N GLN J 121 -35.43 -0.82 20.29
CA GLN J 121 -35.97 -1.74 21.29
C GLN J 121 -35.28 -1.60 22.64
N GLN J 122 -34.65 -0.46 22.90
CA GLN J 122 -34.11 -0.15 24.23
C GLN J 122 -34.02 1.36 24.35
N PRO J 123 -35.08 2.00 24.85
CA PRO J 123 -35.13 3.47 24.79
C PRO J 123 -34.03 4.16 25.56
N ARG J 124 -33.45 3.52 26.57
CA ARG J 124 -32.40 4.15 27.36
C ARG J 124 -31.09 4.28 26.58
N LEU J 125 -30.97 3.58 25.45
CA LEU J 125 -29.72 3.58 24.70
C LEU J 125 -29.52 4.83 23.86
N PHE J 126 -30.58 5.61 23.60
CA PHE J 126 -30.44 6.75 22.70
C PHE J 126 -29.43 7.76 23.22
N VAL J 127 -29.46 8.04 24.53
CA VAL J 127 -28.49 9.00 25.09
C VAL J 127 -27.08 8.48 24.92
N GLY J 128 -26.88 7.17 25.03
CA GLY J 128 -25.56 6.61 24.79
C GLY J 128 -25.08 6.83 23.37
N MET J 129 -25.97 6.68 22.39
CA MET J 129 -25.59 6.88 20.99
C MET J 129 -25.12 8.32 20.76
N ILE J 130 -25.86 9.29 21.29
CA ILE J 130 -25.48 10.69 21.12
C ILE J 130 -24.12 10.93 21.76
N LEU J 131 -23.93 10.39 22.96
CA LEU J 131 -22.66 10.63 23.67
C LEU J 131 -21.48 10.10 22.88
N ILE J 132 -21.61 8.92 22.28
CA ILE J 132 -20.53 8.37 21.47
C ILE J 132 -20.33 9.20 20.21
N LEU J 133 -21.43 9.62 19.57
CA LEU J 133 -21.32 10.36 18.32
C LEU J 133 -20.55 11.67 18.49
N ILE J 134 -20.65 12.29 19.67
CA ILE J 134 -19.92 13.54 19.89
C ILE J 134 -18.42 13.29 19.85
N PHE J 135 -17.96 12.18 20.43
CA PHE J 135 -16.55 11.85 20.34
C PHE J 135 -16.12 11.63 18.89
N ALA J 136 -16.97 11.00 18.09
CA ALA J 136 -16.67 10.85 16.66
C ALA J 136 -16.68 12.20 15.96
N GLU J 137 -17.60 13.09 16.36
CA GLU J 137 -17.73 14.37 15.68
C GLU J 137 -16.47 15.21 15.81
N VAL J 138 -15.88 15.27 17.01
CA VAL J 138 -14.75 16.17 17.23
C VAL J 138 -13.51 15.71 16.49
N LEU J 139 -13.45 14.45 16.04
CA LEU J 139 -12.31 14.04 15.22
C LEU J 139 -12.23 14.88 13.96
N GLY J 140 -13.38 15.28 13.41
CA GLY J 140 -13.38 16.23 12.32
C GLY J 140 -12.96 17.61 12.76
N LEU J 141 -13.40 18.03 13.95
CA LEU J 141 -13.10 19.38 14.42
C LEU J 141 -11.60 19.56 14.64
N TYR J 142 -10.91 18.54 15.15
CA TYR J 142 -9.46 18.63 15.29
C TYR J 142 -8.79 18.90 13.95
N GLY J 143 -9.26 18.23 12.90
CA GLY J 143 -8.72 18.48 11.58
C GLY J 143 -8.91 19.91 11.13
N LEU J 144 -10.08 20.48 11.43
CA LEU J 144 -10.35 21.87 11.06
C LEU J 144 -9.39 22.82 11.77
N ILE J 145 -9.14 22.60 13.06
CA ILE J 145 -8.29 23.51 13.83
C ILE J 145 -6.88 23.53 13.26
N VAL J 146 -6.34 22.35 12.94
CA VAL J 146 -5.02 22.30 12.32
C VAL J 146 -5.02 23.02 10.98
N ALA J 147 -6.07 22.81 10.18
CA ALA J 147 -6.13 23.44 8.86
C ALA J 147 -6.15 24.96 8.97
N LEU J 148 -6.91 25.49 9.93
CA LEU J 148 -7.00 26.94 10.06
C LEU J 148 -5.71 27.55 10.59
N LEU J 149 -5.03 26.82 11.48
CA LEU J 149 -3.72 27.29 11.95
C LEU J 149 -2.72 27.37 10.79
N LEU J 150 -2.62 26.29 10.02
CA LEU J 150 -1.71 26.30 8.86
C LEU J 150 -2.08 27.41 7.89
N ASN J 151 -3.37 27.56 7.59
CA ASN J 151 -3.79 28.56 6.63
C ASN J 151 -3.43 29.96 7.08
N SER J 152 -3.59 30.26 8.37
CA SER J 152 -3.23 31.58 8.87
C SER J 152 -1.75 31.87 8.68
N ARG J 153 -0.93 30.84 8.66
CA ARG J 153 0.52 30.95 8.50
C ARG J 153 0.96 30.98 7.05
N ALA J 154 0.03 30.89 6.11
CA ALA J 154 0.39 30.69 4.70
C ALA J 154 0.96 31.94 4.04
N THR J 155 0.64 33.13 4.53
CA THR J 155 0.98 34.35 3.79
C THR J 155 1.65 35.43 4.62
N GLN J 156 1.92 35.22 5.90
CA GLN J 156 2.58 36.23 6.72
C GLN J 156 4.09 36.02 6.71
N ASP J 157 4.83 37.11 6.56
CA ASP J 157 6.29 37.08 6.52
C ASP J 157 6.80 36.25 5.34
N VAL J 158 6.16 36.41 4.19
CA VAL J 158 6.56 35.71 2.96
C VAL J 158 7.09 36.74 1.97
N VAL J 159 8.25 36.44 1.38
CA VAL J 159 8.87 37.29 0.37
C VAL J 159 8.79 36.58 -0.97
N CYS J 160 8.67 37.37 -2.04
CA CYS J 160 8.56 36.84 -3.39
C CYS J 160 9.12 37.82 -4.41
N THR K 2 26.07 22.19 -1.81
CA THR K 2 25.84 23.53 -2.42
C THR K 2 25.19 24.48 -1.42
N GLU K 3 23.92 24.23 -1.09
CA GLU K 3 23.17 25.06 -0.16
C GLU K 3 22.44 24.21 0.85
N LEU K 4 22.37 24.70 2.09
CA LEU K 4 21.69 23.99 3.17
C LEU K 4 20.19 24.24 3.21
N CYS K 5 19.71 25.29 2.55
CA CYS K 5 18.35 25.78 2.71
C CYS K 5 17.67 25.93 1.35
N PRO K 6 17.46 24.83 0.63
CA PRO K 6 16.79 24.92 -0.67
C PRO K 6 15.31 25.24 -0.54
N VAL K 7 14.72 25.61 -1.67
CA VAL K 7 13.37 26.18 -1.67
C VAL K 7 12.33 25.13 -1.26
N TYR K 8 12.57 23.85 -1.54
CA TYR K 8 11.57 22.82 -1.25
C TYR K 8 11.61 22.31 0.18
N ALA K 9 12.54 22.79 1.01
CA ALA K 9 12.64 22.29 2.37
C ALA K 9 11.32 22.36 3.14
N PRO K 10 10.50 23.41 3.01
CA PRO K 10 9.24 23.45 3.77
C PRO K 10 8.30 22.30 3.47
N PHE K 11 8.46 21.60 2.35
CA PHE K 11 7.53 20.53 2.01
C PHE K 11 7.49 19.47 3.09
N PHE K 12 8.66 19.06 3.59
CA PHE K 12 8.71 18.03 4.61
C PHE K 12 8.05 18.51 5.91
N GLY K 13 8.17 19.80 6.22
CA GLY K 13 7.49 20.32 7.39
C GLY K 13 5.98 20.31 7.24
N ALA K 14 5.48 20.75 6.08
CA ALA K 14 4.04 20.81 5.87
C ALA K 14 3.41 19.43 5.94
N ILE K 15 4.02 18.44 5.27
CA ILE K 15 3.47 17.09 5.29
C ILE K 15 3.69 16.44 6.64
N GLY K 16 4.79 16.74 7.31
CA GLY K 16 4.97 16.25 8.67
C GLY K 16 3.90 16.78 9.60
N CYS K 17 3.59 18.08 9.49
CA CYS K 17 2.54 18.66 10.32
C CYS K 17 1.19 18.03 10.04
N ALA K 18 0.87 17.81 8.76
CA ALA K 18 -0.43 17.27 8.39
C ALA K 18 -0.57 15.81 8.79
N SER K 19 0.46 14.99 8.50
CA SER K 19 0.36 13.56 8.76
C SER K 19 0.21 13.26 10.25
N ALA K 20 0.66 14.17 11.11
CA ALA K 20 0.54 13.94 12.55
C ALA K 20 -0.92 13.79 12.96
N ILE K 21 -1.80 14.63 12.42
CA ILE K 21 -3.21 14.57 12.79
C ILE K 21 -3.95 13.55 11.95
N ILE K 22 -3.56 13.36 10.69
CA ILE K 22 -4.28 12.45 9.81
C ILE K 22 -4.23 11.03 10.35
N PHE K 23 -3.03 10.49 10.52
CA PHE K 23 -2.90 9.11 10.96
C PHE K 23 -3.47 8.91 12.37
N THR K 24 -3.24 9.88 13.26
CA THR K 24 -3.82 9.77 14.59
C THR K 24 -5.33 9.79 14.54
N SER K 25 -5.91 10.60 13.66
CA SER K 25 -7.37 10.66 13.55
C SER K 25 -7.93 9.34 13.04
N LEU K 26 -7.29 8.73 12.05
CA LEU K 26 -7.74 7.42 11.58
C LEU K 26 -7.70 6.39 12.69
N GLY K 27 -6.64 6.40 13.50
CA GLY K 27 -6.56 5.47 14.61
C GLY K 27 -7.68 5.67 15.62
N ALA K 28 -7.92 6.92 16.00
CA ALA K 28 -8.99 7.19 16.96
C ALA K 28 -10.36 6.85 16.39
N ALA K 29 -10.57 7.07 15.09
CA ALA K 29 -11.85 6.72 14.48
C ALA K 29 -12.10 5.22 14.54
N TYR K 30 -11.09 4.43 14.20
CA TYR K 30 -11.24 2.97 14.28
C TYR K 30 -11.49 2.51 15.71
N GLY K 31 -10.77 3.09 16.67
CA GLY K 31 -11.00 2.73 18.05
C GLY K 31 -12.41 3.06 18.52
N THR K 32 -12.93 4.21 18.09
CA THR K 32 -14.29 4.57 18.44
C THR K 32 -15.32 3.66 17.77
N ALA K 33 -15.08 3.30 16.51
CA ALA K 33 -16.06 2.49 15.78
C ALA K 33 -16.18 1.09 16.37
N LYS K 34 -15.05 0.40 16.55
CA LYS K 34 -15.09 -0.97 17.06
C LYS K 34 -15.78 -1.03 18.41
N SER K 35 -15.33 -0.21 19.37
CA SER K 35 -15.92 -0.24 20.71
C SER K 35 -17.35 0.28 20.71
N GLY K 36 -17.67 1.23 19.83
CA GLY K 36 -19.01 1.77 19.81
C GLY K 36 -20.07 0.72 19.54
N VAL K 37 -19.81 -0.16 18.57
CA VAL K 37 -20.74 -1.25 18.29
C VAL K 37 -20.84 -2.19 19.48
N GLY K 38 -19.73 -2.43 20.17
CA GLY K 38 -19.77 -3.27 21.35
C GLY K 38 -20.70 -2.70 22.41
N ILE K 39 -20.61 -1.40 22.67
CA ILE K 39 -21.48 -0.77 23.66
C ILE K 39 -22.94 -0.90 23.24
N CYS K 40 -23.24 -0.57 21.98
CA CYS K 40 -24.62 -0.66 21.51
C CYS K 40 -25.13 -2.09 21.57
N ALA K 41 -24.26 -3.06 21.31
CA ALA K 41 -24.69 -4.45 21.29
C ALA K 41 -25.10 -4.95 22.67
N THR K 42 -24.27 -4.67 23.68
CA THR K 42 -24.50 -5.26 24.99
C THR K 42 -25.52 -4.49 25.82
N CYS K 43 -25.63 -3.17 25.63
CA CYS K 43 -26.51 -2.37 26.47
C CYS K 43 -27.98 -2.65 26.21
N VAL K 44 -28.33 -3.35 25.14
CA VAL K 44 -29.74 -3.65 24.88
C VAL K 44 -30.35 -4.41 26.06
N LEU K 45 -29.61 -5.37 26.60
CA LEU K 45 -30.08 -6.16 27.73
C LEU K 45 -29.60 -5.64 29.07
N ARG K 46 -28.51 -4.88 29.10
CA ARG K 46 -27.92 -4.39 30.35
C ARG K 46 -27.72 -2.88 30.26
N PRO K 47 -28.81 -2.10 30.17
CA PRO K 47 -28.67 -0.65 30.03
C PRO K 47 -28.06 0.03 31.24
N ASP K 48 -28.10 -0.60 32.41
CA ASP K 48 -27.67 0.08 33.62
C ASP K 48 -26.16 0.36 33.64
N LEU K 49 -25.37 -0.47 32.96
CA LEU K 49 -23.92 -0.31 32.95
C LEU K 49 -23.41 0.46 31.74
N LEU K 50 -24.30 1.14 31.02
CA LEU K 50 -23.90 1.88 29.83
C LEU K 50 -22.75 2.85 30.12
N PHE K 51 -22.92 3.71 31.13
CA PHE K 51 -21.93 4.76 31.38
C PHE K 51 -20.66 4.22 32.00
N LYS K 52 -20.67 2.99 32.53
CA LYS K 52 -19.44 2.35 32.96
C LYS K 52 -18.63 1.86 31.76
N ASN K 53 -19.30 1.59 30.64
CA ASN K 53 -18.68 0.94 29.49
C ASN K 53 -18.14 1.92 28.44
N ILE K 54 -18.33 3.23 28.60
CA ILE K 54 -17.83 4.16 27.59
C ILE K 54 -16.33 4.38 27.66
N VAL K 55 -15.65 3.77 28.64
CA VAL K 55 -14.23 4.08 28.85
C VAL K 55 -13.41 3.85 27.60
N PRO K 56 -13.57 2.76 26.84
CA PRO K 56 -12.78 2.61 25.61
C PRO K 56 -12.94 3.78 24.65
N VAL K 57 -14.12 4.40 24.63
CA VAL K 57 -14.34 5.51 23.70
C VAL K 57 -13.53 6.73 24.11
N ILE K 58 -13.53 7.07 25.41
CA ILE K 58 -12.77 8.24 25.84
C ILE K 58 -11.28 7.97 25.72
N MET K 59 -10.84 6.73 25.96
CA MET K 59 -9.43 6.41 25.79
C MET K 59 -9.01 6.53 24.34
N ALA K 60 -9.87 6.11 23.41
CA ALA K 60 -9.59 6.35 22.00
C ALA K 60 -9.56 7.85 21.70
N GLY K 61 -10.47 8.60 22.32
CA GLY K 61 -10.46 10.05 22.14
C GLY K 61 -9.16 10.68 22.60
N ILE K 62 -8.57 10.16 23.67
CA ILE K 62 -7.32 10.71 24.19
C ILE K 62 -6.25 10.68 23.10
N ILE K 63 -6.17 9.60 22.33
CA ILE K 63 -5.09 9.45 21.36
C ILE K 63 -5.10 10.61 20.37
N ALA K 64 -6.30 11.05 19.95
CA ALA K 64 -6.38 12.13 18.98
C ALA K 64 -5.73 13.41 19.52
N ILE K 65 -5.81 13.64 20.83
CA ILE K 65 -5.25 14.86 21.40
C ILE K 65 -3.73 14.85 21.31
N TYR K 66 -3.10 13.69 21.44
CA TYR K 66 -1.65 13.62 21.23
C TYR K 66 -1.29 14.09 19.83
N GLY K 67 -2.07 13.68 18.82
CA GLY K 67 -1.80 14.12 17.47
C GLY K 67 -1.94 15.62 17.31
N LEU K 68 -2.92 16.21 18.00
CA LEU K 68 -3.17 17.64 17.86
C LEU K 68 -2.01 18.46 18.41
N VAL K 69 -1.54 18.13 19.62
CA VAL K 69 -0.53 18.96 20.27
C VAL K 69 0.79 18.91 19.51
N VAL K 70 1.17 17.72 19.01
CA VAL K 70 2.38 17.64 18.18
C VAL K 70 2.21 18.47 16.92
N SER K 71 1.04 18.37 16.28
CA SER K 71 0.80 19.14 15.07
C SER K 71 0.89 20.64 15.35
N VAL K 72 0.35 21.08 16.49
CA VAL K 72 0.44 22.49 16.86
C VAL K 72 1.88 22.88 17.15
N LEU K 73 2.59 22.07 17.94
CA LEU K 73 3.98 22.40 18.28
C LEU K 73 4.86 22.41 17.04
N VAL K 74 4.64 21.48 16.12
CA VAL K 74 5.40 21.45 14.88
C VAL K 74 5.05 22.66 14.02
N CYS K 75 3.75 22.99 13.94
CA CYS K 75 3.30 24.04 13.02
C CYS K 75 4.00 25.36 13.29
N TYR K 76 4.20 25.71 14.56
CA TYR K 76 4.80 27.00 14.91
C TYR K 76 6.24 27.12 14.46
N SER K 77 6.85 26.05 13.95
CA SER K 77 8.23 26.10 13.47
C SER K 77 8.33 26.34 11.96
N LEU K 78 7.21 26.31 11.25
CA LEU K 78 7.27 26.47 9.80
C LEU K 78 7.68 27.88 9.41
N GLY K 79 8.47 27.98 8.34
CA GLY K 79 8.86 29.26 7.79
C GLY K 79 9.35 29.09 6.37
N GLN K 80 9.39 30.23 5.65
CA GLN K 80 9.74 30.17 4.24
C GLN K 80 11.17 29.71 4.02
N LYS K 81 12.10 30.25 4.82
CA LYS K 81 13.52 29.95 4.68
C LYS K 81 13.95 29.10 5.87
N GLN K 82 14.28 27.84 5.62
CA GLN K 82 14.72 26.94 6.67
C GLN K 82 15.58 25.85 6.07
N ALA K 83 16.44 25.26 6.92
CA ALA K 83 17.35 24.24 6.46
C ALA K 83 16.64 22.91 6.25
N LEU K 84 17.24 22.07 5.40
CA LEU K 84 16.79 20.69 5.30
C LEU K 84 16.85 19.99 6.66
N TYR K 85 17.81 20.38 7.49
CA TYR K 85 17.89 19.84 8.84
C TYR K 85 16.58 20.04 9.59
N THR K 86 16.06 21.27 9.57
CA THR K 86 14.78 21.53 10.23
C THR K 86 13.63 20.86 9.50
N GLY K 87 13.76 20.68 8.19
CA GLY K 87 12.72 20.03 7.42
C GLY K 87 12.49 18.58 7.82
N PHE K 88 13.57 17.79 7.83
CA PHE K 88 13.44 16.36 8.09
C PHE K 88 13.17 16.07 9.56
N ILE K 89 13.75 16.86 10.46
CA ILE K 89 13.62 16.54 11.88
C ILE K 89 12.18 16.67 12.34
N GLN K 90 11.41 17.59 11.74
CA GLN K 90 10.00 17.69 12.10
C GLN K 90 9.12 16.78 11.26
N LEU K 91 9.63 16.28 10.12
CA LEU K 91 8.97 15.15 9.48
C LEU K 91 9.05 13.91 10.36
N GLY K 92 10.22 13.68 10.97
CA GLY K 92 10.34 12.56 11.90
C GLY K 92 9.38 12.65 13.06
N ALA K 93 9.18 13.86 13.58
CA ALA K 93 8.19 14.05 14.64
C ALA K 93 6.80 13.69 14.16
N GLY K 94 6.43 14.12 12.95
CA GLY K 94 5.11 13.80 12.43
C GLY K 94 4.89 12.32 12.23
N LEU K 95 5.87 11.64 11.63
CA LEU K 95 5.73 10.20 11.37
C LEU K 95 5.65 9.41 12.67
N SER K 96 6.51 9.74 13.64
CA SER K 96 6.61 8.89 14.83
C SER K 96 5.34 8.94 15.67
N VAL K 97 4.77 10.13 15.86
CA VAL K 97 3.52 10.21 16.61
C VAL K 97 2.37 9.61 15.81
N GLY K 98 2.31 9.93 14.51
CA GLY K 98 1.22 9.44 13.70
C GLY K 98 1.18 7.92 13.62
N LEU K 99 2.32 7.31 13.29
CA LEU K 99 2.37 5.86 13.17
C LEU K 99 2.17 5.19 14.53
N SER K 100 2.54 5.87 15.62
CA SER K 100 2.30 5.31 16.95
C SER K 100 0.82 5.39 17.32
N GLY K 101 0.22 6.57 17.17
CA GLY K 101 -1.19 6.72 17.48
C GLY K 101 -2.08 5.84 16.64
N LEU K 102 -1.72 5.63 15.37
CA LEU K 102 -2.47 4.73 14.52
C LEU K 102 -2.53 3.33 15.13
N ALA K 103 -1.38 2.80 15.55
CA ALA K 103 -1.37 1.46 16.13
C ALA K 103 -2.13 1.41 17.44
N ALA K 104 -1.97 2.42 18.30
CA ALA K 104 -2.67 2.43 19.58
C ALA K 104 -4.18 2.45 19.39
N GLY K 105 -4.66 3.19 18.38
CA GLY K 105 -6.08 3.24 18.12
C GLY K 105 -6.65 1.89 17.71
N PHE K 106 -5.93 1.17 16.84
CA PHE K 106 -6.40 -0.14 16.43
C PHE K 106 -6.50 -1.09 17.62
N ALA K 107 -5.48 -1.11 18.47
CA ALA K 107 -5.47 -2.04 19.60
C ALA K 107 -6.61 -1.73 20.57
N ILE K 108 -6.82 -0.45 20.89
CA ILE K 108 -7.88 -0.08 21.82
C ILE K 108 -9.24 -0.50 21.26
N GLY K 109 -9.43 -0.39 19.96
CA GLY K 109 -10.69 -0.80 19.36
C GLY K 109 -10.93 -2.29 19.51
N ILE K 110 -9.92 -3.10 19.20
CA ILE K 110 -10.10 -4.56 19.17
C ILE K 110 -10.28 -5.11 20.58
N VAL K 111 -9.47 -4.66 21.53
CA VAL K 111 -9.56 -5.22 22.88
C VAL K 111 -10.72 -4.60 23.65
N GLY K 112 -11.07 -3.34 23.36
CA GLY K 112 -12.24 -2.75 23.97
C GLY K 112 -13.53 -3.42 23.53
N ASP K 113 -13.59 -3.83 22.26
CA ASP K 113 -14.75 -4.56 21.77
C ASP K 113 -14.98 -5.82 22.59
N ALA K 114 -13.93 -6.62 22.78
CA ALA K 114 -14.06 -7.85 23.57
C ALA K 114 -14.39 -7.53 25.03
N GLY K 115 -13.68 -6.57 25.61
CA GLY K 115 -13.87 -6.28 27.01
C GLY K 115 -15.30 -5.87 27.35
N VAL K 116 -15.90 -5.03 26.51
CA VAL K 116 -17.26 -4.56 26.79
C VAL K 116 -18.25 -5.72 26.78
N ARG K 117 -18.08 -6.66 25.85
CA ARG K 117 -18.98 -7.80 25.80
C ARG K 117 -18.79 -8.71 27.01
N GLY K 118 -17.54 -9.04 27.33
CA GLY K 118 -17.29 -9.91 28.47
C GLY K 118 -17.74 -9.31 29.79
N SER K 119 -17.55 -8.00 29.95
CA SER K 119 -17.90 -7.34 31.21
C SER K 119 -19.40 -7.43 31.50
N SER K 120 -20.22 -7.73 30.50
CA SER K 120 -21.66 -7.75 30.71
C SER K 120 -22.13 -8.96 31.49
N GLN K 121 -21.32 -10.02 31.57
CA GLN K 121 -21.75 -11.24 32.22
C GLN K 121 -20.71 -11.86 33.14
N GLN K 122 -19.55 -11.23 33.32
CA GLN K 122 -18.59 -11.60 34.36
C GLN K 122 -18.11 -10.30 34.99
N PRO K 123 -18.83 -9.80 36.00
CA PRO K 123 -18.55 -8.43 36.46
C PRO K 123 -17.15 -8.22 37.00
N ARG K 124 -16.48 -9.26 37.49
CA ARG K 124 -15.09 -9.13 37.90
C ARG K 124 -14.19 -8.77 36.74
N LEU K 125 -14.62 -9.02 35.51
CA LEU K 125 -13.78 -8.88 34.33
C LEU K 125 -13.51 -7.42 33.97
N PHE K 126 -14.26 -6.48 34.54
CA PHE K 126 -14.08 -5.07 34.17
C PHE K 126 -12.68 -4.58 34.50
N VAL K 127 -12.20 -4.87 35.71
CA VAL K 127 -10.87 -4.40 36.10
C VAL K 127 -9.81 -4.99 35.17
N GLY K 128 -10.02 -6.22 34.73
CA GLY K 128 -9.11 -6.81 33.75
C GLY K 128 -9.06 -5.99 32.47
N MET K 129 -10.22 -5.53 32.00
CA MET K 129 -10.26 -4.72 30.79
C MET K 129 -9.45 -3.44 30.96
N ILE K 130 -9.69 -2.71 32.06
CA ILE K 130 -9.06 -1.41 32.23
C ILE K 130 -7.54 -1.55 32.28
N LEU K 131 -7.06 -2.59 32.97
CA LEU K 131 -5.61 -2.78 33.05
C LEU K 131 -5.00 -2.97 31.67
N ILE K 132 -5.64 -3.77 30.82
CA ILE K 132 -5.09 -4.01 29.49
C ILE K 132 -5.18 -2.77 28.63
N LEU K 133 -6.31 -2.04 28.70
CA LEU K 133 -6.49 -0.89 27.83
C LEU K 133 -5.43 0.18 28.09
N ILE K 134 -5.09 0.44 29.35
CA ILE K 134 -4.15 1.50 29.66
C ILE K 134 -2.76 1.15 29.14
N PHE K 135 -2.37 -0.12 29.17
CA PHE K 135 -1.10 -0.51 28.58
C PHE K 135 -1.12 -0.35 27.06
N ALA K 136 -2.31 -0.26 26.47
CA ALA K 136 -2.42 0.08 25.05
C ALA K 136 -2.33 1.59 24.86
N GLU K 137 -2.88 2.37 25.80
CA GLU K 137 -2.88 3.82 25.67
C GLU K 137 -1.47 4.38 25.56
N VAL K 138 -0.56 3.91 26.43
CA VAL K 138 0.79 4.48 26.46
C VAL K 138 1.51 4.28 25.13
N LEU K 139 1.13 3.28 24.34
CA LEU K 139 1.78 3.10 23.06
C LEU K 139 1.64 4.33 22.18
N GLY K 140 0.55 5.08 22.35
CA GLY K 140 0.50 6.42 21.76
C GLY K 140 1.45 7.39 22.42
N LEU K 141 1.55 7.32 23.74
CA LEU K 141 2.37 8.27 24.48
C LEU K 141 3.85 8.11 24.16
N TYR K 142 4.30 6.88 23.98
CA TYR K 142 5.71 6.68 23.59
C TYR K 142 6.01 7.33 22.25
N GLY K 143 5.02 7.41 21.37
CA GLY K 143 5.20 8.17 20.14
C GLY K 143 5.30 9.66 20.40
N LEU K 144 4.46 10.18 21.30
CA LEU K 144 4.49 11.60 21.63
C LEU K 144 5.85 12.00 22.17
N ILE K 145 6.43 11.19 23.05
CA ILE K 145 7.69 11.56 23.70
C ILE K 145 8.80 11.70 22.68
N VAL K 146 8.90 10.76 21.74
CA VAL K 146 9.93 10.86 20.70
C VAL K 146 9.70 12.10 19.85
N ALA K 147 8.43 12.39 19.55
CA ALA K 147 8.13 13.59 18.78
C ALA K 147 8.57 14.85 19.52
N LEU K 148 8.32 14.91 20.83
CA LEU K 148 8.74 16.07 21.61
C LEU K 148 10.25 16.20 21.64
N LEU K 149 10.97 15.09 21.80
CA LEU K 149 12.42 15.13 21.85
C LEU K 149 12.99 15.68 20.54
N LEU K 150 12.54 15.15 19.40
CA LEU K 150 13.03 15.64 18.12
C LEU K 150 12.68 17.10 17.92
N ASN K 151 11.45 17.49 18.26
CA ASN K 151 11.03 18.88 18.05
C ASN K 151 11.81 19.85 18.93
N SER K 152 12.21 19.42 20.13
CA SER K 152 13.00 20.29 21.01
C SER K 152 14.30 20.72 20.35
N ARG K 153 14.79 19.94 19.38
CA ARG K 153 16.06 20.15 18.73
C ARG K 153 15.94 20.86 17.38
N ALA K 154 14.73 21.18 16.94
CA ALA K 154 14.49 21.48 15.53
C ALA K 154 15.21 22.74 15.07
N THR K 155 15.30 23.76 15.93
CA THR K 155 15.91 25.03 15.55
C THR K 155 17.19 25.33 16.32
N GLN K 156 17.71 24.37 17.08
CA GLN K 156 18.88 24.61 17.92
C GLN K 156 20.14 24.70 17.07
N ASP K 157 20.85 25.81 17.17
CA ASP K 157 22.19 26.00 16.60
C ASP K 157 22.21 25.89 15.08
N VAL K 158 21.06 25.97 14.42
CA VAL K 158 21.01 25.81 12.97
C VAL K 158 21.55 27.07 12.29
N VAL K 159 22.50 26.88 11.37
CA VAL K 159 22.99 27.96 10.53
C VAL K 159 22.28 27.86 9.18
N CYS K 160 21.91 29.02 8.62
CA CYS K 160 21.20 29.07 7.35
C CYS K 160 21.30 30.44 6.71
N SER L 2 27.04 27.08 48.13
CA SER L 2 26.66 25.77 48.74
C SER L 2 27.38 24.64 48.01
N SER L 3 27.57 23.52 48.68
CA SER L 3 28.32 22.40 48.11
C SER L 3 27.73 21.10 48.63
N PHE L 4 28.40 19.99 48.25
CA PHE L 4 27.87 18.67 48.57
C PHE L 4 27.66 18.47 50.05
N TYR L 5 28.41 19.16 50.90
CA TYR L 5 28.24 19.01 52.34
C TYR L 5 26.84 19.41 52.79
N THR L 6 26.04 20.03 51.93
CA THR L 6 24.66 20.35 52.28
C THR L 6 23.81 19.08 52.39
N VAL L 7 23.91 18.20 51.39
CA VAL L 7 23.01 17.04 51.36
C VAL L 7 23.36 16.06 52.46
N VAL L 8 24.65 15.80 52.69
CA VAL L 8 25.01 14.93 53.80
C VAL L 8 24.63 15.58 55.12
N GLY L 9 24.68 16.91 55.18
CA GLY L 9 24.21 17.60 56.37
C GLY L 9 22.73 17.37 56.63
N VAL L 10 21.91 17.47 55.58
CA VAL L 10 20.48 17.20 55.73
C VAL L 10 20.24 15.72 56.00
N PHE L 11 21.00 14.84 55.35
CA PHE L 11 20.83 13.42 55.56
C PHE L 11 20.97 13.04 57.03
N ILE L 12 21.94 13.64 57.72
CA ILE L 12 22.19 13.31 59.11
C ILE L 12 21.00 13.69 59.99
N VAL L 13 20.48 14.91 59.80
CA VAL L 13 19.42 15.38 60.68
C VAL L 13 18.11 14.65 60.41
N VAL L 14 17.77 14.43 59.14
CA VAL L 14 16.53 13.72 58.83
C VAL L 14 16.63 12.27 59.30
N SER L 15 17.81 11.67 59.15
CA SER L 15 18.01 10.32 59.66
C SER L 15 17.90 10.30 61.18
N ALA L 16 18.56 11.25 61.85
CA ALA L 16 18.47 11.32 63.31
C ALA L 16 17.04 11.54 63.75
N MET L 17 16.31 12.42 63.06
CA MET L 17 14.90 12.63 63.39
C MET L 17 14.11 11.33 63.28
N SER L 18 14.43 10.50 62.28
CA SER L 18 13.67 9.28 62.07
C SER L 18 13.91 8.27 63.18
N VAL L 19 15.18 8.02 63.52
CA VAL L 19 15.48 7.00 64.53
C VAL L 19 14.93 7.41 65.88
N LEU L 20 14.80 8.71 66.13
CA LEU L 20 14.13 9.16 67.34
C LEU L 20 12.67 8.74 67.35
N PHE L 21 11.99 8.92 66.21
CA PHE L 21 10.59 8.53 66.12
C PHE L 21 10.43 7.01 66.20
N TRP L 22 11.39 6.26 65.68
CA TRP L 22 11.31 4.79 65.72
C TRP L 22 11.07 4.30 67.14
N ILE L 23 11.80 4.86 68.10
CA ILE L 23 11.68 4.41 69.48
C ILE L 23 10.56 5.15 70.22
N MET L 24 10.22 6.35 69.77
CA MET L 24 9.20 7.17 70.42
C MET L 24 7.79 6.89 69.92
N ALA L 25 7.64 6.06 68.88
CA ALA L 25 6.37 5.89 68.18
C ALA L 25 5.25 5.45 69.12
N PRO L 26 4.00 5.78 68.83
CA PRO L 26 2.89 5.34 69.67
C PRO L 26 2.69 3.84 69.61
N LYS L 27 2.07 3.30 70.64
CA LYS L 27 1.91 1.86 70.78
C LYS L 27 0.68 1.32 70.05
N ASN L 28 -0.34 2.14 69.86
CA ASN L 28 -1.53 1.72 69.12
C ASN L 28 -1.26 1.84 67.64
N ASN L 29 -1.59 0.79 66.88
CA ASN L 29 -1.26 0.74 65.46
C ASN L 29 0.22 1.00 65.24
N GLN L 30 1.06 0.43 66.11
CA GLN L 30 2.47 0.80 66.14
C GLN L 30 3.15 0.55 64.80
N ALA L 31 2.90 -0.61 64.19
CA ALA L 31 3.60 -0.95 62.97
C ALA L 31 3.25 0.00 61.82
N VAL L 32 2.02 0.49 61.78
CA VAL L 32 1.62 1.42 60.73
C VAL L 32 2.35 2.75 60.89
N TRP L 33 2.36 3.30 62.10
CA TRP L 33 3.10 4.54 62.35
C TRP L 33 4.58 4.36 62.04
N ARG L 34 5.19 3.33 62.63
CA ARG L 34 6.63 3.15 62.51
C ARG L 34 7.05 2.94 61.07
N SER L 35 6.14 2.46 60.22
CA SER L 35 6.47 2.26 58.80
C SER L 35 6.27 3.54 58.01
N THR L 36 5.06 4.11 58.06
CA THR L 36 4.69 5.18 57.14
C THR L 36 5.49 6.46 57.42
N VAL L 37 5.70 6.79 58.69
CA VAL L 37 6.44 8.00 59.03
C VAL L 37 7.90 7.86 58.61
N ILE L 38 8.52 6.73 58.95
CA ILE L 38 9.93 6.54 58.64
C ILE L 38 10.14 6.54 57.14
N LEU L 39 9.29 5.80 56.42
CA LEU L 39 9.50 5.62 55.00
C LEU L 39 9.10 6.83 54.18
N THR L 40 8.12 7.62 54.66
CA THR L 40 7.75 8.83 53.94
C THR L 40 8.85 9.89 54.05
N LEU L 41 9.45 10.03 55.23
CA LEU L 41 10.59 10.92 55.37
C LEU L 41 11.73 10.51 54.45
N ALA L 42 12.02 9.20 54.39
CA ALA L 42 13.11 8.72 53.56
C ALA L 42 12.84 9.01 52.09
N MET L 43 11.68 8.61 51.59
CA MET L 43 11.37 8.81 50.18
C MET L 43 11.19 10.30 49.86
N MET L 44 10.61 11.06 50.80
CA MET L 44 10.44 12.48 50.58
C MET L 44 11.78 13.22 50.55
N PHE L 45 12.74 12.78 51.37
CA PHE L 45 14.05 13.41 51.38
C PHE L 45 14.77 13.23 50.05
N LEU L 46 14.68 12.03 49.48
CA LEU L 46 15.51 11.69 48.33
C LEU L 46 15.21 12.61 47.14
N MET L 47 13.95 12.94 46.91
CA MET L 47 13.63 13.78 45.76
C MET L 47 14.23 15.17 45.93
N TRP L 48 14.19 15.73 47.13
CA TRP L 48 14.87 17.00 47.36
C TRP L 48 16.35 16.87 47.12
N ALA L 49 16.98 15.84 47.68
CA ALA L 49 18.42 15.67 47.54
C ALA L 49 18.81 15.56 46.08
N ILE L 50 18.07 14.77 45.30
CA ILE L 50 18.37 14.61 43.88
C ILE L 50 18.16 15.93 43.15
N THR L 51 17.06 16.64 43.46
CA THR L 51 16.77 17.88 42.75
C THR L 51 17.76 18.98 43.13
N PHE L 52 18.17 19.04 44.40
CA PHE L 52 19.18 20.02 44.79
C PHE L 52 20.54 19.66 44.21
N LEU L 53 20.94 18.40 44.36
CA LEU L 53 22.25 17.98 43.89
C LEU L 53 22.41 18.19 42.40
N CYS L 54 21.32 18.06 41.64
CA CYS L 54 21.38 18.25 40.19
C CYS L 54 21.80 19.66 39.80
N GLN L 55 21.70 20.62 40.71
CA GLN L 55 21.91 22.03 40.38
C GLN L 55 23.16 22.63 41.03
N LEU L 56 24.05 21.81 41.58
CA LEU L 56 25.28 22.34 42.14
C LEU L 56 26.22 22.83 41.04
N HIS L 57 26.42 22.02 40.00
CA HIS L 57 27.40 22.29 38.96
C HIS L 57 26.78 22.02 37.60
N PRO L 58 25.84 22.85 37.18
CA PRO L 58 25.15 22.60 35.90
C PRO L 58 26.09 22.76 34.70
N LEU L 59 25.93 21.87 33.73
CA LEU L 59 26.76 21.89 32.53
C LEU L 59 26.19 22.77 31.42
N VAL L 60 24.93 23.18 31.49
CA VAL L 60 24.31 24.03 30.48
C VAL L 60 23.55 25.14 31.18
N ALA L 61 23.69 26.37 30.67
CA ALA L 61 23.03 27.54 31.21
C ALA L 61 21.75 27.85 30.45
N PRO L 62 20.80 28.53 31.10
CA PRO L 62 19.56 28.89 30.40
C PRO L 62 19.78 29.96 29.35
N ARG L 63 19.04 29.87 28.24
CA ARG L 63 19.05 30.86 27.19
C ARG L 63 17.63 31.22 26.78
N ARG L 64 17.42 32.49 26.42
CA ARG L 64 16.16 32.89 25.84
C ARG L 64 16.38 34.12 24.97
N SER L 65 15.39 34.40 24.12
CA SER L 65 15.45 35.52 23.20
C SER L 65 14.37 36.56 23.45
N ASP L 66 13.25 36.19 24.06
CA ASP L 66 12.15 37.11 24.33
C ASP L 66 12.21 37.50 25.81
N LEU L 67 12.80 38.66 26.09
CA LEU L 67 12.75 39.23 27.42
C LEU L 67 12.86 40.73 27.29
N ARG L 68 11.88 41.45 27.82
CA ARG L 68 11.89 42.90 27.73
C ARG L 68 13.06 43.45 28.51
N PRO L 69 13.89 44.32 27.92
CA PRO L 69 15.05 44.85 28.66
C PRO L 69 14.67 45.54 29.95
N GLU L 70 13.44 46.04 30.07
CA GLU L 70 13.01 46.62 31.33
C GLU L 70 12.80 45.55 32.39
N PHE L 71 12.36 44.36 31.98
CA PHE L 71 11.96 43.27 32.87
C PHE L 71 11.59 43.75 34.27
N ASP M 212 29.64 20.05 -14.84
CA ASP M 212 28.25 19.51 -14.90
C ASP M 212 28.22 18.03 -14.55
N ASP M 213 27.60 17.70 -13.41
CA ASP M 213 27.58 16.33 -12.92
C ASP M 213 26.23 15.93 -12.34
N ILE M 214 25.16 16.68 -12.62
CA ILE M 214 23.89 16.46 -11.93
C ILE M 214 23.37 15.05 -12.14
N LEU M 215 22.48 14.63 -11.24
CA LEU M 215 21.81 13.35 -11.38
C LEU M 215 20.88 13.34 -12.59
N SER M 216 20.06 14.39 -12.72
CA SER M 216 19.18 14.53 -13.87
C SER M 216 18.61 15.94 -13.88
N SER M 217 18.24 16.40 -15.07
CA SER M 217 17.55 17.68 -15.20
C SER M 217 16.05 17.57 -14.95
N ILE M 218 15.50 16.36 -14.93
CA ILE M 218 14.10 16.12 -14.59
C ILE M 218 13.99 15.45 -13.22
N TRP M 219 14.58 14.27 -13.08
CA TRP M 219 14.52 13.51 -11.83
C TRP M 219 15.61 13.96 -10.86
N THR M 220 15.65 15.25 -10.57
CA THR M 220 16.67 15.80 -9.69
C THR M 220 16.51 15.23 -8.28
N GLU M 221 17.64 15.20 -7.55
CA GLU M 221 17.64 14.63 -6.20
C GLU M 221 16.60 15.28 -5.30
N GLY M 222 16.30 16.56 -5.53
CA GLY M 222 15.28 17.21 -4.71
C GLY M 222 13.90 16.60 -4.93
N LEU M 223 13.58 16.27 -6.18
CA LEU M 223 12.28 15.68 -6.48
C LEU M 223 12.17 14.25 -5.94
N LEU M 224 13.24 13.47 -6.07
CA LEU M 224 13.18 12.07 -5.64
C LEU M 224 12.96 11.98 -4.13
N MET M 225 13.61 12.85 -3.36
CA MET M 225 13.40 12.83 -1.92
C MET M 225 11.94 13.09 -1.57
N CYS M 226 11.29 14.02 -2.28
CA CYS M 226 9.87 14.26 -2.05
C CYS M 226 9.05 13.03 -2.41
N LEU M 227 9.36 12.38 -3.53
CA LEU M 227 8.57 11.22 -3.96
C LEU M 227 8.78 10.03 -3.04
N ILE M 228 9.99 9.87 -2.49
CA ILE M 228 10.26 8.73 -1.62
C ILE M 228 9.42 8.81 -0.36
N VAL M 229 9.46 9.96 0.33
CA VAL M 229 8.72 10.08 1.58
C VAL M 229 7.22 10.09 1.33
N SER M 230 6.77 10.73 0.25
CA SER M 230 5.35 10.76 -0.04
C SER M 230 4.83 9.38 -0.42
N ALA M 231 5.65 8.57 -1.09
CA ALA M 231 5.25 7.19 -1.37
C ALA M 231 5.14 6.38 -0.08
N LEU M 232 6.06 6.59 0.85
CA LEU M 232 5.99 5.89 2.14
C LEU M 232 4.72 6.26 2.89
N LEU M 233 4.38 7.54 2.93
CA LEU M 233 3.16 7.97 3.60
C LEU M 233 1.94 7.39 2.92
N LEU M 234 1.94 7.35 1.58
CA LEU M 234 0.82 6.76 0.87
C LEU M 234 0.67 5.29 1.21
N PHE M 235 1.79 4.57 1.35
CA PHE M 235 1.73 3.16 1.72
C PHE M 235 1.08 2.97 3.07
N ILE M 236 1.48 3.79 4.05
CA ILE M 236 0.88 3.70 5.39
C ILE M 236 -0.60 4.03 5.32
N LEU M 237 -0.95 5.06 4.55
CA LEU M 237 -2.36 5.43 4.41
C LEU M 237 -3.17 4.28 3.81
N ILE M 238 -2.64 3.65 2.76
CA ILE M 238 -3.39 2.61 2.07
C ILE M 238 -3.59 1.40 2.99
N VAL M 239 -2.57 1.04 3.76
CA VAL M 239 -2.72 -0.06 4.71
C VAL M 239 -3.79 0.27 5.73
N ALA M 240 -3.77 1.50 6.26
CA ALA M 240 -4.72 1.88 7.29
C ALA M 240 -6.16 1.79 6.78
N LEU M 241 -6.41 2.33 5.59
CA LEU M 241 -7.75 2.25 5.03
C LEU M 241 -8.16 0.82 4.74
N SER M 242 -7.20 -0.06 4.46
CA SER M 242 -7.52 -1.46 4.22
C SER M 242 -8.12 -2.11 5.48
N TRP M 243 -7.54 -1.85 6.64
CA TRP M 243 -8.08 -2.37 7.88
C TRP M 243 -9.45 -1.79 8.18
N ILE M 244 -9.62 -0.49 7.95
CA ILE M 244 -10.91 0.15 8.22
C ILE M 244 -12.00 -0.43 7.33
N SER M 245 -11.64 -0.80 6.09
CA SER M 245 -12.62 -1.34 5.17
C SER M 245 -13.27 -2.60 5.70
N ASN M 246 -12.56 -3.36 6.54
CA ASN M 246 -13.04 -4.66 6.99
C ASN M 246 -14.05 -4.58 8.14
N LEU M 247 -14.30 -3.40 8.69
CA LEU M 247 -15.23 -3.29 9.81
C LEU M 247 -16.63 -3.74 9.42
N ASP M 248 -17.31 -4.41 10.35
CA ASP M 248 -18.69 -4.78 10.15
C ASP M 248 -19.37 -4.94 11.50
N ILE M 249 -20.70 -4.92 11.48
CA ILE M 249 -21.51 -4.87 12.69
C ILE M 249 -22.02 -6.27 13.02
N THR M 250 -22.12 -6.56 14.32
CA THR M 250 -22.72 -7.80 14.81
C THR M 250 -24.23 -7.63 14.93
N TYR M 251 -24.90 -7.68 13.77
CA TYR M 251 -26.33 -7.35 13.73
C TYR M 251 -27.16 -8.24 14.64
N GLY M 252 -26.74 -9.49 14.85
CA GLY M 252 -27.56 -10.41 15.61
C GLY M 252 -27.81 -9.95 17.03
N ALA M 253 -26.87 -9.21 17.62
CA ALA M 253 -27.04 -8.71 18.97
C ALA M 253 -27.93 -7.47 19.04
N LEU M 254 -28.12 -6.77 17.91
CA LEU M 254 -28.93 -5.56 17.90
C LEU M 254 -30.39 -5.83 17.59
N GLU M 255 -30.66 -6.80 16.71
CA GLU M 255 -32.02 -7.16 16.36
C GLU M 255 -32.61 -8.11 17.40
N LYS M 256 -33.86 -8.52 17.17
CA LYS M 256 -34.53 -9.47 18.05
C LYS M 256 -35.44 -10.38 17.23
N SER M 257 -35.53 -11.64 17.65
CA SER M 257 -36.43 -12.61 17.04
C SER M 257 -36.91 -13.57 18.11
N THR M 258 -38.05 -14.22 17.84
CA THR M 258 -38.68 -15.11 18.80
C THR M 258 -39.32 -16.27 18.06
N ASN M 259 -39.56 -17.36 18.79
CA ASN M 259 -40.24 -18.52 18.24
C ASN M 259 -40.98 -19.24 19.36
N PRO M 260 -42.04 -19.99 19.04
CA PRO M 260 -42.78 -20.70 20.09
C PRO M 260 -42.09 -21.97 20.58
N ILE M 261 -41.22 -22.59 19.79
CA ILE M 261 -40.58 -23.83 20.21
C ILE M 261 -39.71 -23.58 21.44
N LYS M 262 -38.95 -22.48 21.42
CA LYS M 262 -38.13 -22.13 22.57
C LYS M 262 -38.99 -21.86 23.79
N LYS M 263 -40.13 -21.21 23.61
CA LYS M 263 -41.05 -20.94 24.70
C LYS M 263 -41.96 -22.14 24.95
N THR N 7 -30.78 20.43 46.01
CA THR N 7 -30.67 19.65 44.74
C THR N 7 -29.30 19.83 44.11
N GLY N 8 -28.87 18.83 43.32
CA GLY N 8 -27.52 18.83 42.80
C GLY N 8 -27.29 19.83 41.68
N LYS N 9 -28.35 20.29 41.02
CA LYS N 9 -28.20 21.12 39.83
C LYS N 9 -27.36 22.36 40.09
N ALA N 10 -27.37 22.88 41.32
CA ALA N 10 -26.71 24.14 41.62
C ALA N 10 -25.24 24.01 41.99
N TRP N 11 -24.80 22.83 42.42
CA TRP N 11 -23.45 22.71 42.99
C TRP N 11 -22.38 23.03 41.98
N CYS N 12 -22.47 22.46 40.78
CA CYS N 12 -21.38 22.61 39.80
C CYS N 12 -21.18 24.08 39.45
N CYS N 13 -22.27 24.80 39.19
CA CYS N 13 -22.14 26.23 38.90
C CYS N 13 -21.59 26.99 40.09
N THR N 14 -21.85 26.51 41.31
CA THR N 14 -21.32 27.17 42.50
C THR N 14 -19.80 27.04 42.58
N VAL N 15 -19.29 25.82 42.50
CA VAL N 15 -17.87 25.59 42.72
C VAL N 15 -17.04 26.12 41.55
N LEU N 16 -17.54 25.97 40.33
CA LEU N 16 -16.83 26.53 39.19
C LEU N 16 -16.70 28.04 39.33
N SER N 17 -17.77 28.72 39.76
CA SER N 17 -17.69 30.14 40.02
C SER N 17 -16.74 30.44 41.17
N ALA N 18 -16.78 29.63 42.23
CA ALA N 18 -15.92 29.88 43.38
C ALA N 18 -14.45 29.85 42.99
N PHE N 19 -14.05 28.86 42.20
CA PHE N 19 -12.69 28.87 41.66
C PHE N 19 -12.48 30.07 40.75
N GLY N 20 -13.50 30.45 39.98
CA GLY N 20 -13.37 31.60 39.11
C GLY N 20 -12.99 32.87 39.85
N VAL N 21 -13.64 33.10 40.99
CA VAL N 21 -13.39 34.34 41.75
C VAL N 21 -11.94 34.42 42.17
N VAL N 22 -11.42 33.35 42.77
CA VAL N 22 -10.08 33.40 43.34
C VAL N 22 -9.02 33.39 42.25
N ILE N 23 -9.18 32.54 41.23
CA ILE N 23 -8.15 32.39 40.22
C ILE N 23 -8.03 33.66 39.38
N LEU N 24 -9.16 34.19 38.92
CA LEU N 24 -9.13 35.41 38.11
C LEU N 24 -8.52 36.57 38.90
N SER N 25 -8.92 36.72 40.15
CA SER N 25 -8.43 37.85 40.95
C SER N 25 -6.93 37.74 41.22
N VAL N 26 -6.42 36.53 41.47
CA VAL N 26 -4.99 36.35 41.65
C VAL N 26 -4.24 36.71 40.37
N ILE N 27 -4.74 36.23 39.23
CA ILE N 27 -4.13 36.57 37.95
C ILE N 27 -4.17 38.07 37.73
N ALA N 28 -5.30 38.71 38.07
CA ALA N 28 -5.40 40.16 37.91
C ALA N 28 -4.36 40.88 38.75
N HIS N 29 -4.17 40.43 40.00
CA HIS N 29 -3.18 41.06 40.86
C HIS N 29 -1.78 40.98 40.27
N LEU N 30 -1.41 39.81 39.73
CA LEU N 30 -0.08 39.67 39.16
C LEU N 30 0.12 40.60 37.97
N PHE N 31 -0.90 40.73 37.12
CA PHE N 31 -0.82 41.70 36.03
C PHE N 31 -0.72 43.11 36.57
N ASN N 32 -1.55 43.45 37.57
CA ASN N 32 -1.48 44.77 38.15
C ASN N 32 -0.12 45.04 38.78
N THR N 33 0.56 43.98 39.23
CA THR N 33 1.89 44.10 39.81
C THR N 33 3.00 44.11 38.77
N ASN N 34 2.69 43.84 37.51
CA ASN N 34 3.71 43.69 36.47
C ASN N 34 4.68 42.56 36.83
N HIS N 35 4.14 41.44 37.29
CA HIS N 35 4.97 40.30 37.65
C HIS N 35 5.67 39.76 36.42
N GLU N 36 6.94 39.34 36.59
CA GLU N 36 7.77 38.99 35.44
C GLU N 36 7.19 37.82 34.66
N SER N 37 6.56 36.86 35.34
CA SER N 37 6.02 35.67 34.69
C SER N 37 4.77 35.96 33.86
N PHE N 38 4.31 37.21 33.81
CA PHE N 38 3.10 37.55 33.06
C PHE N 38 3.28 38.70 32.08
N VAL N 39 4.29 39.55 32.24
CA VAL N 39 4.50 40.65 31.30
C VAL N 39 5.98 40.72 30.91
N GLY N 40 6.75 39.67 31.18
CA GLY N 40 8.17 39.71 30.92
C GLY N 40 8.54 39.48 29.47
N SER N 41 7.73 38.71 28.74
CA SER N 41 8.09 38.32 27.39
C SER N 41 7.84 39.45 26.39
N ILE N 42 8.60 39.43 25.30
CA ILE N 42 8.33 40.34 24.19
C ILE N 42 6.93 40.09 23.64
N ASN N 43 6.40 38.88 23.81
CA ASN N 43 5.12 38.51 23.26
C ASN N 43 3.96 38.71 24.24
N ASP N 44 4.25 39.08 25.49
CA ASP N 44 3.20 39.35 26.46
C ASP N 44 2.50 40.66 26.13
N PRO N 45 1.30 40.88 26.68
CA PRO N 45 0.62 42.16 26.47
C PRO N 45 1.46 43.33 26.97
N GLU N 46 1.22 44.50 26.37
CA GLU N 46 2.06 45.68 26.58
C GLU N 46 1.72 46.47 27.83
N ASP N 47 0.59 46.22 28.47
CA ASP N 47 0.07 47.10 29.53
C ASP N 47 -0.51 46.25 30.64
N GLY N 48 0.15 46.25 31.80
CA GLY N 48 -0.31 45.49 32.94
C GLY N 48 -1.67 45.93 33.45
N PRO N 49 -1.74 47.16 33.99
CA PRO N 49 -3.00 47.58 34.63
C PRO N 49 -4.18 47.58 33.70
N ALA N 50 -3.97 47.80 32.39
CA ALA N 50 -5.09 47.73 31.46
C ALA N 50 -5.67 46.33 31.40
N VAL N 51 -4.81 45.31 31.34
CA VAL N 51 -5.30 43.93 31.40
C VAL N 51 -5.91 43.64 32.77
N ALA N 52 -5.27 44.11 33.84
CA ALA N 52 -5.76 43.82 35.18
C ALA N 52 -7.20 44.27 35.35
N HIS N 53 -7.55 45.42 34.79
CA HIS N 53 -8.91 45.95 34.94
C HIS N 53 -9.94 44.98 34.38
N THR N 54 -9.78 44.57 33.12
CA THR N 54 -10.78 43.71 32.49
C THR N 54 -10.82 42.33 33.15
N VAL N 55 -9.68 41.78 33.53
CA VAL N 55 -9.67 40.50 34.25
C VAL N 55 -10.39 40.67 35.59
N TYR N 56 -10.14 41.80 36.26
CA TYR N 56 -10.78 42.04 37.55
C TYR N 56 -12.30 42.11 37.42
N LEU N 57 -12.79 42.71 36.33
CA LEU N 57 -14.23 42.73 36.08
C LEU N 57 -14.76 41.32 35.88
N ALA N 58 -14.02 40.47 35.16
CA ALA N 58 -14.45 39.08 34.97
C ALA N 58 -14.59 38.37 36.31
N ALA N 59 -13.73 38.68 37.28
CA ALA N 59 -13.88 38.11 38.61
C ALA N 59 -15.20 38.51 39.24
N LEU N 60 -15.59 39.77 39.09
CA LEU N 60 -16.86 40.23 39.64
C LEU N 60 -18.04 39.47 39.03
N VAL N 61 -17.97 39.18 37.73
CA VAL N 61 -19.05 38.45 37.08
C VAL N 61 -19.26 37.10 37.75
N TYR N 62 -18.16 36.38 38.01
CA TYR N 62 -18.27 35.09 38.67
C TYR N 62 -18.73 35.23 40.12
N LEU N 63 -18.37 36.33 40.78
CA LEU N 63 -18.84 36.56 42.14
C LEU N 63 -20.36 36.64 42.19
N VAL N 64 -20.97 37.28 41.18
CA VAL N 64 -22.42 37.34 41.11
C VAL N 64 -23.01 35.94 41.00
N PHE N 65 -22.45 35.12 40.11
CA PHE N 65 -22.95 33.77 39.95
C PHE N 65 -22.77 32.95 41.22
N PHE N 66 -21.69 33.19 41.97
CA PHE N 66 -21.43 32.42 43.18
C PHE N 66 -22.51 32.67 44.22
N VAL N 67 -22.76 33.93 44.55
CA VAL N 67 -23.76 34.25 45.56
C VAL N 67 -25.15 33.86 45.08
N PHE N 68 -25.41 34.01 43.78
CA PHE N 68 -26.70 33.61 43.24
C PHE N 68 -26.95 32.12 43.46
N CYS N 69 -25.99 31.27 43.06
CA CYS N 69 -26.16 29.84 43.24
C CYS N 69 -26.03 29.43 44.70
N GLY N 70 -25.19 30.12 45.47
CA GLY N 70 -25.07 29.81 46.88
C GLY N 70 -26.40 29.93 47.60
N PHE N 71 -27.21 30.92 47.21
CA PHE N 71 -28.55 31.05 47.76
C PHE N 71 -29.46 29.94 47.28
N GLN N 72 -29.40 29.63 45.99
CA GLN N 72 -30.31 28.63 45.43
C GLN N 72 -30.04 27.24 46.00
N VAL N 73 -28.79 26.95 46.35
CA VAL N 73 -28.48 25.66 46.97
C VAL N 73 -28.77 25.70 48.46
N TYR N 74 -28.74 26.88 49.07
CA TYR N 74 -29.00 26.99 50.50
C TYR N 74 -30.48 26.80 50.82
N LEU N 75 -31.36 27.40 50.02
CA LEU N 75 -32.79 27.36 50.30
C LEU N 75 -33.32 25.94 50.15
N GLN O 1 -7.39 43.04 -8.55
CA GLN O 1 -6.10 43.54 -9.10
C GLN O 1 -5.20 44.13 -8.01
N VAL O 2 -3.90 44.05 -8.23
CA VAL O 2 -2.95 44.79 -7.41
C VAL O 2 -2.96 46.25 -7.82
N GLN O 3 -2.89 47.16 -6.85
CA GLN O 3 -2.84 48.57 -7.17
C GLN O 3 -2.09 49.34 -6.09
N LEU O 4 -1.51 50.47 -6.50
CA LEU O 4 -0.72 51.34 -5.67
C LEU O 4 -1.32 52.74 -5.69
N GLN O 5 -1.07 53.51 -4.63
CA GLN O 5 -1.38 54.93 -4.65
C GLN O 5 -0.42 55.68 -3.74
N GLU O 6 0.05 56.83 -4.22
CA GLU O 6 0.89 57.72 -3.43
C GLU O 6 0.04 58.65 -2.57
N SER O 7 0.70 59.35 -1.66
CA SER O 7 0.05 60.38 -0.85
C SER O 7 1.10 61.35 -0.35
N GLY O 8 0.63 62.52 0.08
CA GLY O 8 1.48 63.54 0.66
C GLY O 8 1.86 64.68 -0.27
N GLY O 9 1.30 64.72 -1.48
CA GLY O 9 1.66 65.79 -2.40
C GLY O 9 1.17 67.14 -1.91
N GLY O 10 1.81 68.19 -2.42
CA GLY O 10 1.44 69.54 -2.06
C GLY O 10 2.50 70.52 -2.52
N LEU O 11 2.47 71.71 -1.92
CA LEU O 11 3.43 72.76 -2.22
C LEU O 11 3.96 73.34 -0.92
N VAL O 12 5.25 73.71 -0.92
CA VAL O 12 5.94 74.13 0.29
C VAL O 12 6.95 75.22 -0.05
N GLU O 13 7.46 75.87 0.98
CA GLU O 13 8.46 76.92 0.81
C GLU O 13 9.81 76.34 0.44
N ILE O 14 10.65 77.17 -0.17
CA ILE O 14 12.01 76.75 -0.52
C ILE O 14 12.77 76.44 0.77
N GLY O 15 13.58 75.39 0.73
CA GLY O 15 14.31 74.95 1.90
C GLY O 15 13.49 74.15 2.89
N GLY O 16 12.21 73.95 2.62
CA GLY O 16 11.33 73.23 3.53
C GLY O 16 11.49 71.73 3.40
N SER O 17 10.51 71.02 3.96
CA SER O 17 10.54 69.57 4.05
C SER O 17 9.13 69.03 4.03
N LEU O 18 8.99 67.77 3.60
CA LEU O 18 7.73 67.06 3.67
C LEU O 18 7.99 65.58 3.46
N ARG O 19 6.97 64.78 3.77
CA ARG O 19 7.05 63.32 3.68
C ARG O 19 6.10 62.82 2.58
N LEU O 20 6.63 61.99 1.68
CA LEU O 20 5.81 61.28 0.71
C LEU O 20 5.53 59.87 1.19
N SER O 21 4.35 59.35 0.86
CA SER O 21 3.91 58.04 1.32
C SER O 21 3.35 57.23 0.15
N CYS O 22 3.45 55.91 0.27
CA CYS O 22 2.95 55.01 -0.77
C CYS O 22 2.60 53.67 -0.13
N ALA O 23 1.60 53.00 -0.71
CA ALA O 23 1.14 51.72 -0.19
C ALA O 23 0.58 50.88 -1.33
N ALA O 24 0.50 49.57 -1.11
CA ALA O 24 -0.10 48.64 -2.05
C ALA O 24 -1.04 47.71 -1.30
N SER O 25 -2.05 47.20 -2.00
CA SER O 25 -3.05 46.34 -1.39
C SER O 25 -3.44 45.24 -2.38
N GLY O 26 -4.00 44.16 -1.83
CA GLY O 26 -4.41 43.02 -2.63
C GLY O 26 -3.31 42.03 -2.95
N THR O 27 -2.12 42.21 -2.41
CA THR O 27 -0.99 41.35 -2.73
C THR O 27 -0.93 40.15 -1.79
N LEU O 28 -0.26 39.10 -2.26
CA LEU O 28 -0.08 37.87 -1.51
C LEU O 28 1.31 37.72 -0.91
N PHE O 29 2.16 38.74 -1.03
CA PHE O 29 3.54 38.61 -0.61
C PHE O 29 4.16 39.98 -0.41
N THR O 30 5.32 39.99 0.24
CA THR O 30 6.12 41.20 0.36
C THR O 30 6.95 41.39 -0.90
N PHE O 31 6.85 42.57 -1.50
CA PHE O 31 7.62 42.85 -2.71
C PHE O 31 9.11 42.81 -2.41
N ASN O 32 9.87 42.19 -3.30
CA ASN O 32 11.32 42.12 -3.12
C ASN O 32 11.95 43.51 -3.12
N THR O 33 11.47 44.40 -3.99
CA THR O 33 12.07 45.72 -4.14
C THR O 33 10.99 46.76 -4.35
N MET O 34 11.17 47.93 -3.72
CA MET O 34 10.30 49.07 -3.93
C MET O 34 11.16 50.31 -4.07
N ALA O 35 10.70 51.27 -4.88
CA ALA O 35 11.53 52.41 -5.24
C ALA O 35 10.67 53.62 -5.56
N TRP O 36 11.32 54.78 -5.61
CA TRP O 36 10.69 56.05 -5.97
C TRP O 36 11.29 56.57 -7.27
N TYR O 37 10.45 57.13 -8.13
CA TYR O 37 10.90 57.76 -9.37
C TYR O 37 10.31 59.16 -9.47
N ARG O 38 11.05 60.04 -10.14
CA ARG O 38 10.70 61.46 -10.23
C ARG O 38 10.68 61.88 -11.70
N GLN O 39 9.74 62.76 -12.04
CA GLN O 39 9.63 63.30 -13.40
C GLN O 39 9.35 64.80 -13.34
N ALA O 40 10.36 65.60 -13.61
CA ALA O 40 10.14 67.02 -13.82
C ALA O 40 9.48 67.24 -15.18
N PRO O 41 8.69 68.30 -15.33
CA PRO O 41 7.98 68.50 -16.61
C PRO O 41 8.96 68.62 -17.77
N GLY O 42 8.59 68.01 -18.89
CA GLY O 42 9.38 68.07 -20.10
C GLY O 42 10.58 67.15 -20.13
N LYS O 43 10.74 66.27 -19.14
CA LYS O 43 11.90 65.39 -19.05
C LYS O 43 11.46 63.96 -18.78
N GLN O 44 12.40 63.04 -19.00
CA GLN O 44 12.19 61.63 -18.70
C GLN O 44 12.26 61.40 -17.18
N ARG O 45 11.83 60.20 -16.77
CA ARG O 45 11.84 59.84 -15.36
C ARG O 45 13.27 59.73 -14.84
N GLU O 46 13.46 60.17 -13.60
CA GLU O 46 14.72 60.01 -12.89
C GLU O 46 14.55 59.00 -11.76
N PHE O 47 15.54 58.11 -11.60
CA PHE O 47 15.59 57.23 -10.45
C PHE O 47 16.02 58.01 -9.21
N ILE O 48 15.24 57.90 -8.14
CA ILE O 48 15.53 58.65 -6.92
C ILE O 48 16.15 57.73 -5.86
N ALA O 49 15.39 56.71 -5.43
CA ALA O 49 15.85 55.86 -4.34
C ALA O 49 15.12 54.53 -4.41
N THR O 50 15.71 53.53 -3.75
CA THR O 50 15.17 52.18 -3.73
C THR O 50 15.54 51.52 -2.41
N ILE O 51 14.75 50.53 -2.01
CA ILE O 51 14.98 49.80 -0.76
C ILE O 51 14.45 48.39 -0.91
N THR O 52 15.26 47.40 -0.57
CA THR O 52 14.86 46.01 -0.66
C THR O 52 13.99 45.61 0.54
N SER O 53 13.52 44.36 0.52
CA SER O 53 12.76 43.84 1.64
C SER O 53 13.59 43.77 2.92
N GLY O 54 14.91 43.68 2.80
CA GLY O 54 15.79 43.64 3.96
C GLY O 54 16.33 44.98 4.40
N GLY O 55 15.94 46.07 3.74
CA GLY O 55 16.37 47.39 4.11
C GLY O 55 17.59 47.91 3.40
N ASN O 56 18.15 47.17 2.45
CA ASN O 56 19.28 47.66 1.68
C ASN O 56 18.83 48.80 0.78
N THR O 57 19.55 49.93 0.85
CA THR O 57 19.14 51.16 0.20
C THR O 57 20.16 51.59 -0.85
N ASN O 58 19.68 52.36 -1.82
CA ASN O 58 20.55 53.02 -2.79
C ASN O 58 19.89 54.33 -3.18
N TYR O 59 20.71 55.33 -3.50
CA TYR O 59 20.22 56.67 -3.79
C TYR O 59 20.91 57.22 -5.02
N ALA O 60 20.26 58.17 -5.67
CA ALA O 60 20.90 59.01 -6.67
C ALA O 60 21.66 60.15 -6.00
N ASP O 61 22.80 60.51 -6.58
CA ASP O 61 23.61 61.59 -6.00
C ASP O 61 22.87 62.92 -5.97
N SER O 62 21.86 63.10 -6.82
CA SER O 62 21.11 64.35 -6.82
C SER O 62 20.27 64.52 -5.55
N VAL O 63 20.04 63.43 -4.81
CA VAL O 63 19.23 63.48 -3.61
C VAL O 63 20.00 62.93 -2.42
N GLN O 64 21.23 62.47 -2.67
CA GLN O 64 22.05 61.92 -1.60
C GLN O 64 22.15 62.92 -0.45
N GLY O 65 21.96 62.42 0.77
CA GLY O 65 21.95 63.28 1.94
C GLY O 65 20.63 63.98 2.18
N ARG O 66 20.06 64.60 1.15
CA ARG O 66 18.85 65.38 1.34
C ARG O 66 17.64 64.50 1.64
N PHE O 67 17.57 63.32 1.03
CA PHE O 67 16.39 62.46 1.11
C PHE O 67 16.69 61.23 1.96
N THR O 68 15.63 60.70 2.59
CA THR O 68 15.69 59.45 3.33
C THR O 68 14.52 58.57 2.92
N ILE O 69 14.82 57.38 2.41
CA ILE O 69 13.80 56.38 2.08
C ILE O 69 13.70 55.40 3.23
N SER O 70 12.50 54.88 3.49
CA SER O 70 12.29 54.00 4.63
C SER O 70 11.11 53.07 4.37
N ARG O 71 11.17 51.90 4.98
CA ARG O 71 10.06 50.96 4.98
C ARG O 71 9.08 51.27 6.10
N GLY O 72 7.80 51.02 5.86
CA GLY O 72 6.83 51.02 6.92
C GLY O 72 6.75 49.67 7.61
N ASN O 73 6.01 49.65 8.73
CA ASN O 73 5.84 48.39 9.46
C ASN O 73 4.80 47.49 8.81
N ALA O 74 3.75 48.06 8.23
CA ALA O 74 2.80 47.27 7.47
C ALA O 74 3.42 46.83 6.15
N LYS O 75 3.09 45.62 5.71
CA LYS O 75 3.72 45.07 4.52
C LYS O 75 3.47 45.98 3.31
N ASN O 76 4.51 46.14 2.50
CA ASN O 76 4.41 46.88 1.24
C ASN O 76 3.96 48.33 1.47
N THR O 77 4.67 49.03 2.33
CA THR O 77 4.48 50.45 2.53
C THR O 77 5.83 51.16 2.53
N LEU O 78 5.83 52.39 2.01
CA LEU O 78 7.03 53.22 1.94
C LEU O 78 6.74 54.59 2.53
N TYR O 79 7.77 55.20 3.10
CA TYR O 79 7.76 56.62 3.42
C TYR O 79 9.07 57.22 2.93
N LEU O 80 8.98 58.28 2.15
CA LEU O 80 10.14 59.03 1.68
C LEU O 80 10.11 60.40 2.34
N GLN O 81 11.11 60.68 3.17
CA GLN O 81 11.21 61.95 3.88
C GLN O 81 12.26 62.80 3.18
N MET O 82 11.82 63.95 2.66
CA MET O 82 12.67 64.84 1.86
C MET O 82 12.72 66.20 2.53
N ASN O 83 13.94 66.69 2.75
CA ASN O 83 14.16 67.94 3.46
C ASN O 83 15.26 68.73 2.76
N SER O 84 15.29 70.03 3.04
CA SER O 84 16.19 70.96 2.35
C SER O 84 15.89 70.98 0.86
N LEU O 85 14.63 71.21 0.53
CA LEU O 85 14.20 71.25 -0.86
C LEU O 85 14.79 72.47 -1.58
N LYS O 86 14.85 72.38 -2.90
CA LYS O 86 15.21 73.49 -3.76
C LYS O 86 14.24 73.55 -4.93
N PRO O 87 14.17 74.70 -5.62
CA PRO O 87 13.19 74.84 -6.70
C PRO O 87 13.31 73.77 -7.79
N GLU O 88 14.49 73.19 -7.97
CA GLU O 88 14.67 72.17 -9.00
C GLU O 88 13.89 70.89 -8.69
N ASP O 89 13.36 70.76 -7.47
CA ASP O 89 12.64 69.56 -7.07
C ASP O 89 11.22 69.49 -7.58
N THR O 90 10.73 70.54 -8.25
CA THR O 90 9.36 70.54 -8.76
C THR O 90 9.16 69.38 -9.73
N ALA O 91 8.29 68.43 -9.38
CA ALA O 91 8.09 67.24 -10.20
C ALA O 91 6.91 66.47 -9.68
N VAL O 92 6.45 65.53 -10.50
CA VAL O 92 5.54 64.47 -10.08
C VAL O 92 6.39 63.28 -9.66
N TYR O 93 5.94 62.56 -8.63
CA TYR O 93 6.67 61.44 -8.06
C TYR O 93 5.84 60.17 -8.15
N TYR O 94 6.50 59.06 -8.49
CA TYR O 94 5.87 57.74 -8.54
C TYR O 94 6.59 56.79 -7.60
N CYS O 95 5.84 55.85 -7.02
CA CYS O 95 6.43 54.72 -6.32
C CYS O 95 6.26 53.46 -7.15
N ASN O 96 7.29 52.61 -7.13
CA ASN O 96 7.35 51.43 -7.97
C ASN O 96 7.64 50.20 -7.14
N ALA O 97 6.92 49.11 -7.41
CA ALA O 97 7.06 47.86 -6.69
C ALA O 97 7.38 46.75 -7.68
N ARG O 98 8.38 45.93 -7.35
CA ARG O 98 8.95 44.99 -8.31
C ARG O 98 9.18 43.62 -7.66
N THR O 99 8.89 42.58 -8.42
CA THR O 99 9.13 41.20 -8.00
C THR O 99 10.52 40.75 -8.46
N MET O 100 11.05 39.72 -7.80
CA MET O 100 12.40 39.27 -8.10
C MET O 100 12.52 38.74 -9.53
N THR O 101 11.45 38.17 -10.08
CA THR O 101 11.49 37.65 -11.44
C THR O 101 10.13 37.86 -12.09
N GLY O 102 10.12 37.80 -13.42
CA GLY O 102 8.89 37.86 -14.17
C GLY O 102 8.41 39.28 -14.45
N PRO O 103 7.32 39.39 -15.20
CA PRO O 103 6.81 40.69 -15.62
C PRO O 103 6.06 41.46 -14.55
N PHE O 104 6.15 41.07 -13.29
CA PHE O 104 5.30 41.64 -12.23
C PHE O 104 5.96 42.89 -11.66
N ASP O 105 5.93 43.94 -12.47
CA ASP O 105 6.46 45.25 -12.13
C ASP O 105 5.30 46.25 -12.14
N TYR O 106 5.09 46.95 -11.03
CA TYR O 106 3.92 47.79 -10.83
C TYR O 106 4.32 49.24 -10.63
N TRP O 107 3.43 50.15 -11.04
CA TRP O 107 3.63 51.59 -10.90
C TRP O 107 2.33 52.26 -10.49
N GLY O 108 2.43 53.22 -9.57
CA GLY O 108 1.28 54.04 -9.23
C GLY O 108 1.09 55.21 -10.19
N GLN O 109 -0.02 55.93 -9.99
CA GLN O 109 -0.34 57.07 -10.85
C GLN O 109 0.53 58.28 -10.56
N GLY O 110 1.07 58.41 -9.35
CA GLY O 110 1.96 59.49 -9.02
C GLY O 110 1.26 60.70 -8.43
N THR O 111 2.06 61.58 -7.82
CA THR O 111 1.54 62.78 -7.16
C THR O 111 2.56 63.90 -7.28
N GLN O 112 2.08 65.12 -7.09
CA GLN O 112 2.82 66.34 -7.41
C GLN O 112 3.38 67.01 -6.15
N VAL O 113 4.60 67.53 -6.27
CA VAL O 113 5.20 68.38 -5.24
C VAL O 113 5.91 69.54 -5.92
N THR O 114 5.79 70.73 -5.31
CA THR O 114 6.39 71.94 -5.87
C THR O 114 6.84 72.82 -4.72
N VAL O 115 7.73 73.76 -5.04
CA VAL O 115 8.17 74.76 -4.07
C VAL O 115 7.17 75.91 -4.03
N GLN P 1 -12.49 35.16 -31.44
CA GLN P 1 -11.30 35.74 -32.13
C GLN P 1 -10.92 37.09 -31.52
N VAL P 2 -9.63 37.24 -31.23
CA VAL P 2 -9.11 38.49 -30.69
C VAL P 2 -9.20 39.58 -31.75
N GLN P 3 -9.75 40.73 -31.39
CA GLN P 3 -9.87 41.84 -32.33
C GLN P 3 -9.89 43.16 -31.57
N LEU P 4 -9.37 44.20 -32.21
CA LEU P 4 -9.23 45.53 -31.63
C LEU P 4 -9.95 46.56 -32.48
N GLN P 5 -10.39 47.64 -31.85
CA GLN P 5 -10.93 48.80 -32.57
C GLN P 5 -10.39 50.08 -31.97
N GLU P 6 -9.87 50.95 -32.81
CA GLU P 6 -9.59 52.33 -32.41
C GLU P 6 -10.86 53.16 -32.47
N SER P 7 -10.81 54.34 -31.85
CA SER P 7 -11.89 55.30 -31.97
C SER P 7 -11.36 56.69 -31.62
N GLY P 8 -12.08 57.70 -32.10
CA GLY P 8 -11.81 59.07 -31.73
C GLY P 8 -11.02 59.90 -32.73
N GLY P 9 -10.80 59.38 -33.95
CA GLY P 9 -10.11 60.16 -34.95
C GLY P 9 -10.94 61.31 -35.48
N GLY P 10 -10.26 62.30 -36.05
CA GLY P 10 -10.95 63.44 -36.61
C GLY P 10 -9.98 64.55 -36.94
N LEU P 11 -10.56 65.71 -37.27
CA LEU P 11 -9.81 66.89 -37.65
C LEU P 11 -9.82 67.89 -36.51
N VAL P 12 -8.66 68.51 -36.28
CA VAL P 12 -8.50 69.48 -35.20
C VAL P 12 -7.63 70.64 -35.68
N GLU P 13 -7.70 71.73 -34.94
CA GLU P 13 -6.90 72.91 -35.27
C GLU P 13 -5.46 72.73 -34.82
N ILE P 14 -4.57 73.53 -35.41
CA ILE P 14 -3.20 73.58 -34.93
C ILE P 14 -3.19 73.99 -33.47
N GLY P 15 -2.43 73.27 -32.66
CA GLY P 15 -2.42 73.49 -31.22
C GLY P 15 -3.56 72.84 -30.48
N GLY P 16 -4.43 72.10 -31.16
CA GLY P 16 -5.55 71.45 -30.53
C GLY P 16 -5.13 70.22 -29.73
N SER P 17 -6.15 69.54 -29.20
CA SER P 17 -5.94 68.35 -28.39
C SER P 17 -7.15 67.44 -28.51
N LEU P 18 -6.91 66.13 -28.36
CA LEU P 18 -8.00 65.16 -28.39
C LEU P 18 -7.49 63.84 -27.82
N ARG P 19 -8.43 62.92 -27.59
CA ARG P 19 -8.14 61.60 -27.03
C ARG P 19 -8.45 60.53 -28.07
N LEU P 20 -7.48 59.66 -28.33
CA LEU P 20 -7.72 58.43 -29.07
C LEU P 20 -7.99 57.29 -28.08
N SER P 21 -8.87 56.37 -28.47
CA SER P 21 -9.24 55.25 -27.62
C SER P 21 -9.16 53.94 -28.40
N CYS P 22 -8.78 52.87 -27.70
CA CYS P 22 -8.68 51.55 -28.29
C CYS P 22 -9.02 50.50 -27.24
N ALA P 23 -9.73 49.46 -27.66
CA ALA P 23 -10.19 48.41 -26.75
C ALA P 23 -10.07 47.05 -27.42
N ALA P 24 -9.64 46.05 -26.64
CA ALA P 24 -9.58 44.67 -27.10
C ALA P 24 -10.85 43.92 -26.70
N SER P 25 -11.00 42.72 -27.25
CA SER P 25 -12.19 41.92 -26.97
C SER P 25 -11.87 40.45 -27.16
N GLY P 26 -12.68 39.60 -26.51
CA GLY P 26 -12.62 38.17 -26.76
C GLY P 26 -11.28 37.53 -26.42
N THR P 27 -10.71 37.90 -25.28
CA THR P 27 -9.40 37.39 -24.87
C THR P 27 -9.48 36.87 -23.44
N LEU P 28 -8.57 35.95 -23.11
CA LEU P 28 -8.58 35.23 -21.85
C LEU P 28 -7.50 35.70 -20.87
N PHE P 29 -6.74 36.73 -21.21
CA PHE P 29 -5.64 37.16 -20.36
C PHE P 29 -5.31 38.61 -20.63
N THR P 30 -4.66 39.24 -19.65
CA THR P 30 -4.19 40.61 -19.82
C THR P 30 -2.93 40.60 -20.69
N PHE P 31 -2.95 41.39 -21.75
CA PHE P 31 -1.79 41.47 -22.63
C PHE P 31 -0.62 42.09 -21.91
N ASN P 32 0.56 41.48 -22.09
CA ASN P 32 1.76 41.98 -21.42
C ASN P 32 2.09 43.40 -21.85
N THR P 33 1.90 43.71 -23.13
CA THR P 33 2.28 45.01 -23.66
C THR P 33 1.25 45.49 -24.67
N MET P 34 0.96 46.79 -24.63
CA MET P 34 0.15 47.45 -25.64
C MET P 34 0.83 48.75 -26.04
N ALA P 35 0.57 49.19 -27.28
CA ALA P 35 1.30 50.34 -27.82
C ALA P 35 0.48 50.99 -28.92
N TRP P 36 0.88 52.22 -29.25
CA TRP P 36 0.31 52.98 -30.36
C TRP P 36 1.36 53.16 -31.43
N TYR P 37 0.98 52.95 -32.69
CA TYR P 37 1.87 53.17 -33.83
C TYR P 37 1.25 54.17 -34.79
N ARG P 38 2.10 54.93 -35.48
CA ARG P 38 1.68 56.02 -36.33
C ARG P 38 2.31 55.88 -37.71
N GLN P 39 1.56 56.28 -38.74
CA GLN P 39 2.08 56.32 -40.11
C GLN P 39 1.52 57.54 -40.81
N ALA P 40 2.37 58.56 -40.99
CA ALA P 40 1.99 59.68 -41.83
C ALA P 40 2.01 59.25 -43.30
N PRO P 41 1.24 59.92 -44.16
CA PRO P 41 1.30 59.58 -45.59
C PRO P 41 2.71 59.76 -46.13
N GLY P 42 3.16 58.78 -46.92
CA GLY P 42 4.50 58.82 -47.46
C GLY P 42 5.59 58.44 -46.49
N LYS P 43 5.27 57.68 -45.44
CA LYS P 43 6.26 57.30 -44.43
C LYS P 43 6.00 55.87 -43.98
N GLN P 44 7.05 55.28 -43.40
CA GLN P 44 6.93 54.01 -42.69
C GLN P 44 6.39 54.25 -41.28
N ARG P 45 6.02 53.16 -40.62
CA ARG P 45 5.41 53.25 -39.29
C ARG P 45 6.38 53.87 -38.29
N GLU P 46 5.83 54.68 -37.39
CA GLU P 46 6.56 55.31 -36.31
C GLU P 46 6.01 54.84 -34.97
N PHE P 47 6.89 54.46 -34.05
CA PHE P 47 6.47 54.12 -32.70
C PHE P 47 6.16 55.39 -31.90
N ILE P 48 5.11 55.34 -31.10
CA ILE P 48 4.64 56.49 -30.33
C ILE P 48 4.77 56.25 -28.82
N ALA P 49 4.04 55.28 -28.29
CA ALA P 49 4.00 55.07 -26.85
C ALA P 49 3.59 53.64 -26.56
N THR P 50 3.94 53.19 -25.36
CA THR P 50 3.63 51.82 -24.94
C THR P 50 3.44 51.79 -23.43
N ILE P 51 2.65 50.83 -22.97
CA ILE P 51 2.37 50.64 -21.56
C ILE P 51 2.28 49.14 -21.28
N THR P 52 2.89 48.70 -20.18
CA THR P 52 2.89 47.29 -19.84
C THR P 52 1.64 46.95 -19.02
N SER P 53 1.53 45.67 -18.64
CA SER P 53 0.41 45.22 -17.82
C SER P 53 0.43 45.87 -16.44
N GLY P 54 1.59 46.34 -15.98
CA GLY P 54 1.72 46.95 -14.68
C GLY P 54 1.68 48.46 -14.66
N GLY P 55 1.43 49.10 -15.81
CA GLY P 55 1.39 50.54 -15.87
C GLY P 55 2.71 51.21 -16.21
N ASN P 56 3.77 50.45 -16.41
CA ASN P 56 5.05 51.03 -16.82
C ASN P 56 4.93 51.57 -18.23
N THR P 57 5.35 52.83 -18.42
CA THR P 57 5.15 53.54 -19.67
C THR P 57 6.47 53.99 -20.28
N ASN P 58 6.48 54.13 -21.60
CA ASN P 58 7.63 54.64 -22.34
C ASN P 58 7.12 55.37 -23.57
N TYR P 59 7.91 56.33 -24.04
CA TYR P 59 7.49 57.19 -25.14
C TYR P 59 8.62 57.36 -26.15
N ALA P 60 8.25 57.72 -27.37
CA ALA P 60 9.20 58.21 -28.35
C ALA P 60 9.46 59.70 -28.13
N ASP P 61 10.68 60.13 -28.50
CA ASP P 61 11.07 61.52 -28.29
C ASP P 61 10.25 62.49 -29.13
N SER P 62 9.63 62.01 -30.22
CA SER P 62 8.79 62.88 -31.02
C SER P 62 7.63 63.46 -30.22
N VAL P 63 7.22 62.79 -29.14
CA VAL P 63 6.00 63.12 -28.43
C VAL P 63 6.22 63.34 -26.94
N GLN P 64 7.47 63.39 -26.48
CA GLN P 64 7.74 63.60 -25.06
C GLN P 64 6.99 64.82 -24.54
N GLY P 65 6.25 64.63 -23.47
CA GLY P 65 5.53 65.71 -22.83
C GLY P 65 4.22 66.07 -23.50
N ARG P 66 4.13 65.87 -24.81
CA ARG P 66 2.91 66.22 -25.53
C ARG P 66 1.83 65.16 -25.34
N PHE P 67 2.20 63.88 -25.35
CA PHE P 67 1.25 62.78 -25.36
C PHE P 67 1.25 62.07 -24.01
N THR P 68 0.10 61.49 -23.66
CA THR P 68 -0.06 60.69 -22.46
C THR P 68 -0.77 59.39 -22.80
N ILE P 69 -0.22 58.28 -22.34
CA ILE P 69 -0.78 56.95 -22.54
C ILE P 69 -1.18 56.37 -21.19
N SER P 70 -2.35 55.74 -21.12
CA SER P 70 -2.84 55.23 -19.85
C SER P 70 -3.84 54.11 -20.08
N ARG P 71 -4.02 53.29 -19.05
CA ARG P 71 -5.01 52.23 -19.08
C ARG P 71 -6.42 52.80 -18.91
N GLY P 72 -7.39 52.13 -19.54
CA GLY P 72 -8.78 52.41 -19.29
C GLY P 72 -9.27 51.71 -18.03
N ASN P 73 -10.57 51.82 -17.80
CA ASN P 73 -11.17 51.21 -16.62
C ASN P 73 -11.13 49.69 -16.70
N ALA P 74 -11.47 49.13 -17.86
CA ALA P 74 -11.66 47.70 -18.01
C ALA P 74 -10.38 47.03 -18.50
N LYS P 75 -10.37 45.70 -18.37
CA LYS P 75 -9.25 44.88 -18.82
C LYS P 75 -8.96 45.13 -20.31
N ASN P 76 -7.69 45.34 -20.63
CA ASN P 76 -7.24 45.51 -22.01
C ASN P 76 -7.99 46.64 -22.71
N THR P 77 -8.00 47.81 -22.09
CA THR P 77 -8.49 49.03 -22.71
C THR P 77 -7.41 50.10 -22.57
N LEU P 78 -7.31 50.98 -23.57
CA LEU P 78 -6.15 51.82 -23.74
C LEU P 78 -6.56 53.19 -24.26
N TYR P 79 -5.90 54.24 -23.76
CA TYR P 79 -6.12 55.61 -24.22
C TYR P 79 -4.79 56.24 -24.62
N LEU P 80 -4.84 57.10 -25.63
CA LEU P 80 -3.76 58.05 -25.91
C LEU P 80 -4.37 59.45 -25.94
N GLN P 81 -3.93 60.31 -25.03
CA GLN P 81 -4.41 61.68 -24.96
C GLN P 81 -3.25 62.61 -25.35
N MET P 82 -3.50 63.47 -26.32
CA MET P 82 -2.44 64.21 -27.00
C MET P 82 -2.79 65.68 -27.07
N ASN P 83 -1.78 66.53 -26.90
CA ASN P 83 -1.98 67.98 -26.77
C ASN P 83 -0.93 68.72 -27.58
N SER P 84 -1.20 69.99 -27.85
CA SER P 84 -0.26 70.87 -28.56
C SER P 84 0.15 70.27 -29.90
N LEU P 85 -0.84 69.90 -30.70
CA LEU P 85 -0.58 69.24 -31.96
C LEU P 85 0.01 70.21 -32.98
N LYS P 86 0.81 69.67 -33.89
CA LYS P 86 1.48 70.43 -34.92
C LYS P 86 1.38 69.66 -36.23
N PRO P 87 1.58 70.33 -37.38
CA PRO P 87 1.11 69.74 -38.65
C PRO P 87 1.80 68.44 -39.03
N GLU P 88 2.97 68.13 -38.47
CA GLU P 88 3.61 66.86 -38.79
C GLU P 88 2.92 65.67 -38.14
N ASP P 89 1.90 65.92 -37.31
CA ASP P 89 1.21 64.85 -36.59
C ASP P 89 0.11 64.20 -37.40
N THR P 90 -0.23 64.72 -38.58
CA THR P 90 -1.30 64.14 -39.39
C THR P 90 -0.90 62.74 -39.85
N ALA P 91 -1.70 61.74 -39.48
CA ALA P 91 -1.34 60.36 -39.75
C ALA P 91 -2.52 59.46 -39.41
N VAL P 92 -2.42 58.22 -39.86
CA VAL P 92 -3.26 57.14 -39.36
C VAL P 92 -2.59 56.54 -38.13
N TYR P 93 -3.38 56.23 -37.11
CA TYR P 93 -2.87 55.67 -35.86
C TYR P 93 -3.40 54.25 -35.70
N TYR P 94 -2.55 53.37 -35.17
CA TYR P 94 -2.93 51.99 -34.87
C TYR P 94 -2.58 51.68 -33.42
N CYS P 95 -3.37 50.81 -32.80
CA CYS P 95 -3.05 50.26 -31.49
C CYS P 95 -2.66 48.79 -31.64
N ASN P 96 -1.66 48.38 -30.86
CA ASN P 96 -1.08 47.05 -30.98
C ASN P 96 -0.99 46.39 -29.60
N ALA P 97 -1.28 45.09 -29.56
CA ALA P 97 -1.25 44.31 -28.34
C ALA P 97 -0.40 43.06 -28.56
N ARG P 98 0.41 42.70 -27.57
CA ARG P 98 1.39 41.64 -27.74
C ARG P 98 1.46 40.73 -26.53
N THR P 99 1.81 39.47 -26.77
CA THR P 99 2.10 38.49 -25.74
C THR P 99 3.60 38.43 -25.49
N MET P 100 3.98 37.92 -24.32
CA MET P 100 5.40 37.89 -23.95
C MET P 100 6.21 36.99 -24.88
N THR P 101 5.60 35.92 -25.39
CA THR P 101 6.30 35.00 -26.28
C THR P 101 5.33 34.52 -27.35
N GLY P 102 5.91 33.99 -28.43
CA GLY P 102 5.13 33.38 -29.48
C GLY P 102 4.62 34.35 -30.52
N PRO P 103 3.89 33.83 -31.51
CA PRO P 103 3.45 34.65 -32.64
C PRO P 103 2.23 35.51 -32.36
N PHE P 104 1.71 35.52 -31.14
CA PHE P 104 0.43 36.17 -30.84
C PHE P 104 0.67 37.67 -30.70
N ASP P 105 0.37 38.39 -31.78
CA ASP P 105 0.66 39.83 -31.89
C ASP P 105 -0.42 40.42 -32.77
N TYR P 106 -1.29 41.27 -32.19
CA TYR P 106 -2.52 41.68 -32.83
C TYR P 106 -2.50 43.18 -33.15
N TRP P 107 -3.23 43.56 -34.20
CA TRP P 107 -3.27 44.94 -34.68
C TRP P 107 -4.69 45.32 -35.08
N GLY P 108 -5.05 46.57 -34.83
CA GLY P 108 -6.28 47.13 -35.38
C GLY P 108 -6.06 47.80 -36.72
N GLN P 109 -7.16 48.12 -37.39
CA GLN P 109 -7.08 48.71 -38.73
C GLN P 109 -6.89 50.23 -38.70
N GLY P 110 -7.02 50.87 -37.54
CA GLY P 110 -6.55 52.24 -37.36
C GLY P 110 -7.57 53.30 -37.71
N THR P 111 -7.21 54.55 -37.35
CA THR P 111 -8.05 55.71 -37.60
C THR P 111 -7.18 56.89 -37.97
N GLN P 112 -7.79 57.86 -38.65
CA GLN P 112 -7.10 59.02 -39.19
C GLN P 112 -7.27 60.23 -38.27
N VAL P 113 -6.24 61.08 -38.23
CA VAL P 113 -6.32 62.40 -37.62
C VAL P 113 -5.64 63.41 -38.53
N THR P 114 -6.21 64.61 -38.61
CA THR P 114 -5.68 65.66 -39.45
C THR P 114 -5.74 66.98 -38.70
N VAL P 115 -4.89 67.92 -39.09
CA VAL P 115 -4.90 69.26 -38.50
C VAL P 115 -5.82 70.17 -39.30
N GLN Q 1 -6.61 18.09 -49.65
CA GLN Q 1 -5.45 18.84 -50.21
C GLN Q 1 -5.63 20.34 -50.06
N VAL Q 2 -4.54 21.04 -49.78
CA VAL Q 2 -4.54 22.49 -49.68
C VAL Q 2 -4.17 23.08 -51.04
N GLN Q 3 -4.96 24.03 -51.52
CA GLN Q 3 -4.63 24.73 -52.75
C GLN Q 3 -5.17 26.16 -52.67
N LEU Q 4 -4.49 27.05 -53.39
CA LEU Q 4 -4.85 28.46 -53.43
C LEU Q 4 -5.24 28.85 -54.85
N GLN Q 5 -6.26 29.71 -54.97
CA GLN Q 5 -6.67 30.27 -56.24
C GLN Q 5 -6.56 31.78 -56.20
N GLU Q 6 -5.75 32.34 -57.09
CA GLU Q 6 -5.76 33.79 -57.30
C GLU Q 6 -6.92 34.18 -58.19
N SER Q 7 -7.33 35.44 -58.10
CA SER Q 7 -8.43 35.93 -58.92
C SER Q 7 -8.35 37.45 -59.02
N GLY Q 8 -9.05 37.99 -60.02
CA GLY Q 8 -9.22 39.41 -60.17
C GLY Q 8 -8.23 40.11 -61.10
N GLY Q 9 -7.23 39.40 -61.61
CA GLY Q 9 -6.26 40.04 -62.47
C GLY Q 9 -6.82 40.38 -63.83
N GLY Q 10 -6.14 41.31 -64.51
CA GLY Q 10 -6.57 41.68 -65.85
C GLY Q 10 -5.80 42.88 -66.36
N LEU Q 11 -6.37 43.50 -67.40
CA LEU Q 11 -5.75 44.61 -68.11
C LEU Q 11 -6.40 45.91 -67.70
N VAL Q 12 -5.60 46.94 -67.44
CA VAL Q 12 -6.08 48.23 -66.99
C VAL Q 12 -5.30 49.34 -67.68
N GLU Q 13 -5.81 50.56 -67.56
CA GLU Q 13 -5.15 51.75 -68.06
C GLU Q 13 -3.99 52.15 -67.14
N ILE Q 14 -3.12 53.01 -67.65
CA ILE Q 14 -2.09 53.60 -66.80
C ILE Q 14 -2.76 54.42 -65.71
N GLY Q 15 -2.28 54.27 -64.48
CA GLY Q 15 -2.89 54.94 -63.36
C GLY Q 15 -4.13 54.27 -62.80
N GLY Q 16 -4.51 53.11 -63.33
CA GLY Q 16 -5.70 52.42 -62.89
C GLY Q 16 -5.51 51.72 -61.55
N SER Q 17 -6.53 50.96 -61.17
CA SER Q 17 -6.56 50.25 -59.90
C SER Q 17 -7.31 48.93 -60.07
N LEU Q 18 -6.96 47.95 -59.24
CA LEU Q 18 -7.68 46.69 -59.23
C LEU Q 18 -7.40 45.95 -57.93
N ARG Q 19 -8.24 44.95 -57.65
CA ARG Q 19 -8.15 44.14 -56.44
C ARG Q 19 -7.81 42.70 -56.81
N LEU Q 20 -6.73 42.17 -56.25
CA LEU Q 20 -6.44 40.75 -56.32
C LEU Q 20 -7.11 40.02 -55.16
N SER Q 21 -7.50 38.77 -55.40
CA SER Q 21 -8.09 37.93 -54.37
C SER Q 21 -7.42 36.57 -54.35
N CYS Q 22 -7.20 36.04 -53.16
CA CYS Q 22 -6.58 34.72 -52.96
C CYS Q 22 -7.19 34.06 -51.75
N ALA Q 23 -7.55 32.78 -51.87
CA ALA Q 23 -8.22 32.06 -50.81
C ALA Q 23 -7.73 30.63 -50.73
N ALA Q 24 -7.51 30.15 -49.52
CA ALA Q 24 -7.16 28.76 -49.27
C ALA Q 24 -8.41 27.94 -48.94
N SER Q 25 -8.28 26.62 -49.04
CA SER Q 25 -9.36 25.72 -48.68
C SER Q 25 -8.76 24.41 -48.19
N GLY Q 26 -9.57 23.64 -47.46
CA GLY Q 26 -9.15 22.33 -47.02
C GLY Q 26 -8.04 22.35 -46.00
N THR Q 27 -7.97 23.38 -45.17
CA THR Q 27 -6.90 23.56 -44.21
C THR Q 27 -7.47 23.67 -42.80
N LEU Q 28 -6.74 23.14 -41.82
CA LEU Q 28 -7.23 23.00 -40.46
C LEU Q 28 -6.86 24.16 -39.55
N PHE Q 29 -6.06 25.12 -40.01
CA PHE Q 29 -5.52 26.14 -39.12
C PHE Q 29 -5.26 27.42 -39.89
N THR Q 30 -5.17 28.52 -39.15
CA THR Q 30 -4.79 29.80 -39.73
C THR Q 30 -3.30 29.80 -40.04
N PHE Q 31 -2.94 30.11 -41.28
CA PHE Q 31 -1.54 30.19 -41.65
C PHE Q 31 -0.87 31.35 -40.93
N ASN Q 32 0.37 31.12 -40.48
CA ASN Q 32 1.10 32.17 -39.77
C ASN Q 32 1.35 33.37 -40.67
N THR Q 33 1.65 33.13 -41.94
CA THR Q 33 2.02 34.20 -42.86
C THR Q 33 1.44 33.93 -44.24
N MET Q 34 0.89 34.97 -44.86
CA MET Q 34 0.48 34.94 -46.25
C MET Q 34 1.05 36.17 -46.95
N ALA Q 35 1.38 36.01 -48.22
CA ALA Q 35 2.14 37.05 -48.92
C ALA Q 35 1.87 36.99 -50.42
N TRP Q 36 2.26 38.05 -51.11
CA TRP Q 36 2.15 38.17 -52.56
C TRP Q 36 3.53 38.31 -53.17
N TYR Q 37 3.72 37.66 -54.32
CA TYR Q 37 4.97 37.77 -55.08
C TYR Q 37 4.68 38.17 -56.52
N ARG Q 38 5.65 38.82 -57.14
CA ARG Q 38 5.53 39.35 -58.50
C ARG Q 38 6.64 38.80 -59.38
N GLN Q 39 6.32 38.55 -60.65
CA GLN Q 39 7.33 38.16 -61.64
C GLN Q 39 6.96 38.82 -62.97
N ALA Q 40 7.68 39.88 -63.34
CA ALA Q 40 7.55 40.43 -64.66
C ALA Q 40 8.22 39.51 -65.68
N PRO Q 41 7.73 39.48 -66.92
CA PRO Q 41 8.34 38.61 -67.93
C PRO Q 41 9.81 38.98 -68.14
N GLY Q 42 10.67 37.96 -68.15
CA GLY Q 42 12.09 38.20 -68.25
C GLY Q 42 12.79 38.55 -66.95
N LYS Q 43 12.11 38.39 -65.81
CA LYS Q 43 12.68 38.72 -64.51
C LYS Q 43 12.42 37.60 -63.53
N GLN Q 44 13.23 37.54 -62.48
CA GLN Q 44 13.02 36.61 -61.39
C GLN Q 44 11.90 37.10 -60.48
N ARG Q 45 11.50 36.22 -59.55
CA ARG Q 45 10.44 36.57 -58.61
C ARG Q 45 10.87 37.71 -57.69
N GLU Q 46 9.91 38.57 -57.34
CA GLU Q 46 10.13 39.66 -56.40
C GLU Q 46 9.06 39.62 -55.31
N PHE Q 47 9.47 39.97 -54.09
CA PHE Q 47 8.53 40.10 -52.99
C PHE Q 47 7.74 41.39 -53.12
N ILE Q 48 6.48 41.36 -52.66
CA ILE Q 48 5.60 42.52 -52.75
C ILE Q 48 5.07 42.90 -51.37
N ALA Q 49 4.34 41.99 -50.73
CA ALA Q 49 3.70 42.32 -49.46
C ALA Q 49 3.46 41.04 -48.67
N THR Q 50 3.31 41.21 -47.36
CA THR Q 50 3.08 40.09 -46.45
C THR Q 50 2.23 40.57 -45.28
N ILE Q 51 1.54 39.62 -44.64
CA ILE Q 51 0.68 39.92 -43.50
C ILE Q 51 0.58 38.69 -42.61
N THR Q 52 0.88 38.86 -41.32
CA THR Q 52 0.85 37.75 -40.40
C THR Q 52 -0.58 37.48 -39.90
N SER Q 53 -0.71 36.44 -39.09
CA SER Q 53 -2.03 36.04 -38.60
C SER Q 53 -2.71 37.16 -37.83
N GLY Q 54 -1.95 37.96 -37.08
CA GLY Q 54 -2.51 39.01 -36.28
C GLY Q 54 -2.74 40.33 -36.98
N GLY Q 55 -2.41 40.42 -38.26
CA GLY Q 55 -2.63 41.63 -39.03
C GLY Q 55 -1.43 42.53 -39.18
N ASN Q 56 -0.24 42.09 -38.76
CA ASN Q 56 0.96 42.89 -38.96
C ASN Q 56 1.39 42.81 -40.43
N THR Q 57 1.60 43.97 -41.05
CA THR Q 57 1.84 44.05 -42.48
C THR Q 57 3.22 44.62 -42.76
N ASN Q 58 3.79 44.22 -43.89
CA ASN Q 58 5.08 44.69 -44.34
C ASN Q 58 5.09 44.70 -45.86
N TYR Q 59 5.82 45.65 -46.45
CA TYR Q 59 5.81 45.87 -47.89
C TYR Q 59 7.22 45.99 -48.42
N ALA Q 60 7.38 45.67 -49.70
CA ALA Q 60 8.59 46.04 -50.41
C ALA Q 60 8.61 47.55 -50.64
N ASP Q 61 9.79 48.15 -50.54
CA ASP Q 61 9.89 49.60 -50.66
C ASP Q 61 9.41 50.10 -52.02
N SER Q 62 9.47 49.26 -53.06
CA SER Q 62 9.07 49.71 -54.39
C SER Q 62 7.59 50.06 -54.44
N VAL Q 63 6.77 49.45 -53.58
CA VAL Q 63 5.32 49.55 -53.66
C VAL Q 63 4.72 50.35 -52.52
N GLN Q 64 5.55 51.01 -51.70
CA GLN Q 64 5.03 51.76 -50.57
C GLN Q 64 3.96 52.75 -51.02
N GLY Q 65 2.83 52.75 -50.32
CA GLY Q 65 1.77 53.70 -50.58
C GLY Q 65 0.87 53.33 -51.75
N ARG Q 66 1.40 52.61 -52.74
CA ARG Q 66 0.60 52.30 -53.92
C ARG Q 66 -0.28 51.08 -53.70
N PHE Q 67 0.19 50.09 -52.95
CA PHE Q 67 -0.55 48.86 -52.72
C PHE Q 67 -0.97 48.76 -51.25
N THR Q 68 -2.00 47.96 -51.01
CA THR Q 68 -2.47 47.67 -49.66
C THR Q 68 -2.87 46.20 -49.57
N ILE Q 69 -2.51 45.57 -48.45
CA ILE Q 69 -2.78 44.14 -48.23
C ILE Q 69 -3.62 44.01 -46.97
N SER Q 70 -4.57 43.07 -46.99
CA SER Q 70 -5.41 42.85 -45.81
C SER Q 70 -6.08 41.48 -45.91
N ARG Q 71 -6.52 40.99 -44.76
CA ARG Q 71 -7.24 39.73 -44.70
C ARG Q 71 -8.70 39.91 -45.13
N GLY Q 72 -9.24 38.92 -45.81
CA GLY Q 72 -10.66 38.83 -46.02
C GLY Q 72 -11.37 38.36 -44.76
N ASN Q 73 -12.71 38.36 -44.82
CA ASN Q 73 -13.49 38.03 -43.64
C ASN Q 73 -13.32 36.57 -43.23
N ALA Q 74 -13.28 35.66 -44.19
CA ALA Q 74 -13.18 34.24 -43.89
C ALA Q 74 -11.74 33.85 -43.60
N LYS Q 75 -11.58 32.73 -42.87
CA LYS Q 75 -10.25 32.25 -42.52
C LYS Q 75 -9.39 32.03 -43.75
N ASN Q 76 -8.15 32.48 -43.68
CA ASN Q 76 -7.15 32.23 -44.73
C ASN Q 76 -7.62 32.76 -46.09
N THR Q 77 -8.25 33.92 -46.09
CA THR Q 77 -8.59 34.64 -47.30
C THR Q 77 -7.84 35.96 -47.33
N LEU Q 78 -7.42 36.38 -48.52
CA LEU Q 78 -6.46 37.46 -48.67
C LEU Q 78 -6.87 38.38 -49.81
N TYR Q 79 -6.78 39.68 -49.58
CA TYR Q 79 -7.02 40.70 -50.61
C TYR Q 79 -5.80 41.60 -50.73
N LEU Q 80 -5.45 41.97 -51.95
CA LEU Q 80 -4.48 43.02 -52.21
C LEU Q 80 -5.11 44.04 -53.15
N GLN Q 81 -5.18 45.28 -52.70
CA GLN Q 81 -5.69 46.38 -53.51
C GLN Q 81 -4.52 47.23 -53.97
N MET Q 82 -4.45 47.47 -55.27
CA MET Q 82 -3.34 48.19 -55.89
C MET Q 82 -3.88 49.30 -56.76
N ASN Q 83 -3.31 50.49 -56.63
CA ASN Q 83 -3.79 51.67 -57.34
C ASN Q 83 -2.61 52.47 -57.85
N SER Q 84 -2.89 53.38 -58.80
CA SER Q 84 -1.85 54.14 -59.49
C SER Q 84 -0.89 53.19 -60.19
N LEU Q 85 -1.45 52.27 -60.96
CA LEU Q 85 -0.63 51.31 -61.70
C LEU Q 85 0.31 52.04 -62.66
N LYS Q 86 1.57 51.65 -62.63
CA LYS Q 86 2.58 52.21 -63.52
C LYS Q 86 2.79 51.33 -64.73
N PRO Q 87 3.41 51.84 -65.78
CA PRO Q 87 3.74 51.00 -66.94
C PRO Q 87 4.54 49.76 -66.58
N GLU Q 88 5.29 49.79 -65.48
CA GLU Q 88 6.23 48.73 -65.15
C GLU Q 88 5.63 47.63 -64.28
N ASP Q 89 4.37 47.76 -63.87
CA ASP Q 89 3.74 46.79 -62.98
C ASP Q 89 3.20 45.56 -63.70
N THR Q 90 3.49 45.40 -64.99
CA THR Q 90 3.02 44.24 -65.74
C THR Q 90 3.74 42.99 -65.26
N ALA Q 91 2.99 42.00 -64.81
CA ALA Q 91 3.59 40.78 -64.27
C ALA Q 91 2.51 39.75 -63.98
N VAL Q 92 2.95 38.52 -63.78
CA VAL Q 92 2.14 37.49 -63.14
C VAL Q 92 2.36 37.58 -61.64
N TYR Q 93 1.28 37.45 -60.87
CA TYR Q 93 1.35 37.56 -59.42
C TYR Q 93 0.96 36.23 -58.77
N TYR Q 94 1.68 35.86 -57.71
CA TYR Q 94 1.42 34.65 -56.94
C TYR Q 94 1.13 35.02 -55.49
N CYS Q 95 0.21 34.29 -54.87
CA CYS Q 95 -0.01 34.39 -53.42
C CYS Q 95 0.59 33.17 -52.73
N ASN Q 96 1.18 33.40 -51.57
CA ASN Q 96 1.94 32.40 -50.83
C ASN Q 96 1.44 32.29 -49.41
N ALA Q 97 1.42 31.07 -48.88
CA ALA Q 97 0.99 30.80 -47.52
C ALA Q 97 1.99 29.86 -46.87
N ARG Q 98 2.46 30.21 -45.67
CA ARG Q 98 3.56 29.49 -45.03
C ARG Q 98 3.23 29.12 -43.60
N THR Q 99 3.65 27.92 -43.21
CA THR Q 99 3.55 27.48 -41.82
C THR Q 99 4.78 27.92 -41.05
N MET Q 100 4.62 28.08 -39.73
CA MET Q 100 5.71 28.64 -38.92
C MET Q 100 6.94 27.74 -38.92
N THR Q 101 6.75 26.41 -38.97
CA THR Q 101 7.86 25.48 -39.02
C THR Q 101 7.54 24.35 -39.98
N GLY Q 102 8.58 23.71 -40.48
CA GLY Q 102 8.43 22.57 -41.34
C GLY Q 102 8.33 22.92 -42.82
N PRO Q 103 8.13 21.90 -43.65
CA PRO Q 103 8.13 22.10 -45.11
C PRO Q 103 6.81 22.60 -45.67
N PHE Q 104 5.82 22.87 -44.83
CA PHE Q 104 4.46 23.13 -45.31
C PHE Q 104 4.38 24.58 -45.77
N ASP Q 105 4.41 24.74 -47.10
CA ASP Q 105 4.66 26.04 -47.73
C ASP Q 105 4.02 25.96 -49.12
N TYR Q 106 2.89 26.64 -49.29
CA TYR Q 106 2.01 26.45 -50.45
C TYR Q 106 2.03 27.67 -51.36
N TRP Q 107 1.97 27.42 -52.67
CA TRP Q 107 1.98 28.46 -53.69
C TRP Q 107 0.83 28.24 -54.66
N GLY Q 108 0.13 29.32 -55.00
CA GLY Q 108 -0.88 29.26 -56.04
C GLY Q 108 -0.29 29.33 -57.43
N GLN Q 109 -1.14 29.08 -58.42
CA GLN Q 109 -0.69 29.07 -59.81
C GLN Q 109 -0.48 30.46 -60.37
N GLY Q 110 -1.08 31.48 -59.77
CA GLY Q 110 -0.84 32.86 -60.15
C GLY Q 110 -1.79 33.37 -61.22
N THR Q 111 -1.74 34.68 -61.44
CA THR Q 111 -2.60 35.33 -62.40
C THR Q 111 -1.88 36.52 -63.02
N GLN Q 112 -2.31 36.89 -64.23
CA GLN Q 112 -1.65 37.91 -65.03
C GLN Q 112 -2.35 39.25 -64.86
N VAL Q 113 -1.56 40.33 -64.80
CA VAL Q 113 -2.08 41.69 -64.86
C VAL Q 113 -1.21 42.49 -65.81
N THR Q 114 -1.84 43.37 -66.59
CA THR Q 114 -1.16 44.21 -67.56
C THR Q 114 -1.77 45.60 -67.53
N VAL Q 115 -1.03 46.56 -68.06
CA VAL Q 115 -1.44 47.96 -68.00
C VAL Q 115 -1.55 48.56 -69.40
N THR R 2 34.57 0.56 -23.74
CA THR R 2 34.55 0.70 -22.25
C THR R 2 35.34 -0.43 -21.60
N GLU R 3 35.66 -0.24 -20.31
CA GLU R 3 36.56 -1.16 -19.62
C GLU R 3 35.93 -2.54 -19.45
N LEU R 4 36.76 -3.57 -19.62
CA LEU R 4 36.29 -4.95 -19.46
C LEU R 4 36.03 -5.32 -18.01
N CYS R 5 36.64 -4.61 -17.07
CA CYS R 5 36.62 -4.98 -15.66
C CYS R 5 36.19 -3.79 -14.80
N PRO R 6 34.94 -3.34 -14.95
CA PRO R 6 34.49 -2.18 -14.18
C PRO R 6 34.37 -2.48 -12.70
N VAL R 7 34.34 -1.39 -11.91
CA VAL R 7 34.42 -1.49 -10.46
C VAL R 7 33.28 -2.33 -9.87
N TYR R 8 32.12 -2.33 -10.51
CA TYR R 8 30.95 -3.00 -9.96
C TYR R 8 30.80 -4.45 -10.43
N ALA R 9 31.76 -4.98 -11.18
CA ALA R 9 31.64 -6.34 -11.70
C ALA R 9 31.36 -7.38 -10.62
N PRO R 10 31.98 -7.35 -9.45
CA PRO R 10 31.71 -8.38 -8.44
C PRO R 10 30.25 -8.49 -8.04
N PHE R 11 29.43 -7.46 -8.28
CA PHE R 11 28.05 -7.48 -7.82
C PHE R 11 27.31 -8.71 -8.35
N PHE R 12 27.43 -8.97 -9.66
CA PHE R 12 26.70 -10.09 -10.24
C PHE R 12 27.18 -11.42 -9.67
N GLY R 13 28.49 -11.59 -9.51
CA GLY R 13 28.99 -12.79 -8.88
C GLY R 13 28.49 -12.94 -7.45
N ALA R 14 28.49 -11.84 -6.70
CA ALA R 14 28.04 -11.89 -5.31
C ALA R 14 26.59 -12.32 -5.22
N ILE R 15 25.72 -11.76 -6.07
CA ILE R 15 24.31 -12.14 -6.05
C ILE R 15 24.14 -13.57 -6.55
N GLY R 16 24.92 -14.00 -7.53
CA GLY R 16 24.87 -15.39 -7.96
C GLY R 16 25.23 -16.34 -6.84
N CYS R 17 26.25 -16.00 -6.06
CA CYS R 17 26.65 -16.85 -4.94
C CYS R 17 25.52 -17.01 -3.94
N ALA R 18 24.87 -15.91 -3.58
CA ALA R 18 23.76 -15.98 -2.63
C ALA R 18 22.56 -16.69 -3.22
N SER R 19 22.26 -16.45 -4.50
CA SER R 19 21.08 -17.05 -5.12
C SER R 19 21.11 -18.57 -5.03
N ALA R 20 22.29 -19.17 -5.12
CA ALA R 20 22.38 -20.63 -5.11
C ALA R 20 21.87 -21.21 -3.80
N ILE R 21 22.25 -20.61 -2.68
CA ILE R 21 21.88 -21.19 -1.38
C ILE R 21 20.49 -20.72 -0.94
N ILE R 22 20.02 -19.58 -1.45
CA ILE R 22 18.70 -19.09 -1.08
C ILE R 22 17.62 -20.06 -1.58
N PHE R 23 17.61 -20.31 -2.88
CA PHE R 23 16.51 -21.05 -3.48
C PHE R 23 16.59 -22.55 -3.20
N THR R 24 17.79 -23.11 -3.08
CA THR R 24 17.91 -24.52 -2.73
C THR R 24 17.43 -24.78 -1.30
N SER R 25 17.70 -23.86 -0.38
CA SER R 25 17.24 -24.04 0.99
C SER R 25 15.73 -23.91 1.08
N LEU R 26 15.13 -23.01 0.30
CA LEU R 26 13.66 -22.97 0.22
C LEU R 26 13.11 -24.29 -0.32
N GLY R 27 13.75 -24.83 -1.36
CA GLY R 27 13.28 -26.10 -1.91
C GLY R 27 13.39 -27.24 -0.93
N ALA R 28 14.54 -27.35 -0.25
CA ALA R 28 14.71 -28.42 0.72
C ALA R 28 13.77 -28.24 1.90
N ALA R 29 13.55 -27.00 2.34
CA ALA R 29 12.64 -26.75 3.45
C ALA R 29 11.23 -27.22 3.12
N TYR R 30 10.74 -26.89 1.92
CA TYR R 30 9.41 -27.31 1.52
C TYR R 30 9.33 -28.84 1.44
N GLY R 31 10.34 -29.47 0.84
CA GLY R 31 10.34 -30.91 0.74
C GLY R 31 10.34 -31.60 2.09
N THR R 32 11.05 -31.04 3.07
CA THR R 32 11.06 -31.61 4.41
C THR R 32 9.72 -31.41 5.09
N ALA R 33 9.15 -30.21 5.00
CA ALA R 33 7.91 -29.92 5.69
C ALA R 33 6.77 -30.81 5.20
N LYS R 34 6.55 -30.85 3.88
CA LYS R 34 5.44 -31.64 3.35
C LYS R 34 5.61 -33.12 3.66
N SER R 35 6.84 -33.64 3.55
CA SER R 35 7.08 -35.03 3.88
C SER R 35 6.85 -35.31 5.36
N GLY R 36 7.32 -34.40 6.22
CA GLY R 36 7.20 -34.63 7.65
C GLY R 36 5.76 -34.77 8.12
N VAL R 37 4.88 -33.92 7.59
CA VAL R 37 3.46 -34.02 7.96
C VAL R 37 2.91 -35.39 7.61
N GLY R 38 3.23 -35.88 6.41
CA GLY R 38 2.75 -37.20 6.02
C GLY R 38 3.32 -38.32 6.87
N ILE R 39 4.62 -38.25 7.18
CA ILE R 39 5.25 -39.30 7.98
C ILE R 39 4.61 -39.37 9.36
N CYS R 40 4.50 -38.23 10.04
CA CYS R 40 3.93 -38.22 11.38
C CYS R 40 2.49 -38.68 11.37
N ALA R 41 1.72 -38.26 10.37
CA ALA R 41 0.30 -38.59 10.32
C ALA R 41 0.07 -40.09 10.17
N THR R 42 0.85 -40.75 9.31
CA THR R 42 0.57 -42.13 8.96
C THR R 42 1.10 -43.11 10.00
N CYS R 43 2.26 -42.83 10.59
CA CYS R 43 2.90 -43.79 11.48
C CYS R 43 2.17 -43.95 12.81
N VAL R 44 1.17 -43.11 13.09
CA VAL R 44 0.49 -43.21 14.38
C VAL R 44 -0.12 -44.60 14.56
N LEU R 45 -0.54 -45.24 13.47
CA LEU R 45 -1.02 -46.60 13.52
C LEU R 45 0.02 -47.62 13.09
N ARG R 46 1.14 -47.18 12.52
CA ARG R 46 2.18 -48.08 12.00
C ARG R 46 3.54 -47.58 12.45
N PRO R 47 3.84 -47.69 13.75
CA PRO R 47 5.13 -47.19 14.25
C PRO R 47 6.32 -48.01 13.79
N ASP R 48 6.11 -49.26 13.36
CA ASP R 48 7.24 -50.13 13.04
C ASP R 48 8.02 -49.61 11.84
N LEU R 49 7.32 -49.13 10.81
CA LEU R 49 7.96 -48.71 9.56
C LEU R 49 8.42 -47.26 9.61
N LEU R 50 8.55 -46.68 10.79
CA LEU R 50 8.91 -45.27 10.91
C LEU R 50 10.22 -44.94 10.20
N PHE R 51 11.26 -45.74 10.45
CA PHE R 51 12.57 -45.48 9.87
C PHE R 51 12.67 -45.93 8.42
N LYS R 52 11.66 -46.62 7.90
CA LYS R 52 11.59 -46.95 6.48
C LYS R 52 11.01 -45.81 5.66
N ASN R 53 10.03 -45.10 6.23
CA ASN R 53 9.39 -43.99 5.54
C ASN R 53 10.21 -42.70 5.58
N ILE R 54 11.36 -42.69 6.26
CA ILE R 54 12.13 -41.47 6.42
C ILE R 54 12.79 -41.03 5.12
N VAL R 55 12.81 -41.89 4.10
CA VAL R 55 13.64 -41.68 2.92
C VAL R 55 13.38 -40.33 2.26
N PRO R 56 12.14 -39.91 2.07
CA PRO R 56 11.91 -38.62 1.38
C PRO R 56 12.59 -37.45 2.06
N VAL R 57 12.75 -37.50 3.38
CA VAL R 57 13.43 -36.41 4.08
C VAL R 57 14.90 -36.39 3.71
N ILE R 58 15.55 -37.55 3.64
CA ILE R 58 16.92 -37.62 3.14
C ILE R 58 16.96 -37.10 1.70
N MET R 59 16.00 -37.53 0.89
CA MET R 59 15.98 -37.13 -0.52
C MET R 59 15.91 -35.61 -0.66
N ALA R 60 15.03 -34.97 0.11
CA ALA R 60 14.92 -33.52 0.06
C ALA R 60 16.17 -32.84 0.59
N GLY R 61 16.76 -33.40 1.66
CA GLY R 61 17.93 -32.77 2.25
C GLY R 61 19.11 -32.67 1.32
N ILE R 62 19.24 -33.63 0.39
CA ILE R 62 20.38 -33.61 -0.53
C ILE R 62 20.38 -32.34 -1.38
N ILE R 63 19.20 -31.82 -1.70
CA ILE R 63 19.13 -30.66 -2.58
C ILE R 63 19.89 -29.48 -1.96
N ALA R 64 19.89 -29.38 -0.63
CA ALA R 64 20.66 -28.31 0.00
C ALA R 64 22.14 -28.50 -0.19
N ILE R 65 22.61 -29.76 -0.28
CA ILE R 65 24.03 -30.00 -0.51
C ILE R 65 24.44 -29.48 -1.89
N TYR R 66 23.57 -29.66 -2.90
CA TYR R 66 23.86 -29.09 -4.21
C TYR R 66 24.06 -27.59 -4.11
N GLY R 67 23.21 -26.91 -3.35
CA GLY R 67 23.35 -25.47 -3.19
C GLY R 67 24.66 -25.09 -2.52
N LEU R 68 25.03 -25.83 -1.47
CA LEU R 68 26.25 -25.51 -0.74
C LEU R 68 27.48 -25.68 -1.62
N VAL R 69 27.52 -26.75 -2.41
CA VAL R 69 28.69 -27.02 -3.24
C VAL R 69 28.89 -25.90 -4.25
N VAL R 70 27.84 -25.55 -4.99
CA VAL R 70 27.96 -24.50 -5.99
C VAL R 70 28.26 -23.16 -5.34
N SER R 71 27.59 -22.86 -4.22
CA SER R 71 27.82 -21.58 -3.56
C SER R 71 29.25 -21.46 -3.09
N VAL R 72 29.81 -22.53 -2.53
CA VAL R 72 31.20 -22.51 -2.09
C VAL R 72 32.14 -22.34 -3.27
N LEU R 73 31.90 -23.11 -4.34
CA LEU R 73 32.79 -23.03 -5.50
C LEU R 73 32.80 -21.64 -6.10
N VAL R 74 31.63 -21.01 -6.22
CA VAL R 74 31.57 -19.62 -6.68
C VAL R 74 32.28 -18.72 -5.68
N CYS R 75 32.09 -18.97 -4.38
CA CYS R 75 32.62 -18.09 -3.35
C CYS R 75 34.13 -17.91 -3.50
N TYR R 76 34.86 -19.01 -3.67
CA TYR R 76 36.32 -18.96 -3.78
C TYR R 76 36.80 -18.42 -5.11
N SER R 77 35.90 -17.93 -5.97
CA SER R 77 36.27 -17.32 -7.24
C SER R 77 36.00 -15.83 -7.27
N LEU R 78 35.36 -15.28 -6.23
CA LEU R 78 35.13 -13.85 -6.15
C LEU R 78 36.43 -13.11 -5.88
N GLY R 79 36.52 -11.88 -6.40
CA GLY R 79 37.67 -11.05 -6.15
C GLY R 79 37.38 -9.61 -6.47
N GLN R 80 38.20 -8.72 -5.91
CA GLN R 80 37.95 -7.28 -6.04
C GLN R 80 38.02 -6.84 -7.49
N LYS R 81 38.96 -7.38 -8.25
CA LYS R 81 39.16 -7.02 -9.65
C LYS R 81 38.87 -8.24 -10.50
N GLN R 82 37.79 -8.19 -11.27
CA GLN R 82 37.43 -9.30 -12.14
C GLN R 82 36.58 -8.77 -13.29
N ALA R 83 36.53 -9.55 -14.36
CA ALA R 83 35.81 -9.14 -15.56
C ALA R 83 34.30 -9.26 -15.37
N LEU R 84 33.57 -8.42 -16.09
CA LEU R 84 32.12 -8.54 -16.11
C LEU R 84 31.69 -9.93 -16.57
N TYR R 85 32.40 -10.48 -17.56
CA TYR R 85 32.07 -11.81 -18.07
C TYR R 85 32.05 -12.83 -16.95
N THR R 86 33.05 -12.80 -16.06
CA THR R 86 33.05 -13.70 -14.92
C THR R 86 31.83 -13.47 -14.05
N GLY R 87 31.43 -12.20 -13.88
CA GLY R 87 30.24 -11.92 -13.08
C GLY R 87 28.98 -12.51 -13.68
N PHE R 88 28.79 -12.33 -14.99
CA PHE R 88 27.59 -12.84 -15.64
C PHE R 88 27.50 -14.35 -15.54
N ILE R 89 28.62 -15.05 -15.78
CA ILE R 89 28.59 -16.51 -15.75
C ILE R 89 28.30 -17.02 -14.35
N GLN R 90 28.91 -16.38 -13.34
CA GLN R 90 28.64 -16.79 -11.96
C GLN R 90 27.18 -16.58 -11.60
N LEU R 91 26.57 -15.50 -12.10
CA LEU R 91 25.14 -15.32 -11.90
C LEU R 91 24.34 -16.42 -12.58
N GLY R 92 24.74 -16.81 -13.80
CA GLY R 92 24.08 -17.92 -14.47
C GLY R 92 24.23 -19.21 -13.70
N ALA R 93 25.42 -19.46 -13.15
CA ALA R 93 25.62 -20.66 -12.34
C ALA R 93 24.76 -20.64 -11.08
N GLY R 94 24.56 -19.46 -10.49
CA GLY R 94 23.77 -19.38 -9.28
C GLY R 94 22.29 -19.64 -9.53
N LEU R 95 21.72 -18.97 -10.54
CA LEU R 95 20.29 -19.12 -10.81
C LEU R 95 19.94 -20.54 -11.25
N SER R 96 20.79 -21.15 -12.06
CA SER R 96 20.44 -22.43 -12.66
C SER R 96 20.27 -23.51 -11.61
N VAL R 97 21.24 -23.65 -10.69
CA VAL R 97 21.10 -24.63 -9.63
C VAL R 97 20.02 -24.20 -8.64
N GLY R 98 19.93 -22.92 -8.36
CA GLY R 98 18.97 -22.41 -7.39
C GLY R 98 17.55 -22.79 -7.71
N LEU R 99 17.05 -22.30 -8.84
CA LEU R 99 15.64 -22.52 -9.18
C LEU R 99 15.37 -23.93 -9.67
N SER R 100 16.37 -24.66 -10.15
CA SER R 100 16.18 -26.08 -10.42
C SER R 100 15.96 -26.86 -9.12
N GLY R 101 16.74 -26.53 -8.08
CA GLY R 101 16.56 -27.20 -6.81
C GLY R 101 15.19 -26.92 -6.20
N LEU R 102 14.72 -25.68 -6.34
CA LEU R 102 13.38 -25.35 -5.85
C LEU R 102 12.32 -26.18 -6.54
N ALA R 103 12.44 -26.36 -7.86
CA ALA R 103 11.48 -27.18 -8.60
C ALA R 103 11.51 -28.62 -8.10
N ALA R 104 12.71 -29.18 -7.92
CA ALA R 104 12.81 -30.54 -7.40
C ALA R 104 12.25 -30.63 -5.99
N GLY R 105 12.46 -29.61 -5.17
CA GLY R 105 11.95 -29.63 -3.82
C GLY R 105 10.43 -29.73 -3.77
N PHE R 106 9.75 -28.94 -4.60
CA PHE R 106 8.29 -29.02 -4.65
C PHE R 106 7.84 -30.40 -5.12
N ALA R 107 8.55 -30.97 -6.11
CA ALA R 107 8.17 -32.29 -6.60
C ALA R 107 8.30 -33.35 -5.51
N ILE R 108 9.43 -33.35 -4.81
CA ILE R 108 9.64 -34.35 -3.75
C ILE R 108 8.61 -34.19 -2.64
N GLY R 109 8.34 -32.94 -2.24
CA GLY R 109 7.40 -32.72 -1.16
C GLY R 109 6.03 -33.28 -1.45
N ILE R 110 5.53 -33.04 -2.67
CA ILE R 110 4.17 -33.45 -3.00
C ILE R 110 4.08 -34.97 -3.11
N VAL R 111 4.97 -35.59 -3.87
CA VAL R 111 4.88 -37.03 -4.07
C VAL R 111 5.32 -37.78 -2.83
N GLY R 112 6.24 -37.20 -2.05
CA GLY R 112 6.62 -37.84 -0.80
C GLY R 112 5.47 -37.93 0.18
N ASP R 113 4.64 -36.89 0.25
CA ASP R 113 3.47 -36.94 1.12
C ASP R 113 2.50 -38.03 0.68
N ALA R 114 2.11 -38.02 -0.59
CA ALA R 114 1.15 -39.01 -1.08
C ALA R 114 1.73 -40.42 -1.01
N GLY R 115 2.98 -40.59 -1.42
CA GLY R 115 3.58 -41.91 -1.44
C GLY R 115 3.67 -42.53 -0.06
N VAL R 116 4.15 -41.76 0.92
CA VAL R 116 4.24 -42.26 2.28
C VAL R 116 2.85 -42.58 2.83
N ARG R 117 1.90 -41.68 2.60
CA ARG R 117 0.57 -41.85 3.16
C ARG R 117 -0.10 -43.11 2.62
N GLY R 118 0.11 -43.42 1.33
CA GLY R 118 -0.45 -44.61 0.74
C GLY R 118 0.34 -45.86 1.05
N SER R 119 1.67 -45.75 1.10
CA SER R 119 2.52 -46.92 1.28
C SER R 119 2.21 -47.65 2.58
N SER R 120 1.78 -46.93 3.61
CA SER R 120 1.53 -47.56 4.90
C SER R 120 0.41 -48.60 4.83
N GLN R 121 -0.45 -48.54 3.81
CA GLN R 121 -1.56 -49.48 3.69
C GLN R 121 -1.54 -50.25 2.38
N GLN R 122 -0.39 -50.32 1.71
CA GLN R 122 -0.16 -51.22 0.59
C GLN R 122 1.34 -51.46 0.46
N PRO R 123 1.88 -52.49 1.11
CA PRO R 123 3.34 -52.57 1.26
C PRO R 123 4.10 -52.63 -0.06
N ARG R 124 3.50 -53.17 -1.12
CA ARG R 124 4.20 -53.28 -2.39
C ARG R 124 4.46 -51.92 -3.03
N LEU R 125 3.78 -50.87 -2.56
CA LEU R 125 3.87 -49.57 -3.20
C LEU R 125 5.17 -48.83 -2.88
N PHE R 126 5.92 -49.29 -1.88
CA PHE R 126 7.10 -48.55 -1.45
C PHE R 126 8.13 -48.41 -2.56
N VAL R 127 8.37 -49.50 -3.31
CA VAL R 127 9.33 -49.43 -4.41
C VAL R 127 8.86 -48.42 -5.45
N GLY R 128 7.56 -48.39 -5.72
CA GLY R 128 7.03 -47.41 -6.66
C GLY R 128 7.34 -45.99 -6.26
N MET R 129 7.20 -45.69 -4.97
CA MET R 129 7.51 -44.35 -4.48
C MET R 129 8.99 -44.01 -4.73
N ILE R 130 9.88 -44.97 -4.45
CA ILE R 130 11.31 -44.71 -4.62
C ILE R 130 11.63 -44.38 -6.07
N LEU R 131 11.03 -45.10 -7.02
CA LEU R 131 11.28 -44.84 -8.42
C LEU R 131 10.87 -43.43 -8.80
N ILE R 132 9.68 -43.00 -8.38
CA ILE R 132 9.22 -41.66 -8.72
C ILE R 132 10.07 -40.60 -8.02
N LEU R 133 10.49 -40.88 -6.79
CA LEU R 133 11.36 -39.93 -6.10
C LEU R 133 12.69 -39.77 -6.81
N ILE R 134 13.23 -40.85 -7.38
CA ILE R 134 14.47 -40.74 -8.14
C ILE R 134 14.27 -39.81 -9.34
N PHE R 135 13.13 -39.93 -10.03
CA PHE R 135 12.88 -39.05 -11.16
C PHE R 135 12.72 -37.61 -10.72
N ALA R 136 12.12 -37.37 -9.55
CA ALA R 136 12.10 -36.02 -9.00
C ALA R 136 13.50 -35.57 -8.61
N GLU R 137 14.33 -36.49 -8.13
CA GLU R 137 15.65 -36.15 -7.63
C GLU R 137 16.55 -35.60 -8.74
N VAL R 138 16.60 -36.29 -9.88
CA VAL R 138 17.56 -35.93 -10.92
C VAL R 138 17.27 -34.56 -11.53
N LEU R 139 16.05 -34.03 -11.35
CA LEU R 139 15.80 -32.67 -11.81
C LEU R 139 16.73 -31.69 -11.10
N GLY R 140 17.04 -31.94 -9.84
CA GLY R 140 18.06 -31.16 -9.17
C GLY R 140 19.45 -31.42 -9.72
N LEU R 141 19.74 -32.68 -10.06
CA LEU R 141 21.07 -33.03 -10.53
C LEU R 141 21.40 -32.32 -11.84
N TYR R 142 20.44 -32.23 -12.76
CA TYR R 142 20.68 -31.50 -14.01
C TYR R 142 21.06 -30.05 -13.73
N GLY R 143 20.42 -29.44 -12.73
CA GLY R 143 20.80 -28.08 -12.37
C GLY R 143 22.24 -27.98 -11.91
N LEU R 144 22.69 -28.97 -11.13
CA LEU R 144 24.07 -28.99 -10.67
C LEU R 144 25.04 -29.13 -11.84
N ILE R 145 24.72 -30.01 -12.79
CA ILE R 145 25.64 -30.26 -13.91
C ILE R 145 25.84 -28.98 -14.73
N VAL R 146 24.74 -28.28 -15.03
CA VAL R 146 24.87 -27.03 -15.77
C VAL R 146 25.69 -26.03 -14.98
N ALA R 147 25.45 -25.93 -13.67
CA ALA R 147 26.15 -24.95 -12.86
C ALA R 147 27.66 -25.22 -12.85
N LEU R 148 28.05 -26.49 -12.75
CA LEU R 148 29.48 -26.81 -12.71
C LEU R 148 30.14 -26.57 -14.06
N LEU R 149 29.44 -26.82 -15.16
CA LEU R 149 30.01 -26.51 -16.47
C LEU R 149 30.21 -25.01 -16.63
N LEU R 150 29.23 -24.20 -16.21
CA LEU R 150 29.36 -22.75 -16.31
C LEU R 150 30.50 -22.25 -15.44
N ASN R 151 30.61 -22.76 -14.22
CA ASN R 151 31.60 -22.23 -13.28
C ASN R 151 33.02 -22.43 -13.78
N SER R 152 33.31 -23.58 -14.39
CA SER R 152 34.65 -23.81 -14.92
C SER R 152 34.95 -22.90 -16.10
N ARG R 153 33.93 -22.57 -16.89
CA ARG R 153 34.09 -21.65 -18.01
C ARG R 153 34.19 -20.20 -17.57
N ALA R 154 33.75 -19.90 -16.34
CA ALA R 154 33.71 -18.51 -15.87
C ALA R 154 35.08 -17.87 -15.74
N THR R 155 36.16 -18.67 -15.73
CA THR R 155 37.48 -18.12 -15.45
C THR R 155 38.55 -18.66 -16.40
N GLN R 156 38.18 -19.08 -17.60
CA GLN R 156 39.12 -19.50 -18.62
C GLN R 156 39.19 -18.45 -19.72
N ASP R 157 40.41 -18.16 -20.17
CA ASP R 157 40.66 -17.23 -21.28
C ASP R 157 40.23 -15.80 -20.97
N VAL R 158 39.93 -15.50 -19.72
CA VAL R 158 39.47 -14.16 -19.34
C VAL R 158 40.66 -13.23 -19.28
N VAL R 159 40.61 -12.13 -20.03
CA VAL R 159 41.64 -11.11 -20.01
C VAL R 159 41.13 -9.92 -19.21
N CYS R 160 42.01 -9.30 -18.45
CA CYS R 160 41.63 -8.20 -17.56
C CYS R 160 42.86 -7.40 -17.14
N GLN S 1 8.30 -1.75 -55.17
CA GLN S 1 9.45 -0.80 -55.19
C GLN S 1 9.11 0.48 -55.93
N VAL S 2 9.82 1.57 -55.59
CA VAL S 2 9.60 2.84 -56.27
C VAL S 2 10.26 2.81 -57.64
N GLN S 3 9.53 3.26 -58.65
CA GLN S 3 10.06 3.36 -60.00
C GLN S 3 9.56 4.65 -60.66
N LEU S 4 10.47 5.31 -61.37
CA LEU S 4 10.16 6.54 -62.10
C LEU S 4 10.19 6.26 -63.59
N GLN S 5 9.15 6.70 -64.30
CA GLN S 5 9.04 6.54 -65.75
C GLN S 5 9.05 7.92 -66.41
N GLU S 6 10.07 8.17 -67.23
CA GLU S 6 10.05 9.34 -68.09
C GLU S 6 9.26 9.05 -69.37
N SER S 7 8.83 10.11 -70.04
CA SER S 7 8.10 9.97 -71.29
C SER S 7 8.17 11.29 -72.06
N GLY S 8 7.89 11.19 -73.37
CA GLY S 8 7.67 12.35 -74.20
C GLY S 8 8.87 12.86 -74.97
N GLY S 9 10.07 12.35 -74.72
CA GLY S 9 11.22 12.79 -75.48
C GLY S 9 11.11 12.38 -76.94
N GLY S 10 11.75 13.16 -77.81
CA GLY S 10 11.72 12.84 -79.21
C GLY S 10 12.34 13.94 -80.06
N LEU S 11 12.13 13.82 -81.36
CA LEU S 11 12.69 14.73 -82.34
C LEU S 11 11.85 15.99 -82.46
N VAL S 12 12.50 17.13 -82.68
CA VAL S 12 11.81 18.41 -82.80
C VAL S 12 12.67 19.37 -83.61
N GLU S 13 12.02 20.37 -84.20
CA GLU S 13 12.71 21.38 -84.99
C GLU S 13 13.28 22.48 -84.09
N ILE S 14 14.28 23.17 -84.61
CA ILE S 14 14.85 24.30 -83.88
C ILE S 14 13.78 25.35 -83.66
N GLY S 15 13.71 25.86 -82.42
CA GLY S 15 12.65 26.78 -82.05
C GLY S 15 11.34 26.12 -81.68
N GLY S 16 11.29 24.79 -81.63
CA GLY S 16 10.06 24.09 -81.34
C GLY S 16 9.80 23.98 -79.84
N SER S 17 8.75 23.22 -79.52
CA SER S 17 8.29 23.07 -78.14
C SER S 17 7.70 21.69 -77.94
N LEU S 18 7.77 21.20 -76.70
CA LEU S 18 7.15 19.92 -76.34
C LEU S 18 7.12 19.79 -74.82
N ARG S 19 6.40 18.78 -74.35
CA ARG S 19 6.30 18.45 -72.93
C ARG S 19 7.10 17.19 -72.63
N LEU S 20 8.00 17.28 -71.64
CA LEU S 20 8.54 16.09 -71.00
C LEU S 20 7.66 15.72 -69.81
N SER S 21 7.54 14.42 -69.55
CA SER S 21 6.67 13.92 -68.50
C SER S 21 7.39 12.85 -67.69
N CYS S 22 7.09 12.80 -66.39
CA CYS S 22 7.66 11.83 -65.48
C CYS S 22 6.65 11.49 -64.39
N ALA S 23 6.55 10.22 -64.05
CA ALA S 23 5.56 9.74 -63.08
C ALA S 23 6.15 8.65 -62.21
N ALA S 24 5.91 8.74 -60.91
CA ALA S 24 6.32 7.72 -59.95
C ALA S 24 5.20 6.72 -59.70
N SER S 25 5.55 5.61 -59.08
CA SER S 25 4.56 4.60 -58.70
C SER S 25 5.06 3.82 -57.49
N GLY S 26 4.10 3.21 -56.79
CA GLY S 26 4.44 2.32 -55.69
C GLY S 26 5.02 3.01 -54.47
N THR S 27 4.53 4.20 -54.13
CA THR S 27 5.04 4.97 -53.01
C THR S 27 3.90 5.38 -52.09
N LEU S 28 4.19 5.44 -50.80
CA LEU S 28 3.18 5.73 -49.78
C LEU S 28 3.02 7.22 -49.46
N PHE S 29 3.88 8.09 -49.99
CA PHE S 29 3.89 9.47 -49.56
C PHE S 29 4.28 10.38 -50.72
N THR S 30 3.95 11.66 -50.57
CA THR S 30 4.36 12.67 -51.53
C THR S 30 5.82 13.02 -51.31
N PHE S 31 6.61 12.95 -52.38
CA PHE S 31 8.02 13.29 -52.27
C PHE S 31 8.19 14.79 -52.00
N ASN S 32 9.13 15.11 -51.11
CA ASN S 32 9.35 16.50 -50.75
C ASN S 32 9.93 17.32 -51.90
N THR S 33 10.56 16.67 -52.88
CA THR S 33 11.18 17.40 -53.98
C THR S 33 11.28 16.48 -55.19
N MET S 34 10.93 17.03 -56.35
CA MET S 34 11.14 16.36 -57.63
C MET S 34 11.75 17.36 -58.60
N ALA S 35 12.67 16.90 -59.44
CA ALA S 35 13.45 17.80 -60.28
C ALA S 35 13.82 17.11 -61.58
N TRP S 36 14.25 17.93 -62.54
CA TRP S 36 14.73 17.45 -63.83
C TRP S 36 16.22 17.74 -63.97
N TYR S 37 16.95 16.76 -64.51
CA TYR S 37 18.38 16.91 -64.75
C TYR S 37 18.68 16.59 -66.20
N ARG S 38 19.75 17.20 -66.72
CA ARG S 38 20.14 17.09 -68.11
C ARG S 38 21.58 16.61 -68.22
N GLN S 39 21.88 15.89 -69.31
CA GLN S 39 23.25 15.47 -69.61
C GLN S 39 23.46 15.54 -71.11
N ALA S 40 24.18 16.57 -71.55
CA ALA S 40 24.58 16.63 -72.94
C ALA S 40 25.69 15.61 -73.19
N PRO S 41 25.81 15.10 -74.41
CA PRO S 41 26.80 14.06 -74.68
C PRO S 41 28.21 14.55 -74.38
N GLY S 42 28.97 13.72 -73.65
CA GLY S 42 30.33 14.06 -73.30
C GLY S 42 30.48 15.05 -72.15
N LYS S 43 29.42 15.32 -71.40
CA LYS S 43 29.45 16.30 -70.34
C LYS S 43 28.74 15.77 -69.09
N GLN S 44 29.12 16.34 -67.96
CA GLN S 44 28.54 15.96 -66.67
C GLN S 44 27.09 16.42 -66.56
N ARG S 45 26.38 15.82 -65.61
CA ARG S 45 24.96 16.11 -65.43
C ARG S 45 24.74 17.58 -65.06
N GLU S 46 23.59 18.10 -65.48
CA GLU S 46 23.26 19.51 -65.32
C GLU S 46 21.85 19.66 -64.75
N PHE S 47 21.71 20.56 -63.78
CA PHE S 47 20.42 20.82 -63.15
C PHE S 47 19.55 21.71 -64.03
N ILE S 48 18.27 21.34 -64.19
CA ILE S 48 17.35 22.16 -64.97
C ILE S 48 16.42 22.94 -64.03
N ALA S 49 15.61 22.23 -63.27
CA ALA S 49 14.53 22.86 -62.52
C ALA S 49 14.06 21.94 -61.41
N THR S 50 13.36 22.52 -60.44
CA THR S 50 12.88 21.79 -59.29
C THR S 50 11.52 22.32 -58.87
N ILE S 51 10.75 21.48 -58.21
CA ILE S 51 9.44 21.85 -57.67
C ILE S 51 9.23 21.10 -56.36
N THR S 52 8.81 21.82 -55.32
CA THR S 52 8.65 21.23 -54.01
C THR S 52 7.26 20.60 -53.87
N SER S 53 6.96 20.12 -52.68
CA SER S 53 5.65 19.52 -52.41
C SER S 53 4.52 20.53 -52.44
N GLY S 54 4.82 21.82 -52.26
CA GLY S 54 3.77 22.83 -52.15
C GLY S 54 3.63 23.69 -53.39
N GLY S 55 4.45 23.45 -54.41
CA GLY S 55 4.38 24.19 -55.64
C GLY S 55 5.45 25.26 -55.82
N ASN S 56 6.35 25.42 -54.85
CA ASN S 56 7.48 26.32 -55.03
C ASN S 56 8.40 25.77 -56.12
N THR S 57 9.00 26.67 -56.90
CA THR S 57 9.80 26.26 -58.04
C THR S 57 11.07 27.10 -58.12
N ASN S 58 12.08 26.54 -58.79
CA ASN S 58 13.34 27.21 -59.02
C ASN S 58 13.95 26.66 -60.29
N TYR S 59 14.78 27.46 -60.96
CA TYR S 59 15.33 27.09 -62.25
C TYR S 59 16.82 27.42 -62.31
N ALA S 60 17.55 26.65 -63.12
CA ALA S 60 18.85 27.09 -63.57
C ALA S 60 18.69 28.20 -64.61
N ASP S 61 19.62 29.17 -64.60
CA ASP S 61 19.45 30.34 -65.45
C ASP S 61 19.50 30.03 -66.94
N SER S 62 20.10 28.89 -67.32
CA SER S 62 20.17 28.56 -68.75
C SER S 62 18.78 28.37 -69.36
N VAL S 63 17.79 28.02 -68.54
CA VAL S 63 16.42 27.85 -69.00
C VAL S 63 15.48 28.85 -68.35
N GLN S 64 16.00 29.81 -67.58
CA GLN S 64 15.16 30.79 -66.91
C GLN S 64 14.30 31.53 -67.93
N GLY S 65 12.98 31.44 -67.76
CA GLY S 65 12.06 32.05 -68.69
C GLY S 65 11.81 31.26 -69.96
N ARG S 66 12.57 30.19 -70.20
CA ARG S 66 12.35 29.35 -71.37
C ARG S 66 11.47 28.15 -71.05
N PHE S 67 11.76 27.46 -69.95
CA PHE S 67 11.06 26.24 -69.57
C PHE S 67 10.10 26.52 -68.42
N THR S 68 9.18 25.58 -68.21
CA THR S 68 8.16 25.71 -67.17
C THR S 68 7.90 24.33 -66.57
N ILE S 69 8.15 24.18 -65.28
CA ILE S 69 7.90 22.95 -64.54
C ILE S 69 6.55 23.05 -63.84
N SER S 70 5.91 21.90 -63.61
CA SER S 70 4.61 21.90 -62.96
C SER S 70 4.29 20.50 -62.45
N ARG S 71 3.37 20.45 -61.49
CA ARG S 71 2.82 19.18 -61.01
C ARG S 71 1.75 18.66 -61.98
N GLY S 72 1.64 17.33 -62.06
CA GLY S 72 0.62 16.71 -62.87
C GLY S 72 -0.70 16.57 -62.14
N ASN S 73 -1.56 15.72 -62.71
CA ASN S 73 -2.91 15.54 -62.19
C ASN S 73 -2.99 14.67 -60.95
N ALA S 74 -1.90 13.99 -60.57
CA ALA S 74 -1.98 13.01 -59.50
C ALA S 74 -0.70 13.01 -58.70
N LYS S 75 -0.78 12.37 -57.53
CA LYS S 75 0.34 12.30 -56.60
C LYS S 75 1.63 11.88 -57.30
N ASN S 76 2.68 12.68 -57.14
CA ASN S 76 4.00 12.37 -57.66
C ASN S 76 3.98 12.21 -59.18
N THR S 77 3.60 13.29 -59.86
CA THR S 77 3.69 13.37 -61.32
C THR S 77 4.19 14.76 -61.69
N LEU S 78 4.88 14.85 -62.83
CA LEU S 78 5.43 16.10 -63.32
C LEU S 78 5.13 16.28 -64.80
N TYR S 79 5.10 17.54 -65.23
CA TYR S 79 5.21 17.91 -66.63
C TYR S 79 6.20 19.04 -66.75
N LEU S 80 7.18 18.89 -67.64
CA LEU S 80 8.13 19.94 -67.96
C LEU S 80 7.88 20.39 -69.39
N GLN S 81 7.39 21.61 -69.55
CA GLN S 81 7.11 22.17 -70.87
C GLN S 81 8.27 23.07 -71.27
N MET S 82 8.86 22.78 -72.42
CA MET S 82 10.04 23.48 -72.91
C MET S 82 9.73 24.02 -74.30
N ASN S 83 10.12 25.26 -74.55
CA ASN S 83 9.80 25.92 -75.81
C ASN S 83 10.96 26.82 -76.21
N SER S 84 10.96 27.21 -77.49
CA SER S 84 12.06 27.99 -78.07
C SER S 84 13.39 27.24 -77.93
N LEU S 85 13.35 25.93 -78.19
CA LEU S 85 14.53 25.10 -78.02
C LEU S 85 15.65 25.52 -78.94
N LYS S 86 16.85 25.61 -78.40
CA LYS S 86 18.07 25.80 -79.16
C LYS S 86 18.67 24.44 -79.50
N PRO S 87 19.53 24.37 -80.51
CA PRO S 87 20.26 23.12 -80.76
C PRO S 87 21.20 22.74 -79.63
N GLU S 88 21.54 23.69 -78.76
CA GLU S 88 22.36 23.40 -77.58
C GLU S 88 21.62 22.53 -76.58
N ASP S 89 20.30 22.42 -76.69
CA ASP S 89 19.48 21.74 -75.71
C ASP S 89 19.38 20.23 -75.93
N THR S 90 20.02 19.69 -76.97
CA THR S 90 19.98 18.25 -77.21
C THR S 90 20.72 17.52 -76.10
N ALA S 91 20.05 16.56 -75.48
CA ALA S 91 20.61 15.84 -74.35
C ALA S 91 19.64 14.71 -73.97
N VAL S 92 20.03 13.92 -72.97
CA VAL S 92 19.16 12.96 -72.32
C VAL S 92 18.70 13.56 -71.01
N TYR S 93 17.40 13.44 -70.72
CA TYR S 93 16.76 14.12 -69.60
C TYR S 93 16.29 13.10 -68.57
N TYR S 94 16.65 13.33 -67.31
CA TYR S 94 16.24 12.48 -66.19
C TYR S 94 15.36 13.29 -65.24
N CYS S 95 14.47 12.59 -64.54
CA CYS S 95 13.72 13.16 -63.43
C CYS S 95 14.17 12.52 -62.12
N ASN S 96 14.30 13.34 -61.09
CA ASN S 96 14.78 12.90 -59.78
C ASN S 96 13.71 13.15 -58.72
N ALA S 97 13.55 12.19 -57.82
CA ALA S 97 12.63 12.28 -56.70
C ALA S 97 13.40 12.05 -55.41
N ARG S 98 13.24 12.95 -54.44
CA ARG S 98 14.09 12.99 -53.26
C ARG S 98 13.26 13.05 -51.99
N THR S 99 13.65 12.25 -51.00
CA THR S 99 13.07 12.33 -49.66
C THR S 99 13.83 13.35 -48.82
N MET S 100 13.15 13.90 -47.82
CA MET S 100 13.76 14.96 -47.02
C MET S 100 15.03 14.49 -46.32
N THR S 101 15.06 13.25 -45.83
CA THR S 101 16.21 12.73 -45.11
C THR S 101 16.46 11.29 -45.51
N GLY S 102 17.72 10.88 -45.39
CA GLY S 102 18.09 9.49 -45.63
C GLY S 102 18.45 9.18 -47.07
N PRO S 103 18.80 7.93 -47.32
CA PRO S 103 19.33 7.54 -48.63
C PRO S 103 18.26 7.35 -49.70
N PHE S 104 17.03 7.80 -49.43
CA PHE S 104 15.89 7.51 -50.30
C PHE S 104 15.80 8.56 -51.40
N ASP S 105 16.69 8.42 -52.38
CA ASP S 105 16.81 9.31 -53.52
C ASP S 105 16.74 8.46 -54.79
N TYR S 106 15.81 8.80 -55.69
CA TYR S 106 15.47 7.94 -56.82
C TYR S 106 15.71 8.66 -58.14
N TRP S 107 16.06 7.86 -59.16
CA TRP S 107 16.32 8.37 -60.51
C TRP S 107 15.71 7.44 -61.54
N GLY S 108 15.23 8.00 -62.65
CA GLY S 108 14.69 7.23 -63.74
C GLY S 108 15.74 6.89 -64.80
N GLN S 109 15.26 6.20 -65.84
CA GLN S 109 16.15 5.79 -66.93
C GLN S 109 16.56 6.98 -67.79
N GLY S 110 15.67 7.95 -67.98
CA GLY S 110 15.94 9.09 -68.82
C GLY S 110 15.50 8.89 -70.26
N THR S 111 15.36 10.00 -70.98
CA THR S 111 14.88 9.98 -72.35
C THR S 111 15.58 11.05 -73.17
N GLN S 112 15.78 10.76 -74.45
CA GLN S 112 16.55 11.60 -75.35
C GLN S 112 15.66 12.60 -76.08
N VAL S 113 16.23 13.77 -76.39
CA VAL S 113 15.63 14.72 -77.32
C VAL S 113 16.67 15.09 -78.36
N THR S 114 16.21 15.32 -79.58
CA THR S 114 17.05 15.78 -80.68
C THR S 114 16.38 16.96 -81.36
N VAL S 115 17.18 17.97 -81.68
CA VAL S 115 16.65 19.20 -82.27
C VAL S 115 16.92 19.23 -83.77
N GLN T 1 26.75 -17.18 -46.42
CA GLN T 1 27.44 -15.88 -46.19
C GLN T 1 27.47 -15.05 -47.47
N VAL T 2 27.56 -13.73 -47.31
CA VAL T 2 27.57 -12.83 -48.47
C VAL T 2 28.81 -13.10 -49.30
N GLN T 3 28.63 -13.20 -50.62
CA GLN T 3 29.75 -13.34 -51.53
C GLN T 3 29.40 -12.75 -52.88
N LEU T 4 30.45 -12.37 -53.61
CA LEU T 4 30.34 -11.70 -54.90
C LEU T 4 31.14 -12.48 -55.93
N GLN T 5 30.69 -12.44 -57.19
CA GLN T 5 31.35 -13.18 -58.26
C GLN T 5 31.14 -12.44 -59.58
N GLU T 6 32.22 -11.88 -60.12
CA GLU T 6 32.15 -11.17 -61.40
C GLU T 6 32.04 -12.16 -62.56
N SER T 7 31.66 -11.61 -63.72
CA SER T 7 31.59 -12.41 -64.94
C SER T 7 31.68 -11.49 -66.14
N GLY T 8 31.94 -12.09 -67.30
CA GLY T 8 31.89 -11.39 -68.57
C GLY T 8 33.21 -10.82 -69.07
N GLY T 9 34.30 -10.97 -68.33
CA GLY T 9 35.59 -10.50 -68.80
C GLY T 9 36.14 -11.38 -69.91
N GLY T 10 37.10 -10.83 -70.65
CA GLY T 10 37.71 -11.60 -71.73
C GLY T 10 38.59 -10.74 -72.62
N LEU T 11 38.74 -11.22 -73.85
CA LEU T 11 39.63 -10.60 -74.84
C LEU T 11 38.80 -9.90 -75.90
N VAL T 12 39.20 -8.68 -76.26
CA VAL T 12 38.50 -7.89 -77.27
C VAL T 12 39.53 -7.12 -78.10
N GLU T 13 39.11 -6.71 -79.29
CA GLU T 13 39.96 -5.93 -80.17
C GLU T 13 40.04 -4.49 -79.72
N ILE T 14 41.07 -3.79 -80.19
CA ILE T 14 41.20 -2.37 -79.89
C ILE T 14 40.00 -1.64 -80.49
N GLY T 15 39.40 -0.75 -79.70
CA GLY T 15 38.17 -0.10 -80.10
C GLY T 15 36.92 -0.92 -79.92
N GLY T 16 37.02 -2.11 -79.35
CA GLY T 16 35.89 -2.99 -79.18
C GLY T 16 35.02 -2.60 -77.99
N SER T 17 34.10 -3.51 -77.66
CA SER T 17 33.13 -3.28 -76.60
C SER T 17 32.79 -4.61 -75.94
N LEU T 18 32.40 -4.55 -74.67
CA LEU T 18 31.92 -5.75 -73.97
C LEU T 18 31.21 -5.31 -72.70
N ARG T 19 30.51 -6.27 -72.09
CA ARG T 19 29.71 -6.04 -70.89
C ARG T 19 30.25 -6.89 -69.75
N LEU T 20 30.54 -6.26 -68.62
CA LEU T 20 30.89 -6.96 -67.38
C LEU T 20 29.64 -7.15 -66.52
N SER T 21 29.70 -8.15 -65.64
CA SER T 21 28.54 -8.50 -64.82
C SER T 21 29.00 -8.91 -63.42
N CYS T 22 28.14 -8.64 -62.44
CA CYS T 22 28.40 -8.97 -61.04
C CYS T 22 27.08 -9.09 -60.31
N ALA T 23 26.98 -10.07 -59.42
CA ALA T 23 25.71 -10.35 -58.74
C ALA T 23 25.99 -10.97 -57.37
N ALA T 24 25.41 -10.39 -56.33
CA ALA T 24 25.56 -10.89 -54.98
C ALA T 24 24.50 -11.95 -54.67
N SER T 25 24.70 -12.65 -53.55
CA SER T 25 23.71 -13.61 -53.06
C SER T 25 23.89 -13.78 -51.55
N GLY T 26 22.85 -14.31 -50.92
CA GLY T 26 22.93 -14.61 -49.50
C GLY T 26 22.84 -13.41 -48.59
N THR T 27 22.12 -12.36 -49.00
CA THR T 27 22.00 -11.13 -48.23
C THR T 27 20.53 -10.83 -47.96
N LEU T 28 20.27 -10.18 -46.82
CA LEU T 28 18.91 -9.87 -46.38
C LEU T 28 18.41 -8.52 -46.85
N PHE T 29 19.27 -7.68 -47.46
CA PHE T 29 18.91 -6.31 -47.72
C PHE T 29 19.58 -5.82 -49.00
N THR T 30 19.05 -4.74 -49.54
CA THR T 30 19.65 -4.10 -50.70
C THR T 30 20.86 -3.27 -50.27
N PHE T 31 22.00 -3.52 -50.90
CA PHE T 31 23.20 -2.78 -50.56
C PHE T 31 23.04 -1.31 -50.93
N ASN T 32 23.43 -0.43 -50.00
CA ASN T 32 23.29 1.00 -50.24
C ASN T 32 24.12 1.44 -51.44
N THR T 33 25.34 0.91 -51.58
CA THR T 33 26.23 1.33 -52.65
C THR T 33 26.95 0.12 -53.22
N MET T 34 27.03 0.08 -54.56
CA MET T 34 27.85 -0.90 -55.26
C MET T 34 28.69 -0.17 -56.30
N ALA T 35 29.88 -0.68 -56.56
CA ALA T 35 30.84 0.05 -57.37
C ALA T 35 31.79 -0.91 -58.07
N TRP T 36 32.50 -0.37 -59.06
CA TRP T 36 33.53 -1.10 -59.80
C TRP T 36 34.89 -0.47 -59.55
N TYR T 37 35.89 -1.32 -59.36
CA TYR T 37 37.28 -0.89 -59.22
C TYR T 37 38.15 -1.64 -60.22
N ARG T 38 39.26 -1.04 -60.61
CA ARG T 38 40.13 -1.56 -61.65
C ARG T 38 41.58 -1.54 -61.19
N GLN T 39 42.37 -2.49 -61.69
CA GLN T 39 43.79 -2.60 -61.33
C GLN T 39 44.57 -3.09 -62.53
N ALA T 40 45.32 -2.19 -63.16
CA ALA T 40 46.24 -2.59 -64.21
C ALA T 40 47.44 -3.31 -63.60
N PRO T 41 48.12 -4.16 -64.36
CA PRO T 41 49.28 -4.88 -63.80
C PRO T 41 50.35 -3.90 -63.33
N GLY T 42 50.90 -4.17 -62.15
CA GLY T 42 51.93 -3.33 -61.58
C GLY T 42 51.43 -2.03 -60.98
N LYS T 43 50.13 -1.86 -60.81
CA LYS T 43 49.55 -0.62 -60.32
C LYS T 43 48.58 -0.91 -59.18
N GLN T 44 48.31 0.12 -58.38
CA GLN T 44 47.33 0.02 -57.31
C GLN T 44 45.91 0.15 -57.86
N ARG T 45 44.94 -0.19 -57.02
CA ARG T 45 43.54 -0.17 -57.43
C ARG T 45 43.10 1.25 -57.78
N GLU T 46 42.19 1.35 -58.74
CA GLU T 46 41.66 2.63 -59.19
C GLU T 46 40.13 2.56 -59.27
N PHE T 47 39.49 3.68 -58.93
CA PHE T 47 38.03 3.76 -58.93
C PHE T 47 37.49 3.98 -60.33
N ILE T 48 36.37 3.34 -60.64
CA ILE T 48 35.73 3.43 -61.96
C ILE T 48 34.35 4.08 -61.86
N ALA T 49 33.41 3.46 -61.16
CA ALA T 49 32.04 3.94 -61.16
C ALA T 49 31.32 3.41 -59.94
N THR T 50 30.20 4.06 -59.61
CA THR T 50 29.39 3.70 -58.46
C THR T 50 27.93 3.97 -58.77
N ILE T 51 27.04 3.23 -58.11
CA ILE T 51 25.60 3.35 -58.32
C ILE T 51 24.90 3.03 -57.01
N THR T 52 24.13 3.98 -56.49
CA THR T 52 23.47 3.80 -55.21
C THR T 52 22.20 2.96 -55.37
N SER T 53 21.51 2.74 -54.24
CA SER T 53 20.32 1.91 -54.25
C SER T 53 19.21 2.50 -55.11
N GLY T 54 19.17 3.83 -55.23
CA GLY T 54 18.14 4.50 -55.99
C GLY T 54 18.47 4.79 -57.44
N GLY T 55 19.61 4.32 -57.93
CA GLY T 55 19.99 4.52 -59.32
C GLY T 55 20.82 5.76 -59.59
N ASN T 56 21.21 6.50 -58.55
CA ASN T 56 22.14 7.61 -58.74
C ASN T 56 23.52 7.05 -59.07
N THR T 57 24.23 7.74 -59.98
CA THR T 57 25.50 7.22 -60.48
C THR T 57 26.55 8.32 -60.50
N ASN T 58 27.81 7.89 -60.49
CA ASN T 58 28.95 8.78 -60.54
C ASN T 58 30.11 8.03 -61.18
N TYR T 59 31.03 8.76 -61.80
CA TYR T 59 32.07 8.16 -62.61
C TYR T 59 33.43 8.79 -62.34
N ALA T 60 34.47 8.05 -62.71
CA ALA T 60 35.81 8.60 -62.81
C ALA T 60 36.02 9.22 -64.20
N ASP T 61 36.92 10.19 -64.27
CA ASP T 61 37.09 10.96 -65.50
C ASP T 61 37.59 10.09 -66.66
N SER T 62 38.51 9.15 -66.40
CA SER T 62 39.11 8.38 -67.48
C SER T 62 38.10 7.47 -68.18
N VAL T 63 36.92 7.27 -67.59
CA VAL T 63 35.85 6.50 -68.22
C VAL T 63 34.61 7.33 -68.48
N GLN T 64 34.56 8.57 -68.00
CA GLN T 64 33.41 9.43 -68.20
C GLN T 64 33.02 9.47 -69.67
N GLY T 65 31.80 9.05 -69.97
CA GLY T 65 31.28 9.03 -71.31
C GLY T 65 31.68 7.82 -72.14
N ARG T 66 32.65 7.03 -71.68
CA ARG T 66 33.01 5.80 -72.37
C ARG T 66 32.25 4.59 -71.81
N PHE T 67 32.11 4.51 -70.49
CA PHE T 67 31.41 3.44 -69.82
C PHE T 67 30.04 3.90 -69.36
N THR T 68 29.18 2.94 -69.03
CA THR T 68 27.92 3.22 -68.36
C THR T 68 27.58 2.05 -67.44
N ILE T 69 27.08 2.39 -66.25
CA ILE T 69 26.82 1.43 -65.18
C ILE T 69 25.32 1.43 -64.89
N SER T 70 24.77 0.24 -64.62
CA SER T 70 23.34 0.14 -64.34
C SER T 70 23.06 -1.06 -63.45
N ARG T 71 21.97 -0.96 -62.69
CA ARG T 71 21.47 -2.09 -61.93
C ARG T 71 20.87 -3.15 -62.85
N GLY T 72 21.05 -4.41 -62.49
CA GLY T 72 20.37 -5.48 -63.17
C GLY T 72 18.91 -5.58 -62.74
N ASN T 73 18.20 -6.51 -63.40
CA ASN T 73 16.79 -6.68 -63.08
C ASN T 73 16.59 -7.18 -61.66
N ALA T 74 17.43 -8.11 -61.22
CA ALA T 74 17.26 -8.71 -59.90
C ALA T 74 17.94 -7.87 -58.82
N LYS T 75 17.52 -8.08 -57.58
CA LYS T 75 18.06 -7.36 -56.44
C LYS T 75 19.57 -7.60 -56.31
N ASN T 76 20.30 -6.53 -56.05
CA ASN T 76 21.75 -6.59 -55.83
C ASN T 76 22.47 -7.22 -57.02
N THR T 77 22.39 -6.55 -58.16
CA THR T 77 23.11 -6.96 -59.35
C THR T 77 23.55 -5.72 -60.12
N LEU T 78 24.62 -5.87 -60.90
CA LEU T 78 25.15 -4.79 -61.71
C LEU T 78 25.50 -5.28 -63.11
N TYR T 79 25.50 -4.35 -64.06
CA TYR T 79 26.18 -4.50 -65.32
C TYR T 79 27.02 -3.27 -65.58
N LEU T 80 28.18 -3.47 -66.20
CA LEU T 80 28.99 -2.37 -66.69
C LEU T 80 29.18 -2.55 -68.20
N GLN T 81 28.64 -1.62 -68.97
CA GLN T 81 28.81 -1.62 -70.42
C GLN T 81 29.92 -0.64 -70.77
N MET T 82 30.99 -1.16 -71.35
CA MET T 82 32.18 -0.38 -71.66
C MET T 82 32.50 -0.51 -73.14
N ASN T 83 32.71 0.62 -73.80
CA ASN T 83 32.96 0.64 -75.23
C ASN T 83 33.97 1.74 -75.53
N SER T 84 34.45 1.74 -76.78
CA SER T 84 35.54 2.63 -77.20
C SER T 84 36.79 2.34 -76.38
N LEU T 85 37.11 1.05 -76.27
CA LEU T 85 38.21 0.61 -75.44
C LEU T 85 39.55 0.93 -76.08
N LYS T 86 40.55 1.16 -75.25
CA LYS T 86 41.92 1.43 -75.68
C LYS T 86 42.87 0.66 -74.80
N PRO T 87 44.11 0.47 -75.25
CA PRO T 87 45.05 -0.40 -74.51
C PRO T 87 45.21 -0.06 -73.04
N GLU T 88 45.00 1.20 -72.65
CA GLU T 88 45.15 1.59 -71.26
C GLU T 88 44.19 0.84 -70.36
N ASP T 89 43.13 0.25 -70.92
CA ASP T 89 42.07 -0.37 -70.14
C ASP T 89 42.38 -1.80 -69.69
N THR T 90 43.48 -2.40 -70.14
CA THR T 90 43.77 -3.78 -69.79
C THR T 90 44.06 -3.89 -68.29
N ALA T 91 43.25 -4.66 -67.59
CA ALA T 91 43.33 -4.74 -66.13
C ALA T 91 42.43 -5.84 -65.63
N VAL T 92 42.56 -6.14 -64.35
CA VAL T 92 41.57 -6.94 -63.63
C VAL T 92 40.54 -6.00 -63.01
N TYR T 93 39.29 -6.42 -63.01
CA TYR T 93 38.18 -5.61 -62.52
C TYR T 93 37.55 -6.26 -61.30
N TYR T 94 37.19 -5.45 -60.30
CA TYR T 94 36.51 -5.93 -59.10
C TYR T 94 35.20 -5.16 -58.93
N CYS T 95 34.16 -5.86 -58.46
CA CYS T 95 32.95 -5.19 -58.00
C CYS T 95 32.93 -5.18 -56.47
N ASN T 96 32.42 -4.08 -55.92
CA ASN T 96 32.43 -3.85 -54.47
C ASN T 96 31.04 -3.43 -54.01
N ALA T 97 30.65 -3.89 -52.83
CA ALA T 97 29.35 -3.60 -52.25
C ALA T 97 29.55 -3.14 -50.81
N ARG T 98 28.87 -2.06 -50.42
CA ARG T 98 29.10 -1.43 -49.13
C ARG T 98 27.79 -1.17 -48.41
N THR T 99 27.79 -1.38 -47.09
CA THR T 99 26.68 -1.02 -46.24
C THR T 99 26.83 0.41 -45.77
N MET T 100 25.69 1.03 -45.40
CA MET T 100 25.70 2.45 -45.09
C MET T 100 26.60 2.78 -43.89
N THR T 101 26.69 1.88 -42.92
CA THR T 101 27.55 2.10 -41.77
C THR T 101 28.15 0.77 -41.34
N GLY T 102 29.27 0.85 -40.64
CA GLY T 102 29.91 -0.31 -40.08
C GLY T 102 30.88 -0.99 -41.02
N PRO T 103 31.46 -2.11 -40.55
CA PRO T 103 32.53 -2.77 -41.30
C PRO T 103 32.06 -3.65 -42.46
N PHE T 104 30.76 -3.68 -42.76
CA PHE T 104 30.22 -4.63 -43.72
C PHE T 104 30.46 -4.10 -45.14
N ASP T 105 31.60 -4.51 -45.68
CA ASP T 105 32.10 -4.04 -46.97
C ASP T 105 32.77 -5.22 -47.67
N TYR T 106 32.26 -5.60 -48.84
CA TYR T 106 32.61 -6.86 -49.49
C TYR T 106 33.26 -6.62 -50.84
N TRP T 107 34.13 -7.55 -51.25
CA TRP T 107 34.86 -7.47 -52.51
C TRP T 107 34.86 -8.83 -53.19
N GLY T 108 34.68 -8.83 -54.51
CA GLY T 108 34.73 -10.07 -55.28
C GLY T 108 36.14 -10.45 -55.72
N GLN T 109 36.21 -11.60 -56.41
CA GLN T 109 37.51 -12.10 -56.88
C GLN T 109 38.02 -11.29 -58.07
N GLY T 110 37.13 -10.88 -58.97
CA GLY T 110 37.50 -10.08 -60.12
C GLY T 110 37.76 -10.89 -61.38
N THR T 111 37.83 -10.19 -62.51
CA THR T 111 38.00 -10.80 -63.81
C THR T 111 38.96 -9.98 -64.66
N GLN T 112 39.66 -10.67 -65.57
CA GLN T 112 40.62 -10.05 -66.46
C GLN T 112 39.94 -9.54 -67.72
N VAL T 113 40.48 -8.46 -68.27
CA VAL T 113 40.08 -7.96 -69.59
C VAL T 113 41.31 -7.46 -70.31
N THR T 114 41.43 -7.81 -71.60
CA THR T 114 42.57 -7.46 -72.42
C THR T 114 42.09 -6.96 -73.78
N VAL T 115 42.85 -6.03 -74.36
CA VAL T 115 42.58 -5.59 -75.73
C VAL T 115 43.26 -6.56 -76.70
N GLN U 1 41.59 -21.39 -25.04
CA GLN U 1 42.57 -20.47 -25.69
C GLN U 1 42.43 -20.50 -27.22
N VAL U 2 42.80 -19.40 -27.85
CA VAL U 2 42.87 -19.29 -29.30
C VAL U 2 44.31 -18.99 -29.68
N GLN U 3 44.79 -19.60 -30.75
CA GLN U 3 46.17 -19.38 -31.17
C GLN U 3 46.27 -19.48 -32.69
N LEU U 4 47.32 -18.87 -33.23
CA LEU U 4 47.59 -18.83 -34.65
C LEU U 4 48.82 -19.68 -34.96
N GLN U 5 48.74 -20.47 -36.03
CA GLN U 5 49.82 -21.37 -36.42
C GLN U 5 50.27 -21.08 -37.85
N GLU U 6 51.52 -20.69 -38.01
CA GLU U 6 52.09 -20.49 -39.34
C GLU U 6 52.49 -21.82 -39.97
N SER U 7 52.71 -21.79 -41.28
CA SER U 7 53.36 -22.88 -41.98
C SER U 7 53.91 -22.36 -43.31
N GLY U 8 54.85 -23.11 -43.87
CA GLY U 8 55.33 -22.86 -45.22
C GLY U 8 56.67 -22.17 -45.33
N GLY U 9 57.38 -21.97 -44.23
CA GLY U 9 58.72 -21.38 -44.30
C GLY U 9 59.71 -22.33 -44.91
N GLY U 10 60.88 -21.79 -45.24
CA GLY U 10 61.96 -22.58 -45.79
C GLY U 10 62.94 -21.72 -46.55
N LEU U 11 63.78 -22.41 -47.32
CA LEU U 11 64.80 -21.77 -48.15
C LEU U 11 64.39 -21.87 -49.61
N VAL U 12 64.40 -20.74 -50.31
CA VAL U 12 64.05 -20.69 -51.72
C VAL U 12 64.98 -19.71 -52.41
N GLU U 13 65.48 -20.09 -53.59
CA GLU U 13 66.54 -19.34 -54.24
C GLU U 13 66.02 -18.08 -54.90
N ILE U 14 66.97 -17.24 -55.34
CA ILE U 14 66.65 -15.94 -55.91
C ILE U 14 65.61 -16.11 -57.00
N GLY U 15 64.60 -15.24 -56.97
CA GLY U 15 63.57 -15.23 -58.00
C GLY U 15 62.49 -16.27 -57.85
N GLY U 16 62.60 -17.13 -56.84
CA GLY U 16 61.64 -18.20 -56.65
C GLY U 16 60.33 -17.72 -56.05
N SER U 17 59.47 -18.70 -55.75
CA SER U 17 58.14 -18.44 -55.23
C SER U 17 57.78 -19.47 -54.19
N LEU U 18 56.94 -19.08 -53.24
CA LEU U 18 56.47 -20.01 -52.22
C LEU U 18 55.20 -19.44 -51.58
N ARG U 19 54.49 -20.30 -50.86
CA ARG U 19 53.21 -19.96 -50.25
C ARG U 19 53.27 -20.18 -48.75
N LEU U 20 52.96 -19.15 -47.98
CA LEU U 20 52.79 -19.27 -46.54
C LEU U 20 51.32 -19.54 -46.21
N SER U 21 51.09 -20.16 -45.06
CA SER U 21 49.74 -20.46 -44.59
C SER U 21 49.59 -20.09 -43.13
N CYS U 22 48.38 -19.66 -42.76
CA CYS U 22 48.04 -19.37 -41.37
C CYS U 22 46.63 -19.84 -41.09
N ALA U 23 46.41 -20.36 -39.89
CA ALA U 23 45.09 -20.82 -39.46
C ALA U 23 44.88 -20.48 -37.99
N ALA U 24 43.72 -19.92 -37.67
CA ALA U 24 43.30 -19.71 -36.29
C ALA U 24 42.40 -20.86 -35.85
N SER U 25 42.18 -20.94 -34.53
CA SER U 25 41.32 -21.98 -33.99
C SER U 25 40.71 -21.49 -32.68
N GLY U 26 39.57 -22.11 -32.33
CA GLY U 26 38.95 -21.90 -31.03
C GLY U 26 38.14 -20.62 -30.90
N THR U 27 38.15 -19.74 -31.89
CA THR U 27 37.45 -18.47 -31.78
C THR U 27 35.98 -18.61 -32.14
N LEU U 28 35.16 -17.73 -31.57
CA LEU U 28 33.72 -17.75 -31.75
C LEU U 28 33.25 -16.92 -32.95
N PHE U 29 34.14 -16.17 -33.59
CA PHE U 29 33.72 -15.18 -34.56
C PHE U 29 34.81 -15.02 -35.62
N THR U 30 34.42 -14.37 -36.73
CA THR U 30 35.39 -14.01 -37.76
C THR U 30 36.10 -12.72 -37.36
N PHE U 31 37.43 -12.77 -37.38
CA PHE U 31 38.20 -11.58 -37.03
C PHE U 31 37.98 -10.48 -38.07
N ASN U 32 37.84 -9.25 -37.57
CA ASN U 32 37.64 -8.11 -38.47
C ASN U 32 38.85 -7.92 -39.39
N THR U 33 40.05 -8.07 -38.86
CA THR U 33 41.28 -7.80 -39.61
C THR U 33 42.32 -8.85 -39.32
N MET U 34 43.02 -9.29 -40.37
CA MET U 34 44.17 -10.16 -40.27
C MET U 34 45.29 -9.60 -41.13
N ALA U 35 46.53 -9.97 -40.80
CA ALA U 35 47.67 -9.36 -41.46
C ALA U 35 48.88 -10.27 -41.34
N TRP U 36 49.93 -9.91 -42.09
CA TRP U 36 51.23 -10.55 -42.01
C TRP U 36 52.28 -9.50 -41.67
N TYR U 37 53.27 -9.88 -40.86
CA TYR U 37 54.34 -8.98 -40.46
C TYR U 37 55.68 -9.68 -40.62
N ARG U 38 56.74 -8.87 -40.75
CA ARG U 38 58.08 -9.36 -41.05
C ARG U 38 59.10 -8.71 -40.12
N GLN U 39 60.14 -9.48 -39.77
CA GLN U 39 61.29 -8.94 -39.05
C GLN U 39 62.56 -9.59 -39.60
N ALA U 40 63.36 -8.81 -40.32
CA ALA U 40 64.65 -9.30 -40.77
C ALA U 40 65.66 -9.28 -39.62
N PRO U 41 66.70 -10.10 -39.69
CA PRO U 41 67.73 -10.04 -38.65
C PRO U 41 68.39 -8.67 -38.63
N GLY U 42 68.57 -8.12 -37.43
CA GLY U 42 69.13 -6.80 -37.30
C GLY U 42 68.16 -5.66 -37.54
N LYS U 43 66.86 -5.96 -37.64
CA LYS U 43 65.84 -4.96 -37.91
C LYS U 43 64.64 -5.19 -37.01
N GLN U 44 63.81 -4.15 -36.89
CA GLN U 44 62.57 -4.25 -36.13
C GLN U 44 61.44 -4.77 -37.03
N ARG U 45 60.28 -5.00 -36.41
CA ARG U 45 59.15 -5.57 -37.13
C ARG U 45 58.65 -4.60 -38.21
N GLU U 46 58.17 -5.17 -39.31
CA GLU U 46 57.70 -4.37 -40.44
C GLU U 46 56.43 -4.97 -41.01
N PHE U 47 55.54 -4.10 -41.49
CA PHE U 47 54.25 -4.52 -42.03
C PHE U 47 54.40 -5.02 -43.46
N ILE U 48 53.57 -6.00 -43.82
CA ILE U 48 53.61 -6.58 -45.16
C ILE U 48 52.25 -6.44 -45.85
N ALA U 49 51.22 -7.06 -45.29
CA ALA U 49 49.93 -7.09 -45.96
C ALA U 49 48.83 -7.31 -44.93
N THR U 50 47.61 -6.93 -45.30
CA THR U 50 46.45 -7.13 -44.44
C THR U 50 45.20 -7.33 -45.30
N ILE U 51 44.23 -8.03 -44.73
CA ILE U 51 42.98 -8.35 -45.41
C ILE U 51 41.86 -8.28 -44.39
N THR U 52 40.75 -7.63 -44.75
CA THR U 52 39.62 -7.50 -43.85
C THR U 52 38.67 -8.69 -44.00
N SER U 53 37.65 -8.71 -43.15
CA SER U 53 36.67 -9.79 -43.18
C SER U 53 35.98 -9.88 -44.53
N GLY U 54 35.66 -8.74 -45.13
CA GLY U 54 34.96 -8.69 -46.39
C GLY U 54 35.83 -8.87 -47.62
N GLY U 55 37.15 -8.97 -47.45
CA GLY U 55 38.05 -9.21 -48.56
C GLY U 55 38.81 -8.01 -49.07
N ASN U 56 38.67 -6.85 -48.44
CA ASN U 56 39.49 -5.71 -48.82
C ASN U 56 40.93 -5.96 -48.43
N THR U 57 41.86 -5.63 -49.34
CA THR U 57 43.26 -5.97 -49.16
C THR U 57 44.13 -4.72 -49.33
N ASN U 58 45.27 -4.74 -48.65
CA ASN U 58 46.20 -3.62 -48.65
C ASN U 58 47.61 -4.17 -48.46
N TYR U 59 48.61 -3.42 -48.97
CA TYR U 59 49.98 -3.92 -48.99
C TYR U 59 50.95 -2.82 -48.60
N ALA U 60 52.14 -3.26 -48.17
CA ALA U 60 53.30 -2.38 -48.10
C ALA U 60 53.93 -2.27 -49.49
N ASP U 61 54.45 -1.08 -49.79
CA ASP U 61 55.00 -0.85 -51.13
C ASP U 61 56.18 -1.75 -51.43
N SER U 62 56.96 -2.15 -50.43
CA SER U 62 58.14 -2.98 -50.67
C SER U 62 57.79 -4.37 -51.16
N VAL U 63 56.51 -4.78 -51.08
CA VAL U 63 56.04 -6.03 -51.64
C VAL U 63 54.97 -5.80 -52.69
N GLN U 64 54.76 -4.55 -53.12
CA GLN U 64 53.72 -4.24 -54.08
C GLN U 64 53.87 -5.09 -55.33
N GLY U 65 52.82 -5.84 -55.66
CA GLY U 65 52.83 -6.66 -56.85
C GLY U 65 53.55 -7.99 -56.69
N ARG U 66 54.57 -8.02 -55.82
CA ARG U 66 55.32 -9.25 -55.63
C ARG U 66 54.57 -10.25 -54.76
N PHE U 67 53.75 -9.77 -53.82
CA PHE U 67 53.06 -10.62 -52.85
C PHE U 67 51.57 -10.60 -53.12
N THR U 68 50.91 -11.71 -52.81
CA THR U 68 49.45 -11.81 -52.86
C THR U 68 48.96 -12.36 -51.53
N ILE U 69 48.09 -11.60 -50.86
CA ILE U 69 47.43 -12.05 -49.64
C ILE U 69 46.01 -12.47 -50.00
N SER U 70 45.56 -13.56 -49.41
CA SER U 70 44.24 -14.10 -49.74
C SER U 70 43.73 -14.89 -48.54
N ARG U 71 42.42 -15.17 -48.56
CA ARG U 71 41.76 -15.89 -47.50
C ARG U 71 41.42 -17.30 -47.95
N GLY U 72 41.73 -18.28 -47.11
CA GLY U 72 41.33 -19.64 -47.37
C GLY U 72 39.83 -19.85 -47.22
N ASN U 73 39.37 -21.02 -47.65
CA ASN U 73 37.94 -21.32 -47.61
C ASN U 73 37.42 -21.32 -46.18
N ALA U 74 38.18 -21.92 -45.25
CA ALA U 74 37.74 -21.99 -43.87
C ALA U 74 37.90 -20.64 -43.17
N LYS U 75 37.01 -20.38 -42.22
CA LYS U 75 37.01 -19.10 -41.52
C LYS U 75 38.35 -18.85 -40.84
N ASN U 76 38.81 -17.60 -40.90
CA ASN U 76 40.01 -17.17 -40.18
C ASN U 76 41.25 -17.95 -40.60
N THR U 77 41.44 -18.10 -41.91
CA THR U 77 42.65 -18.71 -42.46
C THR U 77 43.19 -17.84 -43.58
N LEU U 78 44.51 -17.80 -43.71
CA LEU U 78 45.20 -16.96 -44.69
C LEU U 78 46.11 -17.80 -45.56
N TYR U 79 46.19 -17.43 -46.84
CA TYR U 79 47.27 -17.84 -47.72
C TYR U 79 47.96 -16.59 -48.24
N LEU U 80 49.27 -16.50 -48.05
CA LEU U 80 50.08 -15.46 -48.67
C LEU U 80 51.04 -16.14 -49.64
N GLN U 81 50.90 -15.82 -50.93
CA GLN U 81 51.78 -16.34 -51.96
C GLN U 81 52.70 -15.23 -52.42
N MET U 82 54.01 -15.49 -52.38
CA MET U 82 55.03 -14.49 -52.66
C MET U 82 55.95 -15.04 -53.74
N ASN U 83 56.26 -14.21 -54.73
CA ASN U 83 57.04 -14.63 -55.88
C ASN U 83 58.03 -13.53 -56.25
N SER U 84 59.04 -13.91 -57.02
CA SER U 84 60.18 -13.03 -57.31
C SER U 84 60.90 -12.66 -56.02
N LEU U 85 61.26 -13.69 -55.25
CA LEU U 85 61.96 -13.47 -54.00
C LEU U 85 63.29 -12.77 -54.26
N LYS U 86 63.64 -11.87 -53.35
CA LYS U 86 64.88 -11.09 -53.42
C LYS U 86 65.62 -11.22 -52.10
N PRO U 87 66.94 -11.00 -52.11
CA PRO U 87 67.74 -11.34 -50.92
C PRO U 87 67.45 -10.49 -49.70
N GLU U 88 66.72 -9.38 -49.83
CA GLU U 88 66.34 -8.59 -48.67
C GLU U 88 65.16 -9.18 -47.92
N ASP U 89 64.46 -10.15 -48.52
CA ASP U 89 63.24 -10.70 -47.96
C ASP U 89 63.47 -11.72 -46.85
N THR U 90 64.72 -12.11 -46.60
CA THR U 90 65.00 -13.13 -45.61
C THR U 90 64.66 -12.61 -44.22
N ALA U 91 63.74 -13.29 -43.54
CA ALA U 91 63.22 -12.79 -42.27
C ALA U 91 62.32 -13.86 -41.67
N VAL U 92 61.92 -13.61 -40.42
CA VAL U 92 60.83 -14.35 -39.79
C VAL U 92 59.52 -13.63 -40.09
N TYR U 93 58.47 -14.40 -40.31
CA TYR U 93 57.16 -13.86 -40.66
C TYR U 93 56.12 -14.30 -39.63
N TYR U 94 55.21 -13.40 -39.28
CA TYR U 94 54.22 -13.64 -38.25
C TYR U 94 52.81 -13.44 -38.79
N CYS U 95 51.87 -14.24 -38.30
CA CYS U 95 50.46 -13.90 -38.42
C CYS U 95 50.09 -12.82 -37.41
N ASN U 96 49.06 -12.05 -37.73
CA ASN U 96 48.42 -11.17 -36.76
C ASN U 96 46.93 -11.13 -37.03
N ALA U 97 46.14 -11.23 -35.97
CA ALA U 97 44.69 -11.19 -36.06
C ALA U 97 44.16 -10.26 -34.99
N ARG U 98 43.29 -9.34 -35.37
CA ARG U 98 42.84 -8.29 -34.47
C ARG U 98 41.32 -8.17 -34.47
N THR U 99 40.76 -7.99 -33.28
CA THR U 99 39.34 -7.65 -33.16
C THR U 99 39.16 -6.15 -33.36
N MET U 100 37.95 -5.77 -33.76
CA MET U 100 37.70 -4.38 -34.13
C MET U 100 37.88 -3.42 -32.96
N THR U 101 37.71 -3.88 -31.73
CA THR U 101 37.91 -3.03 -30.56
C THR U 101 38.48 -3.88 -29.42
N GLY U 102 39.06 -3.19 -28.44
CA GLY U 102 39.54 -3.84 -27.25
C GLY U 102 40.94 -4.41 -27.39
N PRO U 103 41.41 -5.06 -26.32
CA PRO U 103 42.80 -5.53 -26.27
C PRO U 103 43.06 -6.82 -27.03
N PHE U 104 42.05 -7.40 -27.68
CA PHE U 104 42.20 -8.73 -28.28
C PHE U 104 42.99 -8.59 -29.58
N ASP U 105 44.29 -8.93 -29.51
CA ASP U 105 45.23 -8.70 -30.60
C ASP U 105 46.28 -9.82 -30.52
N TYR U 106 46.12 -10.84 -31.37
CA TYR U 106 46.88 -12.07 -31.27
C TYR U 106 48.04 -12.10 -32.27
N TRP U 107 49.13 -12.76 -31.88
CA TRP U 107 50.30 -12.94 -32.72
C TRP U 107 50.79 -14.38 -32.63
N GLY U 108 51.19 -14.94 -33.77
CA GLY U 108 51.78 -16.26 -33.78
C GLY U 108 53.29 -16.22 -33.56
N GLN U 109 53.86 -17.40 -33.27
CA GLN U 109 55.29 -17.47 -33.02
C GLN U 109 56.12 -17.35 -34.28
N GLY U 110 55.50 -17.48 -35.46
CA GLY U 110 56.18 -17.15 -36.70
C GLY U 110 56.93 -18.31 -37.33
N THR U 111 57.48 -18.03 -38.51
CA THR U 111 58.25 -19.01 -39.26
C THR U 111 59.28 -18.28 -40.11
N GLN U 112 60.30 -19.02 -40.53
CA GLN U 112 61.49 -18.45 -41.13
C GLN U 112 61.49 -18.63 -42.65
N VAL U 113 61.97 -17.60 -43.35
CA VAL U 113 62.18 -17.65 -44.80
C VAL U 113 63.61 -17.18 -45.08
N THR U 114 64.31 -17.92 -45.92
CA THR U 114 65.68 -17.60 -46.29
C THR U 114 65.85 -17.72 -47.80
N VAL U 115 66.85 -17.01 -48.32
CA VAL U 115 67.10 -16.96 -49.76
C VAL U 115 68.57 -17.20 -50.05
N GLN V 1 45.22 -13.22 -1.72
CA GLN V 1 46.22 -12.25 -2.27
C GLN V 1 47.04 -12.88 -3.39
N VAL V 2 47.15 -12.16 -4.50
CA VAL V 2 47.97 -12.60 -5.63
C VAL V 2 49.42 -12.21 -5.38
N GLN V 3 50.34 -13.02 -5.86
CA GLN V 3 51.76 -12.76 -5.64
C GLN V 3 52.59 -13.40 -6.75
N LEU V 4 53.76 -12.84 -6.98
CA LEU V 4 54.68 -13.27 -8.02
C LEU V 4 55.99 -13.74 -7.40
N GLN V 5 56.68 -14.64 -8.10
CA GLN V 5 57.99 -15.06 -7.67
C GLN V 5 58.80 -15.50 -8.89
N GLU V 6 60.13 -15.42 -8.76
CA GLU V 6 61.04 -15.69 -9.86
C GLU V 6 61.97 -16.85 -9.49
N SER V 7 62.56 -17.47 -10.51
CA SER V 7 63.44 -18.61 -10.32
C SER V 7 64.48 -18.64 -11.43
N GLY V 8 65.57 -19.35 -11.17
CA GLY V 8 66.61 -19.58 -12.15
C GLY V 8 67.91 -18.84 -11.94
N GLY V 9 68.11 -18.25 -10.75
CA GLY V 9 69.33 -17.51 -10.50
C GLY V 9 70.55 -18.40 -10.49
N GLY V 10 71.71 -17.79 -10.72
CA GLY V 10 72.96 -18.52 -10.67
C GLY V 10 74.07 -17.75 -11.34
N LEU V 11 75.21 -18.43 -11.50
CA LEU V 11 76.42 -17.86 -12.04
C LEU V 11 76.76 -18.52 -13.38
N VAL V 12 77.25 -17.72 -14.32
CA VAL V 12 77.73 -18.22 -15.60
C VAL V 12 78.97 -17.45 -16.01
N GLU V 13 79.71 -18.05 -16.94
CA GLU V 13 80.92 -17.42 -17.48
C GLU V 13 80.56 -16.24 -18.37
N ILE V 14 81.57 -15.42 -18.67
CA ILE V 14 81.40 -14.37 -19.67
C ILE V 14 81.05 -15.02 -21.00
N GLY V 15 80.05 -14.45 -21.67
CA GLY V 15 79.54 -15.05 -22.90
C GLY V 15 78.61 -16.22 -22.69
N GLY V 16 78.30 -16.58 -21.46
CA GLY V 16 77.37 -17.65 -21.17
C GLY V 16 75.93 -17.22 -21.40
N SER V 17 75.03 -18.17 -21.14
CA SER V 17 73.61 -17.93 -21.36
C SER V 17 72.80 -18.74 -20.36
N LEU V 18 71.62 -18.22 -20.00
CA LEU V 18 70.73 -18.93 -19.10
C LEU V 18 69.33 -18.35 -19.23
N ARG V 19 68.36 -19.03 -18.61
CA ARG V 19 66.95 -18.73 -18.75
C ARG V 19 66.32 -18.54 -17.38
N LEU V 20 65.58 -17.44 -17.20
CA LEU V 20 64.86 -17.15 -15.97
C LEU V 20 63.39 -17.55 -16.12
N SER V 21 62.74 -17.76 -14.97
CA SER V 21 61.33 -18.11 -14.92
C SER V 21 60.60 -17.26 -13.89
N CYS V 22 59.33 -16.96 -14.17
CA CYS V 22 58.45 -16.26 -13.26
C CYS V 22 57.06 -16.88 -13.32
N ALA V 23 56.40 -16.97 -12.16
CA ALA V 23 55.05 -17.54 -12.09
C ALA V 23 54.20 -16.73 -11.11
N ALA V 24 52.97 -16.46 -11.51
CA ALA V 24 52.00 -15.80 -10.64
C ALA V 24 51.19 -16.83 -9.85
N SER V 25 50.53 -16.37 -8.80
CA SER V 25 49.73 -17.22 -7.94
C SER V 25 48.41 -16.56 -7.58
N GLY V 26 47.33 -17.34 -7.59
CA GLY V 26 46.07 -16.94 -7.00
C GLY V 26 45.24 -15.95 -7.80
N THR V 27 45.68 -15.57 -9.00
CA THR V 27 44.95 -14.56 -9.76
C THR V 27 43.79 -15.19 -10.53
N LEU V 28 42.77 -14.38 -10.78
CA LEU V 28 41.54 -14.84 -11.42
C LEU V 28 41.53 -14.63 -12.93
N PHE V 29 42.55 -14.00 -13.50
CA PHE V 29 42.50 -13.57 -14.89
C PHE V 29 43.90 -13.51 -15.47
N THR V 30 43.96 -13.52 -16.80
CA THR V 30 45.23 -13.31 -17.50
C THR V 30 45.57 -11.83 -17.49
N PHE V 31 46.75 -11.50 -16.96
CA PHE V 31 47.18 -10.11 -16.94
C PHE V 31 47.40 -9.61 -18.36
N ASN V 32 46.91 -8.39 -18.62
CA ASN V 32 47.12 -7.80 -19.94
C ASN V 32 48.60 -7.53 -20.21
N THR V 33 49.37 -7.25 -19.16
CA THR V 33 50.78 -6.90 -19.31
C THR V 33 51.60 -7.65 -18.28
N MET V 34 52.69 -8.29 -18.73
CA MET V 34 53.70 -8.84 -17.86
C MET V 34 55.07 -8.44 -18.41
N ALA V 35 56.01 -8.17 -17.51
CA ALA V 35 57.25 -7.52 -17.91
C ALA V 35 58.39 -7.96 -17.02
N TRP V 36 59.61 -7.71 -17.49
CA TRP V 36 60.84 -7.96 -16.75
C TRP V 36 61.56 -6.64 -16.52
N TYR V 37 62.03 -6.44 -15.29
CA TYR V 37 62.84 -5.28 -14.93
C TYR V 37 64.11 -5.74 -14.24
N ARG V 38 65.19 -5.01 -14.46
CA ARG V 38 66.52 -5.43 -14.05
C ARG V 38 67.21 -4.34 -13.24
N GLN V 39 68.10 -4.74 -12.34
CA GLN V 39 68.83 -3.79 -11.50
C GLN V 39 70.20 -4.37 -11.19
N ALA V 40 71.25 -3.80 -11.77
CA ALA V 40 72.59 -4.07 -11.28
C ALA V 40 72.83 -3.28 -9.99
N PRO V 41 73.59 -3.82 -9.05
CA PRO V 41 73.77 -3.13 -7.77
C PRO V 41 74.42 -1.76 -7.97
N GLY V 42 73.98 -0.79 -7.17
CA GLY V 42 74.52 0.54 -7.24
C GLY V 42 73.82 1.48 -8.22
N LYS V 43 72.68 1.09 -8.77
CA LYS V 43 71.96 1.95 -9.70
C LYS V 43 70.48 1.57 -9.72
N GLN V 44 69.67 2.47 -10.26
CA GLN V 44 68.22 2.28 -10.29
C GLN V 44 67.83 1.22 -11.33
N ARG V 45 66.59 0.76 -11.23
CA ARG V 45 66.12 -0.37 -12.01
C ARG V 45 65.94 0.00 -13.49
N GLU V 46 66.01 -1.03 -14.34
CA GLU V 46 65.99 -0.87 -15.79
C GLU V 46 64.76 -1.54 -16.39
N PHE V 47 64.19 -0.90 -17.40
CA PHE V 47 63.18 -1.55 -18.24
C PHE V 47 63.85 -2.47 -19.25
N ILE V 48 63.32 -3.67 -19.42
CA ILE V 48 63.95 -4.66 -20.30
C ILE V 48 62.99 -5.09 -21.40
N ALA V 49 61.85 -5.69 -21.02
CA ALA V 49 60.98 -6.29 -22.02
C ALA V 49 59.56 -6.38 -21.47
N THR V 50 58.62 -6.64 -22.38
CA THR V 50 57.21 -6.74 -22.03
C THR V 50 56.51 -7.57 -23.10
N ILE V 51 55.50 -8.33 -22.68
CA ILE V 51 54.72 -9.17 -23.57
C ILE V 51 53.26 -9.08 -23.16
N THR V 52 52.39 -8.80 -24.12
CA THR V 52 50.97 -8.62 -23.84
C THR V 52 50.25 -9.98 -23.77
N SER V 53 48.96 -9.92 -23.43
CA SER V 53 48.15 -11.14 -23.36
C SER V 53 47.97 -11.79 -24.72
N GLY V 54 48.20 -11.07 -25.81
CA GLY V 54 48.10 -11.61 -27.14
C GLY V 54 49.42 -12.10 -27.72
N GLY V 55 50.51 -12.01 -26.96
CA GLY V 55 51.81 -12.42 -27.44
C GLY V 55 52.60 -11.35 -28.15
N ASN V 56 52.16 -10.10 -28.12
CA ASN V 56 52.92 -9.01 -28.73
C ASN V 56 54.09 -8.65 -27.83
N THR V 57 55.30 -8.70 -28.37
CA THR V 57 56.52 -8.50 -27.59
C THR V 57 57.13 -7.13 -27.89
N ASN V 58 57.66 -6.50 -26.85
CA ASN V 58 58.34 -5.23 -26.97
C ASN V 58 59.64 -5.28 -26.17
N TYR V 59 60.62 -4.48 -26.59
CA TYR V 59 61.97 -4.58 -26.05
C TYR V 59 62.57 -3.20 -25.82
N ALA V 60 63.54 -3.15 -24.91
CA ALA V 60 64.52 -2.08 -24.92
C ALA V 60 65.66 -2.43 -25.88
N ASP V 61 66.27 -1.40 -26.46
CA ASP V 61 67.28 -1.63 -27.50
C ASP V 61 68.50 -2.35 -26.96
N SER V 62 68.85 -2.14 -25.69
CA SER V 62 70.09 -2.71 -25.16
C SER V 62 70.05 -4.23 -25.13
N VAL V 63 68.88 -4.84 -25.24
CA VAL V 63 68.73 -6.30 -25.23
C VAL V 63 68.14 -6.82 -26.53
N GLN V 64 67.90 -5.96 -27.51
CA GLN V 64 67.31 -6.40 -28.76
C GLN V 64 68.19 -7.46 -29.41
N GLY V 65 67.61 -8.63 -29.66
CA GLY V 65 68.33 -9.76 -30.19
C GLY V 65 69.15 -10.53 -29.19
N ARG V 66 69.27 -10.03 -27.95
CA ARG V 66 70.03 -10.73 -26.92
C ARG V 66 69.13 -11.55 -26.00
N PHE V 67 67.93 -11.05 -25.70
CA PHE V 67 67.01 -11.70 -24.78
C PHE V 67 65.79 -12.22 -25.53
N THR V 68 65.21 -13.30 -25.02
CA THR V 68 63.97 -13.87 -25.55
C THR V 68 62.93 -13.90 -24.43
N ILE V 69 61.73 -13.39 -24.72
CA ILE V 69 60.64 -13.32 -23.77
C ILE V 69 59.46 -14.10 -24.32
N SER V 70 58.82 -14.91 -23.47
CA SER V 70 57.72 -15.74 -23.93
C SER V 70 56.84 -16.12 -22.74
N ARG V 71 55.66 -16.64 -23.05
CA ARG V 71 54.69 -17.07 -22.04
C ARG V 71 54.60 -18.59 -22.00
N GLY V 72 54.44 -19.14 -20.80
CA GLY V 72 54.28 -20.57 -20.63
C GLY V 72 52.85 -21.04 -20.83
N ASN V 73 52.68 -22.36 -20.78
CA ASN V 73 51.36 -22.95 -20.99
C ASN V 73 50.42 -22.65 -19.82
N ALA V 74 50.92 -22.74 -18.59
CA ALA V 74 50.10 -22.39 -17.44
C ALA V 74 49.84 -20.89 -17.41
N LYS V 75 48.60 -20.52 -17.07
CA LYS V 75 48.22 -19.12 -17.19
C LYS V 75 49.06 -18.24 -16.28
N ASN V 76 49.52 -17.12 -16.83
CA ASN V 76 50.34 -16.15 -16.11
C ASN V 76 51.65 -16.76 -15.62
N THR V 77 52.32 -17.50 -16.52
CA THR V 77 53.70 -17.93 -16.31
C THR V 77 54.57 -17.32 -17.42
N LEU V 78 55.79 -16.94 -17.06
CA LEU V 78 56.59 -16.06 -17.89
C LEU V 78 58.05 -16.53 -17.88
N TYR V 79 58.70 -16.45 -19.04
CA TYR V 79 60.10 -16.84 -19.20
C TYR V 79 60.89 -15.69 -19.83
N LEU V 80 62.13 -15.54 -19.40
CA LEU V 80 63.11 -14.68 -20.07
C LEU V 80 64.39 -15.49 -20.27
N GLN V 81 64.77 -15.68 -21.53
CA GLN V 81 66.02 -16.34 -21.87
C GLN V 81 66.98 -15.31 -22.42
N MET V 82 68.21 -15.30 -21.89
CA MET V 82 69.19 -14.26 -22.17
C MET V 82 70.46 -14.92 -22.69
N ASN V 83 71.01 -14.37 -23.76
CA ASN V 83 71.97 -15.07 -24.61
C ASN V 83 73.25 -14.27 -24.78
N SER V 84 74.37 -14.99 -24.88
CA SER V 84 75.70 -14.41 -25.13
C SER V 84 75.91 -13.16 -24.27
N LEU V 85 75.95 -13.39 -22.97
CA LEU V 85 75.90 -12.30 -22.00
C LEU V 85 77.23 -11.55 -21.95
N LYS V 86 77.14 -10.24 -21.72
CA LYS V 86 78.30 -9.40 -21.47
C LYS V 86 78.53 -9.26 -19.97
N PRO V 87 79.73 -8.87 -19.56
CA PRO V 87 80.00 -8.77 -18.12
C PRO V 87 79.05 -7.85 -17.38
N GLU V 88 78.50 -6.86 -18.06
CA GLU V 88 77.64 -5.87 -17.43
C GLU V 88 76.28 -6.42 -17.04
N ASP V 89 75.93 -7.62 -17.51
CA ASP V 89 74.61 -8.19 -17.26
C ASP V 89 74.44 -8.73 -15.85
N THR V 90 75.41 -8.54 -14.96
CA THR V 90 75.26 -8.93 -13.56
C THR V 90 74.18 -8.09 -12.90
N ALA V 91 73.13 -8.73 -12.39
CA ALA V 91 72.03 -7.97 -11.82
C ALA V 91 71.06 -8.88 -11.09
N VAL V 92 70.21 -8.26 -10.30
CA VAL V 92 68.99 -8.90 -9.82
C VAL V 92 67.87 -8.60 -10.81
N TYR V 93 67.07 -9.61 -11.11
CA TYR V 93 65.97 -9.49 -12.05
C TYR V 93 64.64 -9.55 -11.30
N TYR V 94 63.71 -8.68 -11.69
CA TYR V 94 62.37 -8.63 -11.09
C TYR V 94 61.32 -8.94 -12.13
N CYS V 95 60.23 -9.56 -11.69
CA CYS V 95 59.08 -9.88 -12.53
C CYS V 95 57.93 -8.95 -12.19
N ASN V 96 57.30 -8.38 -13.22
CA ASN V 96 56.27 -7.35 -13.04
C ASN V 96 55.03 -7.70 -13.84
N ALA V 97 53.87 -7.51 -13.21
CA ALA V 97 52.57 -7.76 -13.83
C ALA V 97 51.66 -6.58 -13.53
N ARG V 98 50.95 -6.10 -14.55
CA ARG V 98 50.08 -4.93 -14.42
C ARG V 98 48.67 -5.26 -14.91
N THR V 99 47.67 -4.71 -14.23
CA THR V 99 46.30 -4.78 -14.70
C THR V 99 46.04 -3.65 -15.69
N MET V 100 45.10 -3.88 -16.61
CA MET V 100 44.87 -2.93 -17.69
C MET V 100 44.48 -1.55 -17.17
N THR V 101 43.79 -1.50 -16.03
CA THR V 101 43.36 -0.22 -15.46
C THR V 101 43.16 -0.41 -13.97
N GLY V 102 43.43 0.65 -13.22
CA GLY V 102 43.34 0.61 -11.77
C GLY V 102 44.68 0.40 -11.11
N PRO V 103 44.70 0.46 -9.78
CA PRO V 103 45.98 0.45 -9.04
C PRO V 103 46.63 -0.92 -8.90
N PHE V 104 46.12 -1.96 -9.56
CA PHE V 104 46.54 -3.33 -9.28
C PHE V 104 47.80 -3.68 -10.06
N ASP V 105 48.93 -3.21 -9.52
CA ASP V 105 50.26 -3.52 -10.05
C ASP V 105 51.02 -4.37 -9.03
N TYR V 106 51.77 -5.34 -9.52
CA TYR V 106 52.46 -6.30 -8.66
C TYR V 106 53.89 -6.52 -9.10
N TRP V 107 54.78 -6.70 -8.13
CA TRP V 107 56.18 -7.05 -8.36
C TRP V 107 56.53 -8.30 -7.55
N GLY V 108 57.47 -9.08 -8.07
CA GLY V 108 58.09 -10.12 -7.27
C GLY V 108 59.26 -9.58 -6.46
N GLN V 109 59.79 -10.44 -5.57
CA GLN V 109 60.92 -10.04 -4.75
C GLN V 109 62.23 -10.05 -5.54
N GLY V 110 62.28 -10.73 -6.68
CA GLY V 110 63.45 -10.74 -7.53
C GLY V 110 64.41 -11.88 -7.23
N THR V 111 65.32 -12.11 -8.17
CA THR V 111 66.32 -13.16 -8.05
C THR V 111 67.61 -12.70 -8.72
N GLN V 112 68.71 -13.32 -8.30
CA GLN V 112 70.06 -12.86 -8.63
C GLN V 112 70.68 -13.73 -9.71
N VAL V 113 71.34 -13.08 -10.68
CA VAL V 113 72.17 -13.76 -11.66
C VAL V 113 73.50 -13.02 -11.77
N THR V 114 74.57 -13.77 -11.97
CA THR V 114 75.91 -13.21 -12.15
C THR V 114 76.56 -13.83 -13.38
N VAL V 115 77.43 -13.07 -14.03
CA VAL V 115 78.02 -13.46 -15.29
C VAL V 115 79.54 -13.44 -15.19
N GLU W 3 -5.26 -8.04 75.20
CA GLU W 3 -4.08 -8.04 74.29
C GLU W 3 -4.37 -8.81 73.00
N LYS W 4 -4.10 -8.18 71.86
CA LYS W 4 -4.19 -8.84 70.57
C LYS W 4 -3.03 -8.38 69.70
N GLU W 5 -2.52 -9.28 68.88
CA GLU W 5 -1.33 -8.98 68.09
C GLU W 5 -1.68 -8.11 66.89
N GLU W 6 -0.71 -7.30 66.47
CA GLU W 6 -0.88 -6.35 65.37
C GLU W 6 -0.52 -7.05 64.05
N ALA W 7 -1.50 -7.77 63.50
CA ALA W 7 -1.29 -8.64 62.35
C ALA W 7 -1.34 -7.87 61.03
N ILE W 8 -0.38 -6.96 60.85
CA ILE W 8 -0.32 -6.18 59.61
C ILE W 8 1.05 -6.32 58.95
N PHE W 9 2.09 -6.58 59.76
CA PHE W 9 3.42 -6.80 59.18
C PHE W 9 3.57 -8.24 58.71
N ARG W 10 2.97 -9.18 59.43
CA ARG W 10 2.87 -10.57 59.01
C ARG W 10 1.49 -11.09 59.40
N SER W 11 1.14 -12.24 58.85
CA SER W 11 -0.17 -12.82 59.10
C SER W 11 -0.34 -13.17 60.58
N ALA W 12 -1.59 -13.12 61.04
CA ALA W 12 -1.90 -13.57 62.39
C ALA W 12 -1.57 -15.06 62.53
N GLU W 13 -1.15 -15.44 63.73
CA GLU W 13 -0.86 -16.84 64.01
C GLU W 13 -2.18 -17.62 64.16
N MET W 14 -2.26 -18.77 63.49
CA MET W 14 -3.49 -19.56 63.42
C MET W 14 -3.33 -20.85 64.21
N ALA W 15 -4.43 -21.32 64.79
CA ALA W 15 -4.48 -22.57 65.53
C ALA W 15 -5.58 -23.45 65.00
N LEU W 16 -5.34 -24.76 65.01
CA LEU W 16 -6.33 -25.75 64.59
C LEU W 16 -6.96 -26.39 65.82
N VAL W 17 -8.28 -26.44 65.86
CA VAL W 17 -9.04 -26.87 67.04
C VAL W 17 -10.11 -27.85 66.61
N GLN W 18 -10.22 -28.96 67.35
CA GLN W 18 -11.26 -29.96 67.11
C GLN W 18 -12.46 -29.70 67.99
N PHE W 19 -13.65 -29.96 67.44
CA PHE W 19 -14.91 -29.86 68.19
C PHE W 19 -15.53 -31.24 68.29
N TYR W 20 -15.83 -31.66 69.52
CA TYR W 20 -16.71 -32.80 69.79
C TYR W 20 -17.99 -32.25 70.40
N ILE W 21 -19.11 -32.41 69.72
CA ILE W 21 -20.39 -31.90 70.16
C ILE W 21 -21.39 -33.05 70.23
N PRO W 22 -22.06 -33.28 71.35
CA PRO W 22 -23.17 -34.25 71.37
C PRO W 22 -24.26 -33.86 70.37
N GLN W 23 -24.89 -34.88 69.78
CA GLN W 23 -25.90 -34.64 68.77
C GLN W 23 -27.08 -33.83 69.32
N GLU W 24 -27.36 -33.96 70.61
CA GLU W 24 -28.47 -33.21 71.19
C GLU W 24 -28.23 -31.71 71.12
N ILE W 25 -27.03 -31.26 71.49
CA ILE W 25 -26.72 -29.83 71.48
C ILE W 25 -26.19 -29.36 70.13
N SER W 26 -26.06 -30.25 69.15
CA SER W 26 -25.38 -29.92 67.90
C SER W 26 -25.98 -28.67 67.25
N ARG W 27 -27.27 -28.73 66.88
CA ARG W 27 -27.87 -27.64 66.14
C ARG W 27 -27.77 -26.33 66.90
N ASP W 28 -28.06 -26.36 68.21
CA ASP W 28 -27.99 -25.14 68.99
C ASP W 28 -26.58 -24.58 69.03
N SER W 29 -25.58 -25.46 69.21
CA SER W 29 -24.20 -25.00 69.28
C SER W 29 -23.74 -24.39 67.96
N ALA W 30 -24.08 -25.03 66.84
CA ALA W 30 -23.61 -24.53 65.55
C ALA W 30 -24.16 -23.14 65.25
N TYR W 31 -25.33 -22.80 65.79
CA TYR W 31 -25.84 -21.45 65.65
C TYR W 31 -24.95 -20.45 66.39
N THR W 32 -24.43 -20.83 67.56
CA THR W 32 -23.52 -19.95 68.29
C THR W 32 -22.24 -19.72 67.50
N LEU W 33 -21.67 -20.78 66.93
CA LEU W 33 -20.45 -20.61 66.14
C LEU W 33 -20.69 -19.73 64.93
N GLY W 34 -21.89 -19.81 64.34
CA GLY W 34 -22.24 -18.86 63.30
C GLY W 34 -22.36 -17.45 63.82
N GLN W 35 -22.91 -17.29 65.03
CA GLN W 35 -22.99 -15.97 65.65
C GLN W 35 -21.60 -15.45 65.98
N LEU W 36 -20.68 -16.33 66.36
CA LEU W 36 -19.30 -15.91 66.59
C LEU W 36 -18.71 -15.30 65.33
N GLY W 37 -18.94 -15.92 64.17
CA GLY W 37 -18.40 -15.42 62.93
C GLY W 37 -16.89 -15.41 62.89
N LEU W 38 -16.26 -16.45 63.43
CA LEU W 38 -14.84 -16.40 63.74
C LEU W 38 -14.03 -17.62 63.30
N VAL W 39 -14.66 -18.76 63.02
CA VAL W 39 -13.94 -20.02 62.79
C VAL W 39 -14.20 -20.48 61.35
N GLN W 40 -13.15 -21.00 60.72
CA GLN W 40 -13.19 -21.51 59.35
C GLN W 40 -13.02 -23.03 59.41
N PHE W 41 -14.04 -23.76 58.96
CA PHE W 41 -14.06 -25.22 59.09
C PHE W 41 -13.34 -25.91 57.93
N ARG W 42 -12.80 -27.09 58.23
CA ARG W 42 -12.29 -27.98 57.21
C ARG W 42 -13.37 -28.94 56.73
N ASP W 43 -13.14 -29.53 55.56
CA ASP W 43 -13.98 -30.60 55.05
C ASP W 43 -13.34 -31.93 55.42
N LEU W 44 -13.93 -32.62 56.40
CA LEU W 44 -13.33 -33.83 56.95
C LEU W 44 -13.54 -35.07 56.06
N ASN W 45 -14.51 -35.06 55.17
CA ASN W 45 -14.84 -36.24 54.38
C ASN W 45 -15.10 -35.90 52.91
N SER W 46 -14.20 -35.11 52.30
CA SER W 46 -14.39 -34.75 50.90
C SER W 46 -14.54 -35.96 49.99
N LYS W 47 -14.20 -37.17 50.44
CA LYS W 47 -14.21 -38.32 49.57
C LYS W 47 -15.62 -38.84 49.26
N VAL W 48 -16.57 -38.66 50.17
CA VAL W 48 -17.91 -39.20 49.97
C VAL W 48 -18.68 -38.31 49.01
N ARG W 49 -19.49 -38.93 48.16
CA ARG W 49 -20.20 -38.21 47.12
C ARG W 49 -21.23 -37.26 47.71
N ALA W 50 -21.61 -36.25 46.91
CA ALA W 50 -22.45 -35.17 47.41
C ALA W 50 -23.78 -35.68 47.94
N PHE W 51 -24.44 -36.58 47.21
CA PHE W 51 -25.75 -37.06 47.61
C PHE W 51 -25.68 -38.13 48.70
N GLN W 52 -24.48 -38.53 49.11
CA GLN W 52 -24.28 -39.51 50.17
C GLN W 52 -23.99 -38.88 51.53
N ARG W 53 -23.71 -37.59 51.59
CA ARG W 53 -23.43 -36.95 52.88
C ARG W 53 -24.67 -36.99 53.76
N THR W 54 -24.44 -36.91 55.08
CA THR W 54 -25.43 -37.39 56.04
C THR W 54 -26.62 -36.44 56.19
N PHE W 55 -26.44 -35.14 55.94
CA PHE W 55 -27.51 -34.17 56.14
C PHE W 55 -28.21 -33.79 54.83
N VAL W 56 -28.12 -34.63 53.80
CA VAL W 56 -28.67 -34.25 52.50
C VAL W 56 -30.18 -34.04 52.58
N ASN W 57 -30.88 -34.88 53.33
CA ASN W 57 -32.34 -34.75 53.40
C ASN W 57 -32.74 -33.42 54.03
N GLU W 58 -32.04 -33.00 55.08
CA GLU W 58 -32.33 -31.70 55.68
C GLU W 58 -32.13 -30.58 54.67
N ILE W 59 -31.04 -30.65 53.90
CA ILE W 59 -30.75 -29.63 52.91
C ILE W 59 -31.88 -29.55 51.89
N ARG W 60 -32.32 -30.71 51.39
CA ARG W 60 -33.41 -30.73 50.42
C ARG W 60 -34.66 -30.05 50.97
N ARG W 61 -34.93 -30.23 52.27
CA ARG W 61 -36.15 -29.70 52.85
C ARG W 61 -36.20 -28.17 52.76
N LEU W 62 -35.16 -27.50 53.24
CA LEU W 62 -35.11 -26.05 53.16
C LEU W 62 -34.95 -25.59 51.72
N ASP W 63 -34.27 -26.38 50.88
CA ASP W 63 -34.08 -25.99 49.49
C ASP W 63 -35.43 -25.87 48.78
N ASN W 64 -36.37 -26.75 49.11
CA ASN W 64 -37.70 -26.67 48.49
C ASN W 64 -38.45 -25.43 48.96
N VAL W 65 -38.24 -25.02 50.22
CA VAL W 65 -38.87 -23.80 50.71
C VAL W 65 -38.33 -22.59 49.95
N GLU W 66 -37.00 -22.52 49.76
CA GLU W 66 -36.42 -21.40 49.06
C GLU W 66 -36.95 -21.31 47.63
N ARG W 67 -37.16 -22.46 46.99
CA ARG W 67 -37.81 -22.44 45.67
C ARG W 67 -39.14 -21.72 45.74
N GLN W 68 -39.95 -22.04 46.75
CA GLN W 68 -41.27 -21.43 46.87
C GLN W 68 -41.17 -19.95 47.18
N TYR W 69 -40.17 -19.55 47.98
CA TYR W 69 -40.00 -18.13 48.28
C TYR W 69 -39.56 -17.35 47.05
N ARG W 70 -38.75 -17.97 46.18
CA ARG W 70 -38.45 -17.32 44.90
C ARG W 70 -39.71 -17.17 44.06
N TYR W 71 -40.58 -18.18 44.09
CA TYR W 71 -41.83 -18.10 43.33
C TYR W 71 -42.71 -16.97 43.85
N PHE W 72 -42.87 -16.88 45.17
CA PHE W 72 -43.68 -15.79 45.74
C PHE W 72 -43.10 -14.44 45.37
N TYR W 73 -41.78 -14.28 45.50
CA TYR W 73 -41.15 -13.02 45.15
C TYR W 73 -41.38 -12.67 43.68
N SER W 74 -41.46 -13.68 42.81
CA SER W 74 -41.79 -13.41 41.42
C SER W 74 -43.20 -12.86 41.28
N LEU W 75 -44.16 -13.43 42.03
CA LEU W 75 -45.53 -12.93 41.96
C LEU W 75 -45.60 -11.48 42.42
N LEU W 76 -44.86 -11.11 43.45
CA LEU W 76 -44.81 -9.71 43.87
C LEU W 76 -44.25 -8.84 42.75
N LYS W 77 -43.08 -9.22 42.21
CA LYS W 77 -42.43 -8.40 41.20
C LYS W 77 -43.25 -8.33 39.92
N LYS W 78 -44.07 -9.35 39.64
CA LYS W 78 -44.93 -9.29 38.47
C LYS W 78 -45.90 -8.13 38.56
N HIS W 79 -46.39 -7.83 39.75
CA HIS W 79 -47.22 -6.67 39.99
C HIS W 79 -46.37 -5.50 40.49
N ASP W 80 -47.01 -4.36 40.72
CA ASP W 80 -46.34 -3.19 41.28
C ASP W 80 -46.08 -3.35 42.77
N ILE W 81 -46.55 -4.44 43.38
CA ILE W 81 -46.42 -4.60 44.83
C ILE W 81 -44.94 -4.64 45.22
N LYS W 82 -44.65 -4.13 46.42
CA LYS W 82 -43.29 -4.01 46.92
C LYS W 82 -43.26 -4.49 48.36
N LEU W 83 -42.25 -5.29 48.69
CA LEU W 83 -42.18 -5.88 50.03
C LEU W 83 -41.60 -4.90 51.03
N TYR W 84 -41.83 -5.18 52.32
CA TYR W 84 -41.38 -4.34 53.41
C TYR W 84 -39.86 -4.42 53.54
N GLU W 85 -39.19 -3.28 53.38
CA GLU W 85 -37.74 -3.23 53.51
C GLU W 85 -37.32 -3.18 54.98
N GLY W 86 -36.05 -3.45 55.22
CA GLY W 86 -35.43 -3.14 56.50
C GLY W 86 -35.48 -4.28 57.51
N ASP W 87 -35.36 -3.89 58.78
CA ASP W 87 -35.19 -4.82 59.88
C ASP W 87 -33.96 -5.71 59.66
N THR W 88 -32.89 -5.11 59.17
CA THR W 88 -31.66 -5.85 58.91
C THR W 88 -30.93 -6.24 60.19
N ASP W 89 -31.13 -5.48 61.27
CA ASP W 89 -30.33 -5.61 62.48
C ASP W 89 -31.05 -6.30 63.63
N LYS W 90 -32.23 -6.88 63.40
CA LYS W 90 -33.05 -7.34 64.52
C LYS W 90 -32.34 -8.42 65.33
N TYR W 91 -31.67 -9.37 64.68
CA TYR W 91 -30.98 -10.43 65.41
C TYR W 91 -29.58 -10.03 65.85
N LEU W 92 -28.79 -9.46 64.94
CA LEU W 92 -27.40 -9.13 65.20
C LEU W 92 -27.09 -7.76 64.65
N ASP W 93 -26.31 -6.99 65.41
CA ASP W 93 -25.66 -5.78 64.91
C ASP W 93 -24.37 -6.11 64.15
N GLY W 94 -24.17 -7.38 63.80
CA GLY W 94 -22.85 -7.82 63.39
C GLY W 94 -21.86 -7.91 64.52
N SER W 95 -22.31 -7.74 65.76
CA SER W 95 -21.42 -7.69 66.92
C SER W 95 -21.08 -9.08 67.46
N GLY W 96 -21.84 -10.11 67.09
CA GLY W 96 -21.60 -11.44 67.61
C GLY W 96 -22.19 -11.72 68.97
N GLU W 97 -23.23 -10.99 69.36
CA GLU W 97 -23.93 -11.29 70.60
C GLU W 97 -24.72 -12.59 70.46
N LEU W 98 -24.74 -13.37 71.54
CA LEU W 98 -25.47 -14.63 71.53
C LEU W 98 -26.97 -14.39 71.47
N TYR W 99 -27.66 -15.15 70.63
CA TYR W 99 -29.11 -15.15 70.60
C TYR W 99 -29.61 -16.54 70.27
N VAL W 100 -30.86 -16.81 70.63
CA VAL W 100 -31.44 -18.15 70.53
C VAL W 100 -32.04 -18.39 69.14
N PRO W 101 -31.79 -19.53 68.52
CA PRO W 101 -32.30 -19.77 67.17
C PRO W 101 -33.77 -20.15 67.18
N PRO W 102 -34.42 -20.15 66.02
CA PRO W 102 -35.78 -20.66 65.93
C PRO W 102 -35.88 -22.11 66.40
N SER W 103 -36.97 -22.43 67.08
CA SER W 103 -37.24 -23.81 67.48
C SER W 103 -37.62 -24.65 66.27
N GLY W 104 -37.40 -25.95 66.37
CA GLY W 104 -37.71 -26.84 65.27
C GLY W 104 -39.16 -26.76 64.82
N SER W 105 -40.08 -26.50 65.76
CA SER W 105 -41.48 -26.38 65.38
C SER W 105 -41.72 -25.14 64.54
N VAL W 106 -40.94 -24.07 64.76
CA VAL W 106 -41.07 -22.88 63.92
C VAL W 106 -40.64 -23.20 62.49
N ILE W 107 -39.52 -23.91 62.34
CA ILE W 107 -39.06 -24.28 61.00
C ILE W 107 -40.09 -25.17 60.32
N ASP W 108 -40.66 -26.12 61.06
CA ASP W 108 -41.72 -26.94 60.50
C ASP W 108 -42.89 -26.09 60.03
N ASP W 109 -43.24 -25.05 60.80
CA ASP W 109 -44.35 -24.19 60.41
C ASP W 109 -44.04 -23.44 59.11
N TYR W 110 -42.81 -22.95 58.96
CA TYR W 110 -42.43 -22.32 57.71
C TYR W 110 -42.60 -23.29 56.54
N VAL W 111 -42.15 -24.53 56.72
CA VAL W 111 -42.31 -25.53 55.66
C VAL W 111 -43.78 -25.74 55.36
N ARG W 112 -44.58 -25.97 56.40
CA ARG W 112 -46.01 -26.19 56.20
C ARG W 112 -46.67 -24.96 55.59
N ASN W 113 -46.34 -23.77 56.10
CA ASN W 113 -46.95 -22.55 55.60
C ASN W 113 -46.60 -22.31 54.14
N ALA W 114 -45.32 -22.48 53.79
CA ALA W 114 -44.90 -22.24 52.42
C ALA W 114 -45.60 -23.18 51.45
N SER W 115 -45.72 -24.45 51.81
CA SER W 115 -46.41 -25.40 50.95
C SER W 115 -47.87 -25.00 50.76
N TYR W 116 -48.52 -24.57 51.84
CA TYR W 116 -49.92 -24.19 51.76
C TYR W 116 -50.12 -22.98 50.84
N LEU W 117 -49.21 -22.02 50.89
CA LEU W 117 -49.37 -20.82 50.08
C LEU W 117 -49.19 -21.11 48.60
N GLU W 118 -48.24 -21.99 48.24
CA GLU W 118 -48.05 -22.34 46.84
C GLU W 118 -49.31 -22.98 46.27
N GLU W 119 -49.93 -23.88 47.03
CA GLU W 119 -51.14 -24.55 46.56
C GLU W 119 -52.24 -23.54 46.25
N ARG W 120 -52.40 -22.53 47.11
CA ARG W 120 -53.43 -21.52 46.89
C ARG W 120 -53.10 -20.64 45.69
N LEU W 121 -51.89 -20.08 45.65
CA LEU W 121 -51.58 -19.09 44.64
C LEU W 121 -51.51 -19.69 43.24
N ILE W 122 -51.15 -20.98 43.13
CA ILE W 122 -51.10 -21.61 41.81
C ILE W 122 -52.49 -21.62 41.18
N GLN W 123 -53.49 -22.10 41.92
CA GLN W 123 -54.85 -22.13 41.39
C GLN W 123 -55.37 -20.71 41.16
N MET W 124 -55.10 -19.81 42.10
CA MET W 124 -55.61 -18.45 41.99
C MET W 124 -55.04 -17.75 40.75
N GLU W 125 -53.73 -17.87 40.54
CA GLU W 125 -53.12 -17.23 39.39
C GLU W 125 -53.64 -17.80 38.08
N ASP W 126 -53.72 -19.13 37.98
CA ASP W 126 -54.17 -19.74 36.74
C ASP W 126 -55.62 -19.38 36.44
N ALA W 127 -56.47 -19.34 37.47
CA ALA W 127 -57.85 -18.93 37.26
C ALA W 127 -57.95 -17.48 36.80
N THR W 128 -56.97 -16.64 37.16
CA THR W 128 -57.04 -15.22 36.82
C THR W 128 -56.78 -14.99 35.34
N ASP W 129 -55.67 -15.51 34.82
CA ASP W 129 -55.28 -15.20 33.46
C ASP W 129 -56.25 -15.77 32.43
N GLN W 130 -57.05 -16.78 32.79
CA GLN W 130 -58.09 -17.23 31.88
C GLN W 130 -59.10 -16.12 31.62
N ILE W 131 -59.44 -15.35 32.65
CA ILE W 131 -60.30 -14.18 32.45
C ILE W 131 -59.61 -13.14 31.59
N GLU W 132 -58.33 -12.89 31.84
CA GLU W 132 -57.62 -11.87 31.10
C GLU W 132 -57.61 -12.18 29.61
N VAL W 133 -57.46 -13.46 29.25
CA VAL W 133 -57.49 -13.85 27.85
C VAL W 133 -58.82 -13.48 27.22
N GLN W 134 -59.92 -13.82 27.89
CA GLN W 134 -61.23 -13.48 27.37
C GLN W 134 -61.41 -11.97 27.27
N LYS W 135 -60.95 -11.24 28.29
CA LYS W 135 -61.00 -9.78 28.22
C LYS W 135 -60.22 -9.29 27.00
N ASN W 136 -59.01 -9.82 26.80
CA ASN W 136 -58.21 -9.40 25.67
C ASN W 136 -58.87 -9.78 24.35
N ASP W 137 -59.45 -10.98 24.27
CA ASP W 137 -60.05 -11.43 23.03
C ASP W 137 -61.22 -10.54 22.62
N LEU W 138 -62.10 -10.22 23.57
CA LEU W 138 -63.28 -9.42 23.24
C LEU W 138 -62.89 -8.01 22.84
N GLU W 139 -61.88 -7.44 23.50
CA GLU W 139 -61.41 -6.11 23.12
C GLU W 139 -60.98 -6.06 21.67
N GLN W 140 -60.26 -7.09 21.21
CA GLN W 140 -59.86 -7.15 19.81
C GLN W 140 -61.07 -7.28 18.89
N TYR W 141 -62.01 -8.15 19.25
CA TYR W 141 -63.20 -8.35 18.44
C TYR W 141 -63.97 -7.04 18.29
N ARG W 142 -64.10 -6.28 19.38
CA ARG W 142 -64.83 -5.02 19.33
C ARG W 142 -64.18 -4.05 18.37
N PHE W 143 -62.84 -4.01 18.34
CA PHE W 143 -62.14 -3.05 17.48
C PHE W 143 -62.53 -3.23 16.02
N ILE W 144 -62.77 -4.48 15.59
CA ILE W 144 -63.18 -4.71 14.21
C ILE W 144 -64.56 -4.10 13.94
N LEU W 145 -65.51 -4.36 14.84
CA LEU W 145 -66.86 -3.86 14.63
C LEU W 145 -66.89 -2.33 14.65
N GLN W 146 -66.00 -1.70 15.41
CA GLN W 146 -65.94 -0.26 15.45
C GLN W 146 -65.24 0.34 14.23
N SER W 147 -64.67 -0.49 13.35
CA SER W 147 -64.05 0.01 12.15
C SER W 147 -65.10 0.60 11.21
N GLY W 148 -64.67 1.57 10.40
CA GLY W 148 -65.59 2.22 9.48
C GLY W 148 -66.02 1.33 8.33
N ASP W 149 -67.16 1.70 7.74
CA ASP W 149 -67.70 0.96 6.61
C ASP W 149 -66.75 0.97 5.42
N GLU W 150 -65.94 2.01 5.29
CA GLU W 150 -64.91 2.07 4.26
C GLU W 150 -64.08 0.80 4.30
N PHE W 151 -63.85 0.30 5.51
CA PHE W 151 -63.00 -0.88 5.71
C PHE W 151 -63.55 -2.09 4.97
N PHE W 152 -64.87 -2.19 4.80
CA PHE W 152 -65.50 -3.41 4.29
C PHE W 152 -65.93 -3.32 2.83
N LEU W 153 -65.72 -2.20 2.15
CA LEU W 153 -66.35 -2.00 0.84
C LEU W 153 -65.73 -2.89 -0.23
N LYS W 154 -64.47 -2.65 -0.55
CA LYS W 154 -63.85 -3.22 -1.74
C LYS W 154 -63.69 -4.74 -1.64
N VAL W 184 -69.17 -16.22 1.85
CA VAL W 184 -68.93 -14.88 2.37
C VAL W 184 -67.89 -14.18 1.50
N ASN W 185 -67.99 -12.86 1.44
CA ASN W 185 -67.19 -12.07 0.50
C ASN W 185 -65.76 -11.81 0.97
N TYR W 186 -65.43 -12.09 2.23
CA TYR W 186 -64.15 -11.64 2.76
C TYR W 186 -63.74 -12.47 3.97
N VAL W 187 -62.49 -12.29 4.37
CA VAL W 187 -61.94 -12.83 5.60
C VAL W 187 -61.23 -11.70 6.33
N THR W 188 -61.33 -11.68 7.65
CA THR W 188 -60.77 -10.56 8.42
C THR W 188 -60.31 -11.05 9.79
N GLY W 189 -59.38 -10.31 10.37
CA GLY W 189 -58.88 -10.65 11.68
C GLY W 189 -57.81 -9.68 12.13
N VAL W 190 -57.11 -10.07 13.19
CA VAL W 190 -56.07 -9.24 13.81
C VAL W 190 -54.77 -10.04 13.81
N ILE W 191 -53.64 -9.34 13.62
CA ILE W 191 -52.35 -9.99 13.44
C ILE W 191 -51.25 -9.07 13.96
N ALA W 192 -50.10 -9.67 14.27
CA ALA W 192 -48.96 -8.90 14.74
C ALA W 192 -48.38 -8.04 13.62
N ARG W 193 -47.88 -6.86 13.98
CA ARG W 193 -47.49 -5.88 12.97
C ARG W 193 -46.23 -6.28 12.20
N ASP W 194 -45.37 -7.12 12.76
CA ASP W 194 -44.20 -7.58 12.02
C ASP W 194 -44.57 -8.63 10.99
N LYS W 195 -45.55 -9.48 11.30
CA LYS W 195 -45.87 -10.60 10.42
C LYS W 195 -46.70 -10.19 9.21
N VAL W 196 -47.39 -9.05 9.28
CA VAL W 196 -48.33 -8.70 8.21
C VAL W 196 -47.63 -8.64 6.87
N ALA W 197 -46.36 -8.25 6.84
CA ALA W 197 -45.63 -8.17 5.58
C ALA W 197 -45.55 -9.53 4.90
N THR W 198 -45.33 -10.59 5.69
CA THR W 198 -45.27 -11.93 5.12
C THR W 198 -46.65 -12.40 4.67
N LEU W 199 -47.69 -12.06 5.44
CA LEU W 199 -49.03 -12.48 5.07
C LEU W 199 -49.44 -11.90 3.72
N GLU W 200 -49.14 -10.61 3.51
CA GLU W 200 -49.44 -9.99 2.23
C GLU W 200 -48.65 -10.64 1.11
N GLN W 201 -47.39 -10.97 1.36
CA GLN W 201 -46.57 -11.62 0.34
C GLN W 201 -47.09 -13.02 0.02
N ILE W 202 -47.43 -13.81 1.03
CA ILE W 202 -47.92 -15.16 0.80
C ILE W 202 -49.23 -15.12 0.02
N LEU W 203 -50.15 -14.23 0.42
CA LEU W 203 -51.45 -14.20 -0.22
C LEU W 203 -51.35 -13.75 -1.68
N TRP W 204 -50.52 -12.76 -1.96
CA TRP W 204 -50.28 -12.39 -3.36
C TRP W 204 -49.73 -13.57 -4.15
N ARG W 205 -48.91 -14.39 -3.50
CA ARG W 205 -48.35 -15.57 -4.16
C ARG W 205 -49.43 -16.57 -4.54
N VAL W 206 -50.33 -16.88 -3.60
CA VAL W 206 -51.27 -17.98 -3.81
C VAL W 206 -52.50 -17.53 -4.57
N LEU W 207 -52.92 -16.27 -4.41
CA LEU W 207 -53.98 -15.72 -5.25
C LEU W 207 -53.45 -15.32 -6.63
N ARG W 208 -52.14 -15.41 -6.84
CA ARG W 208 -51.55 -15.20 -8.16
C ARG W 208 -51.88 -13.82 -8.74
N GLY W 209 -51.83 -12.80 -7.89
CA GLY W 209 -52.03 -11.43 -8.32
C GLY W 209 -53.46 -10.94 -8.35
N ASN W 210 -54.43 -11.80 -8.04
CA ASN W 210 -55.82 -11.38 -7.89
C ASN W 210 -56.10 -10.77 -6.51
N LEU W 211 -55.06 -10.40 -5.79
CA LEU W 211 -55.19 -10.02 -4.39
C LEU W 211 -55.88 -8.68 -4.22
N PHE W 212 -56.82 -8.61 -3.27
CA PHE W 212 -57.39 -7.36 -2.79
C PHE W 212 -57.29 -7.36 -1.27
N PHE W 213 -56.53 -6.42 -0.72
CA PHE W 213 -56.03 -6.53 0.64
C PHE W 213 -56.02 -5.15 1.30
N LYS W 214 -56.54 -5.07 2.53
CA LYS W 214 -56.60 -3.83 3.29
C LYS W 214 -56.16 -4.08 4.73
N THR W 215 -55.60 -3.05 5.36
CA THR W 215 -55.06 -3.19 6.71
C THR W 215 -55.05 -1.83 7.40
N VAL W 216 -55.14 -1.86 8.73
CA VAL W 216 -55.09 -0.65 9.56
C VAL W 216 -54.31 -0.93 10.83
N GLU W 217 -53.73 0.12 11.40
CA GLU W 217 -52.93 0.02 12.61
C GLU W 217 -53.79 0.18 13.87
N ILE W 218 -53.22 -0.23 14.99
CA ILE W 218 -53.86 -0.16 16.31
C ILE W 218 -52.93 0.61 17.24
N GLU W 219 -53.49 1.54 18.01
CA GLU W 219 -52.65 2.50 18.74
C GLU W 219 -52.07 1.95 20.04
N GLN W 220 -52.77 1.01 20.73
CA GLN W 220 -52.22 0.56 22.01
C GLN W 220 -51.59 -0.82 21.88
N PRO W 221 -50.36 -1.01 22.34
CA PRO W 221 -49.77 -2.36 22.32
C PRO W 221 -50.58 -3.33 23.17
N VAL W 222 -50.59 -4.59 22.77
CA VAL W 222 -51.38 -5.64 23.40
C VAL W 222 -50.45 -6.70 23.96
N TYR W 223 -50.68 -7.08 25.21
CA TYR W 223 -49.85 -8.08 25.88
C TYR W 223 -50.39 -9.49 25.63
N ASP W 224 -49.47 -10.45 25.64
CA ASP W 224 -49.80 -11.87 25.57
C ASP W 224 -49.49 -12.52 26.91
N VAL W 225 -50.49 -13.20 27.49
CA VAL W 225 -50.24 -13.97 28.70
C VAL W 225 -49.25 -15.08 28.41
N LYS W 226 -49.19 -15.54 27.16
CA LYS W 226 -48.25 -16.59 26.78
C LYS W 226 -46.81 -16.19 27.08
N THR W 227 -46.51 -14.89 27.07
CA THR W 227 -45.15 -14.41 27.30
C THR W 227 -45.05 -13.26 28.29
N ARG W 228 -46.12 -12.51 28.55
CA ARG W 228 -46.05 -11.25 29.27
C ARG W 228 -45.08 -10.30 28.55
N GLU W 229 -45.13 -10.33 27.22
CA GLU W 229 -44.51 -9.34 26.36
C GLU W 229 -45.59 -8.79 25.44
N TYR W 230 -45.42 -7.53 25.01
CA TYR W 230 -46.47 -6.86 24.25
C TYR W 230 -46.14 -6.80 22.76
N LYS W 231 -47.21 -6.82 21.95
CA LYS W 231 -47.13 -6.73 20.50
C LYS W 231 -47.78 -5.45 20.02
N HIS W 232 -47.19 -4.85 18.98
CA HIS W 232 -47.92 -3.87 18.18
C HIS W 232 -48.84 -4.63 17.23
N LYS W 233 -50.14 -4.58 17.47
CA LYS W 233 -51.07 -5.37 16.67
C LYS W 233 -51.50 -4.60 15.42
N ASN W 234 -52.19 -5.31 14.54
CA ASN W 234 -52.67 -4.76 13.28
C ASN W 234 -53.87 -5.57 12.83
N ALA W 235 -54.77 -4.91 12.08
CA ALA W 235 -56.00 -5.52 11.63
C ALA W 235 -56.06 -5.53 10.11
N PHE W 236 -56.68 -6.57 9.55
CA PHE W 236 -56.61 -6.81 8.11
C PHE W 236 -57.93 -7.40 7.62
N ILE W 237 -58.14 -7.31 6.31
CA ILE W 237 -59.29 -7.92 5.65
C ILE W 237 -58.93 -8.18 4.20
N VAL W 238 -59.41 -9.30 3.66
CA VAL W 238 -59.16 -9.67 2.27
C VAL W 238 -60.47 -10.16 1.66
N PHE W 239 -60.58 -10.02 0.34
CA PHE W 239 -61.81 -10.28 -0.39
C PHE W 239 -61.61 -11.40 -1.39
N SER W 240 -62.58 -12.31 -1.47
CA SER W 240 -62.61 -13.36 -2.48
C SER W 240 -63.95 -14.05 -2.41
N HIS W 241 -64.25 -14.84 -3.45
CA HIS W 241 -65.51 -15.56 -3.57
C HIS W 241 -65.36 -17.07 -3.47
N GLY W 242 -64.32 -17.64 -4.07
CA GLY W 242 -64.22 -19.08 -4.20
C GLY W 242 -64.10 -19.77 -2.86
N ASP W 243 -64.95 -20.75 -2.60
CA ASP W 243 -64.90 -21.45 -1.32
C ASP W 243 -63.55 -22.12 -1.10
N LEU W 244 -63.06 -22.85 -2.11
CA LEU W 244 -61.82 -23.58 -1.94
C LEU W 244 -60.61 -22.66 -1.77
N ILE W 245 -60.72 -21.41 -2.20
CA ILE W 245 -59.69 -20.43 -1.89
C ILE W 245 -59.87 -19.90 -0.47
N ILE W 246 -61.11 -19.63 -0.09
CA ILE W 246 -61.38 -19.09 1.24
C ILE W 246 -60.84 -20.02 2.31
N LYS W 247 -61.01 -21.32 2.14
CA LYS W 247 -60.50 -22.28 3.11
C LYS W 247 -58.99 -22.13 3.27
N ARG W 248 -58.26 -22.04 2.17
CA ARG W 248 -56.81 -21.88 2.25
C ARG W 248 -56.44 -20.57 2.94
N ILE W 249 -57.15 -19.49 2.62
CA ILE W 249 -56.87 -18.20 3.25
C ILE W 249 -57.00 -18.31 4.76
N ARG W 250 -58.08 -18.95 5.23
CA ARG W 250 -58.28 -19.08 6.67
C ARG W 250 -57.16 -19.91 7.31
N LYS W 251 -56.75 -20.99 6.66
CA LYS W 251 -55.66 -21.80 7.20
C LYS W 251 -54.35 -21.02 7.22
N ILE W 252 -54.07 -20.27 6.14
CA ILE W 252 -52.82 -19.51 6.08
C ILE W 252 -52.81 -18.44 7.17
N ALA W 253 -53.90 -17.70 7.31
CA ALA W 253 -53.95 -16.66 8.33
C ALA W 253 -53.81 -17.24 9.73
N GLU W 254 -54.53 -18.33 10.01
CA GLU W 254 -54.40 -18.99 11.30
C GLU W 254 -52.99 -19.51 11.53
N SER W 255 -52.32 -19.93 10.45
CA SER W 255 -50.97 -20.46 10.60
C SER W 255 -50.01 -19.42 11.16
N LEU W 256 -50.21 -18.14 10.84
CA LEU W 256 -49.37 -17.07 11.34
C LEU W 256 -49.91 -16.47 12.64
N ASP W 257 -50.71 -17.22 13.39
CA ASP W 257 -51.17 -16.80 14.72
C ASP W 257 -52.10 -15.60 14.66
N ALA W 258 -52.84 -15.44 13.55
CA ALA W 258 -53.84 -14.40 13.46
C ALA W 258 -55.13 -14.81 14.14
N ASN W 259 -55.80 -13.84 14.75
CA ASN W 259 -57.12 -14.07 15.34
C ASN W 259 -58.19 -13.70 14.32
N LEU W 260 -58.81 -14.70 13.71
CA LEU W 260 -59.90 -14.46 12.76
C LEU W 260 -61.20 -14.20 13.51
N TYR W 261 -62.03 -13.31 12.96
CA TYR W 261 -63.30 -12.97 13.57
C TYR W 261 -64.40 -12.96 12.52
N ASP W 262 -65.56 -13.49 12.90
CA ASP W 262 -66.73 -13.53 12.04
C ASP W 262 -67.47 -12.20 12.15
N VAL W 263 -67.71 -11.54 11.01
CA VAL W 263 -68.32 -10.22 10.99
C VAL W 263 -69.34 -10.17 9.85
N ASP W 264 -70.52 -9.62 10.15
CA ASP W 264 -71.60 -9.55 9.18
C ASP W 264 -71.39 -8.41 8.19
N SER W 265 -71.93 -8.57 6.98
CA SER W 265 -71.77 -7.59 5.93
C SER W 265 -72.69 -6.38 6.10
N SER W 266 -73.79 -6.52 6.83
CA SER W 266 -74.74 -5.43 7.00
C SER W 266 -74.34 -4.54 8.18
N ASN W 267 -74.52 -3.23 8.01
CA ASN W 267 -74.23 -2.31 9.11
C ASN W 267 -75.11 -2.62 10.32
N GLU W 268 -76.35 -3.05 10.08
CA GLU W 268 -77.24 -3.41 11.20
C GLU W 268 -76.69 -4.61 11.96
N GLY W 269 -76.30 -5.67 11.24
CA GLY W 269 -75.76 -6.84 11.90
C GLY W 269 -74.52 -6.52 12.72
N ARG W 270 -73.62 -5.71 12.16
CA ARG W 270 -72.43 -5.31 12.91
C ARG W 270 -72.80 -4.52 14.16
N SER W 271 -73.81 -3.65 14.05
CA SER W 271 -74.25 -2.91 15.24
C SER W 271 -74.81 -3.86 16.29
N GLN W 272 -75.59 -4.85 15.89
CA GLN W 272 -76.13 -5.82 16.84
C GLN W 272 -75.02 -6.65 17.47
N GLN W 273 -74.07 -7.11 16.66
CA GLN W 273 -72.91 -7.82 17.20
C GLN W 273 -72.12 -6.92 18.13
N LEU W 274 -71.93 -5.65 17.76
CA LEU W 274 -71.21 -4.72 18.62
C LEU W 274 -71.91 -4.55 19.96
N ALA W 275 -73.24 -4.47 19.94
CA ALA W 275 -73.99 -4.32 21.19
C ALA W 275 -73.81 -5.55 22.08
N LYS W 276 -73.94 -6.74 21.52
CA LYS W 276 -73.78 -7.96 22.30
C LYS W 276 -72.39 -8.05 22.91
N VAL W 277 -71.36 -7.79 22.10
CA VAL W 277 -69.98 -7.86 22.59
C VAL W 277 -69.78 -6.90 23.75
N ASN W 278 -70.34 -5.69 23.65
CA ASN W 278 -70.17 -4.71 24.71
C ASN W 278 -70.80 -5.19 26.02
N LYS W 279 -71.94 -5.89 25.94
CA LYS W 279 -72.53 -6.46 27.14
C LYS W 279 -71.59 -7.47 27.78
N ASN W 280 -71.11 -8.44 26.99
CA ASN W 280 -70.20 -9.45 27.52
C ASN W 280 -68.97 -8.81 28.12
N LEU W 281 -68.37 -7.86 27.40
CA LEU W 281 -67.20 -7.17 27.92
C LEU W 281 -67.52 -6.38 29.19
N SER W 282 -68.69 -5.74 29.22
CA SER W 282 -69.08 -4.98 30.41
C SER W 282 -69.23 -5.90 31.62
N ASP W 283 -69.88 -7.06 31.44
CA ASP W 283 -70.02 -7.99 32.55
C ASP W 283 -68.69 -8.55 33.01
N LEU W 284 -67.73 -8.70 32.08
CA LEU W 284 -66.49 -9.40 32.40
C LEU W 284 -65.61 -8.60 33.36
N TYR W 285 -65.71 -7.27 33.35
CA TYR W 285 -64.91 -6.48 34.28
C TYR W 285 -65.26 -6.81 35.72
N THR W 286 -66.53 -7.08 36.01
CA THR W 286 -66.92 -7.42 37.38
C THR W 286 -66.21 -8.68 37.85
N VAL W 287 -66.10 -9.68 36.98
CA VAL W 287 -65.40 -10.91 37.34
C VAL W 287 -63.92 -10.61 37.58
N LEU W 288 -63.31 -9.85 36.67
CA LEU W 288 -61.87 -9.60 36.76
C LEU W 288 -61.53 -8.83 38.03
N LYS W 289 -62.30 -7.77 38.33
CA LYS W 289 -61.98 -6.93 39.49
C LYS W 289 -62.14 -7.70 40.80
N THR W 290 -63.21 -8.49 40.93
CA THR W 290 -63.44 -9.21 42.18
C THR W 290 -62.33 -10.21 42.45
N THR W 291 -61.95 -10.99 41.43
CA THR W 291 -60.91 -12.00 41.63
C THR W 291 -59.53 -11.35 41.77
N SER W 292 -59.25 -10.34 40.94
CA SER W 292 -57.93 -9.72 40.96
C SER W 292 -57.66 -9.03 42.29
N THR W 293 -58.63 -8.28 42.80
CA THR W 293 -58.43 -7.61 44.09
C THR W 293 -58.27 -8.63 45.21
N THR W 294 -58.93 -9.78 45.11
CA THR W 294 -58.71 -10.84 46.10
C THR W 294 -57.25 -11.27 46.10
N LEU W 295 -56.69 -11.48 44.90
CA LEU W 295 -55.31 -11.93 44.81
C LEU W 295 -54.35 -10.91 45.40
N GLU W 296 -54.51 -9.63 45.05
CA GLU W 296 -53.60 -8.62 45.55
C GLU W 296 -53.70 -8.46 47.06
N SER W 297 -54.89 -8.64 47.62
CA SER W 297 -55.01 -8.61 49.08
C SER W 297 -54.19 -9.72 49.72
N GLU W 298 -54.14 -10.90 49.09
CA GLU W 298 -53.30 -11.97 49.59
C GLU W 298 -51.83 -11.60 49.51
N LEU W 299 -51.39 -11.07 48.36
CA LEU W 299 -49.98 -10.72 48.19
C LEU W 299 -49.57 -9.63 49.17
N TYR W 300 -50.43 -8.64 49.41
CA TYR W 300 -50.08 -7.56 50.31
C TYR W 300 -49.84 -8.04 51.73
N ALA W 301 -50.34 -9.22 52.09
CA ALA W 301 -50.08 -9.76 53.41
C ALA W 301 -48.70 -10.40 53.49
N ILE W 302 -48.43 -11.36 52.61
CA ILE W 302 -47.13 -12.03 52.59
C ILE W 302 -46.00 -11.03 52.34
N ALA W 303 -46.29 -9.93 51.64
CA ALA W 303 -45.26 -8.94 51.38
C ALA W 303 -44.71 -8.32 52.65
N LYS W 304 -45.44 -8.42 53.77
CA LYS W 304 -44.94 -7.89 55.03
C LYS W 304 -43.91 -8.81 55.68
N GLU W 305 -43.99 -10.11 55.41
CA GLU W 305 -43.25 -11.11 56.16
C GLU W 305 -42.21 -11.87 55.34
N LEU W 306 -42.30 -11.85 54.01
CA LEU W 306 -41.48 -12.75 53.20
C LEU W 306 -40.00 -12.56 53.49
N ASP W 307 -39.54 -11.32 53.57
CA ASP W 307 -38.11 -11.07 53.78
C ASP W 307 -37.65 -11.65 55.11
N SER W 308 -38.49 -11.56 56.15
CA SER W 308 -38.13 -12.15 57.43
C SER W 308 -38.06 -13.66 57.33
N TRP W 309 -39.03 -14.28 56.66
CA TRP W 309 -39.00 -15.73 56.46
C TRP W 309 -37.72 -16.13 55.75
N PHE W 310 -37.36 -15.41 54.69
CA PHE W 310 -36.19 -15.77 53.89
C PHE W 310 -34.92 -15.70 54.72
N GLN W 311 -34.78 -14.68 55.57
CA GLN W 311 -33.59 -14.57 56.39
C GLN W 311 -33.47 -15.74 57.35
N ASP W 312 -34.58 -16.18 57.94
CA ASP W 312 -34.54 -17.32 58.85
C ASP W 312 -34.16 -18.60 58.10
N VAL W 313 -34.85 -18.88 56.99
CA VAL W 313 -34.68 -20.16 56.31
C VAL W 313 -33.28 -20.28 55.73
N THR W 314 -32.74 -19.20 55.18
CA THR W 314 -31.40 -19.27 54.60
C THR W 314 -30.36 -19.65 55.65
N ARG W 315 -30.49 -19.09 56.86
CA ARG W 315 -29.59 -19.48 57.94
C ARG W 315 -29.80 -20.93 58.34
N GLU W 316 -31.06 -21.38 58.31
CA GLU W 316 -31.33 -22.79 58.64
C GLU W 316 -30.68 -23.73 57.63
N LYS W 317 -30.63 -23.33 56.35
CA LYS W 317 -29.89 -24.12 55.38
C LYS W 317 -28.39 -24.05 55.66
N ALA W 318 -27.86 -22.84 55.89
CA ALA W 318 -26.42 -22.68 56.01
C ALA W 318 -25.86 -23.49 57.17
N ILE W 319 -26.57 -23.53 58.29
CA ILE W 319 -26.06 -24.24 59.47
C ILE W 319 -25.91 -25.73 59.17
N PHE W 320 -26.91 -26.34 58.52
CA PHE W 320 -26.78 -27.73 58.14
C PHE W 320 -25.64 -27.93 57.14
N GLU W 321 -25.43 -26.95 56.26
CA GLU W 321 -24.35 -27.07 55.29
C GLU W 321 -23.00 -27.17 55.98
N ILE W 322 -22.86 -26.54 57.15
CA ILE W 322 -21.63 -26.70 57.92
C ILE W 322 -21.56 -28.08 58.56
N LEU W 323 -22.65 -28.48 59.24
CA LEU W 323 -22.67 -29.80 59.85
C LEU W 323 -22.41 -30.90 58.83
N ASN W 324 -22.80 -30.67 57.57
CA ASN W 324 -22.61 -31.68 56.54
C ASN W 324 -21.13 -31.99 56.30
N LYS W 325 -20.23 -31.10 56.70
CA LYS W 325 -18.80 -31.31 56.53
C LYS W 325 -18.14 -31.99 57.72
N SER W 326 -18.87 -32.24 58.79
CA SER W 326 -18.32 -32.89 59.97
C SER W 326 -18.32 -34.41 59.81
N ASN W 327 -17.60 -35.07 60.72
CA ASN W 327 -17.54 -36.53 60.77
C ASN W 327 -18.58 -37.04 61.77
N TYR W 328 -19.56 -37.79 61.28
CA TYR W 328 -20.57 -38.40 62.13
C TYR W 328 -20.03 -39.72 62.69
N ASP W 329 -20.21 -39.93 63.99
CA ASP W 329 -19.77 -41.15 64.66
C ASP W 329 -20.99 -41.98 65.04
N THR W 330 -20.94 -43.28 64.70
CA THR W 330 -22.03 -44.19 65.00
C THR W 330 -21.84 -44.94 66.32
N ASN W 331 -20.62 -45.07 66.81
CA ASN W 331 -20.38 -45.74 68.08
C ASN W 331 -20.71 -44.84 69.27
N ARG W 332 -20.83 -43.54 69.05
CA ARG W 332 -21.19 -42.60 70.10
C ARG W 332 -22.09 -41.54 69.50
N LYS W 333 -22.94 -40.94 70.33
CA LYS W 333 -23.85 -39.89 69.87
C LYS W 333 -23.10 -38.56 69.79
N ILE W 334 -22.07 -38.49 68.95
CA ILE W 334 -21.15 -37.36 68.91
C ILE W 334 -20.81 -37.03 67.46
N LEU W 335 -20.62 -35.75 67.18
CA LEU W 335 -20.11 -35.27 65.90
C LEU W 335 -18.71 -34.71 66.08
N ILE W 336 -17.85 -34.94 65.09
CA ILE W 336 -16.46 -34.48 65.11
C ILE W 336 -16.28 -33.43 64.01
N ALA W 337 -15.71 -32.29 64.37
CA ALA W 337 -15.47 -31.21 63.42
C ALA W 337 -14.14 -30.54 63.71
N GLU W 338 -13.61 -29.86 62.69
CA GLU W 338 -12.32 -29.19 62.76
C GLU W 338 -12.41 -27.84 62.08
N GLY W 339 -11.62 -26.88 62.57
CA GLY W 339 -11.58 -25.57 61.94
C GLY W 339 -10.40 -24.76 62.43
N TRP W 340 -10.08 -23.71 61.67
CA TRP W 340 -9.00 -22.81 62.02
C TRP W 340 -9.54 -21.63 62.82
N ILE W 341 -8.82 -21.27 63.88
CA ILE W 341 -9.13 -20.10 64.69
C ILE W 341 -7.82 -19.35 64.91
N PRO W 342 -7.80 -18.02 64.87
CA PRO W 342 -6.54 -17.32 65.20
C PRO W 342 -6.11 -17.65 66.63
N ARG W 343 -4.86 -18.07 66.76
CA ARG W 343 -4.32 -18.36 68.10
C ARG W 343 -4.63 -17.24 69.07
N ASP W 344 -4.68 -16.00 68.58
CA ASP W 344 -4.90 -14.86 69.46
C ASP W 344 -6.30 -14.86 70.07
N GLU W 345 -7.29 -15.39 69.35
CA GLU W 345 -8.68 -15.29 69.76
C GLU W 345 -9.15 -16.47 70.62
N LEU W 346 -8.33 -17.50 70.78
CA LEU W 346 -8.84 -18.79 71.23
C LEU W 346 -9.56 -18.69 72.59
N ALA W 347 -9.10 -17.80 73.47
CA ALA W 347 -9.73 -17.71 74.78
C ALA W 347 -11.20 -17.30 74.68
N THR W 348 -11.54 -16.47 73.69
CA THR W 348 -12.94 -16.06 73.54
C THR W 348 -13.82 -17.23 73.13
N LEU W 349 -13.30 -18.12 72.28
CA LEU W 349 -14.07 -19.28 71.85
C LEU W 349 -14.48 -20.13 73.03
N GLN W 350 -13.54 -20.39 73.94
CA GLN W 350 -13.85 -21.18 75.13
C GLN W 350 -14.88 -20.47 76.01
N ALA W 351 -14.77 -19.15 76.14
CA ALA W 351 -15.69 -18.41 76.98
C ALA W 351 -17.12 -18.49 76.46
N ARG W 352 -17.31 -18.24 75.16
CA ARG W 352 -18.66 -18.17 74.62
C ARG W 352 -19.36 -19.52 74.61
N LEU W 353 -18.62 -20.60 74.39
CA LEU W 353 -19.22 -21.93 74.54
C LEU W 353 -19.63 -22.20 75.98
N GLY W 354 -18.89 -21.65 76.94
CA GLY W 354 -19.32 -21.74 78.33
C GLY W 354 -20.65 -21.06 78.56
N GLU W 355 -20.85 -19.89 77.95
CA GLU W 355 -22.13 -19.20 78.06
C GLU W 355 -23.25 -20.04 77.45
N MET W 356 -22.99 -20.68 76.32
CA MET W 356 -23.99 -21.55 75.70
C MET W 356 -24.41 -22.66 76.66
N ILE W 357 -23.42 -23.36 77.23
CA ILE W 357 -23.73 -24.42 78.18
C ILE W 357 -24.50 -23.87 79.37
N ALA W 358 -24.19 -22.64 79.78
CA ALA W 358 -24.91 -22.02 80.88
C ALA W 358 -26.39 -21.84 80.56
N ARG W 359 -26.70 -21.36 79.34
CA ARG W 359 -28.09 -21.16 78.97
C ARG W 359 -28.78 -22.49 78.68
N LEU W 360 -28.04 -23.46 78.17
CA LEU W 360 -28.64 -24.72 77.75
C LEU W 360 -28.79 -25.70 78.91
N GLY W 361 -27.93 -25.61 79.92
CA GLY W 361 -28.06 -26.43 81.11
C GLY W 361 -27.51 -27.84 80.96
N ILE W 362 -27.54 -28.38 79.74
CA ILE W 362 -27.06 -29.74 79.52
C ILE W 362 -25.57 -29.79 79.81
N ASP W 363 -25.16 -30.75 80.63
CA ASP W 363 -23.75 -30.93 80.93
C ASP W 363 -23.05 -31.68 79.80
N VAL W 364 -21.76 -31.40 79.64
CA VAL W 364 -20.98 -31.98 78.54
C VAL W 364 -19.50 -31.96 78.91
N PRO W 365 -18.70 -32.91 78.44
CA PRO W 365 -17.24 -32.76 78.57
C PRO W 365 -16.70 -31.64 77.70
N SER W 366 -15.38 -31.42 77.73
CA SER W 366 -14.77 -30.35 76.97
C SER W 366 -15.05 -30.50 75.48
N ILE W 367 -15.81 -29.54 74.93
CA ILE W 367 -16.05 -29.53 73.48
C ILE W 367 -14.76 -29.29 72.72
N ILE W 368 -13.81 -28.55 73.31
CA ILE W 368 -12.67 -28.00 72.60
C ILE W 368 -11.42 -28.81 72.89
N GLN W 369 -10.66 -29.11 71.85
CA GLN W 369 -9.28 -29.60 71.99
C GLN W 369 -8.44 -28.95 70.90
N VAL W 370 -7.34 -28.32 71.31
CA VAL W 370 -6.43 -27.69 70.36
C VAL W 370 -5.47 -28.75 69.80
N LEU W 371 -5.07 -28.57 68.56
CA LEU W 371 -4.35 -29.59 67.81
C LEU W 371 -3.28 -28.96 66.94
N ASP W 372 -2.22 -29.72 66.68
CA ASP W 372 -1.12 -29.29 65.84
C ASP W 372 -0.99 -30.22 64.64
N THR W 373 -0.53 -29.67 63.52
CA THR W 373 -0.51 -30.39 62.26
C THR W 373 0.48 -29.72 61.32
N ASN W 374 0.78 -30.40 60.22
CA ASN W 374 1.58 -29.84 59.14
C ASN W 374 0.76 -29.24 58.02
N HIS W 375 -0.57 -29.18 58.17
CA HIS W 375 -1.41 -28.54 57.16
C HIS W 375 -1.09 -27.06 57.05
N THR W 376 -1.33 -26.51 55.87
CA THR W 376 -1.15 -25.07 55.65
C THR W 376 -2.30 -24.28 56.27
N PRO W 377 -2.03 -23.36 57.19
CA PRO W 377 -3.12 -22.53 57.73
C PRO W 377 -3.56 -21.47 56.74
N PRO W 378 -4.72 -20.85 56.97
CA PRO W 378 -5.12 -19.72 56.14
C PRO W 378 -4.37 -18.45 56.50
N THR W 379 -4.47 -17.45 55.63
CA THR W 379 -3.79 -16.17 55.79
C THR W 379 -4.80 -15.10 56.21
N PHE W 380 -4.49 -14.38 57.28
CA PHE W 380 -5.38 -13.38 57.84
C PHE W 380 -4.58 -12.15 58.24
N HIS W 381 -5.06 -10.97 57.82
CA HIS W 381 -4.44 -9.70 58.17
C HIS W 381 -5.50 -8.78 58.75
N ARG W 382 -5.27 -8.31 59.97
CA ARG W 382 -6.17 -7.35 60.59
C ARG W 382 -5.99 -5.96 59.97
N THR W 383 -7.08 -5.20 59.91
CA THR W 383 -7.07 -3.95 59.17
C THR W 383 -8.03 -2.95 59.82
N ASN W 384 -7.92 -1.70 59.37
CA ASN W 384 -8.73 -0.59 59.87
C ASN W 384 -9.13 0.28 58.68
N LYS W 385 -9.96 1.29 58.94
CA LYS W 385 -10.51 2.08 57.86
C LYS W 385 -9.43 2.73 57.01
N PHE W 386 -8.23 2.93 57.56
CA PHE W 386 -7.14 3.51 56.80
C PHE W 386 -6.47 2.46 55.91
N THR W 387 -5.96 1.39 56.50
CA THR W 387 -5.17 0.41 55.75
C THR W 387 -6.01 -0.42 54.79
N ALA W 388 -7.32 -0.51 54.99
CA ALA W 388 -8.12 -1.48 54.24
C ALA W 388 -8.00 -1.28 52.74
N GLY W 389 -8.08 -0.04 52.27
CA GLY W 389 -7.99 0.21 50.84
C GLY W 389 -6.67 -0.24 50.24
N PHE W 390 -5.57 0.01 50.96
CA PHE W 390 -4.26 -0.39 50.46
C PHE W 390 -4.12 -1.91 50.48
N GLN W 391 -4.65 -2.57 51.51
CA GLN W 391 -4.56 -4.03 51.57
C GLN W 391 -5.31 -4.66 50.41
N SER W 392 -6.47 -4.11 50.05
CA SER W 392 -7.23 -4.65 48.91
C SER W 392 -6.39 -4.63 47.64
N ILE W 393 -5.64 -3.55 47.42
CA ILE W 393 -4.84 -3.43 46.20
C ILE W 393 -3.79 -4.54 46.13
N CYS W 394 -3.35 -5.05 47.27
CA CYS W 394 -2.40 -6.16 47.26
C CYS W 394 -3.10 -7.49 47.09
N ASP W 395 -4.15 -7.75 47.88
CA ASP W 395 -4.86 -9.02 47.79
C ASP W 395 -5.45 -9.22 46.40
N CYS W 396 -5.71 -8.14 45.66
CA CYS W 396 -6.23 -8.27 44.31
C CYS W 396 -5.25 -8.95 43.37
N TYR W 397 -3.97 -9.01 43.74
CA TYR W 397 -2.98 -9.72 42.95
C TYR W 397 -2.81 -11.17 43.42
N GLY W 398 -2.89 -11.41 44.72
CA GLY W 398 -2.83 -12.75 45.24
C GLY W 398 -2.82 -12.75 46.75
N ILE W 399 -3.14 -13.93 47.30
CA ILE W 399 -3.13 -14.12 48.75
C ILE W 399 -1.73 -14.48 49.20
N ALA W 400 -1.22 -13.75 50.20
CA ALA W 400 0.14 -13.96 50.66
C ALA W 400 0.28 -15.30 51.38
N GLN W 401 1.48 -15.88 51.27
CA GLN W 401 1.79 -17.10 52.01
C GLN W 401 1.75 -16.84 53.50
N TYR W 402 1.45 -17.89 54.27
CA TYR W 402 1.26 -17.78 55.70
C TYR W 402 2.47 -17.13 56.37
N ARG W 403 2.27 -15.91 56.88
CA ARG W 403 3.26 -15.17 57.66
C ARG W 403 4.51 -14.79 56.87
N GLU W 404 4.40 -14.67 55.55
CA GLU W 404 5.42 -13.95 54.80
C GLU W 404 5.17 -12.45 54.90
N ILE W 405 6.18 -11.65 54.54
CA ILE W 405 6.09 -10.20 54.64
C ILE W 405 4.86 -9.71 53.89
N ASN W 406 4.00 -8.95 54.58
CA ASN W 406 2.82 -8.39 53.95
C ASN W 406 3.22 -7.21 53.08
N ALA W 407 2.85 -7.25 51.80
CA ALA W 407 3.13 -6.16 50.88
C ALA W 407 2.32 -4.91 51.20
N GLY W 408 1.32 -5.01 52.07
CA GLY W 408 0.46 -3.87 52.33
C GLY W 408 1.21 -2.66 52.86
N LEU W 409 2.07 -2.86 53.86
CA LEU W 409 2.72 -1.72 54.50
C LEU W 409 3.58 -0.92 53.54
N PRO W 410 4.50 -1.52 52.77
CA PRO W 410 5.24 -0.72 51.78
C PRO W 410 4.34 -0.03 50.79
N THR W 411 3.16 -0.60 50.50
CA THR W 411 2.27 -0.01 49.50
C THR W 411 1.65 1.29 50.00
N ILE W 412 1.53 1.47 51.32
CA ILE W 412 0.80 2.60 51.85
C ILE W 412 1.40 3.91 51.36
N VAL W 413 2.72 4.01 51.41
CA VAL W 413 3.39 5.26 51.01
C VAL W 413 3.90 5.20 49.58
N THR W 414 4.49 4.07 49.16
CA THR W 414 5.15 4.05 47.86
C THR W 414 4.15 4.09 46.71
N PHE W 415 2.93 3.58 46.89
CA PHE W 415 1.95 3.65 45.80
C PHE W 415 1.56 5.09 45.51
N PRO W 416 1.04 5.87 46.48
CA PRO W 416 0.71 7.26 46.16
C PRO W 416 1.92 8.10 45.80
N PHE W 417 3.10 7.80 46.33
CA PHE W 417 4.27 8.62 46.00
C PHE W 417 4.75 8.34 44.58
N MET W 418 4.76 7.07 44.17
CA MET W 418 5.11 6.75 42.80
C MET W 418 4.07 7.29 41.82
N PHE W 419 2.83 7.50 42.28
CA PHE W 419 1.87 8.24 41.47
C PHE W 419 2.23 9.72 41.41
N ALA W 420 2.53 10.32 42.55
CA ALA W 420 2.78 11.75 42.59
C ALA W 420 3.96 12.15 41.71
N ILE W 421 5.03 11.34 41.73
CA ILE W 421 6.23 11.69 40.98
C ILE W 421 5.95 11.78 39.49
N MET W 422 4.86 11.18 39.01
CA MET W 422 4.39 11.37 37.65
C MET W 422 3.40 12.52 37.56
N PHE W 423 2.39 12.53 38.43
CA PHE W 423 1.32 13.50 38.42
C PHE W 423 1.72 14.77 39.17
N GLY W 424 2.84 15.36 38.79
CA GLY W 424 3.41 16.46 39.56
C GLY W 424 2.93 17.83 39.15
N ASP W 425 2.01 18.41 39.92
CA ASP W 425 1.55 19.77 39.68
C ASP W 425 0.71 20.22 40.87
N MET W 426 1.08 21.36 41.46
CA MET W 426 0.36 21.83 42.64
C MET W 426 -1.09 22.13 42.33
N GLY W 427 -1.38 22.57 41.11
CA GLY W 427 -2.75 22.87 40.73
C GLY W 427 -3.61 21.62 40.71
N HIS W 428 -3.27 20.67 39.85
CA HIS W 428 -4.03 19.43 39.78
C HIS W 428 -3.93 18.63 41.08
N GLY W 429 -2.81 18.78 41.80
CA GLY W 429 -2.72 18.14 43.10
C GLY W 429 -3.73 18.69 44.08
N PHE W 430 -3.95 20.00 44.08
CA PHE W 430 -4.92 20.61 44.99
C PHE W 430 -6.33 20.15 44.66
N LEU W 431 -6.72 20.22 43.39
CA LEU W 431 -8.07 19.82 43.01
C LEU W 431 -8.36 18.39 43.45
N MET W 432 -7.39 17.49 43.29
CA MET W 432 -7.58 16.11 43.71
C MET W 432 -7.65 16.01 45.23
N THR W 433 -6.84 16.79 45.95
CA THR W 433 -6.90 16.77 47.41
C THR W 433 -8.25 17.26 47.91
N LEU W 434 -8.75 18.35 47.33
CA LEU W 434 -10.03 18.90 47.76
C LEU W 434 -11.17 17.90 47.52
N ALA W 435 -11.12 17.20 46.38
CA ALA W 435 -12.16 16.21 46.10
C ALA W 435 -12.19 15.12 47.16
N ALA W 436 -11.02 14.59 47.52
CA ALA W 436 -10.98 13.54 48.54
C ALA W 436 -11.44 14.05 49.89
N LEU W 437 -11.09 15.30 50.24
CA LEU W 437 -11.51 15.85 51.53
C LEU W 437 -13.02 15.92 51.62
N SER W 438 -13.69 16.39 50.57
CA SER W 438 -15.14 16.41 50.56
C SER W 438 -15.72 15.02 50.77
N LEU W 439 -14.99 14.00 50.33
CA LEU W 439 -15.49 12.63 50.41
C LEU W 439 -15.21 12.00 51.77
N VAL W 440 -14.07 12.29 52.37
CA VAL W 440 -13.70 11.64 53.63
C VAL W 440 -14.41 12.29 54.82
N LEU W 441 -14.63 13.60 54.79
CA LEU W 441 -15.28 14.26 55.91
C LEU W 441 -16.72 13.82 56.06
N ASN W 442 -17.39 13.46 54.97
CA ASN W 442 -18.77 13.00 54.99
C ASN W 442 -18.89 11.48 55.17
N GLU W 443 -17.80 10.78 55.49
CA GLU W 443 -17.82 9.32 55.42
C GLU W 443 -18.89 8.72 56.32
N LYS W 444 -19.19 9.36 57.44
CA LYS W 444 -20.28 8.86 58.29
C LYS W 444 -21.60 8.81 57.53
N LYS W 445 -21.85 9.83 56.72
CA LYS W 445 -23.09 9.90 55.95
C LYS W 445 -23.02 9.02 54.70
N ILE W 446 -21.91 9.07 53.96
CA ILE W 446 -21.80 8.33 52.72
C ILE W 446 -21.84 6.83 52.97
N ASN W 447 -21.27 6.38 54.09
CA ASN W 447 -21.22 4.96 54.37
C ASN W 447 -22.61 4.35 54.50
N LYS W 448 -23.59 5.15 54.93
CA LYS W 448 -24.90 4.61 55.28
C LYS W 448 -25.83 4.50 54.07
N MET W 449 -25.68 5.37 53.08
CA MET W 449 -26.58 5.40 51.94
C MET W 449 -26.16 4.37 50.89
N LYS W 450 -27.10 4.06 49.99
CA LYS W 450 -26.81 3.23 48.84
C LYS W 450 -25.97 4.00 47.83
N ARG W 451 -25.05 3.31 47.16
CA ARG W 451 -24.07 3.95 46.29
C ARG W 451 -24.03 3.28 44.93
N GLY W 452 -23.75 4.08 43.90
CA GLY W 452 -23.61 3.56 42.56
C GLY W 452 -22.35 2.74 42.37
N GLU W 453 -22.30 2.02 41.26
CA GLU W 453 -21.20 1.09 41.00
C GLU W 453 -19.85 1.79 41.00
N ILE W 454 -19.74 2.89 40.25
CA ILE W 454 -18.47 3.61 40.19
C ILE W 454 -18.22 4.39 41.48
N PHE W 455 -19.28 4.98 42.04
CA PHE W 455 -19.11 5.80 43.23
C PHE W 455 -18.62 4.96 44.42
N ASP W 456 -19.05 3.70 44.51
CA ASP W 456 -18.58 2.84 45.59
C ASP W 456 -17.08 2.58 45.47
N MET W 457 -16.59 2.41 44.24
CA MET W 457 -15.15 2.27 44.04
C MET W 457 -14.41 3.50 44.52
N ALA W 458 -14.95 4.69 44.23
CA ALA W 458 -14.30 5.93 44.67
C ALA W 458 -14.33 6.04 46.19
N PHE W 459 -15.48 5.77 46.81
CA PHE W 459 -15.58 5.89 48.25
C PHE W 459 -14.67 4.89 48.96
N THR W 460 -14.53 3.68 48.41
CA THR W 460 -13.62 2.71 49.00
C THR W 460 -12.19 3.20 48.97
N GLY W 461 -11.84 4.07 48.02
CA GLY W 461 -10.50 4.60 47.84
C GLY W 461 -10.26 5.97 48.42
N ARG W 462 -11.13 6.46 49.31
CA ARG W 462 -11.06 7.86 49.70
C ARG W 462 -9.71 8.21 50.34
N TYR W 463 -9.21 7.34 51.22
CA TYR W 463 -7.94 7.66 51.89
C TYR W 463 -6.76 7.59 50.92
N ILE W 464 -6.78 6.61 50.01
CA ILE W 464 -5.66 6.48 49.08
C ILE W 464 -5.66 7.62 48.07
N ILE W 465 -6.84 8.15 47.72
CA ILE W 465 -6.89 9.32 46.86
C ILE W 465 -6.38 10.55 47.61
N LEU W 466 -6.83 10.72 48.86
CA LEU W 466 -6.36 11.85 49.67
C LEU W 466 -4.84 11.83 49.78
N LEU W 467 -4.28 10.67 50.11
CA LEU W 467 -2.85 10.58 50.33
C LEU W 467 -2.06 10.86 49.06
N MET W 468 -2.53 10.37 47.91
CA MET W 468 -1.85 10.65 46.65
C MET W 468 -2.06 12.09 46.23
N GLY W 469 -3.11 12.75 46.75
CA GLY W 469 -3.29 14.17 46.47
C GLY W 469 -2.23 15.03 47.13
N VAL W 470 -2.04 14.83 48.44
CA VAL W 470 -1.11 15.69 49.18
C VAL W 470 0.33 15.48 48.72
N PHE W 471 0.70 14.24 48.37
CA PHE W 471 2.02 14.01 47.80
C PHE W 471 2.18 14.73 46.48
N SER W 472 1.12 14.75 45.66
CA SER W 472 1.19 15.46 44.38
C SER W 472 1.52 16.93 44.57
N MET W 473 1.07 17.53 45.67
CA MET W 473 1.45 18.91 45.97
C MET W 473 2.95 19.03 46.19
N TYR W 474 3.50 18.16 47.04
CA TYR W 474 4.91 18.29 47.40
C TYR W 474 5.81 18.16 46.18
N THR W 475 5.65 17.08 45.41
CA THR W 475 6.50 16.89 44.24
C THR W 475 6.19 17.91 43.16
N GLY W 476 4.95 18.40 43.09
CA GLY W 476 4.67 19.51 42.21
C GLY W 476 5.47 20.75 42.58
N PHE W 477 5.66 20.97 43.89
CA PHE W 477 6.44 22.11 44.34
C PHE W 477 7.91 21.96 43.96
N LEU W 478 8.45 20.75 44.08
CA LEU W 478 9.85 20.52 43.68
C LEU W 478 10.02 20.68 42.17
N TYR W 479 9.04 20.20 41.38
CA TYR W 479 9.05 20.52 39.96
C TYR W 479 8.78 21.99 39.70
N ASN W 480 8.38 22.74 40.73
CA ASN W 480 8.12 24.17 40.62
C ASN W 480 7.13 24.46 39.50
N ASP W 481 5.94 23.88 39.64
CA ASP W 481 4.90 23.98 38.64
C ASP W 481 3.54 24.03 39.32
N ILE W 482 2.77 25.08 39.04
CA ILE W 482 1.38 25.19 39.45
C ILE W 482 0.58 25.63 38.24
N PHE W 483 -0.31 24.76 37.76
CA PHE W 483 -1.11 25.04 36.56
C PHE W 483 -0.23 25.52 35.42
N SER W 484 0.97 24.95 35.30
CA SER W 484 1.89 25.28 34.21
C SER W 484 2.47 26.68 34.33
N LYS W 485 2.57 27.20 35.55
CA LYS W 485 3.29 28.43 35.85
C LYS W 485 4.22 28.18 37.01
N THR W 486 5.38 28.85 36.99
CA THR W 486 6.37 28.67 38.04
C THR W 486 6.13 29.65 39.18
N MET W 487 6.73 29.33 40.33
CA MET W 487 6.58 30.12 41.54
C MET W 487 7.94 30.70 41.92
N THR W 488 8.00 32.03 42.05
CA THR W 488 9.25 32.72 42.35
C THR W 488 9.45 32.94 43.85
N ILE W 489 9.49 31.84 44.61
CA ILE W 489 9.57 31.95 46.06
C ILE W 489 10.91 32.54 46.49
N PHE W 490 12.00 31.84 46.19
CA PHE W 490 13.34 32.27 46.59
C PHE W 490 14.05 32.96 45.44
N LYS W 491 15.12 33.68 45.79
CA LYS W 491 15.94 34.34 44.78
C LYS W 491 16.62 33.31 43.89
N SER W 492 16.66 33.60 42.60
CA SER W 492 17.24 32.66 41.62
C SER W 492 18.75 32.59 41.76
N GLY W 493 19.31 31.47 41.32
CA GLY W 493 20.74 31.26 41.26
C GLY W 493 21.38 31.63 39.94
N TRP W 494 20.62 32.17 38.99
CA TRP W 494 21.14 32.57 37.68
C TRP W 494 20.96 34.08 37.52
N LYS W 495 21.96 34.72 36.93
CA LYS W 495 21.92 36.17 36.68
C LYS W 495 22.06 36.43 35.18
N TRP W 496 21.14 37.24 34.65
CA TRP W 496 21.15 37.61 33.24
C TRP W 496 22.12 38.76 32.98
N PRO W 497 22.45 39.02 31.72
CA PRO W 497 23.30 40.18 31.39
C PRO W 497 22.72 41.49 31.91
N ASP W 498 23.56 42.52 32.00
CA ASP W 498 23.13 43.80 32.54
C ASP W 498 22.48 44.70 31.49
N HIS W 499 22.63 44.41 30.21
CA HIS W 499 21.93 45.15 29.17
C HIS W 499 21.69 44.26 27.97
N TRP W 500 20.60 44.53 27.26
CA TRP W 500 20.32 43.89 25.99
C TRP W 500 19.18 44.66 25.32
N LYS W 501 18.97 44.38 24.05
CA LYS W 501 18.01 45.09 23.23
C LYS W 501 16.78 44.24 22.96
N LYS W 502 15.74 44.90 22.45
CA LYS W 502 14.46 44.24 22.21
C LYS W 502 14.65 43.05 21.28
N GLY W 503 14.40 41.84 21.79
CA GLY W 503 14.52 40.64 20.99
C GLY W 503 15.92 40.08 20.86
N GLU W 504 16.89 40.63 21.58
CA GLU W 504 18.25 40.11 21.52
C GLU W 504 18.38 38.84 22.38
N SER W 505 19.05 37.83 21.84
CA SER W 505 19.25 36.58 22.57
C SER W 505 20.29 36.77 23.66
N ILE W 506 20.08 36.08 24.78
CA ILE W 506 20.93 36.25 25.96
C ILE W 506 21.17 34.91 26.64
N THR W 507 22.24 34.85 27.43
CA THR W 507 22.63 33.67 28.18
C THR W 507 22.95 34.09 29.61
N ALA W 508 22.57 33.26 30.58
CA ALA W 508 22.72 33.60 31.99
C ALA W 508 24.05 33.08 32.53
N THR W 509 24.41 33.60 33.70
CA THR W 509 25.60 33.17 34.44
C THR W 509 25.18 32.77 35.84
N SER W 510 25.85 31.76 36.40
CA SER W 510 25.44 31.18 37.67
C SER W 510 25.92 32.02 38.85
N VAL W 511 25.11 32.03 39.91
CA VAL W 511 25.41 32.80 41.11
C VAL W 511 25.39 31.89 42.34
N GLY W 512 24.66 30.79 42.26
CA GLY W 512 24.50 29.89 43.39
C GLY W 512 23.64 28.69 43.05
N THR W 513 22.98 28.11 44.05
CA THR W 513 22.08 26.98 43.84
C THR W 513 20.77 27.24 44.55
N TYR W 514 19.67 26.92 43.88
CA TYR W 514 18.35 27.15 44.43
C TYR W 514 18.12 26.22 45.64
N PRO W 515 17.42 26.69 46.67
CA PRO W 515 17.29 25.88 47.90
C PRO W 515 16.26 24.76 47.82
N ILE W 516 15.16 24.97 47.11
CA ILE W 516 14.06 24.00 47.05
C ILE W 516 13.56 23.94 45.61
N GLY W 517 13.75 22.79 44.97
CA GLY W 517 13.17 22.54 43.67
C GLY W 517 13.91 23.22 42.53
N LEU W 518 13.31 23.14 41.35
CA LEU W 518 13.92 23.70 40.15
C LEU W 518 13.96 25.23 40.23
N ASP W 519 15.07 25.80 39.78
CA ASP W 519 15.20 27.25 39.73
C ASP W 519 14.24 27.84 38.70
N TRP W 520 13.51 28.89 39.09
CA TRP W 520 12.49 29.44 38.21
C TRP W 520 13.08 30.20 37.02
N ALA W 521 14.40 30.44 36.99
CA ALA W 521 14.98 31.07 35.82
C ALA W 521 14.83 30.23 34.56
N TRP W 522 14.51 28.95 34.69
CA TRP W 522 14.38 28.06 33.54
C TRP W 522 13.07 28.22 32.79
N HIS W 523 12.09 28.92 33.35
CA HIS W 523 10.78 29.00 32.72
C HIS W 523 10.86 29.77 31.40
N GLY W 524 10.09 29.31 30.41
CA GLY W 524 10.05 29.96 29.12
C GLY W 524 11.40 29.96 28.41
N THR W 525 12.37 29.26 28.99
CA THR W 525 13.73 29.26 28.45
C THR W 525 13.78 28.34 27.23
N GLU W 526 14.39 28.83 26.15
CA GLU W 526 14.29 28.14 24.86
C GLU W 526 15.09 26.84 24.81
N ASN W 527 15.93 26.57 25.81
CA ASN W 527 16.61 25.28 25.93
C ASN W 527 16.25 24.57 27.22
N ALA W 528 15.06 24.84 27.76
CA ALA W 528 14.66 24.24 29.03
C ALA W 528 14.58 22.73 28.95
N LEU W 529 14.02 22.20 27.85
CA LEU W 529 13.80 20.76 27.76
C LEU W 529 15.08 19.96 27.94
N LEU W 530 16.22 20.49 27.47
CA LEU W 530 17.46 19.74 27.59
C LEU W 530 17.91 19.60 29.03
N PHE W 531 17.46 20.50 29.92
CA PHE W 531 17.77 20.34 31.33
C PHE W 531 16.74 19.45 32.03
N SER W 532 15.45 19.70 31.76
CA SER W 532 14.41 18.92 32.42
C SER W 532 14.55 17.43 32.13
N ASN W 533 14.80 17.08 30.87
CA ASN W 533 14.91 15.66 30.51
C ASN W 533 16.16 15.03 31.13
N SER W 534 17.27 15.77 31.19
CA SER W 534 18.45 15.26 31.88
C SER W 534 18.12 14.97 33.34
N TYR W 535 17.40 15.89 33.98
CA TYR W 535 17.11 15.78 35.40
C TYR W 535 16.13 14.64 35.69
N LYS W 536 15.01 14.60 34.96
CA LYS W 536 13.95 13.65 35.29
C LYS W 536 14.34 12.21 34.97
N MET W 537 15.06 11.98 33.88
CA MET W 537 15.45 10.62 33.55
C MET W 537 16.37 10.03 34.61
N LYS W 538 17.31 10.84 35.11
CA LYS W 538 18.19 10.35 36.18
C LYS W 538 17.40 10.16 37.48
N LEU W 539 16.46 11.05 37.77
CA LEU W 539 15.58 10.85 38.91
C LEU W 539 14.80 9.55 38.78
N SER W 540 14.31 9.25 37.57
CA SER W 540 13.53 8.02 37.36
C SER W 540 14.36 6.79 37.67
N ILE W 541 15.59 6.73 37.15
CA ILE W 541 16.43 5.54 37.37
C ILE W 541 16.77 5.40 38.86
N LEU W 542 17.11 6.49 39.52
CA LEU W 542 17.48 6.42 40.93
C LEU W 542 16.32 5.92 41.78
N MET W 543 15.12 6.46 41.54
CA MET W 543 13.96 6.00 42.29
C MET W 543 13.68 4.52 42.01
N GLY W 544 13.80 4.11 40.75
CA GLY W 544 13.58 2.71 40.43
C GLY W 544 14.57 1.78 41.12
N PHE W 545 15.85 2.14 41.07
CA PHE W 545 16.87 1.31 41.70
C PHE W 545 16.65 1.20 43.21
N ILE W 546 16.36 2.31 43.87
CA ILE W 546 16.15 2.29 45.31
C ILE W 546 14.91 1.49 45.65
N HIS W 547 13.83 1.66 44.88
CA HIS W 547 12.61 0.92 45.17
C HIS W 547 12.82 -0.58 45.02
N MET W 548 13.54 -1.00 43.98
CA MET W 548 13.81 -2.42 43.80
C MET W 548 14.76 -2.94 44.88
N THR W 549 15.80 -2.17 45.21
CA THR W 549 16.73 -2.59 46.25
C THR W 549 16.00 -2.79 47.57
N TYR W 550 15.19 -1.81 47.97
CA TYR W 550 14.45 -1.91 49.22
C TYR W 550 13.53 -3.13 49.21
N SER W 551 12.79 -3.31 48.12
CA SER W 551 11.87 -4.45 48.03
C SER W 551 12.62 -5.77 48.11
N TYR W 552 13.76 -5.87 47.43
CA TYR W 552 14.50 -7.12 47.37
C TYR W 552 14.95 -7.59 48.76
N PHE W 553 15.22 -6.65 49.66
CA PHE W 553 15.71 -7.02 50.99
C PHE W 553 14.63 -7.68 51.84
N PHE W 554 13.35 -7.57 51.47
CA PHE W 554 12.33 -8.36 52.14
C PHE W 554 12.50 -9.84 51.89
N SER W 555 13.13 -10.21 50.77
CA SER W 555 13.44 -11.61 50.52
C SER W 555 14.31 -12.18 51.63
N LEU W 556 15.31 -11.41 52.05
CA LEU W 556 16.15 -11.82 53.17
C LEU W 556 15.32 -11.98 54.45
N ALA W 557 14.42 -11.05 54.70
CA ALA W 557 13.61 -11.11 55.92
C ALA W 557 12.72 -12.36 55.95
N ASN W 558 12.39 -12.94 54.80
CA ASN W 558 11.64 -14.18 54.78
C ASN W 558 12.55 -15.38 55.02
N HIS W 559 13.69 -15.41 54.33
CA HIS W 559 14.61 -16.54 54.47
C HIS W 559 15.06 -16.71 55.91
N LEU W 560 15.41 -15.62 56.57
CA LEU W 560 15.83 -15.71 57.97
C LEU W 560 14.69 -16.17 58.87
N TYR W 561 13.48 -15.64 58.66
CA TYR W 561 12.38 -15.98 59.56
C TYR W 561 12.01 -17.46 59.47
N PHE W 562 12.10 -18.05 58.29
CA PHE W 562 11.84 -19.47 58.10
C PHE W 562 13.10 -20.32 58.23
N ASN W 563 14.21 -19.74 58.67
CA ASN W 563 15.43 -20.50 58.97
C ASN W 563 15.86 -21.37 57.79
N SER W 564 15.83 -20.79 56.59
CA SER W 564 16.24 -21.48 55.36
C SER W 564 17.55 -20.88 54.89
N MET W 565 18.66 -21.49 55.30
CA MET W 565 19.98 -20.94 54.98
C MET W 565 20.37 -21.17 53.53
N ILE W 566 19.96 -22.30 52.94
CA ILE W 566 20.34 -22.56 51.55
C ILE W 566 19.78 -21.49 50.63
N ASP W 567 18.63 -20.91 50.99
CA ASP W 567 18.10 -19.80 50.21
C ASP W 567 18.98 -18.57 50.31
N ILE W 568 19.57 -18.33 51.49
CA ILE W 568 20.52 -17.22 51.63
C ILE W 568 21.71 -17.43 50.72
N ILE W 569 22.35 -18.59 50.84
CA ILE W 569 23.61 -18.84 50.17
C ILE W 569 23.42 -19.11 48.69
N GLY W 570 22.26 -19.63 48.29
CA GLY W 570 22.04 -20.00 46.92
C GLY W 570 21.36 -18.94 46.08
N ASN W 571 20.37 -18.26 46.64
CA ASN W 571 19.54 -17.31 45.90
C ASN W 571 19.85 -15.86 46.26
N PHE W 572 19.75 -15.49 47.54
CA PHE W 572 19.83 -14.08 47.89
C PHE W 572 21.19 -13.49 47.56
N ILE W 573 22.26 -14.12 48.04
CA ILE W 573 23.59 -13.52 47.88
C ILE W 573 23.98 -13.38 46.41
N PRO W 574 23.90 -14.42 45.58
CA PRO W 574 24.25 -14.22 44.17
C PRO W 574 23.36 -13.20 43.48
N GLY W 575 22.07 -13.17 43.81
CA GLY W 575 21.20 -12.18 43.21
C GLY W 575 21.58 -10.77 43.58
N LEU W 576 21.95 -10.56 44.85
CA LEU W 576 22.34 -9.24 45.30
C LEU W 576 23.56 -8.73 44.54
N LEU W 577 24.60 -9.56 44.44
CA LEU W 577 25.82 -9.13 43.76
C LEU W 577 25.56 -8.84 42.28
N PHE W 578 24.76 -9.67 41.62
CA PHE W 578 24.46 -9.42 40.22
C PHE W 578 23.68 -8.13 40.04
N MET W 579 22.69 -7.88 40.90
CA MET W 579 21.85 -6.70 40.74
C MET W 579 22.62 -5.42 41.04
N GLN W 580 23.30 -5.38 42.20
CA GLN W 580 24.03 -4.18 42.58
C GLN W 580 25.31 -3.99 41.76
N GLY W 581 25.93 -5.08 41.34
CA GLY W 581 27.20 -4.96 40.63
C GLY W 581 27.10 -4.16 39.36
N ILE W 582 25.93 -4.16 38.71
CA ILE W 582 25.75 -3.46 37.46
C ILE W 582 24.97 -2.16 37.69
N PHE W 583 23.75 -2.29 38.20
CA PHE W 583 22.85 -1.14 38.26
C PHE W 583 23.02 -0.33 39.54
N GLY W 584 23.58 -0.91 40.60
CA GLY W 584 24.06 -0.11 41.70
C GLY W 584 25.25 0.73 41.30
N TYR W 585 26.17 0.14 40.53
CA TYR W 585 27.31 0.89 40.02
C TYR W 585 26.86 2.05 39.14
N LEU W 586 25.91 1.79 38.24
CA LEU W 586 25.38 2.85 37.39
C LEU W 586 24.77 3.97 38.21
N SER W 587 24.03 3.61 39.27
CA SER W 587 23.42 4.63 40.12
C SER W 587 24.49 5.47 40.81
N VAL W 588 25.55 4.83 41.33
CA VAL W 588 26.62 5.57 41.98
C VAL W 588 27.28 6.52 41.00
N CYS W 589 27.45 6.09 39.75
CA CYS W 589 28.11 6.94 38.75
C CYS W 589 27.33 8.22 38.51
N ILE W 590 26.02 8.11 38.26
CA ILE W 590 25.26 9.30 37.90
C ILE W 590 25.15 10.27 39.07
N VAL W 591 25.07 9.75 40.31
CA VAL W 591 25.04 10.64 41.46
C VAL W 591 26.43 11.18 41.76
N TYR W 592 27.48 10.45 41.38
CA TYR W 592 28.84 10.96 41.52
C TYR W 592 29.12 12.07 40.52
N LYS W 593 28.67 11.91 39.28
CA LYS W 593 28.97 12.88 38.23
C LYS W 593 28.45 14.27 38.59
N TRP W 594 27.36 14.35 39.36
CA TRP W 594 26.83 15.65 39.76
C TRP W 594 27.74 16.37 40.75
N ALA W 595 28.60 15.64 41.46
CA ALA W 595 29.42 16.24 42.51
C ALA W 595 30.73 16.84 42.00
N VAL W 596 31.05 16.66 40.71
CA VAL W 596 32.34 17.08 40.16
C VAL W 596 32.12 18.27 39.26
N ASP W 597 32.91 19.32 39.45
CA ASP W 597 32.84 20.54 38.65
C ASP W 597 33.74 20.36 37.43
N TRP W 598 33.17 19.74 36.40
CA TRP W 598 33.96 19.41 35.21
C TRP W 598 34.47 20.65 34.50
N VAL W 599 33.71 21.74 34.51
CA VAL W 599 34.13 22.95 33.82
C VAL W 599 35.32 23.59 34.54
N LYS W 600 35.24 23.71 35.86
CA LYS W 600 36.32 24.34 36.61
C LYS W 600 37.59 23.51 36.54
N ASP W 601 37.48 22.20 36.70
CA ASP W 601 38.65 21.33 36.79
C ASP W 601 39.26 21.00 35.44
N GLY W 602 38.65 21.42 34.34
CA GLY W 602 39.26 21.27 33.04
C GLY W 602 39.39 19.85 32.54
N LYS W 603 38.38 19.01 32.78
CA LYS W 603 38.33 17.68 32.20
C LYS W 603 36.99 17.49 31.50
N PRO W 604 36.96 16.77 30.38
CA PRO W 604 35.70 16.60 29.65
C PRO W 604 34.70 15.78 30.44
N ALA W 605 33.44 16.21 30.40
CA ALA W 605 32.39 15.49 31.10
C ALA W 605 32.11 14.18 30.39
N PRO W 606 32.28 13.02 31.03
CA PRO W 606 32.13 11.75 30.30
C PRO W 606 30.69 11.38 30.03
N GLY W 607 30.50 10.57 29.00
CA GLY W 607 29.19 10.10 28.61
C GLY W 607 28.76 8.84 29.33
N LEU W 608 27.64 8.90 30.04
CA LEU W 608 27.23 7.77 30.86
C LEU W 608 26.69 6.62 30.03
N LEU W 609 26.01 6.90 28.91
CA LEU W 609 25.56 5.83 28.04
C LEU W 609 26.75 5.06 27.47
N ASN W 610 27.80 5.78 27.05
CA ASN W 610 28.96 5.14 26.45
C ASN W 610 29.62 4.17 27.41
N MET W 611 29.90 4.63 28.64
CA MET W 611 30.64 3.79 29.58
C MET W 611 29.82 2.58 30.01
N LEU W 612 28.50 2.73 30.09
CA LEU W 612 27.66 1.59 30.42
C LEU W 612 27.68 0.55 29.30
N ILE W 613 27.57 0.99 28.05
CA ILE W 613 27.59 0.06 26.92
C ILE W 613 28.98 -0.56 26.77
N ASN W 614 30.02 0.28 26.79
CA ASN W 614 31.37 -0.23 26.58
C ASN W 614 31.80 -1.19 27.69
N MET W 615 31.23 -1.03 28.89
CA MET W 615 31.56 -1.95 29.97
C MET W 615 31.23 -3.39 29.62
N PHE W 616 30.32 -3.61 28.69
CA PHE W 616 29.96 -4.96 28.22
C PHE W 616 30.48 -5.27 26.83
N LEU W 617 30.33 -4.34 25.88
CA LEU W 617 30.65 -4.60 24.48
C LEU W 617 32.10 -4.27 24.11
N SER W 618 32.88 -3.70 25.03
CA SER W 618 34.28 -3.45 24.80
C SER W 618 34.99 -3.31 26.13
N PRO W 619 34.98 -4.36 26.97
CA PRO W 619 35.47 -4.21 28.34
C PRO W 619 36.95 -3.84 28.38
N GLY W 620 37.31 -3.09 29.41
CA GLY W 620 38.68 -2.68 29.60
C GLY W 620 39.11 -1.48 28.77
N THR W 621 38.18 -0.82 28.08
CA THR W 621 38.49 0.34 27.26
C THR W 621 37.59 1.50 27.65
N ILE W 622 38.15 2.71 27.60
CA ILE W 622 37.48 3.91 28.08
C ILE W 622 37.64 5.01 27.04
N ASP W 623 36.56 5.77 26.81
CA ASP W 623 36.67 6.96 25.98
C ASP W 623 37.09 8.17 26.82
N ASP W 624 36.38 8.43 27.92
CA ASP W 624 36.69 9.53 28.81
C ASP W 624 36.67 9.04 30.25
N GLU W 625 37.68 9.43 31.02
CA GLU W 625 37.86 8.92 32.37
C GLU W 625 36.93 9.62 33.35
N LEU W 626 36.23 8.82 34.16
CA LEU W 626 35.35 9.35 35.19
C LEU W 626 36.02 9.44 36.55
N TYR W 627 36.95 8.53 36.85
CA TYR W 627 37.65 8.53 38.12
C TYR W 627 38.88 7.63 38.00
N PRO W 628 39.82 7.72 38.95
CA PRO W 628 41.05 6.92 38.87
C PRO W 628 40.78 5.42 38.85
N HIS W 629 41.66 4.69 38.15
CA HIS W 629 41.64 3.23 38.12
C HIS W 629 40.34 2.67 37.54
N GLN W 630 39.63 3.48 36.76
CA GLN W 630 38.30 3.06 36.29
C GLN W 630 38.35 1.74 35.55
N ALA W 631 39.37 1.54 34.72
CA ALA W 631 39.43 0.32 33.92
C ALA W 631 39.54 -0.93 34.79
N LYS W 632 40.31 -0.86 35.88
CA LYS W 632 40.44 -2.01 36.75
C LYS W 632 39.11 -2.38 37.39
N VAL W 633 38.37 -1.39 37.87
CA VAL W 633 37.13 -1.67 38.58
C VAL W 633 36.08 -2.23 37.61
N GLN W 634 36.01 -1.68 36.40
CA GLN W 634 34.97 -2.10 35.47
C GLN W 634 35.11 -3.56 35.10
N VAL W 635 36.34 -4.01 34.81
CA VAL W 635 36.53 -5.40 34.42
C VAL W 635 36.26 -6.32 35.61
N PHE W 636 36.64 -5.91 36.81
CA PHE W 636 36.34 -6.72 37.99
C PHE W 636 34.83 -6.88 38.17
N LEU W 637 34.09 -5.77 38.08
CA LEU W 637 32.65 -5.84 38.28
C LEU W 637 31.99 -6.69 37.19
N LEU W 638 32.50 -6.62 35.96
CA LEU W 638 31.98 -7.48 34.91
C LEU W 638 32.21 -8.95 35.26
N LEU W 639 33.40 -9.29 35.74
CA LEU W 639 33.67 -10.67 36.12
C LEU W 639 32.83 -11.10 37.31
N MET W 640 32.63 -10.19 38.26
CA MET W 640 31.77 -10.52 39.40
C MET W 640 30.36 -10.85 38.94
N ALA W 641 29.83 -10.05 38.01
CA ALA W 641 28.50 -10.32 37.49
C ALA W 641 28.43 -11.68 36.80
N LEU W 642 29.48 -12.03 36.05
CA LEU W 642 29.45 -13.27 35.30
C LEU W 642 29.54 -14.50 36.20
N VAL W 643 30.43 -14.48 37.20
CA VAL W 643 30.60 -15.67 38.03
C VAL W 643 29.34 -15.94 38.84
N CYS W 644 28.55 -14.91 39.14
CA CYS W 644 27.32 -15.12 39.90
C CYS W 644 26.30 -15.95 39.13
N ILE W 645 26.42 -16.05 37.81
CA ILE W 645 25.44 -16.75 36.99
C ILE W 645 25.50 -18.24 37.30
N PRO W 646 26.63 -18.92 37.07
CA PRO W 646 26.69 -20.35 37.44
C PRO W 646 26.52 -20.58 38.93
N TRP W 647 26.98 -19.65 39.77
CA TRP W 647 26.77 -19.76 41.21
C TRP W 647 25.28 -19.81 41.51
N LEU W 648 24.51 -18.90 40.92
CA LEU W 648 23.06 -18.90 41.11
C LEU W 648 22.42 -20.14 40.51
N LEU W 649 22.96 -20.63 39.39
CA LEU W 649 22.31 -21.69 38.63
C LEU W 649 22.42 -23.05 39.31
N LEU W 650 23.57 -23.35 39.92
CA LEU W 650 23.92 -24.72 40.29
C LEU W 650 23.74 -25.04 41.77
N VAL W 651 24.09 -24.11 42.68
CA VAL W 651 24.40 -24.51 44.05
C VAL W 651 23.17 -25.13 44.73
N LYS W 652 21.99 -24.55 44.54
CA LYS W 652 20.83 -25.10 45.23
C LYS W 652 20.46 -26.48 44.72
N PRO W 653 20.35 -26.72 43.41
CA PRO W 653 20.12 -28.11 42.95
C PRO W 653 21.15 -29.10 43.47
N LEU W 654 22.44 -28.74 43.43
CA LEU W 654 23.47 -29.66 43.91
C LEU W 654 23.28 -29.98 45.38
N HIS W 655 22.91 -28.98 46.17
CA HIS W 655 22.67 -29.22 47.60
C HIS W 655 21.57 -30.25 47.79
N PHE W 656 20.49 -30.15 47.01
CA PHE W 656 19.42 -31.14 47.10
C PHE W 656 19.88 -32.50 46.61
N LYS W 657 20.70 -32.53 45.55
CA LYS W 657 21.19 -33.80 45.02
C LYS W 657 21.95 -34.58 46.09
N PHE W 658 22.67 -33.90 46.96
CA PHE W 658 23.36 -34.53 48.08
C PHE W 658 22.47 -34.68 49.31
N THR W 659 21.25 -34.15 49.27
CA THR W 659 20.34 -34.19 50.42
C THR W 659 21.07 -33.82 51.71
N GLU W 706 13.90 -39.39 41.18
CA GLU W 706 14.42 -38.41 40.23
C GLU W 706 13.72 -37.06 40.43
N ASP W 707 13.27 -36.81 41.65
CA ASP W 707 12.65 -35.53 41.96
C ASP W 707 13.62 -34.38 41.79
N PHE W 708 14.93 -34.66 41.88
CA PHE W 708 15.95 -33.63 41.68
C PHE W 708 15.80 -32.95 40.32
N GLY W 709 15.22 -33.65 39.34
CA GLY W 709 15.02 -33.04 38.04
C GLY W 709 14.14 -31.81 38.10
N ASP W 710 13.11 -31.83 38.94
CA ASP W 710 12.22 -30.67 39.05
C ASP W 710 12.95 -29.50 39.69
N ILE W 711 13.79 -29.76 40.70
CA ILE W 711 14.58 -28.70 41.30
C ILE W 711 15.50 -28.10 40.26
N MET W 712 16.11 -28.94 39.42
CA MET W 712 16.99 -28.43 38.38
C MET W 712 16.23 -27.54 37.39
N ILE W 713 15.07 -28.01 36.93
CA ILE W 713 14.30 -27.24 35.96
C ILE W 713 13.86 -25.91 36.55
N HIS W 714 13.37 -25.94 37.79
CA HIS W 714 12.90 -24.71 38.42
C HIS W 714 14.02 -23.68 38.53
N GLN W 715 15.22 -24.12 38.91
CA GLN W 715 16.30 -23.18 39.17
C GLN W 715 16.76 -22.48 37.89
N VAL W 716 16.87 -23.23 36.79
CA VAL W 716 17.30 -22.62 35.54
C VAL W 716 16.25 -21.66 35.01
N ILE W 717 14.97 -22.02 35.14
CA ILE W 717 13.91 -21.09 34.76
C ILE W 717 14.00 -19.83 35.62
N HIS W 718 14.18 -20.00 36.93
CA HIS W 718 14.34 -18.87 37.82
C HIS W 718 15.57 -18.04 37.44
N THR W 719 16.67 -18.72 37.10
CA THR W 719 17.91 -18.01 36.76
C THR W 719 17.73 -17.13 35.53
N ILE W 720 17.22 -17.71 34.43
CA ILE W 720 17.12 -16.96 33.19
C ILE W 720 16.12 -15.83 33.32
N GLU W 721 15.01 -16.08 34.01
CA GLU W 721 14.03 -15.02 34.24
C GLU W 721 14.63 -13.88 35.05
N PHE W 722 15.33 -14.22 36.13
CA PHE W 722 15.87 -13.20 37.02
C PHE W 722 16.85 -12.29 36.30
N CYS W 723 17.75 -12.87 35.49
CA CYS W 723 18.79 -12.08 34.86
C CYS W 723 18.22 -11.11 33.83
N LEU W 724 17.34 -11.59 32.96
CA LEU W 724 16.80 -10.70 31.92
C LEU W 724 15.78 -9.73 32.51
N ASN W 725 15.05 -10.15 33.55
CA ASN W 725 14.18 -9.22 34.26
C ASN W 725 14.97 -8.08 34.90
N CYS W 726 16.23 -8.33 35.27
CA CYS W 726 17.01 -7.31 35.95
C CYS W 726 17.19 -6.09 35.07
N VAL W 727 17.51 -6.29 33.79
CA VAL W 727 17.62 -5.16 32.86
C VAL W 727 16.23 -4.70 32.43
N SER W 728 15.32 -5.63 32.17
CA SER W 728 14.00 -5.26 31.68
C SER W 728 13.25 -4.41 32.70
N HIS W 729 13.29 -4.81 33.97
CA HIS W 729 12.59 -4.06 35.00
C HIS W 729 13.23 -2.69 35.22
N THR W 730 14.57 -2.64 35.28
CA THR W 730 15.24 -1.36 35.47
C THR W 730 14.90 -0.39 34.35
N ALA W 731 14.84 -0.89 33.11
CA ALA W 731 14.47 -0.04 31.99
C ALA W 731 13.05 0.48 32.13
N SER W 732 12.13 -0.34 32.62
CA SER W 732 10.71 0.03 32.64
C SER W 732 10.44 1.26 33.47
N TYR W 733 11.33 1.62 34.40
CA TYR W 733 11.09 2.78 35.26
C TYR W 733 11.19 4.10 34.51
N LEU W 734 11.69 4.11 33.27
CA LEU W 734 11.66 5.33 32.47
C LEU W 734 10.24 5.88 32.34
N ARG W 735 9.23 5.04 32.55
CA ARG W 735 7.84 5.48 32.46
C ARG W 735 7.57 6.66 33.38
N LEU W 736 8.24 6.72 34.54
CA LEU W 736 8.00 7.83 35.46
C LEU W 736 8.32 9.17 34.79
N TRP W 737 9.38 9.22 33.98
CA TRP W 737 9.71 10.44 33.27
C TRP W 737 8.75 10.69 32.11
N ALA W 738 8.42 9.65 31.36
CA ALA W 738 7.57 9.82 30.19
C ALA W 738 6.21 10.39 30.57
N LEU W 739 5.57 9.80 31.59
CA LEU W 739 4.25 10.29 31.99
C LEU W 739 4.31 11.72 32.48
N SER W 740 5.40 12.11 33.15
CA SER W 740 5.51 13.47 33.65
C SER W 740 5.66 14.46 32.51
N LEU W 741 6.52 14.15 31.54
CA LEU W 741 6.74 15.07 30.42
C LEU W 741 5.46 15.26 29.60
N ALA W 742 4.72 14.17 29.36
CA ALA W 742 3.45 14.30 28.66
C ALA W 742 2.47 15.16 29.45
N HIS W 743 2.40 14.94 30.76
CA HIS W 743 1.49 15.72 31.59
C HIS W 743 1.83 17.20 31.56
N ALA W 744 3.13 17.52 31.57
CA ALA W 744 3.53 18.92 31.54
C ALA W 744 3.13 19.60 30.23
N GLN W 745 3.34 18.92 29.10
CA GLN W 745 3.10 19.57 27.81
C GLN W 745 1.62 19.81 27.57
N LEU W 746 0.77 18.84 27.90
CA LEU W 746 -0.67 19.07 27.77
C LEU W 746 -1.11 20.28 28.58
N SER W 747 -0.57 20.42 29.80
CA SER W 747 -0.92 21.56 30.63
C SER W 747 -0.51 22.87 29.96
N SER W 748 0.71 22.93 29.43
CA SER W 748 1.21 24.17 28.84
C SER W 748 0.40 24.55 27.62
N VAL W 749 0.10 23.59 26.74
CA VAL W 749 -0.63 23.88 25.52
C VAL W 749 -2.05 24.34 25.86
N LEU W 750 -2.68 23.69 26.84
CA LEU W 750 -4.07 24.05 27.17
C LEU W 750 -4.15 25.52 27.62
N TRP W 751 -3.23 25.95 28.47
CA TRP W 751 -3.19 27.36 28.85
C TRP W 751 -2.94 28.24 27.63
N THR W 752 -1.98 27.85 26.79
CA THR W 752 -1.64 28.68 25.63
C THR W 752 -2.80 28.81 24.67
N MET W 753 -3.68 27.81 24.62
CA MET W 753 -4.77 27.81 23.65
C MET W 753 -6.08 28.39 24.18
N THR W 754 -6.28 28.45 25.50
CA THR W 754 -7.60 28.78 26.04
C THR W 754 -7.61 29.85 27.13
N ILE W 755 -6.46 30.36 27.57
CA ILE W 755 -6.45 31.48 28.51
C ILE W 755 -5.63 32.62 27.93
N GLN W 756 -4.46 32.31 27.38
CA GLN W 756 -3.60 33.36 26.85
C GLN W 756 -4.30 34.17 25.77
N ILE W 757 -5.35 33.61 25.16
CA ILE W 757 -6.13 34.35 24.18
C ILE W 757 -6.82 35.54 24.82
N ALA W 758 -7.37 35.36 26.03
CA ALA W 758 -8.27 36.35 26.60
C ALA W 758 -7.60 37.71 26.79
N PHE W 759 -6.30 37.73 27.05
CA PHE W 759 -5.60 38.97 27.35
C PHE W 759 -5.43 39.86 26.13
N GLY W 760 -5.80 39.39 24.95
CA GLY W 760 -5.73 40.18 23.73
C GLY W 760 -6.92 41.06 23.45
N PHE W 761 -7.89 41.13 24.36
CA PHE W 761 -9.14 41.83 24.13
C PHE W 761 -9.40 42.85 25.22
N ARG W 762 -10.27 43.81 24.91
CA ARG W 762 -10.58 44.91 25.80
C ARG W 762 -12.08 45.13 25.83
N GLY W 763 -12.52 45.93 26.80
CA GLY W 763 -13.92 46.31 26.91
C GLY W 763 -14.81 45.15 27.33
N PHE W 764 -16.12 45.38 27.21
CA PHE W 764 -17.09 44.39 27.63
C PHE W 764 -17.05 43.13 26.78
N VAL W 765 -16.62 43.24 25.52
CA VAL W 765 -16.35 42.03 24.74
C VAL W 765 -15.18 41.27 25.34
N GLY W 766 -14.14 41.99 25.78
CA GLY W 766 -13.02 41.35 26.44
C GLY W 766 -13.44 40.64 27.71
N VAL W 767 -14.32 41.26 28.49
CA VAL W 767 -14.81 40.63 29.71
C VAL W 767 -15.57 39.35 29.36
N PHE W 768 -16.46 39.42 28.39
CA PHE W 768 -17.23 38.24 28.00
C PHE W 768 -16.31 37.13 27.48
N MET W 769 -15.32 37.50 26.66
CA MET W 769 -14.37 36.52 26.17
C MET W 769 -13.62 35.87 27.33
N THR W 770 -13.18 36.69 28.30
CA THR W 770 -12.45 36.16 29.45
C THR W 770 -13.33 35.20 30.25
N VAL W 771 -14.57 35.60 30.53
CA VAL W 771 -15.44 34.78 31.37
C VAL W 771 -15.75 33.47 30.69
N ALA W 772 -15.96 33.49 29.37
CA ALA W 772 -16.25 32.26 28.64
C ALA W 772 -15.02 31.36 28.58
N LEU W 773 -13.85 31.93 28.30
CA LEU W 773 -12.65 31.10 28.11
C LEU W 773 -12.24 30.41 29.41
N PHE W 774 -12.41 31.08 30.55
CA PHE W 774 -12.05 30.45 31.82
C PHE W 774 -12.87 29.19 32.05
N ALA W 775 -14.17 29.25 31.79
CA ALA W 775 -15.02 28.08 31.96
C ALA W 775 -14.55 26.93 31.08
N MET W 776 -14.16 27.24 29.84
CA MET W 776 -13.59 26.22 28.97
C MET W 776 -12.29 25.68 29.55
N TRP W 777 -11.41 26.56 30.02
CA TRP W 777 -10.14 26.12 30.58
C TRP W 777 -10.34 25.24 31.80
N PHE W 778 -11.25 25.63 32.70
CA PHE W 778 -11.48 24.84 33.90
C PHE W 778 -12.13 23.51 33.59
N ALA W 779 -13.04 23.49 32.61
CA ALA W 779 -13.69 22.23 32.24
C ALA W 779 -12.67 21.23 31.70
N LEU W 780 -11.85 21.66 30.74
CA LEU W 780 -10.82 20.76 30.20
C LEU W 780 -9.81 20.37 31.27
N THR W 781 -9.41 21.33 32.12
CA THR W 781 -8.46 21.01 33.18
C THR W 781 -8.98 19.91 34.08
N CYS W 782 -10.25 20.03 34.51
CA CYS W 782 -10.81 19.04 35.43
C CYS W 782 -11.10 17.73 34.72
N ALA W 783 -11.69 17.79 33.53
CA ALA W 783 -12.17 16.58 32.88
C ALA W 783 -11.02 15.72 32.37
N VAL W 784 -10.03 16.32 31.72
CA VAL W 784 -8.95 15.56 31.10
C VAL W 784 -7.74 15.49 32.03
N LEU W 785 -7.22 16.65 32.43
CA LEU W 785 -5.92 16.71 33.09
C LEU W 785 -5.96 16.23 34.54
N VAL W 786 -7.14 15.95 35.09
CA VAL W 786 -7.26 15.36 36.43
C VAL W 786 -7.87 13.97 36.36
N LEU W 787 -9.07 13.84 35.81
CA LEU W 787 -9.76 12.55 35.80
C LEU W 787 -9.04 11.54 34.91
N MET W 788 -8.72 11.93 33.67
CA MET W 788 -8.14 11.00 32.73
C MET W 788 -6.65 10.80 32.98
N GLU W 789 -5.89 11.90 33.07
CA GLU W 789 -4.47 11.79 33.37
C GLU W 789 -4.25 11.17 34.74
N GLY W 790 -5.05 11.56 35.73
CA GLY W 790 -4.91 10.97 37.05
C GLY W 790 -5.15 9.47 37.04
N THR W 791 -6.19 9.03 36.34
CA THR W 791 -6.46 7.61 36.21
C THR W 791 -5.30 6.90 35.53
N SER W 792 -4.78 7.48 34.44
CA SER W 792 -3.70 6.84 33.70
C SER W 792 -2.45 6.69 34.57
N ALA W 793 -2.03 7.77 35.22
CA ALA W 793 -0.85 7.71 36.07
C ALA W 793 -1.08 6.77 37.26
N MET W 794 -2.29 6.77 37.80
CA MET W 794 -2.56 5.96 39.00
C MET W 794 -2.36 4.48 38.72
N LEU W 795 -2.85 3.99 37.58
CA LEU W 795 -2.75 2.56 37.29
C LEU W 795 -1.39 2.16 36.73
N HIS W 796 -0.55 3.12 36.32
CA HIS W 796 0.84 2.80 36.07
C HIS W 796 1.59 2.57 37.37
N SER W 797 1.25 3.34 38.41
CA SER W 797 1.81 3.08 39.73
C SER W 797 1.46 1.67 40.18
N LEU W 798 0.23 1.23 39.90
CA LEU W 798 -0.16 -0.13 40.25
C LEU W 798 0.69 -1.16 39.51
N ARG W 799 0.92 -0.94 38.21
CA ARG W 799 1.74 -1.84 37.42
C ARG W 799 3.12 -2.00 38.05
N LEU W 800 3.78 -0.89 38.37
CA LEU W 800 5.13 -0.96 38.92
C LEU W 800 5.17 -1.75 40.22
N HIS W 801 4.07 -1.77 40.96
CA HIS W 801 4.06 -2.50 42.23
C HIS W 801 3.84 -4.00 42.00
N TRP W 802 2.79 -4.35 41.25
CA TRP W 802 2.49 -5.77 41.04
C TRP W 802 3.63 -6.50 40.36
N VAL W 803 4.25 -5.88 39.37
CA VAL W 803 5.21 -6.59 38.53
C VAL W 803 6.66 -6.32 38.96
N GLU W 804 7.10 -5.06 38.84
CA GLU W 804 8.51 -4.76 39.07
C GLU W 804 8.90 -4.93 40.54
N SER W 805 8.12 -4.34 41.44
CA SER W 805 8.52 -4.27 42.84
C SER W 805 8.15 -5.54 43.59
N MET W 806 6.90 -6.00 43.46
CA MET W 806 6.41 -7.07 44.32
C MET W 806 7.01 -8.42 43.96
N SER W 807 7.39 -8.63 42.70
CA SER W 807 7.91 -9.93 42.30
C SER W 807 9.25 -10.25 42.95
N LYS W 808 9.91 -9.29 43.58
CA LYS W 808 11.22 -9.55 44.17
C LYS W 808 11.13 -10.39 45.44
N PHE W 809 10.00 -10.37 46.15
CA PHE W 809 9.90 -11.10 47.41
C PHE W 809 8.61 -11.90 47.57
N PHE W 810 7.56 -11.54 46.83
CA PHE W 810 6.23 -12.10 47.07
C PHE W 810 6.13 -13.53 46.53
N VAL W 811 5.78 -14.47 47.40
CA VAL W 811 5.58 -15.87 46.98
C VAL W 811 4.14 -16.13 46.58
N GLY W 812 3.19 -15.75 47.44
CA GLY W 812 1.78 -15.85 47.11
C GLY W 812 1.24 -17.28 47.11
N GLU W 813 0.10 -17.44 46.44
CA GLU W 813 -0.61 -18.71 46.36
C GLU W 813 -1.01 -19.23 47.74
N GLY W 814 -1.34 -18.32 48.66
CA GLY W 814 -1.84 -18.70 49.96
C GLY W 814 -3.32 -18.99 49.97
N LEU W 815 -3.81 -19.37 51.16
CA LEU W 815 -5.21 -19.72 51.37
C LEU W 815 -5.91 -18.60 52.13
N PRO W 816 -6.98 -18.00 51.59
CA PRO W 816 -7.62 -16.88 52.28
C PRO W 816 -8.41 -17.33 53.51
N TYR W 817 -8.42 -16.46 54.52
CA TYR W 817 -9.21 -16.70 55.73
C TYR W 817 -10.67 -16.33 55.48
N GLU W 818 -11.57 -17.31 55.65
CA GLU W 818 -12.98 -17.17 55.30
C GLU W 818 -13.84 -17.84 56.36
N PRO W 819 -14.12 -17.14 57.46
CA PRO W 819 -14.86 -17.78 58.56
C PRO W 819 -16.34 -17.93 58.28
N PHE W 820 -16.92 -18.96 58.88
CA PHE W 820 -18.37 -19.14 58.85
C PHE W 820 -19.05 -18.04 59.65
N ALA W 821 -20.06 -17.40 59.06
CA ALA W 821 -20.70 -16.25 59.69
C ALA W 821 -22.07 -16.03 59.07
N PHE W 822 -22.85 -15.16 59.70
CA PHE W 822 -24.18 -14.78 59.25
C PHE W 822 -24.17 -13.34 58.76
N GLU W 823 -24.95 -13.07 57.72
CA GLU W 823 -25.14 -11.71 57.24
C GLU W 823 -26.46 -11.61 56.50
N TYR W 824 -26.88 -10.37 56.24
CA TYR W 824 -28.11 -10.12 55.52
C TYR W 824 -27.94 -10.48 54.05
N LYS W 825 -28.95 -11.16 53.50
CA LYS W 825 -28.97 -11.57 52.10
C LYS W 825 -30.07 -10.81 51.38
N ASP W 826 -29.72 -10.14 50.28
CA ASP W 826 -30.70 -9.37 49.52
C ASP W 826 -31.58 -10.31 48.72
N MET W 827 -32.90 -10.21 48.95
CA MET W 827 -33.84 -11.05 48.22
C MET W 827 -33.71 -10.87 46.71
N GLU W 828 -33.41 -9.65 46.26
CA GLU W 828 -33.26 -9.41 44.82
C GLU W 828 -32.05 -10.17 44.28
N VAL W 829 -30.90 -10.05 44.94
CA VAL W 829 -29.70 -10.74 44.48
C VAL W 829 -29.89 -12.25 44.58
N ALA W 830 -30.62 -12.72 45.59
CA ALA W 830 -30.81 -14.15 45.77
C ALA W 830 -31.59 -14.76 44.61
N VAL W 831 -32.69 -14.11 44.19
CA VAL W 831 -33.45 -14.62 43.06
C VAL W 831 -32.66 -14.47 41.77
N ALA W 832 -31.85 -13.42 41.69
CA ALA W 832 -30.93 -13.26 40.57
C ALA W 832 -29.75 -14.22 40.73
#